data_3GIT
#
_entry.id   3GIT
#
_cell.length_a   166.400
_cell.length_b   166.400
_cell.length_c   245.200
_cell.angle_alpha   90.000
_cell.angle_beta   90.000
_cell.angle_gamma   120.000
#
_symmetry.space_group_name_H-M   'P 31 2 1'
#
loop_
_entity.id
_entity.type
_entity.pdbx_description
1 polymer 'Carbon monoxide dehydrogenase/acetyl-CoA synthase subunit alpha'
2 non-polymer 'IRON/SULFUR CLUSTER'
3 non-polymer 'ZINC ION'
4 non-polymer 'HYDROSULFURIC ACID'
5 non-polymer 'SULFATE ION'
6 non-polymer GLYCEROL
7 water water
#
_entity_poly.entity_id   1
_entity_poly.type   'polypeptide(L)'
_entity_poly.pdbx_seq_one_letter_code
;IKLTKIKLDLPINFGPAFEGESIRKGDMYVEMGGNRTPAFELVRTVSESEITDGKIEVIGPDIDQIPEGSKLPLGILVDI
YGRKMQADFEGVLERRIHDFINYGEGLWHTGQRNINWLRVSKDAVAKGFRFKNYGEILVAKMKEEFPAIVDRVQVTIFTD
EAKVKEYMEVAREKYKERDDRMRGLTDETVDTFYSCVLCQSFAPNHVCIVTPERVGLCGAVSWLDAKASYEINHAGPNQP
IPKEGEIDPIKGIWKSVNDYLYTASNRNLEQVCLYTLMENPMTSCGCFEAIMAILPECNGIMITTRDHAGMTPSGMTFST
LAGMIGGGTQTPGFMGIGRTYIVSKKFISADGGIARIVWMPKSLKDFLHDEVVRRSVEEGLGEDFIDKIADETIGTTVDE
ILPYLEEKGHPALTMDPIMRSHTSRGH
;
_entity_poly.pdbx_strand_id   A,B,C,D,E,F
#
loop_
_chem_comp.id
_chem_comp.type
_chem_comp.name
_chem_comp.formula
GOL non-polymer GLYCEROL 'C3 H8 O3'
H2S non-polymer 'HYDROSULFURIC ACID' 'H2 S'
SF4 non-polymer 'IRON/SULFUR CLUSTER' 'Fe4 S4'
SO4 non-polymer 'SULFATE ION' 'O4 S -2'
ZN non-polymer 'ZINC ION' 'Zn 2'
#
# COMPACT_ATOMS: atom_id res chain seq x y z
N ILE A 6 0.36 -40.16 -16.17
CA ILE A 6 -0.03 -39.62 -17.50
C ILE A 6 0.38 -38.16 -17.66
N LYS A 7 -0.10 -37.54 -18.75
CA LYS A 7 0.18 -36.15 -19.09
C LYS A 7 -0.54 -35.11 -18.16
N LEU A 8 0.19 -34.07 -17.76
CA LEU A 8 -0.35 -33.01 -16.92
C LEU A 8 0.07 -31.68 -17.52
N ASP A 9 -0.88 -30.86 -17.98
CA ASP A 9 -0.54 -29.59 -18.65
C ASP A 9 -1.14 -28.40 -17.92
N LEU A 10 -0.49 -27.93 -16.87
CA LEU A 10 -1.06 -26.87 -16.05
C LEU A 10 -0.74 -25.50 -16.65
N PRO A 11 -1.53 -24.45 -16.34
CA PRO A 11 -1.06 -23.11 -16.73
C PRO A 11 -0.08 -22.46 -15.74
N ILE A 12 0.34 -23.20 -14.71
CA ILE A 12 1.16 -22.71 -13.61
C ILE A 12 2.31 -23.67 -13.46
N ASN A 13 3.47 -23.21 -13.00
CA ASN A 13 4.60 -24.11 -12.76
C ASN A 13 4.21 -25.11 -11.71
N PHE A 14 4.87 -26.26 -11.71
CA PHE A 14 4.48 -27.35 -10.83
C PHE A 14 5.68 -28.24 -10.66
N GLY A 15 6.02 -28.55 -9.41
CA GLY A 15 7.22 -29.30 -9.11
C GLY A 15 7.70 -29.05 -7.70
N PRO A 16 8.70 -29.81 -7.28
CA PRO A 16 9.22 -29.78 -5.90
C PRO A 16 9.67 -28.41 -5.39
N ALA A 17 10.08 -27.55 -6.30
CA ALA A 17 10.68 -26.29 -5.91
C ALA A 17 9.69 -25.31 -5.32
N PHE A 18 8.40 -25.59 -5.46
CA PHE A 18 7.39 -24.65 -5.04
C PHE A 18 6.71 -25.06 -3.76
N GLU A 19 7.00 -26.27 -3.30
CA GLU A 19 6.36 -26.85 -2.16
C GLU A 19 6.33 -25.97 -0.92
N GLY A 20 7.42 -25.29 -0.62
CA GLY A 20 7.50 -24.47 0.57
C GLY A 20 6.98 -23.07 0.39
N GLU A 21 6.20 -22.84 -0.66
CA GLU A 21 5.75 -21.45 -0.91
C GLU A 21 4.75 -21.04 0.14
N SER A 22 4.69 -19.77 0.52
CA SER A 22 3.54 -19.38 1.34
C SER A 22 2.74 -18.23 0.73
N ILE A 23 1.45 -18.11 1.05
CA ILE A 23 0.60 -17.11 0.39
C ILE A 23 -0.05 -16.18 1.42
N ARG A 24 0.45 -14.93 1.50
CA ARG A 24 -0.07 -13.94 2.47
C ARG A 24 -1.51 -13.53 2.14
N LYS A 25 -2.30 -13.10 3.13
CA LYS A 25 -3.70 -12.67 2.87
C LYS A 25 -3.82 -11.70 1.68
N GLY A 26 -2.88 -10.75 1.60
CA GLY A 26 -2.84 -9.80 0.53
C GLY A 26 -2.65 -10.36 -0.86
N ASP A 27 -2.12 -11.58 -0.95
CA ASP A 27 -1.89 -12.19 -2.26
C ASP A 27 -2.92 -13.26 -2.59
N MET A 28 -3.85 -13.46 -1.67
CA MET A 28 -4.79 -14.54 -1.73
C MET A 28 -6.02 -14.21 -2.58
N TYR A 29 -6.32 -15.10 -3.51
CA TYR A 29 -7.45 -14.92 -4.39
C TYR A 29 -8.67 -15.62 -3.82
N VAL A 30 -8.48 -16.87 -3.41
CA VAL A 30 -9.45 -17.57 -2.55
C VAL A 30 -8.74 -18.26 -1.47
N GLU A 31 -9.53 -18.62 -0.49
CA GLU A 31 -9.11 -19.32 0.69
C GLU A 31 -10.26 -20.29 0.89
N MET A 32 -9.95 -21.51 1.25
CA MET A 32 -11.01 -22.37 1.72
C MET A 32 -10.56 -23.22 2.92
N GLY A 33 -11.48 -23.51 3.84
CA GLY A 33 -11.11 -24.28 5.00
C GLY A 33 -10.52 -23.45 6.14
N GLY A 34 -9.51 -23.99 6.84
CA GLY A 34 -8.91 -23.37 8.01
C GLY A 34 -9.87 -22.75 9.03
N ASN A 35 -11.04 -23.34 9.22
CA ASN A 35 -12.03 -22.78 10.14
C ASN A 35 -12.59 -21.45 9.67
N ARG A 36 -12.19 -21.00 8.48
CA ARG A 36 -12.82 -19.84 7.84
C ARG A 36 -14.07 -20.29 7.08
N THR A 37 -14.06 -21.48 6.49
CA THR A 37 -15.26 -22.07 5.88
C THR A 37 -15.13 -23.58 6.00
N PRO A 38 -16.25 -24.32 5.99
CA PRO A 38 -16.13 -25.78 6.05
C PRO A 38 -15.41 -26.36 4.82
N ALA A 39 -14.52 -27.31 5.04
CA ALA A 39 -13.72 -27.92 3.96
C ALA A 39 -13.18 -29.30 4.36
N PHE A 40 -13.22 -30.26 3.43
CA PHE A 40 -12.63 -31.55 3.71
C PHE A 40 -11.95 -32.11 2.48
N GLU A 41 -11.09 -33.11 2.69
CA GLU A 41 -10.55 -33.92 1.61
C GLU A 41 -10.77 -35.40 1.95
N LEU A 42 -11.02 -36.23 0.92
CA LEU A 42 -11.25 -37.65 1.13
C LEU A 42 -10.75 -38.50 -0.03
N VAL A 43 -10.10 -39.62 0.29
CA VAL A 43 -9.80 -40.71 -0.66
C VAL A 43 -10.62 -41.98 -0.36
N ARG A 44 -11.37 -42.45 -1.35
CA ARG A 44 -12.26 -43.62 -1.23
C ARG A 44 -11.92 -44.71 -2.19
N THR A 45 -11.79 -45.94 -1.71
CA THR A 45 -11.81 -47.09 -2.60
C THR A 45 -13.22 -47.24 -3.17
N VAL A 46 -13.31 -47.28 -4.50
CA VAL A 46 -14.55 -47.61 -5.18
C VAL A 46 -14.31 -48.77 -6.15
N SER A 47 -15.40 -49.47 -6.47
CA SER A 47 -15.39 -50.53 -7.47
C SER A 47 -15.27 -49.92 -8.87
N GLU A 48 -14.93 -50.74 -9.85
CA GLU A 48 -14.59 -50.20 -11.15
C GLU A 48 -15.78 -49.77 -11.99
N SER A 49 -16.93 -50.40 -11.80
CA SER A 49 -18.11 -49.98 -12.56
C SER A 49 -18.70 -48.67 -12.02
N GLU A 50 -18.36 -48.27 -10.80
CA GLU A 50 -18.85 -46.98 -10.27
C GLU A 50 -17.85 -45.80 -10.43
N ILE A 51 -16.87 -45.95 -11.33
CA ILE A 51 -15.83 -44.91 -11.52
C ILE A 51 -15.51 -44.57 -13.00
N THR A 52 -15.43 -43.28 -13.32
CA THR A 52 -14.93 -42.91 -14.64
C THR A 52 -13.48 -42.38 -14.52
N ASP A 53 -12.54 -43.17 -15.03
CA ASP A 53 -11.11 -42.83 -14.99
C ASP A 53 -10.87 -41.52 -15.69
N GLY A 54 -10.25 -40.57 -14.98
CA GLY A 54 -9.86 -39.32 -15.60
C GLY A 54 -10.88 -38.24 -15.44
N LYS A 55 -12.09 -38.60 -15.05
CA LYS A 55 -13.18 -37.64 -14.96
C LYS A 55 -12.99 -36.70 -13.76
N ILE A 56 -13.07 -35.39 -14.03
CA ILE A 56 -12.97 -34.37 -12.99
C ILE A 56 -14.19 -33.50 -13.09
N GLU A 57 -14.93 -33.30 -12.01
CA GLU A 57 -16.03 -32.33 -12.09
C GLU A 57 -15.88 -31.32 -11.00
N VAL A 58 -16.38 -30.12 -11.28
CA VAL A 58 -16.45 -29.08 -10.28
C VAL A 58 -17.93 -28.83 -9.95
N ILE A 59 -18.37 -29.04 -8.72
CA ILE A 59 -19.77 -28.77 -8.47
C ILE A 59 -19.86 -27.51 -7.64
N GLY A 60 -20.36 -26.45 -8.25
CA GLY A 60 -20.51 -25.17 -7.57
C GLY A 60 -19.71 -24.11 -8.30
N PRO A 61 -19.61 -22.89 -7.72
CA PRO A 61 -18.93 -21.81 -8.41
C PRO A 61 -17.42 -22.10 -8.63
N ASP A 62 -16.91 -21.66 -9.79
CA ASP A 62 -15.48 -21.79 -10.10
C ASP A 62 -14.75 -20.48 -9.82
N ILE A 63 -13.42 -20.49 -9.96
CA ILE A 63 -12.50 -19.37 -9.66
C ILE A 63 -12.88 -18.02 -10.27
N ASP A 64 -13.58 -18.08 -11.39
CA ASP A 64 -14.00 -16.87 -12.06
C ASP A 64 -15.44 -16.52 -11.74
N GLN A 65 -15.97 -17.05 -10.66
CA GLN A 65 -17.35 -16.78 -10.34
C GLN A 65 -17.51 -16.40 -8.89
N ILE A 66 -16.49 -15.80 -8.32
CA ILE A 66 -16.45 -15.46 -6.92
C ILE A 66 -15.68 -14.16 -6.86
N PRO A 67 -16.00 -13.27 -5.90
CA PRO A 67 -15.14 -12.08 -5.80
C PRO A 67 -13.70 -12.40 -5.41
N GLU A 68 -12.78 -11.59 -5.91
CA GLU A 68 -11.38 -11.74 -5.59
C GLU A 68 -11.14 -11.55 -4.06
N GLY A 69 -10.38 -12.44 -3.43
CA GLY A 69 -10.06 -12.26 -2.02
C GLY A 69 -11.10 -12.92 -1.15
N SER A 70 -12.09 -13.54 -1.79
CA SER A 70 -13.17 -14.16 -1.04
C SER A 70 -12.91 -15.60 -0.53
N LYS A 71 -13.88 -16.15 0.18
CA LYS A 71 -13.80 -17.46 0.83
C LYS A 71 -14.75 -18.42 0.17
N LEU A 72 -14.50 -19.71 0.27
CA LEU A 72 -15.35 -20.72 -0.33
C LEU A 72 -15.28 -22.02 0.48
N PRO A 73 -16.40 -22.74 0.61
CA PRO A 73 -16.28 -24.04 1.23
C PRO A 73 -15.76 -25.05 0.21
N LEU A 74 -15.10 -26.10 0.66
CA LEU A 74 -14.40 -26.99 -0.26
C LEU A 74 -14.51 -28.47 0.11
N GLY A 75 -14.76 -29.28 -0.92
CA GLY A 75 -14.76 -30.71 -0.80
C GLY A 75 -13.91 -31.30 -1.89
N ILE A 76 -12.75 -31.84 -1.51
CA ILE A 76 -11.92 -32.60 -2.43
C ILE A 76 -12.19 -34.09 -2.23
N LEU A 77 -12.87 -34.69 -3.20
CA LEU A 77 -13.24 -36.12 -3.17
C LEU A 77 -12.47 -36.90 -4.25
N VAL A 78 -11.59 -37.78 -3.81
CA VAL A 78 -10.73 -38.56 -4.71
C VAL A 78 -11.11 -40.04 -4.62
N ASP A 79 -11.87 -40.51 -5.62
CA ASP A 79 -12.24 -41.91 -5.72
C ASP A 79 -11.11 -42.66 -6.41
N ILE A 80 -10.56 -43.66 -5.73
CA ILE A 80 -9.60 -44.57 -6.34
C ILE A 80 -10.20 -45.97 -6.60
N TYR A 81 -9.97 -46.50 -7.82
CA TYR A 81 -10.11 -47.95 -8.10
C TYR A 81 -8.79 -48.61 -8.54
N GLY A 82 -8.48 -49.77 -7.97
CA GLY A 82 -7.25 -50.47 -8.31
C GLY A 82 -7.44 -51.90 -7.93
N ARG A 83 -6.94 -52.81 -8.78
CA ARG A 83 -7.03 -54.24 -8.48
C ARG A 83 -6.39 -54.52 -7.13
N LYS A 84 -5.24 -53.92 -6.84
CA LYS A 84 -4.58 -54.12 -5.56
C LYS A 84 -5.02 -53.16 -4.43
N MET A 85 -5.90 -52.20 -4.75
CA MET A 85 -6.33 -51.16 -3.77
C MET A 85 -7.13 -51.68 -2.58
N GLN A 86 -6.90 -51.12 -1.40
CA GLN A 86 -7.58 -51.50 -0.16
C GLN A 86 -8.09 -50.30 0.60
N ALA A 87 -9.07 -50.50 1.48
CA ALA A 87 -9.51 -49.47 2.41
C ALA A 87 -8.37 -48.99 3.33
N ASP A 88 -7.56 -49.96 3.80
CA ASP A 88 -6.40 -49.73 4.64
C ASP A 88 -5.39 -48.74 4.05
N PHE A 89 -5.41 -48.58 2.73
CA PHE A 89 -4.45 -47.73 2.03
C PHE A 89 -4.96 -46.30 1.87
N GLU A 90 -6.25 -46.11 2.13
CA GLU A 90 -6.89 -44.85 1.81
C GLU A 90 -6.21 -43.69 2.50
N GLY A 91 -5.93 -43.85 3.80
CA GLY A 91 -5.21 -42.83 4.59
C GLY A 91 -3.83 -42.47 4.07
N VAL A 92 -3.16 -43.43 3.43
CA VAL A 92 -1.85 -43.22 2.84
C VAL A 92 -1.90 -42.27 1.62
N LEU A 93 -2.85 -42.49 0.72
CA LEU A 93 -2.95 -41.62 -0.45
C LEU A 93 -3.47 -40.25 -0.03
N GLU A 94 -4.48 -40.25 0.84
CA GLU A 94 -5.07 -38.99 1.32
C GLU A 94 -4.02 -38.03 1.85
N ARG A 95 -3.02 -38.54 2.55
CA ARG A 95 -1.92 -37.72 3.05
C ARG A 95 -1.24 -36.95 1.92
N ARG A 96 -1.16 -37.59 0.76
CA ARG A 96 -0.36 -37.03 -0.31
C ARG A 96 -1.05 -35.91 -1.06
N ILE A 97 -2.37 -35.80 -0.91
CA ILE A 97 -3.07 -34.61 -1.40
C ILE A 97 -2.31 -33.31 -1.00
N HIS A 98 -1.71 -33.30 0.18
CA HIS A 98 -0.95 -32.17 0.70
C HIS A 98 0.20 -31.71 -0.21
N ASP A 99 1.19 -32.57 -0.46
CA ASP A 99 2.30 -32.11 -1.31
C ASP A 99 1.93 -32.06 -2.80
N PHE A 100 1.01 -32.93 -3.20
CA PHE A 100 0.51 -32.86 -4.56
C PHE A 100 0.10 -31.43 -4.89
N ILE A 101 -0.76 -30.87 -4.06
CA ILE A 101 -1.18 -29.49 -4.27
C ILE A 101 -0.01 -28.49 -4.02
N ASN A 102 0.78 -28.67 -2.97
CA ASN A 102 1.88 -27.73 -2.71
C ASN A 102 2.94 -27.67 -3.82
N TYR A 103 2.88 -28.60 -4.77
CA TYR A 103 3.80 -28.56 -5.89
C TYR A 103 3.40 -27.52 -6.90
N GLY A 104 2.12 -27.19 -6.97
CA GLY A 104 1.68 -26.16 -7.90
C GLY A 104 2.05 -24.81 -7.37
N GLU A 105 2.70 -24.01 -8.19
CA GLU A 105 3.00 -22.64 -7.81
C GLU A 105 1.75 -21.76 -7.64
N GLY A 106 1.59 -21.17 -6.47
CA GLY A 106 0.43 -20.34 -6.20
C GLY A 106 -0.71 -21.17 -5.65
N LEU A 107 -0.45 -22.46 -5.43
CA LEU A 107 -1.36 -23.32 -4.68
C LEU A 107 -0.81 -23.63 -3.28
N TRP A 108 -1.60 -23.42 -2.23
CA TRP A 108 -1.17 -23.73 -0.87
C TRP A 108 -2.17 -24.60 -0.15
N HIS A 109 -1.63 -25.59 0.57
CA HIS A 109 -2.44 -26.51 1.35
C HIS A 109 -1.77 -26.86 2.68
N THR A 110 -2.55 -26.93 3.75
CA THR A 110 -2.08 -27.48 5.01
C THR A 110 -3.25 -28.17 5.72
N GLY A 111 -2.92 -28.96 6.75
CA GLY A 111 -3.93 -29.64 7.56
C GLY A 111 -4.30 -31.00 7.01
N GLN A 112 -5.36 -31.57 7.56
CA GLN A 112 -5.84 -32.85 7.10
C GLN A 112 -7.35 -33.00 7.26
N ARG A 113 -7.90 -33.99 6.54
CA ARG A 113 -9.30 -34.42 6.65
C ARG A 113 -10.26 -33.24 6.57
N ASN A 114 -10.91 -32.91 7.68
CA ASN A 114 -11.84 -31.78 7.68
C ASN A 114 -11.39 -30.61 8.59
N ILE A 115 -10.07 -30.51 8.77
CA ILE A 115 -9.43 -29.24 9.06
C ILE A 115 -8.25 -29.12 8.14
N ASN A 116 -8.55 -29.18 6.86
CA ASN A 116 -7.57 -28.81 5.88
C ASN A 116 -7.79 -27.32 5.62
N TRP A 117 -6.83 -26.69 4.96
CA TRP A 117 -6.90 -25.26 4.69
C TRP A 117 -6.21 -25.07 3.36
N LEU A 118 -6.81 -24.30 2.45
CA LEU A 118 -6.15 -24.02 1.19
C LEU A 118 -6.19 -22.56 0.80
N ARG A 119 -5.17 -22.12 0.09
CA ARG A 119 -5.25 -20.81 -0.55
C ARG A 119 -4.84 -20.91 -1.99
N VAL A 120 -5.43 -20.10 -2.86
CA VAL A 120 -4.94 -19.94 -4.26
C VAL A 120 -4.48 -18.49 -4.47
N SER A 121 -3.32 -18.30 -5.06
CA SER A 121 -2.75 -16.93 -5.14
C SER A 121 -3.35 -16.13 -6.31
N LYS A 122 -3.38 -14.80 -6.17
CA LYS A 122 -3.76 -13.93 -7.30
C LYS A 122 -2.98 -14.23 -8.57
N ASP A 123 -1.67 -14.43 -8.46
CA ASP A 123 -0.87 -14.82 -9.62
C ASP A 123 -1.30 -16.11 -10.32
N ALA A 124 -1.63 -17.15 -9.54
CA ALA A 124 -1.96 -18.42 -10.16
C ALA A 124 -3.23 -18.20 -10.98
N VAL A 125 -4.15 -17.39 -10.45
CA VAL A 125 -5.41 -17.18 -11.13
C VAL A 125 -5.12 -16.37 -12.38
N ALA A 126 -4.25 -15.36 -12.25
CA ALA A 126 -3.91 -14.53 -13.40
C ALA A 126 -3.37 -15.43 -14.51
N LYS A 127 -2.64 -16.49 -14.15
CA LYS A 127 -1.95 -17.27 -15.15
C LYS A 127 -2.90 -18.23 -15.87
N GLY A 128 -4.00 -18.59 -15.20
CA GLY A 128 -5.00 -19.46 -15.77
C GLY A 128 -5.65 -20.46 -14.84
N PHE A 129 -5.16 -20.59 -13.61
CA PHE A 129 -5.60 -21.66 -12.72
C PHE A 129 -7.09 -21.67 -12.56
N ARG A 130 -7.67 -22.85 -12.59
CA ARG A 130 -9.07 -23.01 -12.27
C ARG A 130 -9.30 -24.38 -11.61
N PHE A 131 -10.41 -24.56 -10.91
CA PHE A 131 -10.53 -25.69 -9.96
C PHE A 131 -10.30 -27.09 -10.59
N LYS A 132 -10.68 -27.22 -11.84
CA LYS A 132 -10.38 -28.36 -12.66
C LYS A 132 -8.93 -28.83 -12.48
N ASN A 133 -8.02 -27.88 -12.28
CA ASN A 133 -6.63 -28.18 -12.19
C ASN A 133 -6.27 -28.91 -10.90
N TYR A 134 -7.03 -28.68 -9.85
CA TYR A 134 -6.89 -29.50 -8.67
C TYR A 134 -7.03 -30.98 -9.07
N GLY A 135 -8.07 -31.25 -9.87
CA GLY A 135 -8.41 -32.61 -10.29
C GLY A 135 -7.32 -33.20 -11.15
N GLU A 136 -6.78 -32.40 -12.06
CA GLU A 136 -5.79 -32.87 -12.99
C GLU A 136 -4.52 -33.26 -12.26
N ILE A 137 -4.15 -32.46 -11.25
CA ILE A 137 -2.96 -32.74 -10.44
C ILE A 137 -3.14 -34.04 -9.67
N LEU A 138 -4.26 -34.14 -8.95
CA LEU A 138 -4.56 -35.32 -8.17
C LEU A 138 -4.59 -36.59 -9.06
N VAL A 139 -5.26 -36.50 -10.21
CA VAL A 139 -5.32 -37.67 -11.08
C VAL A 139 -3.93 -38.09 -11.53
N ALA A 140 -3.16 -37.16 -12.10
CA ALA A 140 -1.79 -37.44 -12.51
C ALA A 140 -0.92 -38.00 -11.37
N LYS A 141 -0.88 -37.33 -10.24
CA LYS A 141 0.06 -37.71 -9.21
C LYS A 141 -0.34 -38.99 -8.49
N MET A 142 -1.63 -39.18 -8.23
CA MET A 142 -2.05 -40.42 -7.62
C MET A 142 -1.50 -41.60 -8.45
N LYS A 143 -1.77 -41.57 -9.75
CA LYS A 143 -1.32 -42.60 -10.67
C LYS A 143 0.17 -42.79 -10.66
N GLU A 144 0.90 -41.69 -10.76
CA GLU A 144 2.35 -41.71 -10.80
C GLU A 144 3.00 -42.26 -9.51
N GLU A 145 2.47 -41.92 -8.33
CA GLU A 145 3.11 -42.32 -7.07
C GLU A 145 2.75 -43.72 -6.62
N PHE A 146 1.56 -44.15 -6.98
CA PHE A 146 1.07 -45.42 -6.50
C PHE A 146 0.72 -46.32 -7.69
N PRO A 147 1.75 -46.65 -8.52
CA PRO A 147 1.51 -47.39 -9.76
C PRO A 147 0.88 -48.76 -9.55
N ALA A 148 1.29 -49.45 -8.49
CA ALA A 148 0.83 -50.82 -8.28
C ALA A 148 -0.57 -50.91 -7.67
N ILE A 149 -1.00 -49.79 -7.10
CA ILE A 149 -2.15 -49.73 -6.23
C ILE A 149 -3.32 -48.99 -6.89
N VAL A 150 -2.98 -48.01 -7.72
CA VAL A 150 -3.99 -47.18 -8.36
C VAL A 150 -4.09 -47.50 -9.86
N ASP A 151 -5.23 -48.02 -10.28
CA ASP A 151 -5.50 -48.22 -11.71
C ASP A 151 -6.33 -47.05 -12.28
N ARG A 152 -7.27 -46.55 -11.50
CA ARG A 152 -8.21 -45.55 -11.97
C ARG A 152 -8.45 -44.48 -10.94
N VAL A 153 -8.53 -43.23 -11.38
CA VAL A 153 -8.78 -42.10 -10.49
C VAL A 153 -9.85 -41.17 -11.03
N GLN A 154 -10.76 -40.75 -10.15
CA GLN A 154 -11.76 -39.73 -10.45
C GLN A 154 -11.75 -38.70 -9.33
N VAL A 155 -11.90 -37.43 -9.68
CA VAL A 155 -11.88 -36.36 -8.71
C VAL A 155 -13.08 -35.44 -8.84
N THR A 156 -13.66 -35.12 -7.69
CA THR A 156 -14.73 -34.17 -7.66
C THR A 156 -14.31 -33.06 -6.71
N ILE A 157 -14.49 -31.81 -7.12
CA ILE A 157 -14.21 -30.64 -6.30
C ILE A 157 -15.52 -29.95 -6.03
N PHE A 158 -15.93 -29.95 -4.77
CA PHE A 158 -17.18 -29.35 -4.38
C PHE A 158 -16.93 -27.94 -3.86
N THR A 159 -17.73 -26.97 -4.31
CA THR A 159 -17.62 -25.60 -3.81
C THR A 159 -18.98 -25.02 -3.48
N ASP A 160 -20.02 -25.72 -3.90
CA ASP A 160 -21.38 -25.43 -3.47
C ASP A 160 -21.57 -25.69 -1.96
N GLU A 161 -22.14 -24.70 -1.25
CA GLU A 161 -22.37 -24.77 0.21
C GLU A 161 -23.09 -26.07 0.62
N ALA A 162 -24.25 -26.36 0.00
CA ALA A 162 -25.01 -27.58 0.32
C ALA A 162 -24.17 -28.86 0.16
N LYS A 163 -23.65 -29.09 -1.04
CA LYS A 163 -22.87 -30.31 -1.37
C LYS A 163 -21.67 -30.57 -0.44
N VAL A 164 -20.95 -29.51 -0.05
CA VAL A 164 -19.92 -29.69 0.95
C VAL A 164 -20.54 -30.19 2.26
N LYS A 165 -21.60 -29.53 2.75
CA LYS A 165 -22.25 -29.99 3.97
C LYS A 165 -22.62 -31.49 3.84
N GLU A 166 -23.18 -31.87 2.69
CA GLU A 166 -23.60 -33.25 2.42
C GLU A 166 -22.42 -34.24 2.40
N TYR A 167 -21.45 -34.03 1.52
CA TYR A 167 -20.34 -34.95 1.44
C TYR A 167 -19.40 -34.95 2.65
N MET A 168 -19.43 -33.88 3.45
CA MET A 168 -18.78 -33.84 4.77
C MET A 168 -19.12 -35.06 5.58
N GLU A 169 -20.40 -35.45 5.54
CA GLU A 169 -20.84 -36.63 6.25
C GLU A 169 -20.22 -37.90 5.69
N VAL A 170 -20.25 -38.07 4.38
CA VAL A 170 -19.58 -39.21 3.74
C VAL A 170 -18.14 -39.36 4.27
N ALA A 171 -17.40 -38.24 4.25
CA ALA A 171 -16.07 -38.17 4.83
C ALA A 171 -16.03 -38.52 6.32
N ARG A 172 -16.78 -37.79 7.15
CA ARG A 172 -16.89 -38.06 8.61
C ARG A 172 -16.99 -39.55 8.93
N GLU A 173 -17.69 -40.28 8.05
CA GLU A 173 -18.01 -41.71 8.19
C GLU A 173 -16.74 -42.54 7.95
N LYS A 174 -16.08 -42.29 6.83
CA LYS A 174 -14.79 -42.90 6.52
C LYS A 174 -13.72 -42.58 7.58
N TYR A 175 -13.74 -41.36 8.09
CA TYR A 175 -12.81 -40.94 9.13
C TYR A 175 -12.97 -41.78 10.39
N LYS A 176 -14.22 -41.84 10.88
CA LYS A 176 -14.56 -42.58 12.08
C LYS A 176 -14.13 -44.04 11.93
N GLU A 177 -14.32 -44.56 10.73
CA GLU A 177 -14.00 -45.93 10.36
C GLU A 177 -12.49 -46.24 10.40
N ARG A 178 -11.69 -45.28 9.96
CA ARG A 178 -10.24 -45.37 10.14
C ARG A 178 -9.84 -45.37 11.62
N ASP A 179 -10.48 -44.50 12.40
CA ASP A 179 -10.13 -44.35 13.81
C ASP A 179 -10.47 -45.59 14.60
N ASP A 180 -11.48 -46.33 14.14
CA ASP A 180 -11.89 -47.56 14.79
C ASP A 180 -10.79 -48.60 14.71
N ARG A 181 -10.10 -48.68 13.56
CA ARG A 181 -8.96 -49.60 13.42
C ARG A 181 -7.88 -49.31 14.45
N MET A 182 -7.76 -48.04 14.84
CA MET A 182 -6.76 -47.61 15.84
C MET A 182 -7.12 -47.96 17.30
N ARG A 183 -8.41 -48.23 17.55
CA ARG A 183 -8.97 -48.47 18.90
C ARG A 183 -8.16 -49.44 19.78
N GLY A 184 -7.83 -50.60 19.23
CA GLY A 184 -7.18 -51.62 20.02
C GLY A 184 -5.74 -51.31 20.42
N LEU A 185 -5.05 -50.48 19.64
CA LEU A 185 -3.59 -50.52 19.67
C LEU A 185 -2.96 -49.52 20.62
N THR A 186 -2.06 -50.00 21.48
CA THR A 186 -1.28 -49.12 22.35
C THR A 186 0.23 -49.34 22.17
N ASP A 187 1.02 -48.41 22.70
CA ASP A 187 2.48 -48.48 22.61
C ASP A 187 3.05 -49.75 23.21
N GLU A 188 2.55 -50.18 24.37
CA GLU A 188 3.08 -51.37 25.04
C GLU A 188 2.77 -52.62 24.26
N THR A 189 1.65 -52.59 23.53
CA THR A 189 1.12 -53.81 22.93
C THR A 189 1.52 -54.00 21.46
N VAL A 190 2.35 -53.11 20.93
CA VAL A 190 2.99 -53.28 19.61
C VAL A 190 4.49 -53.45 19.81
N ASP A 191 5.15 -54.08 18.85
CA ASP A 191 6.60 -54.32 18.95
C ASP A 191 7.38 -53.52 17.92
N THR A 192 6.65 -52.87 17.03
CA THR A 192 7.25 -52.03 15.99
C THR A 192 6.67 -50.59 16.06
N PHE A 193 7.57 -49.61 15.87
CA PHE A 193 7.24 -48.21 15.60
C PHE A 193 7.69 -47.88 14.19
N TYR A 194 7.30 -46.71 13.70
CA TYR A 194 7.61 -46.30 12.33
C TYR A 194 8.25 -44.91 12.28
N SER A 195 9.29 -44.78 11.46
CA SER A 195 9.87 -43.47 11.19
C SER A 195 9.18 -42.84 9.97
N CYS A 196 9.07 -41.51 9.97
CA CYS A 196 8.63 -40.81 8.77
C CYS A 196 9.58 -39.72 8.38
N VAL A 197 9.85 -39.57 7.09
CA VAL A 197 10.78 -38.57 6.60
C VAL A 197 10.18 -37.76 5.45
N LEU A 198 8.89 -37.98 5.19
CA LEU A 198 8.21 -37.35 4.08
C LEU A 198 8.50 -35.86 4.00
N CYS A 199 8.59 -35.18 5.15
CA CYS A 199 8.79 -33.72 5.14
C CYS A 199 10.23 -33.21 5.09
N GLN A 200 11.19 -34.05 4.71
CA GLN A 200 12.58 -33.60 4.74
C GLN A 200 12.85 -32.67 3.57
N SER A 201 11.83 -32.48 2.75
CA SER A 201 11.95 -31.50 1.71
C SER A 201 11.84 -30.11 2.37
N PHE A 202 11.14 -30.04 3.49
CA PHE A 202 10.95 -28.79 4.20
C PHE A 202 12.01 -28.64 5.29
N ALA A 203 12.29 -29.73 6.01
CA ALA A 203 13.38 -29.74 6.99
C ALA A 203 14.18 -31.03 6.76
N PRO A 204 15.37 -30.90 6.13
CA PRO A 204 16.19 -32.03 5.70
C PRO A 204 16.56 -33.05 6.77
N ASN A 205 16.58 -32.61 8.02
CA ASN A 205 16.95 -33.51 9.12
C ASN A 205 15.84 -33.87 10.07
N HIS A 206 14.64 -33.44 9.78
CA HIS A 206 13.52 -33.80 10.63
C HIS A 206 13.09 -35.27 10.42
N VAL A 207 12.80 -35.97 11.52
CA VAL A 207 12.16 -37.28 11.49
C VAL A 207 11.03 -37.30 12.52
N CYS A 208 9.83 -37.72 12.10
CA CYS A 208 8.77 -38.14 13.00
C CYS A 208 8.97 -39.59 13.40
N ILE A 209 8.81 -39.86 14.70
CA ILE A 209 8.65 -41.23 15.19
C ILE A 209 7.18 -41.43 15.50
N VAL A 210 6.52 -42.28 14.72
CA VAL A 210 5.08 -42.54 14.86
C VAL A 210 4.83 -43.83 15.67
N THR A 211 4.10 -43.71 16.79
CA THR A 211 3.67 -44.85 17.58
C THR A 211 2.14 -44.86 17.61
N PRO A 212 1.50 -45.99 17.97
CA PRO A 212 0.04 -46.08 18.04
C PRO A 212 -0.63 -44.99 18.88
N GLU A 213 0.11 -44.41 19.81
CA GLU A 213 -0.44 -43.37 20.68
C GLU A 213 0.16 -41.99 20.41
N ARG A 214 1.03 -41.87 19.42
CA ARG A 214 1.46 -40.55 18.97
C ARG A 214 1.39 -40.43 17.45
N VAL A 215 0.33 -39.82 16.95
CA VAL A 215 0.15 -39.58 15.53
C VAL A 215 1.30 -38.68 15.04
N GLY A 216 1.61 -38.73 13.76
CA GLY A 216 2.57 -37.81 13.18
C GLY A 216 2.19 -36.36 13.45
N LEU A 217 3.17 -35.46 13.48
CA LEU A 217 2.86 -34.08 13.88
C LEU A 217 1.87 -33.38 12.94
N CYS A 218 1.77 -33.88 11.73
CA CYS A 218 0.77 -33.40 10.80
C CYS A 218 -0.63 -33.91 11.15
N GLY A 219 -0.73 -34.80 12.13
CA GLY A 219 -2.02 -35.41 12.51
C GLY A 219 -2.71 -36.24 11.43
N ALA A 220 -1.96 -36.59 10.38
CA ALA A 220 -2.46 -37.30 9.18
C ALA A 220 -1.70 -38.63 8.91
N VAL A 221 -0.82 -39.02 9.81
CA VAL A 221 -0.14 -40.28 9.66
C VAL A 221 -0.25 -41.07 10.97
N SER A 222 -1.24 -41.97 11.05
CA SER A 222 -1.39 -42.84 12.21
C SER A 222 -0.41 -43.97 12.07
N TRP A 223 -0.20 -44.69 13.17
CA TRP A 223 0.63 -45.88 13.17
C TRP A 223 0.25 -46.83 12.03
N LEU A 224 -1.06 -47.05 11.85
CA LEU A 224 -1.58 -47.89 10.77
C LEU A 224 -1.23 -47.35 9.39
N ASP A 225 -1.33 -46.03 9.24
CA ASP A 225 -0.96 -45.35 8.00
C ASP A 225 0.50 -45.58 7.66
N ALA A 226 1.36 -45.38 8.66
CA ALA A 226 2.78 -45.57 8.45
C ALA A 226 3.07 -47.01 8.06
N LYS A 227 2.44 -47.95 8.77
CA LYS A 227 2.57 -49.37 8.48
C LYS A 227 2.12 -49.67 7.05
N ALA A 228 0.94 -49.16 6.68
CA ALA A 228 0.40 -49.41 5.35
C ALA A 228 1.35 -48.86 4.27
N SER A 229 1.78 -47.60 4.44
CA SER A 229 2.81 -47.00 3.61
C SER A 229 4.03 -47.92 3.40
N TYR A 230 4.60 -48.42 4.49
CA TYR A 230 5.78 -49.24 4.35
C TYR A 230 5.51 -50.54 3.52
N GLU A 231 4.35 -51.15 3.72
CA GLU A 231 3.93 -52.32 2.97
C GLU A 231 3.73 -51.98 1.49
N ILE A 232 3.17 -50.80 1.23
CA ILE A 232 2.95 -50.31 -0.13
C ILE A 232 4.26 -50.11 -0.85
N ASN A 233 5.28 -49.63 -0.12
CA ASN A 233 6.55 -49.29 -0.71
C ASN A 233 7.70 -49.32 0.29
N HIS A 234 8.48 -50.40 0.27
CA HIS A 234 9.64 -50.57 1.17
C HIS A 234 10.69 -49.45 1.08
N ALA A 235 10.85 -48.88 -0.10
CA ALA A 235 11.79 -47.80 -0.32
C ALA A 235 11.12 -46.45 -0.04
N GLY A 236 9.91 -46.49 0.53
CA GLY A 236 9.14 -45.27 0.81
C GLY A 236 9.54 -44.47 2.03
N PRO A 237 8.80 -43.39 2.29
CA PRO A 237 9.08 -42.47 3.38
C PRO A 237 8.95 -43.06 4.78
N ASN A 238 8.34 -44.25 4.91
CA ASN A 238 8.22 -44.87 6.25
C ASN A 238 8.98 -46.15 6.38
N GLN A 239 9.70 -46.29 7.49
CA GLN A 239 10.47 -47.48 7.83
C GLN A 239 9.99 -48.08 9.14
N PRO A 240 10.14 -49.40 9.33
CA PRO A 240 9.85 -49.96 10.66
C PRO A 240 11.05 -49.81 11.61
N ILE A 241 10.77 -49.49 12.87
CA ILE A 241 11.76 -49.51 13.94
C ILE A 241 11.30 -50.50 15.00
N PRO A 242 12.01 -51.63 15.18
CA PRO A 242 11.73 -52.51 16.32
C PRO A 242 11.91 -51.78 17.65
N LYS A 243 10.95 -51.89 18.56
CA LYS A 243 11.14 -51.53 19.97
C LYS A 243 12.15 -52.50 20.58
N GLU A 244 13.31 -51.98 20.95
CA GLU A 244 14.37 -52.76 21.58
C GLU A 244 15.29 -51.86 22.38
N GLY A 245 16.03 -52.43 23.33
CA GLY A 245 16.96 -51.65 24.14
C GLY A 245 16.28 -50.53 24.92
N GLU A 246 15.13 -50.84 25.53
CA GLU A 246 14.37 -49.88 26.33
C GLU A 246 15.24 -49.24 27.41
N ILE A 247 15.50 -47.94 27.30
CA ILE A 247 16.33 -47.23 28.26
C ILE A 247 15.50 -46.62 29.42
N ASP A 248 14.33 -46.07 29.11
CA ASP A 248 13.50 -45.37 30.08
C ASP A 248 12.03 -45.52 29.67
N PRO A 249 11.26 -46.30 30.45
CA PRO A 249 9.85 -46.56 30.10
C PRO A 249 8.93 -45.35 30.29
N ILE A 250 9.28 -44.50 31.25
CA ILE A 250 8.48 -43.32 31.59
C ILE A 250 8.69 -42.20 30.58
N LYS A 251 9.94 -41.85 30.29
CA LYS A 251 10.26 -40.82 29.28
C LYS A 251 9.98 -41.29 27.85
N GLY A 252 10.22 -42.58 27.61
CA GLY A 252 10.00 -43.16 26.30
C GLY A 252 11.26 -43.09 25.47
N ILE A 253 12.33 -43.73 25.94
CA ILE A 253 13.61 -43.77 25.24
C ILE A 253 13.98 -45.22 24.94
N TRP A 254 14.09 -45.56 23.66
CA TRP A 254 14.60 -46.87 23.27
C TRP A 254 15.94 -46.70 22.53
N LYS A 255 16.91 -47.55 22.84
CA LYS A 255 18.22 -47.51 22.18
C LYS A 255 18.03 -47.63 20.68
N SER A 256 17.12 -48.51 20.27
CA SER A 256 16.85 -48.75 18.86
C SER A 256 16.12 -47.59 18.13
N VAL A 257 15.17 -46.94 18.80
CA VAL A 257 14.56 -45.71 18.27
C VAL A 257 15.68 -44.68 18.10
N ASN A 258 16.56 -44.57 19.10
CA ASN A 258 17.63 -43.60 19.02
C ASN A 258 18.48 -43.91 17.83
N ASP A 259 18.77 -45.20 17.63
CA ASP A 259 19.60 -45.65 16.51
C ASP A 259 19.04 -45.24 15.14
N TYR A 260 17.76 -45.53 14.88
CA TYR A 260 17.15 -45.27 13.57
C TYR A 260 16.97 -43.80 13.37
N LEU A 261 16.76 -43.08 14.47
CA LEU A 261 16.64 -41.64 14.45
C LEU A 261 17.92 -40.98 14.02
N TYR A 262 19.03 -41.46 14.57
CA TYR A 262 20.33 -40.94 14.18
C TYR A 262 20.54 -41.09 12.65
N THR A 263 20.39 -42.31 12.13
CA THR A 263 20.57 -42.51 10.71
C THR A 263 19.65 -41.62 9.88
N ALA A 264 18.35 -41.72 10.14
CA ALA A 264 17.34 -41.03 9.33
C ALA A 264 17.51 -39.51 9.33
N SER A 265 17.96 -38.94 10.45
CA SER A 265 18.25 -37.51 10.57
C SER A 265 19.67 -37.13 10.11
N ASN A 266 20.28 -37.95 9.24
CA ASN A 266 21.65 -37.73 8.74
C ASN A 266 22.64 -37.32 9.84
N ARG A 267 22.78 -38.21 10.81
CA ARG A 267 23.62 -37.99 12.00
C ARG A 267 23.32 -36.64 12.73
N ASN A 268 22.06 -36.22 12.83
CA ASN A 268 21.81 -34.94 13.50
C ASN A 268 21.12 -35.01 14.86
N LEU A 269 20.22 -35.97 15.00
CA LEU A 269 19.54 -36.17 16.24
C LEU A 269 20.02 -37.50 16.80
N GLU A 270 20.21 -37.55 18.12
CA GLU A 270 20.88 -38.67 18.79
C GLU A 270 19.94 -39.40 19.73
N GLN A 271 18.98 -38.65 20.26
CA GLN A 271 17.97 -39.19 21.15
C GLN A 271 16.66 -38.42 21.01
N VAL A 272 15.55 -39.12 21.21
CA VAL A 272 14.23 -38.49 21.29
C VAL A 272 13.47 -39.16 22.42
N CYS A 273 12.67 -38.38 23.15
CA CYS A 273 11.87 -38.92 24.24
C CYS A 273 10.44 -38.89 23.85
N LEU A 274 9.80 -40.04 23.75
CA LEU A 274 8.47 -40.09 23.19
C LEU A 274 7.39 -39.45 24.06
N TYR A 275 7.68 -39.29 25.35
CA TYR A 275 6.62 -38.94 26.26
C TYR A 275 6.89 -37.69 27.06
N THR A 276 7.91 -36.95 26.65
CA THR A 276 8.15 -35.65 27.29
C THR A 276 8.46 -34.52 26.32
N LEU A 277 8.17 -33.32 26.81
CA LEU A 277 8.40 -32.06 26.14
C LEU A 277 9.73 -31.44 26.64
N MET A 278 10.23 -31.93 27.77
CA MET A 278 11.23 -31.20 28.58
C MET A 278 12.70 -31.60 28.35
N GLU A 279 12.89 -32.66 27.59
CA GLU A 279 14.22 -33.22 27.34
C GLU A 279 14.21 -34.02 26.04
N ASN A 280 15.19 -33.77 25.17
CA ASN A 280 15.21 -34.38 23.82
C ASN A 280 13.83 -34.56 23.14
N PRO A 281 13.03 -33.49 23.02
CA PRO A 281 11.71 -33.65 22.43
C PRO A 281 11.81 -33.89 20.94
N MET A 282 10.73 -34.39 20.36
CA MET A 282 10.68 -34.59 18.93
C MET A 282 10.79 -33.28 18.20
N THR A 283 11.56 -33.28 17.10
CA THR A 283 11.69 -32.08 16.28
C THR A 283 10.45 -31.84 15.40
N SER A 284 10.40 -30.68 14.72
CA SER A 284 9.27 -30.37 13.84
C SER A 284 9.70 -29.95 12.44
N CYS A 285 8.85 -30.29 11.46
CA CYS A 285 9.05 -29.88 10.07
C CYS A 285 8.28 -28.56 9.93
N GLY A 286 7.44 -28.45 8.92
CA GLY A 286 6.68 -27.23 8.74
C GLY A 286 5.18 -27.42 8.81
N CYS A 287 4.66 -28.62 9.04
CA CYS A 287 3.20 -28.73 8.96
C CYS A 287 2.44 -29.10 10.22
N PHE A 288 3.09 -29.04 11.37
CA PHE A 288 2.47 -29.35 12.66
C PHE A 288 1.15 -28.58 12.82
N GLU A 289 0.16 -29.24 13.43
CA GLU A 289 -1.15 -28.62 13.58
C GLU A 289 -1.21 -27.66 14.80
N ALA A 290 -0.43 -28.00 15.83
CA ALA A 290 -0.40 -27.21 17.04
C ALA A 290 1.00 -27.13 17.63
N ILE A 291 1.24 -26.11 18.47
CA ILE A 291 2.52 -25.94 19.16
C ILE A 291 2.25 -25.88 20.64
N MET A 292 3.05 -26.65 21.37
CA MET A 292 3.04 -26.65 22.82
C MET A 292 4.16 -25.75 23.28
N ALA A 293 3.88 -24.82 24.17
CA ALA A 293 4.94 -24.03 24.75
C ALA A 293 4.85 -23.98 26.27
N ILE A 294 6.02 -24.08 26.89
CA ILE A 294 6.19 -24.05 28.32
C ILE A 294 5.80 -22.66 28.89
N LEU A 295 5.13 -22.66 30.04
CA LEU A 295 4.75 -21.42 30.75
C LEU A 295 5.26 -21.47 32.18
N PRO A 296 6.52 -21.05 32.38
CA PRO A 296 7.14 -21.36 33.65
C PRO A 296 6.35 -20.83 34.85
N GLU A 297 5.80 -19.63 34.75
CA GLU A 297 5.12 -19.06 35.90
C GLU A 297 3.84 -19.82 36.28
N CYS A 298 3.32 -20.57 35.32
CA CYS A 298 2.08 -21.32 35.48
C CYS A 298 2.32 -22.74 35.92
N ASN A 299 3.58 -23.16 35.97
CA ASN A 299 3.90 -24.56 36.17
C ASN A 299 3.11 -25.43 35.17
N GLY A 300 2.94 -24.91 33.95
CA GLY A 300 2.10 -25.54 32.93
C GLY A 300 2.51 -25.31 31.50
N ILE A 301 1.64 -25.70 30.58
CA ILE A 301 1.91 -25.63 29.14
C ILE A 301 0.72 -25.03 28.43
N MET A 302 0.97 -24.15 27.46
CA MET A 302 -0.08 -23.64 26.59
C MET A 302 -0.02 -24.31 25.22
N ILE A 303 -1.15 -24.32 24.52
CA ILE A 303 -1.17 -24.86 23.16
C ILE A 303 -1.85 -23.81 22.29
N THR A 304 -1.33 -23.62 21.09
CA THR A 304 -2.03 -22.83 20.10
C THR A 304 -1.98 -23.57 18.78
N THR A 305 -2.96 -23.31 17.91
CA THR A 305 -3.09 -24.06 16.63
C THR A 305 -2.78 -23.23 15.36
N ARG A 306 -2.41 -23.91 14.27
CA ARG A 306 -2.04 -23.20 13.04
C ARG A 306 -3.07 -22.16 12.58
N ASP A 307 -4.34 -22.52 12.63
CA ASP A 307 -5.39 -21.66 12.14
C ASP A 307 -5.84 -20.62 13.15
N HIS A 308 -5.24 -20.57 14.34
CA HIS A 308 -5.59 -19.55 15.35
C HIS A 308 -4.66 -18.32 15.35
N ALA A 309 -5.14 -17.19 14.81
CA ALA A 309 -4.32 -15.96 14.70
C ALA A 309 -3.97 -15.17 16.00
N GLY A 310 -4.73 -15.38 17.09
CA GLY A 310 -4.64 -14.55 18.27
C GLY A 310 -3.39 -14.71 19.11
N MET A 311 -3.14 -13.68 19.94
CA MET A 311 -2.08 -13.63 20.94
C MET A 311 -2.21 -14.80 21.89
N THR A 312 -1.08 -15.25 22.43
CA THR A 312 -1.06 -16.32 23.43
C THR A 312 -0.23 -15.87 24.63
N PRO A 313 -0.42 -16.50 25.81
CA PRO A 313 0.24 -16.04 27.02
C PRO A 313 1.76 -16.24 27.04
N SER A 314 2.29 -16.95 26.05
CA SER A 314 3.73 -17.08 25.86
C SER A 314 4.26 -15.74 25.36
N GLY A 315 3.34 -14.90 24.92
CA GLY A 315 3.66 -13.58 24.39
C GLY A 315 3.75 -13.54 22.88
N MET A 316 3.63 -14.71 22.25
CA MET A 316 3.66 -14.76 20.78
C MET A 316 2.56 -15.61 20.13
N THR A 317 2.28 -15.31 18.87
CA THR A 317 1.26 -16.00 18.13
C THR A 317 1.83 -17.30 17.56
N PHE A 318 0.96 -18.24 17.21
CA PHE A 318 1.38 -19.40 16.45
C PHE A 318 2.54 -19.18 15.46
N SER A 319 2.46 -18.18 14.58
CA SER A 319 3.56 -17.92 13.64
C SER A 319 4.86 -17.63 14.30
N THR A 320 4.85 -16.79 15.33
CA THR A 320 6.09 -16.43 15.93
C THR A 320 6.66 -17.66 16.62
N LEU A 321 5.77 -18.45 17.22
CA LEU A 321 6.22 -19.67 17.89
C LEU A 321 6.75 -20.62 16.85
N ALA A 322 6.03 -20.76 15.74
CA ALA A 322 6.43 -21.69 14.66
C ALA A 322 7.86 -21.37 14.25
N GLY A 323 8.13 -20.07 14.20
CA GLY A 323 9.43 -19.50 13.94
C GLY A 323 10.52 -20.12 14.78
N MET A 324 10.36 -20.21 16.10
CA MET A 324 11.45 -20.78 16.84
C MET A 324 11.54 -22.32 16.77
N ILE A 325 10.49 -23.04 17.14
CA ILE A 325 10.49 -24.52 17.02
C ILE A 325 10.68 -25.19 15.64
N GLY A 326 10.65 -24.41 14.56
CA GLY A 326 10.59 -24.99 13.21
C GLY A 326 11.95 -25.53 12.79
N GLY A 327 11.96 -26.35 11.73
CA GLY A 327 13.22 -26.67 11.02
C GLY A 327 14.08 -27.86 11.47
N GLY A 328 13.53 -28.80 12.23
CA GLY A 328 14.26 -30.03 12.52
C GLY A 328 15.31 -29.91 13.61
N THR A 329 15.24 -28.81 14.36
CA THR A 329 16.16 -28.54 15.48
C THR A 329 15.46 -28.98 16.77
N GLN A 330 16.22 -29.36 17.80
CA GLN A 330 15.59 -29.87 19.02
C GLN A 330 15.41 -28.80 20.07
N THR A 331 14.17 -28.56 20.50
CA THR A 331 13.83 -27.39 21.31
C THR A 331 13.11 -27.74 22.61
N PRO A 332 13.87 -28.07 23.67
CA PRO A 332 13.27 -28.37 24.98
C PRO A 332 12.23 -27.33 25.46
N GLY A 333 11.02 -27.79 25.71
CA GLY A 333 9.95 -26.94 26.23
C GLY A 333 8.96 -26.47 25.18
N PHE A 334 9.21 -26.89 23.95
CA PHE A 334 8.48 -26.43 22.80
C PHE A 334 8.40 -27.57 21.82
N MET A 335 7.20 -27.95 21.43
CA MET A 335 7.04 -29.09 20.54
C MET A 335 5.89 -28.90 19.55
N GLY A 336 6.08 -29.36 18.33
CA GLY A 336 4.97 -29.34 17.38
C GLY A 336 4.27 -30.68 17.39
N ILE A 337 2.95 -30.67 17.38
CA ILE A 337 2.16 -31.90 17.49
C ILE A 337 0.92 -31.87 16.59
N GLY A 338 0.34 -33.04 16.39
CA GLY A 338 -0.98 -33.17 15.73
C GLY A 338 -2.10 -33.00 16.74
N ARG A 339 -3.24 -32.52 16.28
CA ARG A 339 -4.31 -32.15 17.18
C ARG A 339 -4.66 -33.28 18.11
N THR A 340 -4.99 -34.43 17.54
CA THR A 340 -5.47 -35.55 18.36
C THR A 340 -4.45 -36.10 19.34
N TYR A 341 -3.17 -35.72 19.21
CA TYR A 341 -2.19 -36.14 20.21
C TYR A 341 -2.62 -35.69 21.62
N ILE A 342 -3.22 -34.52 21.70
CA ILE A 342 -3.61 -33.94 22.98
C ILE A 342 -4.45 -34.89 23.83
N VAL A 343 -5.24 -35.73 23.16
CA VAL A 343 -6.13 -36.68 23.84
C VAL A 343 -5.62 -38.13 23.89
N SER A 344 -4.42 -38.37 23.40
CA SER A 344 -3.77 -39.67 23.60
C SER A 344 -3.57 -39.91 25.09
N LYS A 345 -3.68 -41.17 25.52
CA LYS A 345 -3.26 -41.56 26.87
C LYS A 345 -1.78 -41.21 27.11
N LYS A 346 -0.94 -41.46 26.13
CA LYS A 346 0.49 -41.19 26.25
C LYS A 346 0.87 -39.71 26.06
N PHE A 347 -0.11 -38.81 25.94
CA PHE A 347 0.17 -37.37 25.73
C PHE A 347 1.04 -36.80 26.83
N ILE A 348 2.26 -36.42 26.45
CA ILE A 348 3.34 -36.01 27.38
C ILE A 348 3.27 -36.66 28.77
N SER A 349 3.02 -37.96 28.77
CA SER A 349 2.70 -38.65 29.99
C SER A 349 3.78 -38.48 31.06
N ALA A 350 5.03 -38.33 30.62
CA ALA A 350 6.15 -38.17 31.55
C ALA A 350 6.16 -36.81 32.27
N ASP A 351 5.35 -35.87 31.78
CA ASP A 351 5.27 -34.53 32.36
C ASP A 351 3.99 -34.27 33.14
N GLY A 352 3.17 -35.31 33.31
CA GLY A 352 1.87 -35.20 34.01
C GLY A 352 0.65 -35.14 33.10
N GLY A 353 0.88 -35.34 31.80
CA GLY A 353 -0.21 -35.46 30.85
C GLY A 353 -1.07 -34.21 30.75
N ILE A 354 -2.29 -34.42 30.27
CA ILE A 354 -3.21 -33.31 29.95
C ILE A 354 -3.45 -32.35 31.12
N ALA A 355 -3.11 -32.76 32.35
CA ALA A 355 -3.26 -31.90 33.54
C ALA A 355 -2.41 -30.63 33.43
N ARG A 356 -1.35 -30.69 32.64
CA ARG A 356 -0.44 -29.56 32.51
C ARG A 356 -0.95 -28.44 31.61
N ILE A 357 -1.94 -28.72 30.77
CA ILE A 357 -2.42 -27.75 29.79
C ILE A 357 -3.22 -26.65 30.48
N VAL A 358 -2.68 -25.44 30.46
CA VAL A 358 -3.33 -24.29 31.12
C VAL A 358 -4.08 -23.33 30.16
N TRP A 359 -3.79 -23.41 28.85
CA TRP A 359 -4.36 -22.51 27.85
C TRP A 359 -4.47 -23.12 26.43
N MET A 360 -5.58 -22.85 25.78
CA MET A 360 -5.85 -23.37 24.45
C MET A 360 -6.82 -22.47 23.75
N PRO A 361 -6.80 -22.46 22.41
CA PRO A 361 -7.88 -21.77 21.72
C PRO A 361 -9.21 -22.48 22.00
N LYS A 362 -10.26 -21.70 22.24
CA LYS A 362 -11.61 -22.27 22.37
C LYS A 362 -12.01 -23.20 21.19
N SER A 363 -11.64 -22.86 19.96
CA SER A 363 -11.89 -23.75 18.82
C SER A 363 -11.30 -25.15 19.03
N LEU A 364 -10.09 -25.21 19.58
CA LEU A 364 -9.44 -26.49 19.87
C LEU A 364 -10.25 -27.22 20.92
N LYS A 365 -10.60 -26.53 21.99
CA LYS A 365 -11.44 -27.16 22.99
C LYS A 365 -12.66 -27.77 22.32
N ASP A 366 -13.32 -27.00 21.47
CA ASP A 366 -14.54 -27.44 20.79
C ASP A 366 -14.28 -28.72 19.97
N PHE A 367 -13.30 -28.65 19.06
CA PHE A 367 -12.88 -29.78 18.23
C PHE A 367 -12.61 -31.06 19.00
N LEU A 368 -12.06 -30.96 20.21
CA LEU A 368 -11.62 -32.15 20.94
C LEU A 368 -12.51 -32.43 22.13
N HIS A 369 -13.58 -31.65 22.24
CA HIS A 369 -14.37 -31.59 23.46
C HIS A 369 -14.57 -32.91 24.17
N ASP A 370 -15.24 -33.85 23.49
CA ASP A 370 -15.67 -35.12 24.12
C ASP A 370 -14.51 -35.99 24.60
N GLU A 371 -13.42 -35.98 23.82
CA GLU A 371 -12.21 -36.72 24.16
C GLU A 371 -11.60 -36.12 25.41
N VAL A 372 -11.50 -34.79 25.45
CA VAL A 372 -10.93 -34.11 26.59
C VAL A 372 -11.68 -34.55 27.81
N VAL A 373 -13.01 -34.45 27.75
CA VAL A 373 -13.87 -34.87 28.86
C VAL A 373 -13.61 -36.33 29.23
N ARG A 374 -13.50 -37.23 28.23
CA ARG A 374 -13.26 -38.66 28.50
C ARG A 374 -11.95 -38.88 29.26
N ARG A 375 -10.87 -38.33 28.70
CA ARG A 375 -9.53 -38.40 29.32
C ARG A 375 -9.50 -37.76 30.73
N SER A 376 -10.16 -36.61 30.87
CA SER A 376 -10.31 -35.92 32.16
C SER A 376 -10.72 -36.91 33.24
N VAL A 377 -11.83 -37.60 32.95
CA VAL A 377 -12.43 -38.59 33.86
C VAL A 377 -11.42 -39.67 34.16
N GLU A 378 -10.79 -40.21 33.12
CA GLU A 378 -9.78 -41.28 33.26
C GLU A 378 -8.57 -40.93 34.13
N GLU A 379 -8.27 -39.64 34.29
CA GLU A 379 -7.21 -39.29 35.23
C GLU A 379 -7.68 -38.57 36.49
N GLY A 380 -8.96 -38.72 36.81
CA GLY A 380 -9.53 -38.11 38.01
C GLY A 380 -9.37 -36.60 38.10
N LEU A 381 -9.48 -35.92 36.97
CA LEU A 381 -9.37 -34.47 36.99
C LEU A 381 -10.76 -33.81 37.00
N GLY A 382 -11.81 -34.65 36.99
CA GLY A 382 -13.21 -34.20 36.90
C GLY A 382 -13.60 -33.96 35.45
N GLU A 383 -14.88 -34.13 35.14
CA GLU A 383 -15.36 -33.84 33.78
C GLU A 383 -15.34 -32.34 33.47
N ASP A 384 -15.31 -31.53 34.52
CA ASP A 384 -15.25 -30.08 34.46
C ASP A 384 -13.84 -29.52 34.20
N PHE A 385 -12.85 -30.43 34.09
CA PHE A 385 -11.49 -30.03 33.78
C PHE A 385 -11.36 -29.16 32.50
N ILE A 386 -12.09 -29.51 31.44
CA ILE A 386 -11.99 -28.70 30.22
C ILE A 386 -12.24 -27.19 30.50
N ASP A 387 -13.10 -26.89 31.47
CA ASP A 387 -13.46 -25.52 31.79
C ASP A 387 -12.46 -24.83 32.73
N LYS A 388 -11.55 -25.59 33.32
CA LYS A 388 -10.49 -24.97 34.11
C LYS A 388 -9.32 -24.52 33.21
N ILE A 389 -9.19 -25.11 32.03
CA ILE A 389 -8.18 -24.68 31.07
C ILE A 389 -8.62 -23.32 30.54
N ALA A 390 -7.77 -22.31 30.66
CA ALA A 390 -8.06 -21.00 30.10
C ALA A 390 -8.06 -21.03 28.59
N ASP A 391 -8.75 -20.05 28.00
CA ASP A 391 -8.72 -19.84 26.56
C ASP A 391 -8.86 -18.35 26.32
N GLU A 392 -8.85 -17.94 25.06
CA GLU A 392 -8.81 -16.52 24.71
C GLU A 392 -10.00 -15.71 25.24
N THR A 393 -11.12 -16.39 25.51
CA THR A 393 -12.29 -15.70 26.05
C THR A 393 -12.06 -15.32 27.50
N ILE A 394 -11.08 -15.96 28.14
CA ILE A 394 -10.63 -15.54 29.46
C ILE A 394 -9.52 -14.49 29.35
N GLY A 395 -8.51 -14.75 28.52
CA GLY A 395 -7.44 -13.78 28.36
C GLY A 395 -6.39 -14.30 27.44
N THR A 396 -5.49 -13.42 27.01
CA THR A 396 -4.37 -13.86 26.19
C THR A 396 -3.04 -13.70 26.91
N THR A 397 -3.07 -13.07 28.08
CA THR A 397 -1.84 -12.80 28.82
C THR A 397 -1.83 -13.62 30.07
N VAL A 398 -0.63 -13.91 30.57
CA VAL A 398 -0.43 -14.53 31.88
C VAL A 398 -1.21 -13.74 32.92
N ASP A 399 -1.08 -12.42 32.84
CA ASP A 399 -1.74 -11.53 33.80
C ASP A 399 -3.24 -11.78 33.88
N GLU A 400 -3.89 -11.95 32.73
CA GLU A 400 -5.32 -12.28 32.70
C GLU A 400 -5.59 -13.72 33.17
N ILE A 401 -4.94 -14.70 32.56
CA ILE A 401 -5.32 -16.09 32.81
C ILE A 401 -4.95 -16.66 34.18
N LEU A 402 -3.89 -16.18 34.80
CA LEU A 402 -3.44 -16.80 36.05
C LEU A 402 -4.46 -16.72 37.19
N PRO A 403 -5.03 -15.52 37.47
CA PRO A 403 -6.08 -15.45 38.48
C PRO A 403 -7.24 -16.41 38.18
N TYR A 404 -7.54 -16.67 36.91
CA TYR A 404 -8.56 -17.64 36.53
C TYR A 404 -8.17 -19.06 36.93
N LEU A 405 -6.92 -19.40 36.66
CA LEU A 405 -6.38 -20.70 37.03
C LEU A 405 -6.51 -20.91 38.55
N GLU A 406 -6.15 -19.86 39.31
CA GLU A 406 -6.21 -19.83 40.77
C GLU A 406 -7.63 -20.14 41.23
N GLU A 407 -8.54 -19.23 40.90
CA GLU A 407 -9.95 -19.35 41.20
C GLU A 407 -10.55 -20.72 40.82
N LYS A 408 -10.32 -21.19 39.60
CA LYS A 408 -10.86 -22.49 39.17
C LYS A 408 -10.14 -23.72 39.77
N GLY A 409 -9.05 -23.47 40.50
CA GLY A 409 -8.21 -24.53 41.06
C GLY A 409 -7.63 -25.48 40.02
N HIS A 410 -7.02 -24.93 38.95
CA HIS A 410 -6.42 -25.78 37.92
C HIS A 410 -5.33 -26.65 38.54
N PRO A 411 -5.37 -27.99 38.32
CA PRO A 411 -4.42 -28.91 38.95
C PRO A 411 -2.95 -28.54 38.73
N ALA A 412 -2.61 -28.06 37.52
CA ALA A 412 -1.24 -27.70 37.18
C ALA A 412 -0.56 -26.85 38.27
N LEU A 413 -1.32 -25.88 38.80
CA LEU A 413 -0.77 -24.93 39.73
C LEU A 413 -0.13 -25.60 40.93
N THR A 414 -0.58 -26.81 41.27
CA THR A 414 -0.11 -27.46 42.50
C THR A 414 0.63 -28.77 42.26
N MET A 415 1.07 -28.99 41.03
CA MET A 415 1.90 -30.14 40.74
C MET A 415 3.39 -29.85 40.98
N ASP A 416 4.24 -30.79 40.61
CA ASP A 416 5.69 -30.62 40.76
C ASP A 416 6.24 -29.61 39.76
N PRO A 417 7.34 -28.91 40.14
CA PRO A 417 7.87 -27.87 39.25
C PRO A 417 8.29 -28.47 37.91
N ILE A 418 7.42 -28.34 36.90
CA ILE A 418 7.73 -28.90 35.60
C ILE A 418 9.11 -28.46 35.12
N MET A 419 9.50 -27.24 35.49
CA MET A 419 10.72 -26.61 35.01
C MET A 419 11.99 -27.31 35.47
N ARG A 420 11.93 -28.08 36.56
CA ARG A 420 13.05 -28.94 36.97
C ARG A 420 13.31 -30.12 36.00
N SER A 421 12.34 -30.41 35.15
CA SER A 421 12.32 -31.52 34.23
C SER A 421 13.21 -31.23 33.02
N HIS A 422 13.62 -29.97 32.93
CA HIS A 422 14.04 -29.32 31.68
C HIS A 422 15.52 -29.51 31.39
N THR A 423 15.86 -30.43 30.50
CA THR A 423 17.27 -30.64 30.17
C THR A 423 17.64 -29.88 28.94
N SER A 424 18.67 -29.03 29.05
CA SER A 424 19.15 -28.30 27.88
C SER A 424 19.51 -29.20 26.69
N ARG A 425 19.53 -28.62 25.50
CA ARG A 425 19.93 -29.36 24.30
C ARG A 425 21.45 -29.45 24.12
N GLY A 426 22.25 -28.67 24.83
CA GLY A 426 23.67 -28.60 24.46
C GLY A 426 24.56 -29.77 24.87
N HIS A 427 25.71 -29.41 25.46
CA HIS A 427 26.85 -30.28 25.87
C HIS A 427 27.34 -31.19 24.77
N ILE B 6 5.62 16.11 -39.94
CA ILE B 6 6.36 14.82 -40.12
C ILE B 6 5.96 13.67 -39.17
N LYS B 7 6.49 12.47 -39.45
CA LYS B 7 6.18 11.24 -38.70
C LYS B 7 6.63 11.27 -37.22
N LEU B 8 5.70 10.98 -36.31
CA LEU B 8 6.01 10.85 -34.88
C LEU B 8 5.65 9.44 -34.46
N ASP B 9 6.62 8.63 -34.06
CA ASP B 9 6.28 7.26 -33.61
C ASP B 9 6.68 7.07 -32.16
N LEU B 10 5.77 7.39 -31.24
CA LEU B 10 6.06 7.27 -29.82
C LEU B 10 5.67 5.90 -29.29
N PRO B 11 6.31 5.41 -28.20
CA PRO B 11 5.84 4.17 -27.63
C PRO B 11 4.70 4.42 -26.65
N ILE B 12 4.29 5.69 -26.51
CA ILE B 12 3.21 6.06 -25.63
C ILE B 12 2.07 6.63 -26.46
N ASN B 13 0.86 6.59 -25.93
CA ASN B 13 -0.27 7.24 -26.59
C ASN B 13 -0.01 8.73 -26.57
N PHE B 14 -0.56 9.43 -27.55
CA PHE B 14 -0.31 10.85 -27.65
C PHE B 14 -1.45 11.49 -28.42
N GLY B 15 -2.02 12.53 -27.81
CA GLY B 15 -3.18 13.24 -28.38
C GLY B 15 -3.87 14.08 -27.34
N PRO B 16 -4.82 14.92 -27.80
CA PRO B 16 -5.55 15.85 -26.93
C PRO B 16 -6.25 15.22 -25.72
N ALA B 17 -6.58 13.95 -25.82
CA ALA B 17 -7.34 13.29 -24.77
C ALA B 17 -6.57 13.03 -23.48
N PHE B 18 -5.25 13.16 -23.51
CA PHE B 18 -4.44 12.87 -22.34
C PHE B 18 -3.96 14.12 -21.60
N GLU B 19 -4.38 15.27 -22.08
CA GLU B 19 -3.81 16.54 -21.68
C GLU B 19 -4.02 16.91 -20.20
N GLY B 20 -5.16 16.52 -19.64
CA GLY B 20 -5.48 16.79 -18.26
C GLY B 20 -5.04 15.68 -17.34
N GLU B 21 -4.13 14.85 -17.76
CA GLU B 21 -3.79 13.72 -16.91
C GLU B 21 -3.06 14.27 -15.74
N SER B 22 -3.07 13.60 -14.61
CA SER B 22 -2.16 14.03 -13.56
C SER B 22 -1.38 12.86 -13.01
N ILE B 23 -0.20 13.14 -12.47
CA ILE B 23 0.72 12.10 -12.01
C ILE B 23 1.06 12.25 -10.52
N ARG B 24 0.42 11.45 -9.68
CA ARG B 24 0.67 11.49 -8.24
C ARG B 24 2.09 10.98 -7.87
N LYS B 25 2.60 11.34 -6.68
CA LYS B 25 3.99 10.95 -6.35
C LYS B 25 4.23 9.43 -6.49
N GLY B 26 3.27 8.63 -6.03
CA GLY B 26 3.37 7.20 -6.15
C GLY B 26 3.53 6.72 -7.58
N ASP B 27 3.04 7.47 -8.55
CA ASP B 27 3.13 6.98 -9.91
C ASP B 27 4.32 7.60 -10.68
N MET B 28 5.11 8.37 -9.98
CA MET B 28 6.10 9.15 -10.64
C MET B 28 7.39 8.38 -10.81
N TYR B 29 7.86 8.26 -12.05
CA TYR B 29 9.17 7.70 -12.30
C TYR B 29 10.31 8.71 -12.11
N VAL B 30 10.22 9.87 -12.75
CA VAL B 30 11.10 11.01 -12.46
C VAL B 30 10.28 12.24 -12.36
N GLU B 31 10.93 13.23 -11.75
CA GLU B 31 10.40 14.57 -11.54
C GLU B 31 11.54 15.53 -11.82
N MET B 32 11.24 16.59 -12.51
CA MET B 32 12.25 17.59 -12.64
C MET B 32 11.61 18.96 -12.59
N GLY B 33 12.29 19.91 -11.99
CA GLY B 33 11.76 21.27 -11.86
C GLY B 33 10.90 21.52 -10.63
N GLY B 34 9.86 22.34 -10.79
CA GLY B 34 8.99 22.72 -9.69
C GLY B 34 9.67 23.02 -8.37
N ASN B 35 10.79 23.72 -8.45
CA ASN B 35 11.59 23.97 -7.26
C ASN B 35 12.20 22.77 -6.56
N ARG B 36 11.90 21.54 -7.00
CA ARG B 36 12.59 20.38 -6.45
C ARG B 36 13.99 20.25 -7.04
N THR B 37 14.15 20.60 -8.32
CA THR B 37 15.49 20.70 -8.97
C THR B 37 15.46 21.87 -9.97
N PRO B 38 16.64 22.46 -10.27
CA PRO B 38 16.65 23.47 -11.34
C PRO B 38 16.19 22.91 -12.71
N ALA B 39 15.26 23.60 -13.35
CA ALA B 39 14.83 23.25 -14.69
C ALA B 39 14.38 24.50 -15.46
N PHE B 40 14.57 24.48 -16.77
CA PHE B 40 14.08 25.53 -17.66
C PHE B 40 13.68 25.01 -19.03
N GLU B 41 12.93 25.81 -19.77
CA GLU B 41 12.69 25.57 -21.17
C GLU B 41 12.98 26.86 -21.93
N LEU B 42 13.35 26.74 -23.21
CA LEU B 42 13.73 27.88 -24.03
C LEU B 42 13.58 27.63 -25.54
N VAL B 43 12.98 28.58 -26.22
CA VAL B 43 12.93 28.57 -27.69
C VAL B 43 13.82 29.69 -28.19
N ARG B 44 14.73 29.36 -29.11
CA ARG B 44 15.66 30.34 -29.71
C ARG B 44 15.56 30.37 -31.22
N THR B 45 15.46 31.57 -31.78
CA THR B 45 15.72 31.75 -33.21
C THR B 45 17.21 31.57 -33.42
N VAL B 46 17.53 30.68 -34.35
CA VAL B 46 18.91 30.48 -34.82
C VAL B 46 18.94 30.57 -36.35
N SER B 47 20.11 30.89 -36.88
CA SER B 47 20.33 30.93 -38.33
C SER B 47 20.42 29.51 -38.85
N GLU B 48 20.26 29.37 -40.16
CA GLU B 48 20.13 28.05 -40.74
C GLU B 48 21.40 27.19 -40.80
N SER B 49 22.58 27.81 -40.84
CA SER B 49 23.82 27.02 -40.80
C SER B 49 24.30 26.60 -39.39
N GLU B 50 23.69 27.13 -38.33
CA GLU B 50 23.99 26.65 -36.97
C GLU B 50 22.95 25.64 -36.43
N ILE B 51 22.10 25.10 -37.31
CA ILE B 51 21.02 24.17 -36.88
C ILE B 51 21.00 22.86 -37.69
N THR B 52 20.85 21.71 -37.02
CA THR B 52 20.63 20.50 -37.78
C THR B 52 19.19 20.07 -37.60
N ASP B 53 18.45 20.16 -38.70
CA ASP B 53 17.03 19.88 -38.68
C ASP B 53 16.79 18.43 -38.29
N GLY B 54 15.93 18.22 -37.29
CA GLY B 54 15.57 16.89 -36.84
C GLY B 54 16.47 16.38 -35.73
N LYS B 55 17.61 17.03 -35.52
CA LYS B 55 18.58 16.60 -34.52
C LYS B 55 18.06 16.68 -33.07
N ILE B 56 18.18 15.58 -32.34
CA ILE B 56 17.79 15.57 -30.93
C ILE B 56 18.96 15.01 -30.11
N GLU B 57 19.46 15.78 -29.14
CA GLU B 57 20.53 15.26 -28.26
C GLU B 57 20.07 15.25 -26.81
N VAL B 58 20.36 14.17 -26.10
CA VAL B 58 20.19 14.15 -24.67
C VAL B 58 21.56 14.31 -24.05
N ILE B 59 21.83 15.39 -23.30
CA ILE B 59 23.14 15.52 -22.65
C ILE B 59 22.98 15.25 -21.17
N GLY B 60 23.51 14.10 -20.71
CA GLY B 60 23.38 13.70 -19.33
C GLY B 60 22.62 12.39 -19.19
N PRO B 61 22.38 11.94 -17.95
CA PRO B 61 21.76 10.61 -17.80
C PRO B 61 20.38 10.52 -18.42
N ASP B 62 20.06 9.34 -18.98
CA ASP B 62 18.73 9.09 -19.47
C ASP B 62 17.85 8.36 -18.45
N ILE B 63 16.57 8.22 -18.79
CA ILE B 63 15.57 7.53 -18.02
C ILE B 63 16.03 6.19 -17.41
N ASP B 64 16.81 5.44 -18.16
CA ASP B 64 17.24 4.17 -17.65
C ASP B 64 18.54 4.24 -16.88
N GLN B 65 18.91 5.43 -16.38
CA GLN B 65 20.19 5.58 -15.69
C GLN B 65 20.06 6.37 -14.41
N ILE B 66 18.88 6.33 -13.80
CA ILE B 66 18.59 7.07 -12.60
C ILE B 66 17.69 6.17 -11.76
N PRO B 67 17.76 6.27 -10.41
CA PRO B 67 16.83 5.39 -9.68
C PRO B 67 15.36 5.76 -9.94
N GLU B 68 14.48 4.78 -9.78
CA GLU B 68 13.07 5.00 -10.00
C GLU B 68 12.56 5.85 -8.89
N GLY B 69 11.74 6.85 -9.20
CA GLY B 69 11.14 7.69 -8.17
C GLY B 69 11.97 8.92 -7.91
N SER B 70 13.15 9.01 -8.54
CA SER B 70 14.14 10.04 -8.25
C SER B 70 13.90 11.38 -8.97
N LYS B 71 14.81 12.34 -8.78
CA LYS B 71 14.72 13.72 -9.37
C LYS B 71 15.88 14.05 -10.27
N LEU B 72 15.68 14.99 -11.19
CA LEU B 72 16.73 15.30 -12.14
C LEU B 72 16.61 16.76 -12.55
N PRO B 73 17.74 17.49 -12.70
CA PRO B 73 17.59 18.82 -13.28
C PRO B 73 17.31 18.70 -14.79
N LEU B 74 16.64 19.71 -15.37
CA LEU B 74 16.20 19.62 -16.77
C LEU B 74 16.35 20.92 -17.58
N GLY B 75 16.98 20.82 -18.75
CA GLY B 75 17.01 21.91 -19.71
C GLY B 75 16.39 21.44 -21.01
N ILE B 76 15.31 22.10 -21.43
CA ILE B 76 14.67 21.84 -22.72
C ILE B 76 15.04 23.03 -23.61
N LEU B 77 15.88 22.77 -24.60
CA LEU B 77 16.36 23.78 -25.54
C LEU B 77 15.85 23.49 -26.94
N VAL B 78 15.03 24.39 -27.45
CA VAL B 78 14.42 24.24 -28.77
C VAL B 78 14.91 25.34 -29.69
N ASP B 79 15.78 24.98 -30.63
CA ASP B 79 16.30 25.92 -31.61
C ASP B 79 15.38 25.92 -32.83
N ILE B 80 14.83 27.08 -33.16
CA ILE B 80 14.06 27.22 -34.39
C ILE B 80 14.76 28.09 -35.43
N TYR B 81 14.78 27.57 -36.65
CA TYR B 81 15.04 28.36 -37.83
C TYR B 81 13.85 28.33 -38.76
N GLY B 82 13.57 29.48 -39.37
CA GLY B 82 12.52 29.58 -40.37
C GLY B 82 12.72 30.86 -41.14
N ARG B 83 12.40 30.85 -42.42
CA ARG B 83 12.56 32.09 -43.18
C ARG B 83 11.77 33.24 -42.56
N LYS B 84 10.53 32.98 -42.10
CA LYS B 84 9.71 34.07 -41.52
C LYS B 84 9.80 34.17 -39.98
N MET B 85 10.65 33.32 -39.38
CA MET B 85 10.86 33.31 -37.93
C MET B 85 11.40 34.65 -37.41
N GLN B 86 10.87 35.08 -36.27
CA GLN B 86 11.29 36.34 -35.60
C GLN B 86 11.55 36.07 -34.13
N ALA B 87 12.38 36.91 -33.50
CA ALA B 87 12.61 36.82 -32.06
C ALA B 87 11.29 37.01 -31.29
N ASP B 88 10.44 37.91 -31.79
CA ASP B 88 9.14 38.24 -31.20
C ASP B 88 8.29 37.02 -31.01
N PHE B 89 8.50 36.03 -31.86
CA PHE B 89 7.62 34.87 -31.88
C PHE B 89 8.04 33.83 -30.84
N GLU B 90 9.28 33.92 -30.35
CA GLU B 90 9.85 32.89 -29.49
C GLU B 90 8.96 32.56 -28.27
N GLY B 91 8.38 33.59 -27.64
CA GLY B 91 7.50 33.38 -26.48
C GLY B 91 6.18 32.66 -26.78
N VAL B 92 5.72 32.79 -28.02
CA VAL B 92 4.52 32.14 -28.48
C VAL B 92 4.76 30.64 -28.63
N LEU B 93 5.82 30.27 -29.35
CA LEU B 93 6.15 28.85 -29.49
C LEU B 93 6.46 28.21 -28.14
N GLU B 94 7.26 28.89 -27.33
CA GLU B 94 7.68 28.40 -26.03
C GLU B 94 6.49 28.02 -25.17
N ARG B 95 5.44 28.83 -25.19
CA ARG B 95 4.24 28.49 -24.44
C ARG B 95 3.73 27.10 -24.80
N ARG B 96 3.86 26.73 -26.06
CA ARG B 96 3.24 25.50 -26.57
C ARG B 96 3.98 24.23 -26.20
N ILE B 97 5.20 24.38 -25.70
CA ILE B 97 5.92 23.27 -25.08
C ILE B 97 5.03 22.59 -24.04
N HIS B 98 4.26 23.40 -23.31
CA HIS B 98 3.34 22.95 -22.28
C HIS B 98 2.35 21.92 -22.82
N ASP B 99 1.45 22.29 -23.73
CA ASP B 99 0.52 21.27 -24.23
C ASP B 99 1.14 20.16 -25.09
N PHE B 100 2.20 20.48 -25.83
CA PHE B 100 2.86 19.46 -26.62
C PHE B 100 3.23 18.24 -25.74
N ILE B 101 3.85 18.51 -24.59
CA ILE B 101 4.24 17.47 -23.65
C ILE B 101 3.01 16.81 -22.97
N ASN B 102 2.03 17.62 -22.57
CA ASN B 102 0.80 17.07 -21.97
C ASN B 102 -0.03 16.17 -22.89
N TYR B 103 0.25 16.20 -24.19
CA TYR B 103 -0.45 15.31 -25.12
C TYR B 103 0.00 13.86 -25.01
N GLY B 104 1.20 13.69 -24.43
CA GLY B 104 1.77 12.39 -24.14
C GLY B 104 1.19 11.79 -22.87
N GLU B 105 0.59 10.60 -23.01
CA GLU B 105 0.08 9.89 -21.86
C GLU B 105 1.25 9.49 -20.99
N GLY B 106 1.24 9.96 -19.75
CA GLY B 106 2.27 9.61 -18.81
C GLY B 106 3.32 10.67 -18.70
N LEU B 107 3.08 11.80 -19.37
CA LEU B 107 3.96 12.97 -19.36
C LEU B 107 3.17 14.15 -18.87
N TRP B 108 3.71 14.81 -17.85
CA TRP B 108 3.08 15.95 -17.24
C TRP B 108 4.01 17.15 -17.16
N HIS B 109 3.49 18.32 -17.54
CA HIS B 109 4.24 19.56 -17.53
C HIS B 109 3.37 20.70 -17.04
N THR B 110 3.95 21.62 -16.28
CA THR B 110 3.26 22.83 -15.87
C THR B 110 4.26 23.93 -15.59
N GLY B 111 3.79 25.16 -15.58
CA GLY B 111 4.69 26.29 -15.29
C GLY B 111 5.34 26.77 -16.56
N GLN B 112 6.33 27.63 -16.42
CA GLN B 112 6.96 28.24 -17.58
C GLN B 112 8.40 28.66 -17.28
N ARG B 113 9.15 28.92 -18.34
CA ARG B 113 10.54 29.39 -18.29
C ARG B 113 11.45 28.57 -17.36
N ASN B 114 11.96 29.20 -16.30
CA ASN B 114 12.70 28.48 -15.26
C ASN B 114 11.97 28.25 -13.93
N ILE B 115 10.64 28.18 -14.01
CA ILE B 115 9.84 27.44 -13.02
C ILE B 115 8.85 26.51 -13.72
N ASN B 116 9.39 25.70 -14.61
CA ASN B 116 8.62 24.64 -15.16
C ASN B 116 8.72 23.45 -14.22
N TRP B 117 7.87 22.46 -14.44
CA TRP B 117 7.76 21.33 -13.55
C TRP B 117 7.28 20.18 -14.42
N LEU B 118 8.03 19.07 -14.39
CA LEU B 118 7.68 17.96 -15.23
C LEU B 118 7.72 16.67 -14.46
N ARG B 119 6.76 15.80 -14.77
CA ARG B 119 6.75 14.44 -14.26
C ARG B 119 6.63 13.43 -15.38
N VAL B 120 7.24 12.27 -15.23
CA VAL B 120 7.02 11.14 -16.16
C VAL B 120 6.53 9.99 -15.34
N SER B 121 5.47 9.34 -15.77
CA SER B 121 4.88 8.23 -14.98
C SER B 121 5.62 6.91 -15.12
N LYS B 122 5.42 6.04 -14.14
CA LYS B 122 6.05 4.72 -14.18
C LYS B 122 5.56 3.95 -15.39
N ASP B 123 4.28 4.07 -15.71
CA ASP B 123 3.70 3.50 -16.93
C ASP B 123 4.35 3.91 -18.27
N ALA B 124 4.54 5.21 -18.46
CA ALA B 124 5.22 5.70 -19.64
C ALA B 124 6.59 5.04 -19.75
N VAL B 125 7.31 4.95 -18.63
CA VAL B 125 8.65 4.39 -18.66
C VAL B 125 8.53 2.91 -19.00
N ALA B 126 7.53 2.24 -18.40
CA ALA B 126 7.37 0.82 -18.61
C ALA B 126 7.10 0.56 -20.09
N LYS B 127 6.42 1.49 -20.78
CA LYS B 127 6.03 1.26 -22.16
C LYS B 127 7.18 1.48 -23.11
N GLY B 128 8.17 2.27 -22.69
CA GLY B 128 9.32 2.58 -23.52
C GLY B 128 9.87 4.02 -23.51
N PHE B 129 9.10 4.98 -22.98
CA PHE B 129 9.47 6.38 -23.09
C PHE B 129 10.87 6.63 -22.63
N ARG B 130 11.65 7.33 -23.43
CA ARG B 130 12.93 7.83 -22.97
C ARG B 130 13.10 9.28 -23.44
N PHE B 131 14.11 10.00 -22.93
CA PHE B 131 14.13 11.45 -23.10
C PHE B 131 14.13 11.97 -24.54
N LYS B 132 14.72 11.19 -25.43
CA LYS B 132 14.68 11.40 -26.86
C LYS B 132 13.28 11.76 -27.36
N ASN B 133 12.27 11.20 -26.71
CA ASN B 133 10.89 11.39 -27.09
C ASN B 133 10.39 12.78 -26.83
N TYR B 134 10.95 13.43 -25.81
CA TYR B 134 10.62 14.82 -25.60
C TYR B 134 10.97 15.56 -26.90
N GLY B 135 12.18 15.28 -27.41
CA GLY B 135 12.67 15.87 -28.65
C GLY B 135 11.76 15.63 -29.84
N GLU B 136 11.44 14.35 -30.06
CA GLU B 136 10.57 13.98 -31.16
C GLU B 136 9.24 14.75 -31.13
N ILE B 137 8.60 14.83 -29.96
CA ILE B 137 7.31 15.51 -29.81
C ILE B 137 7.45 16.96 -30.24
N LEU B 138 8.45 17.61 -29.66
CA LEU B 138 8.64 19.02 -29.87
C LEU B 138 8.94 19.35 -31.34
N VAL B 139 9.80 18.53 -31.97
CA VAL B 139 10.17 18.71 -33.38
C VAL B 139 8.94 18.56 -34.25
N ALA B 140 8.22 17.47 -34.07
CA ALA B 140 6.99 17.21 -34.81
C ALA B 140 5.97 18.32 -34.62
N LYS B 141 5.68 18.64 -33.35
CA LYS B 141 4.58 19.55 -33.06
C LYS B 141 4.89 20.99 -33.44
N MET B 142 6.14 21.44 -33.25
CA MET B 142 6.51 22.79 -33.62
C MET B 142 6.24 22.96 -35.09
N LYS B 143 6.75 22.01 -35.89
CA LYS B 143 6.59 22.04 -37.34
C LYS B 143 5.12 22.09 -37.76
N GLU B 144 4.35 21.25 -37.09
CA GLU B 144 2.96 21.03 -37.39
C GLU B 144 2.08 22.25 -37.02
N GLU B 145 2.37 22.95 -35.92
CA GLU B 145 1.50 24.06 -35.49
C GLU B 145 1.86 25.38 -36.11
N PHE B 146 3.12 25.53 -36.48
CA PHE B 146 3.62 26.79 -36.99
C PHE B 146 4.26 26.59 -38.37
N PRO B 147 3.46 26.15 -39.37
CA PRO B 147 4.03 25.73 -40.67
C PRO B 147 4.69 26.88 -41.46
N ALA B 148 4.14 28.09 -41.38
CA ALA B 148 4.65 29.22 -42.13
C ALA B 148 5.90 29.82 -41.48
N ILE B 149 6.14 29.45 -40.23
CA ILE B 149 7.09 30.16 -39.37
C ILE B 149 8.33 29.33 -39.08
N VAL B 150 8.11 28.02 -38.91
CA VAL B 150 9.16 27.07 -38.54
C VAL B 150 9.51 26.19 -39.74
N ASP B 151 10.72 26.35 -40.26
CA ASP B 151 11.24 25.45 -41.29
C ASP B 151 12.03 24.29 -40.66
N ARG B 152 12.84 24.60 -39.66
CA ARG B 152 13.74 23.61 -39.06
C ARG B 152 13.78 23.65 -37.54
N VAL B 153 13.78 22.47 -36.92
CA VAL B 153 13.79 22.40 -35.49
C VAL B 153 14.95 21.54 -35.01
N GLN B 154 15.54 21.93 -33.89
CA GLN B 154 16.52 21.10 -33.22
C GLN B 154 16.28 21.15 -31.71
N VAL B 155 16.37 20.01 -31.05
CA VAL B 155 16.06 19.96 -29.63
C VAL B 155 17.19 19.32 -28.84
N THR B 156 17.46 19.91 -27.69
CA THR B 156 18.49 19.42 -26.80
C THR B 156 17.92 19.30 -25.42
N ILE B 157 17.95 18.09 -24.87
CA ILE B 157 17.46 17.81 -23.52
C ILE B 157 18.66 17.65 -22.57
N PHE B 158 18.81 18.60 -21.64
CA PHE B 158 19.93 18.57 -20.74
C PHE B 158 19.49 17.98 -19.42
N THR B 159 20.19 16.97 -18.94
CA THR B 159 19.89 16.38 -17.64
C THR B 159 21.10 16.35 -16.72
N ASP B 160 22.27 16.61 -17.28
CA ASP B 160 23.49 16.77 -16.52
C ASP B 160 23.49 18.07 -15.66
N GLU B 161 23.82 17.93 -14.37
CA GLU B 161 23.80 19.04 -13.39
C GLU B 161 24.54 20.31 -13.90
N ALA B 162 25.78 20.15 -14.37
CA ALA B 162 26.61 21.29 -14.86
C ALA B 162 26.04 21.99 -16.11
N LYS B 163 25.53 21.23 -17.07
CA LYS B 163 25.03 21.80 -18.32
C LYS B 163 23.72 22.55 -18.13
N VAL B 164 22.86 22.07 -17.22
CA VAL B 164 21.65 22.79 -16.85
C VAL B 164 21.98 24.17 -16.24
N LYS B 165 22.90 24.21 -15.26
CA LYS B 165 23.38 25.47 -14.66
C LYS B 165 23.92 26.46 -15.71
N GLU B 166 24.68 25.92 -16.67
CA GLU B 166 25.24 26.71 -17.77
C GLU B 166 24.15 27.26 -18.68
N TYR B 167 23.31 26.40 -19.24
CA TYR B 167 22.30 26.88 -20.16
C TYR B 167 21.18 27.68 -19.49
N MET B 168 20.96 27.46 -18.18
CA MET B 168 20.10 28.35 -17.37
C MET B 168 20.35 29.80 -17.69
N GLU B 169 21.63 30.17 -17.72
CA GLU B 169 22.06 31.53 -18.05
C GLU B 169 21.66 31.99 -19.46
N VAL B 170 21.94 31.15 -20.47
CA VAL B 170 21.51 31.40 -21.85
C VAL B 170 20.01 31.74 -21.87
N ALA B 171 19.22 30.97 -21.12
CA ALA B 171 17.81 31.23 -20.98
C ALA B 171 17.53 32.55 -20.24
N ARG B 172 18.04 32.68 -19.00
CA ARG B 172 17.89 33.93 -18.21
C ARG B 172 18.07 35.15 -19.11
N GLU B 173 19.14 35.14 -19.90
CA GLU B 173 19.47 36.20 -20.87
C GLU B 173 18.29 36.47 -21.81
N LYS B 174 17.89 35.46 -22.56
CA LYS B 174 16.70 35.57 -23.43
C LYS B 174 15.41 36.04 -22.71
N TYR B 175 15.15 35.53 -21.51
CA TYR B 175 14.00 35.97 -20.73
C TYR B 175 14.07 37.48 -20.40
N LYS B 176 15.20 37.90 -19.86
CA LYS B 176 15.40 39.29 -19.51
C LYS B 176 15.12 40.19 -20.74
N GLU B 177 15.52 39.71 -21.92
CA GLU B 177 15.34 40.42 -23.18
C GLU B 177 13.89 40.48 -23.69
N ARG B 178 13.09 39.46 -23.36
CA ARG B 178 11.65 39.53 -23.59
C ARG B 178 10.95 40.51 -22.65
N ASP B 179 11.35 40.46 -21.37
CA ASP B 179 10.83 41.39 -20.36
C ASP B 179 11.13 42.86 -20.67
N ASP B 180 12.21 43.10 -21.38
CA ASP B 180 12.58 44.45 -21.75
C ASP B 180 11.61 45.05 -22.77
N ARG B 181 11.19 44.25 -23.74
CA ARG B 181 10.22 44.70 -24.72
C ARG B 181 8.93 45.15 -24.05
N MET B 182 8.67 44.63 -22.85
CA MET B 182 7.46 44.91 -22.10
C MET B 182 7.57 46.17 -21.26
N ARG B 183 8.81 46.58 -20.98
CA ARG B 183 9.12 47.76 -20.14
C ARG B 183 8.24 49.00 -20.35
N GLY B 184 8.09 49.43 -21.60
CA GLY B 184 7.38 50.67 -21.89
C GLY B 184 5.86 50.63 -21.73
N LEU B 185 5.28 49.44 -21.77
CA LEU B 185 3.85 49.33 -22.05
C LEU B 185 2.98 49.24 -20.80
N THR B 186 1.97 50.11 -20.73
CA THR B 186 0.97 50.03 -19.67
C THR B 186 -0.44 49.92 -20.26
N ASP B 187 -1.42 49.64 -19.42
CA ASP B 187 -2.81 49.49 -19.83
C ASP B 187 -3.33 50.79 -20.44
N GLU B 188 -2.93 51.91 -19.84
CA GLU B 188 -3.31 53.24 -20.30
C GLU B 188 -2.81 53.48 -21.71
N THR B 189 -1.60 53.00 -22.00
CA THR B 189 -0.86 53.36 -23.22
C THR B 189 -1.20 52.51 -24.46
N VAL B 190 -2.01 51.47 -24.26
CA VAL B 190 -2.47 50.61 -25.36
C VAL B 190 -3.94 50.83 -25.59
N ASP B 191 -4.38 50.58 -26.81
CA ASP B 191 -5.80 50.66 -27.12
C ASP B 191 -6.38 49.26 -27.28
N THR B 192 -5.52 48.25 -27.27
CA THR B 192 -5.95 46.90 -27.52
C THR B 192 -5.58 45.97 -26.37
N PHE B 193 -6.52 45.12 -25.97
CA PHE B 193 -6.27 43.99 -25.10
C PHE B 193 -6.48 42.73 -25.91
N TYR B 194 -6.05 41.60 -25.37
CA TYR B 194 -6.18 40.33 -26.07
C TYR B 194 -6.85 39.26 -25.22
N SER B 195 -7.75 38.50 -25.84
CA SER B 195 -8.35 37.35 -25.19
C SER B 195 -7.50 36.13 -25.49
N CYS B 196 -7.50 35.20 -24.57
CA CYS B 196 -6.85 33.93 -24.82
C CYS B 196 -7.79 32.80 -24.46
N VAL B 197 -7.86 31.79 -25.32
CA VAL B 197 -8.76 30.64 -25.11
C VAL B 197 -8.06 29.28 -25.14
N LEU B 198 -6.75 29.27 -25.37
CA LEU B 198 -5.93 28.05 -25.41
C LEU B 198 -6.33 26.96 -24.39
N CYS B 199 -6.69 27.36 -23.17
CA CYS B 199 -6.97 26.40 -22.12
C CYS B 199 -8.41 25.91 -22.07
N GLN B 200 -9.19 26.24 -23.09
CA GLN B 200 -10.59 25.81 -23.09
C GLN B 200 -10.72 24.31 -23.27
N SER B 201 -9.58 23.65 -23.41
CA SER B 201 -9.55 22.22 -23.47
C SER B 201 -9.75 21.69 -22.04
N PHE B 202 -9.28 22.49 -21.07
CA PHE B 202 -9.38 22.11 -19.65
C PHE B 202 -10.62 22.70 -18.98
N ALA B 203 -11.01 23.91 -19.37
CA ALA B 203 -12.22 24.50 -18.87
C ALA B 203 -12.83 25.23 -20.03
N PRO B 204 -13.85 24.62 -20.64
CA PRO B 204 -14.40 25.01 -21.93
C PRO B 204 -14.88 26.44 -22.01
N ASN B 205 -15.17 27.04 -20.84
CA ASN B 205 -15.73 28.42 -20.76
C ASN B 205 -14.82 29.49 -20.20
N HIS B 206 -13.59 29.12 -19.92
CA HIS B 206 -12.64 30.04 -19.39
C HIS B 206 -12.02 30.90 -20.48
N VAL B 207 -11.83 32.18 -20.17
CA VAL B 207 -11.15 33.12 -21.05
C VAL B 207 -10.20 33.98 -20.25
N CYS B 208 -8.92 33.98 -20.59
CA CYS B 208 -8.03 35.02 -20.09
C CYS B 208 -8.18 36.37 -20.83
N ILE B 209 -8.16 37.46 -20.07
CA ILE B 209 -8.01 38.79 -20.65
C ILE B 209 -6.62 39.27 -20.31
N VAL B 210 -5.78 39.39 -21.33
CA VAL B 210 -4.37 39.75 -21.18
C VAL B 210 -4.18 41.23 -21.51
N THR B 211 -3.66 41.96 -20.54
CA THR B 211 -3.31 43.36 -20.73
C THR B 211 -1.83 43.56 -20.43
N PRO B 212 -1.22 44.65 -20.94
CA PRO B 212 0.21 44.88 -20.67
C PRO B 212 0.61 44.69 -19.20
N GLU B 213 -0.32 44.93 -18.29
CA GLU B 213 -0.02 44.89 -16.88
C GLU B 213 -0.70 43.69 -16.19
N ARG B 214 -1.38 42.85 -16.97
CA ARG B 214 -1.83 41.56 -16.45
C ARG B 214 -1.47 40.37 -17.36
N VAL B 215 -0.32 39.74 -17.08
CA VAL B 215 0.09 38.52 -17.77
C VAL B 215 -1.00 37.47 -17.64
N GLY B 216 -1.05 36.54 -18.61
CA GLY B 216 -1.97 35.40 -18.54
C GLY B 216 -1.71 34.57 -17.29
N LEU B 217 -2.77 33.97 -16.74
CA LEU B 217 -2.67 33.34 -15.42
C LEU B 217 -1.64 32.20 -15.39
N CYS B 218 -1.24 31.71 -16.54
CA CYS B 218 -0.14 30.76 -16.62
C CYS B 218 1.23 31.43 -16.51
N GLY B 219 1.27 32.76 -16.55
CA GLY B 219 2.53 33.53 -16.47
C GLY B 219 3.43 33.48 -17.71
N ALA B 220 2.88 33.04 -18.84
CA ALA B 220 3.66 32.67 -20.03
C ALA B 220 3.08 33.25 -21.32
N VAL B 221 2.05 34.07 -21.16
CA VAL B 221 1.50 34.83 -22.26
C VAL B 221 1.44 36.29 -21.84
N SER B 222 2.40 37.09 -22.31
CA SER B 222 2.36 38.53 -22.08
C SER B 222 1.52 39.16 -23.16
N TRP B 223 1.18 40.43 -22.98
CA TRP B 223 0.50 41.20 -24.00
C TRP B 223 1.20 41.11 -25.38
N LEU B 224 2.52 41.28 -25.39
CA LEU B 224 3.29 41.12 -26.63
C LEU B 224 3.14 39.72 -27.22
N ASP B 225 3.18 38.69 -26.38
CA ASP B 225 3.00 37.31 -26.81
C ASP B 225 1.65 37.10 -27.48
N ALA B 226 0.59 37.57 -26.84
CA ALA B 226 -0.76 37.48 -27.38
C ALA B 226 -0.84 38.18 -28.73
N LYS B 227 -0.30 39.39 -28.78
CA LYS B 227 -0.29 40.17 -29.99
C LYS B 227 0.42 39.42 -31.12
N ALA B 228 1.60 38.88 -30.79
CA ALA B 228 2.40 38.11 -31.72
C ALA B 228 1.62 36.89 -32.21
N SER B 229 0.98 36.19 -31.27
CA SER B 229 0.20 35.01 -31.59
C SER B 229 -0.90 35.37 -32.59
N TYR B 230 -1.66 36.41 -32.29
CA TYR B 230 -2.70 36.80 -33.21
C TYR B 230 -2.16 37.10 -34.61
N GLU B 231 -1.06 37.85 -34.65
CA GLU B 231 -0.40 38.13 -35.92
C GLU B 231 -0.05 36.84 -36.68
N ILE B 232 0.57 35.89 -35.98
CA ILE B 232 0.99 34.58 -36.54
C ILE B 232 -0.17 33.79 -37.13
N ASN B 233 -1.31 33.85 -36.46
CA ASN B 233 -2.52 33.13 -36.89
C ASN B 233 -3.81 33.79 -36.39
N HIS B 234 -4.51 34.42 -37.34
CA HIS B 234 -5.74 35.14 -37.04
C HIS B 234 -6.81 34.23 -36.50
N ALA B 235 -6.81 32.97 -36.94
CA ALA B 235 -7.79 32.01 -36.46
C ALA B 235 -7.41 31.36 -35.12
N GLY B 236 -6.22 31.69 -34.61
CA GLY B 236 -5.68 31.05 -33.40
C GLY B 236 -6.33 31.43 -32.09
N PRO B 237 -5.73 31.02 -30.97
CA PRO B 237 -6.28 31.22 -29.61
C PRO B 237 -6.32 32.67 -29.11
N ASN B 238 -5.64 33.60 -29.77
CA ASN B 238 -5.69 34.98 -29.31
C ASN B 238 -6.35 35.91 -30.29
N GLN B 239 -7.29 36.70 -29.77
CA GLN B 239 -7.98 37.73 -30.55
C GLN B 239 -7.76 39.15 -29.99
N PRO B 240 -7.79 40.17 -30.85
CA PRO B 240 -7.74 41.53 -30.30
C PRO B 240 -9.08 42.01 -29.73
N ILE B 241 -9.04 42.72 -28.60
CA ILE B 241 -10.22 43.37 -28.04
C ILE B 241 -9.92 44.85 -27.90
N PRO B 242 -10.59 45.70 -28.70
CA PRO B 242 -10.45 47.17 -28.51
C PRO B 242 -10.95 47.66 -27.14
N LYS B 243 -10.15 48.47 -26.45
CA LYS B 243 -10.60 49.16 -25.24
C LYS B 243 -11.65 50.18 -25.61
N GLU B 244 -12.90 49.90 -25.27
CA GLU B 244 -13.99 50.82 -25.60
C GLU B 244 -15.10 50.74 -24.59
N GLY B 245 -15.91 51.78 -24.53
CA GLY B 245 -17.06 51.85 -23.62
C GLY B 245 -16.65 51.64 -22.17
N GLU B 246 -15.64 52.41 -21.75
CA GLU B 246 -15.10 52.32 -20.39
C GLU B 246 -16.19 52.58 -19.36
N ILE B 247 -16.48 51.58 -18.52
CA ILE B 247 -17.54 51.69 -17.51
C ILE B 247 -17.00 52.13 -16.15
N ASP B 248 -15.82 51.64 -15.79
CA ASP B 248 -15.24 51.91 -14.47
C ASP B 248 -13.71 51.87 -14.49
N PRO B 249 -13.05 53.04 -14.51
CA PRO B 249 -11.59 53.08 -14.70
C PRO B 249 -10.85 52.41 -13.53
N ILE B 250 -11.46 52.48 -12.35
CA ILE B 250 -10.85 52.01 -11.10
C ILE B 250 -10.90 50.50 -10.97
N LYS B 251 -12.08 49.91 -11.22
CA LYS B 251 -12.23 48.44 -11.22
C LYS B 251 -11.69 47.80 -12.49
N GLY B 252 -11.79 48.50 -13.61
CA GLY B 252 -11.29 48.01 -14.89
C GLY B 252 -12.40 47.24 -15.58
N ILE B 253 -13.44 47.97 -15.97
CA ILE B 253 -14.59 47.41 -16.67
C ILE B 253 -14.82 48.17 -17.98
N TRP B 254 -14.66 47.47 -19.10
CA TRP B 254 -14.97 48.06 -20.40
C TRP B 254 -16.10 47.28 -21.03
N LYS B 255 -17.12 47.98 -21.53
CA LYS B 255 -18.21 47.31 -22.23
C LYS B 255 -17.62 46.38 -23.27
N SER B 256 -16.60 46.86 -23.98
CA SER B 256 -15.99 46.11 -25.07
C SER B 256 -15.41 44.79 -24.57
N VAL B 257 -14.69 44.86 -23.45
CA VAL B 257 -14.09 43.67 -22.84
C VAL B 257 -15.22 42.74 -22.42
N ASN B 258 -16.29 43.30 -21.86
CA ASN B 258 -17.43 42.47 -21.52
C ASN B 258 -18.03 41.77 -22.73
N ASP B 259 -18.10 42.50 -23.85
CA ASP B 259 -18.72 41.96 -25.07
C ASP B 259 -17.96 40.77 -25.60
N TYR B 260 -16.66 40.92 -25.85
CA TYR B 260 -15.81 39.79 -26.34
C TYR B 260 -15.77 38.60 -25.38
N LEU B 261 -15.76 38.89 -24.08
CA LEU B 261 -15.78 37.87 -23.02
C LEU B 261 -17.02 36.99 -23.07
N TYR B 262 -18.16 37.62 -23.24
CA TYR B 262 -19.40 36.90 -23.32
C TYR B 262 -19.41 35.98 -24.53
N THR B 263 -18.97 36.47 -25.70
CA THR B 263 -18.86 35.59 -26.87
C THR B 263 -17.86 34.45 -26.63
N ALA B 264 -16.62 34.80 -26.32
CA ALA B 264 -15.55 33.82 -26.14
C ALA B 264 -15.87 32.74 -25.09
N SER B 265 -16.64 33.11 -24.07
CA SER B 265 -17.01 32.18 -23.02
C SER B 265 -18.35 31.48 -23.28
N ASN B 266 -18.77 31.40 -24.54
CA ASN B 266 -20.05 30.75 -24.92
C ASN B 266 -21.19 31.21 -24.04
N ARG B 267 -21.45 32.51 -24.05
CA ARG B 267 -22.45 33.14 -23.19
C ARG B 267 -22.41 32.71 -21.70
N ASN B 268 -21.23 32.50 -21.13
CA ASN B 268 -21.18 32.08 -19.72
C ASN B 268 -20.75 33.15 -18.74
N LEU B 269 -19.87 34.04 -19.20
CA LEU B 269 -19.42 35.19 -18.42
C LEU B 269 -19.96 36.50 -19.02
N GLU B 270 -20.32 37.44 -18.17
CA GLU B 270 -20.93 38.70 -18.62
C GLU B 270 -20.07 39.93 -18.35
N GLN B 271 -19.26 39.80 -17.31
CA GLN B 271 -18.38 40.86 -16.91
C GLN B 271 -17.13 40.35 -16.22
N VAL B 272 -16.06 41.10 -16.41
CA VAL B 272 -14.84 40.83 -15.70
C VAL B 272 -14.28 42.18 -15.30
N CYS B 273 -13.67 42.25 -14.12
CA CYS B 273 -13.04 43.47 -13.61
C CYS B 273 -11.55 43.29 -13.60
N LEU B 274 -10.85 44.09 -14.38
CA LEU B 274 -9.44 43.82 -14.55
C LEU B 274 -8.59 44.00 -13.29
N TYR B 275 -9.12 44.73 -12.32
CA TYR B 275 -8.28 45.23 -11.23
C TYR B 275 -8.80 44.92 -9.85
N THR B 276 -9.75 44.00 -9.77
CA THR B 276 -10.21 43.56 -8.46
C THR B 276 -10.45 42.05 -8.33
N LEU B 277 -10.28 41.60 -7.10
CA LEU B 277 -10.50 40.23 -6.71
C LEU B 277 -11.95 40.07 -6.20
N MET B 278 -12.56 41.20 -5.81
CA MET B 278 -13.79 41.20 -5.00
C MET B 278 -15.10 41.20 -5.75
N GLU B 279 -15.05 41.41 -7.05
CA GLU B 279 -16.26 41.48 -7.85
C GLU B 279 -16.00 41.08 -9.29
N ASN B 280 -16.88 40.26 -9.86
CA ASN B 280 -16.68 39.67 -11.19
C ASN B 280 -15.21 39.43 -11.53
N PRO B 281 -14.49 38.63 -10.71
CA PRO B 281 -13.05 38.46 -10.96
C PRO B 281 -12.78 37.55 -12.16
N MET B 282 -11.51 37.45 -12.56
CA MET B 282 -11.21 36.63 -13.69
C MET B 282 -11.33 35.17 -13.29
N THR B 283 -11.90 34.36 -14.19
CA THR B 283 -11.98 32.93 -13.96
C THR B 283 -10.60 32.25 -14.12
N SER B 284 -10.55 30.93 -13.88
CA SER B 284 -9.32 30.17 -14.07
C SER B 284 -9.54 28.85 -14.80
N CYS B 285 -8.50 28.42 -15.50
CA CYS B 285 -8.49 27.14 -16.15
C CYS B 285 -7.82 26.18 -15.18
N GLY B 286 -6.79 25.48 -15.65
CA GLY B 286 -6.04 24.58 -14.81
C GLY B 286 -4.59 24.92 -14.55
N CYS B 287 -4.06 26.00 -15.11
CA CYS B 287 -2.59 26.14 -15.00
C CYS B 287 -2.05 27.38 -14.32
N PHE B 288 -2.93 28.14 -13.66
CA PHE B 288 -2.51 29.22 -12.78
C PHE B 288 -1.33 28.82 -11.88
N GLU B 289 -0.33 29.70 -11.81
CA GLU B 289 0.86 29.49 -11.00
C GLU B 289 0.59 29.71 -9.51
N ALA B 290 -0.29 30.67 -9.21
CA ALA B 290 -0.59 31.03 -7.83
C ALA B 290 -2.08 31.29 -7.63
N ILE B 291 -2.54 31.14 -6.39
CA ILE B 291 -3.93 31.43 -6.02
C ILE B 291 -3.95 32.55 -4.97
N MET B 292 -4.92 33.47 -5.13
CA MET B 292 -5.16 34.54 -4.18
C MET B 292 -6.45 34.25 -3.44
N ALA B 293 -6.38 34.28 -2.12
CA ALA B 293 -7.52 33.98 -1.29
C ALA B 293 -7.70 35.04 -0.24
N ILE B 294 -8.96 35.40 -0.05
CA ILE B 294 -9.38 36.43 0.90
C ILE B 294 -9.26 35.90 2.32
N LEU B 295 -8.74 36.73 3.22
CA LEU B 295 -8.60 36.37 4.63
C LEU B 295 -9.34 37.39 5.47
N PRO B 296 -10.64 37.18 5.67
CA PRO B 296 -11.48 38.24 6.23
C PRO B 296 -10.97 38.87 7.53
N GLU B 297 -10.58 38.06 8.49
CA GLU B 297 -10.10 38.56 9.79
C GLU B 297 -8.80 39.33 9.68
N CYS B 298 -8.10 39.22 8.56
CA CYS B 298 -6.84 39.95 8.38
C CYS B 298 -6.98 41.17 7.53
N ASN B 299 -8.22 41.51 7.21
CA ASN B 299 -8.51 42.52 6.20
C ASN B 299 -7.56 42.46 4.99
N GLY B 300 -7.13 41.25 4.61
CA GLY B 300 -6.07 41.08 3.62
C GLY B 300 -6.23 39.85 2.75
N ILE B 301 -5.18 39.53 2.00
CA ILE B 301 -5.20 38.44 1.04
C ILE B 301 -3.96 37.59 1.22
N MET B 302 -4.10 36.26 1.17
CA MET B 302 -2.95 35.36 1.10
C MET B 302 -2.72 34.89 -0.34
N ILE B 303 -1.52 34.40 -0.59
CA ILE B 303 -1.18 33.83 -1.89
C ILE B 303 -0.48 32.50 -1.64
N THR B 304 -0.78 31.50 -2.46
CA THR B 304 0.02 30.30 -2.44
C THR B 304 0.32 29.85 -3.87
N THR B 305 1.37 29.08 -4.03
CA THR B 305 1.84 28.73 -5.35
C THR B 305 1.65 27.24 -5.61
N ARG B 306 1.57 26.89 -6.89
CA ARG B 306 1.33 25.55 -7.32
C ARG B 306 2.34 24.57 -6.71
N ASP B 307 3.61 24.95 -6.75
CA ASP B 307 4.69 24.12 -6.23
C ASP B 307 4.84 24.15 -4.70
N HIS B 308 4.07 24.97 -3.99
CA HIS B 308 4.11 24.95 -2.53
C HIS B 308 3.09 23.97 -1.95
N ALA B 309 3.57 22.93 -1.26
CA ALA B 309 2.67 21.91 -0.72
C ALA B 309 2.05 22.25 0.65
N GLY B 310 2.57 23.32 1.29
CA GLY B 310 2.19 23.65 2.67
C GLY B 310 0.79 24.16 2.95
N MET B 311 0.37 23.99 4.20
CA MET B 311 -0.84 24.58 4.73
C MET B 311 -0.73 26.08 4.57
N THR B 312 -1.89 26.72 4.33
CA THR B 312 -2.01 28.17 4.31
C THR B 312 -3.03 28.62 5.37
N PRO B 313 -3.05 29.92 5.74
CA PRO B 313 -3.98 30.39 6.78
C PRO B 313 -5.45 30.38 6.35
N SER B 314 -5.71 30.04 5.08
CA SER B 314 -7.07 29.94 4.58
C SER B 314 -7.62 28.63 5.06
N GLY B 315 -6.74 27.80 5.59
CA GLY B 315 -7.12 26.50 6.08
C GLY B 315 -6.93 25.39 5.06
N MET B 316 -6.66 25.78 3.82
CA MET B 316 -6.37 24.80 2.77
C MET B 316 -5.07 24.97 1.99
N THR B 317 -4.65 23.90 1.33
CA THR B 317 -3.45 23.93 0.54
C THR B 317 -3.75 24.47 -0.86
N PHE B 318 -2.71 24.86 -1.60
CA PHE B 318 -2.89 25.17 -3.00
C PHE B 318 -3.85 24.19 -3.69
N SER B 319 -3.73 22.88 -3.43
CA SER B 319 -4.59 21.92 -4.11
C SER B 319 -6.05 22.05 -3.76
N THR B 320 -6.35 22.17 -2.47
CA THR B 320 -7.73 22.26 -2.03
C THR B 320 -8.35 23.53 -2.58
N LEU B 321 -7.60 24.62 -2.47
CA LEU B 321 -8.02 25.89 -3.05
C LEU B 321 -8.24 25.76 -4.55
N ALA B 322 -7.33 25.06 -5.23
CA ALA B 322 -7.37 24.94 -6.70
C ALA B 322 -8.63 24.26 -7.10
N GLY B 323 -9.10 23.37 -6.24
CA GLY B 323 -10.39 22.71 -6.39
C GLY B 323 -11.54 23.71 -6.38
N MET B 324 -11.57 24.69 -5.49
CA MET B 324 -12.75 25.52 -5.54
C MET B 324 -12.71 26.58 -6.66
N ILE B 325 -11.62 27.33 -6.82
CA ILE B 325 -11.55 28.33 -7.92
C ILE B 325 -11.36 27.77 -9.36
N GLY B 326 -11.28 26.45 -9.53
CA GLY B 326 -10.96 25.92 -10.86
C GLY B 326 -12.14 26.02 -11.83
N GLY B 327 -11.85 25.69 -13.09
CA GLY B 327 -12.88 25.32 -14.05
C GLY B 327 -13.75 26.41 -14.64
N GLY B 328 -13.17 27.59 -14.88
CA GLY B 328 -13.87 28.71 -15.54
C GLY B 328 -15.14 29.23 -14.89
N THR B 329 -15.26 29.02 -13.57
CA THR B 329 -16.38 29.57 -12.81
C THR B 329 -15.85 30.84 -12.13
N GLN B 330 -16.73 31.77 -11.79
CA GLN B 330 -16.34 33.12 -11.34
C GLN B 330 -16.54 33.26 -9.82
N THR B 331 -15.42 33.37 -9.11
CA THR B 331 -15.40 33.18 -7.64
C THR B 331 -14.87 34.36 -6.85
N PRO B 332 -15.74 35.32 -6.50
CA PRO B 332 -15.35 36.49 -5.73
C PRO B 332 -14.54 36.14 -4.48
N GLY B 333 -13.40 36.81 -4.32
CA GLY B 333 -12.49 36.63 -3.19
C GLY B 333 -11.33 35.67 -3.47
N PHE B 334 -11.38 35.03 -4.64
CA PHE B 334 -10.45 33.96 -4.97
C PHE B 334 -10.17 34.03 -6.44
N MET B 335 -8.88 34.02 -6.79
CA MET B 335 -8.48 34.18 -8.18
C MET B 335 -7.18 33.47 -8.46
N GLY B 336 -7.08 32.89 -9.64
CA GLY B 336 -5.79 32.35 -10.10
C GLY B 336 -5.00 33.41 -10.86
N ILE B 337 -3.69 33.46 -10.65
CA ILE B 337 -2.83 34.46 -11.29
C ILE B 337 -1.48 33.89 -11.69
N GLY B 338 -0.80 34.60 -12.58
CA GLY B 338 0.58 34.25 -12.91
C GLY B 338 1.45 34.89 -11.86
N ARG B 339 2.67 34.40 -11.71
CA ARG B 339 3.55 34.92 -10.69
C ARG B 339 3.86 36.40 -10.80
N THR B 340 4.31 36.84 -11.96
CA THR B 340 4.78 38.21 -12.08
C THR B 340 3.64 39.26 -12.01
N TYR B 341 2.37 38.83 -11.93
CA TYR B 341 1.28 39.80 -11.73
C TYR B 341 1.39 40.50 -10.38
N ILE B 342 1.88 39.75 -9.39
CA ILE B 342 2.02 40.23 -8.02
C ILE B 342 2.80 41.54 -7.96
N VAL B 343 3.73 41.70 -8.89
CA VAL B 343 4.57 42.89 -8.95
C VAL B 343 4.16 43.91 -10.01
N SER B 344 3.05 43.67 -10.69
CA SER B 344 2.50 44.63 -11.66
C SER B 344 1.90 45.84 -10.93
N LYS B 345 2.13 47.03 -11.49
CA LYS B 345 1.55 48.26 -10.96
C LYS B 345 0.03 48.13 -10.82
N LYS B 346 -0.58 47.45 -11.76
CA LYS B 346 -2.03 47.28 -11.78
C LYS B 346 -2.54 46.13 -10.92
N PHE B 347 -1.65 45.53 -10.13
CA PHE B 347 -1.97 44.34 -9.31
C PHE B 347 -3.09 44.65 -8.31
N ILE B 348 -4.24 44.00 -8.51
CA ILE B 348 -5.49 44.27 -7.77
C ILE B 348 -5.61 45.72 -7.24
N SER B 349 -5.28 46.67 -8.10
CA SER B 349 -5.14 48.06 -7.70
C SER B 349 -6.42 48.61 -7.08
N ALA B 350 -7.58 48.13 -7.55
CA ALA B 350 -8.89 48.56 -7.04
C ALA B 350 -9.15 48.09 -5.61
N ASP B 351 -8.28 47.23 -5.10
CA ASP B 351 -8.41 46.66 -3.76
C ASP B 351 -7.31 47.15 -2.82
N GLY B 352 -6.48 48.07 -3.30
CA GLY B 352 -5.33 48.60 -2.55
C GLY B 352 -3.96 48.05 -2.97
N GLY B 353 -3.94 47.18 -3.99
CA GLY B 353 -2.68 46.67 -4.52
C GLY B 353 -1.91 45.83 -3.54
N ILE B 354 -0.60 45.78 -3.71
CA ILE B 354 0.25 44.83 -2.98
C ILE B 354 0.21 44.98 -1.43
N ALA B 355 -0.21 46.14 -0.94
CA ALA B 355 -0.38 46.34 0.49
C ALA B 355 -1.35 45.36 1.19
N ARG B 356 -2.24 44.74 0.43
CA ARG B 356 -3.21 43.79 1.01
C ARG B 356 -2.65 42.39 1.30
N ILE B 357 -1.45 42.11 0.79
CA ILE B 357 -0.96 40.74 0.85
C ILE B 357 -0.32 40.45 2.20
N VAL B 358 -0.94 39.56 2.96
CA VAL B 358 -0.49 39.31 4.32
C VAL B 358 0.35 38.03 4.45
N TRP B 359 0.27 37.14 3.48
CA TRP B 359 0.94 35.86 3.53
C TRP B 359 1.30 35.33 2.13
N MET B 360 2.49 34.74 2.04
CA MET B 360 3.05 34.19 0.81
C MET B 360 4.02 33.12 1.19
N PRO B 361 4.24 32.12 0.33
CA PRO B 361 5.39 31.23 0.57
C PRO B 361 6.71 32.01 0.49
N LYS B 362 7.68 31.64 1.33
CA LYS B 362 8.99 32.28 1.30
C LYS B 362 9.66 32.17 -0.09
N SER B 363 9.54 31.02 -0.76
CA SER B 363 10.07 30.89 -2.12
C SER B 363 9.48 31.94 -3.07
N LEU B 364 8.16 32.13 -3.05
CA LEU B 364 7.55 33.22 -3.80
C LEU B 364 8.21 34.56 -3.50
N LYS B 365 8.37 34.88 -2.22
CA LYS B 365 9.08 36.09 -1.84
C LYS B 365 10.48 36.15 -2.46
N ASP B 366 11.19 35.03 -2.41
CA ASP B 366 12.54 34.99 -2.95
C ASP B 366 12.54 35.22 -4.44
N PHE B 367 11.72 34.45 -5.16
CA PHE B 367 11.55 34.63 -6.61
C PHE B 367 11.31 36.08 -7.04
N LEU B 368 10.53 36.83 -6.27
CA LEU B 368 10.09 38.18 -6.66
C LEU B 368 10.77 39.26 -5.87
N HIS B 369 11.83 38.89 -5.15
CA HIS B 369 12.33 39.74 -4.11
C HIS B 369 12.44 41.21 -4.55
N ASP B 370 13.32 41.44 -5.52
CA ASP B 370 13.67 42.81 -5.93
C ASP B 370 12.50 43.63 -6.45
N GLU B 371 11.54 42.97 -7.09
CA GLU B 371 10.40 43.68 -7.64
C GLU B 371 9.50 44.11 -6.50
N VAL B 372 9.27 43.19 -5.56
CA VAL B 372 8.45 43.50 -4.39
C VAL B 372 9.05 44.75 -3.76
N VAL B 373 10.36 44.70 -3.48
CA VAL B 373 11.06 45.83 -2.89
C VAL B 373 10.84 47.11 -3.71
N ARG B 374 11.02 47.01 -5.03
CA ARG B 374 10.78 48.16 -5.92
C ARG B 374 9.36 48.70 -5.79
N ARG B 375 8.37 47.81 -5.89
CA ARG B 375 6.95 48.20 -5.81
C ARG B 375 6.58 48.75 -4.41
N SER B 376 7.15 48.12 -3.37
CA SER B 376 6.99 48.58 -1.99
C SER B 376 7.33 50.07 -1.91
N VAL B 377 8.54 50.44 -2.37
CA VAL B 377 9.05 51.83 -2.36
C VAL B 377 8.07 52.77 -3.10
N GLU B 378 7.73 52.38 -4.32
CA GLU B 378 6.75 53.04 -5.19
C GLU B 378 5.47 53.46 -4.49
N GLU B 379 4.94 52.62 -3.60
CA GLU B 379 3.72 52.98 -2.86
C GLU B 379 3.99 53.38 -1.41
N GLY B 380 5.23 53.73 -1.12
CA GLY B 380 5.61 54.23 0.20
C GLY B 380 5.26 53.29 1.32
N LEU B 381 5.39 52.00 1.04
CA LEU B 381 5.15 51.00 2.07
C LEU B 381 6.47 50.64 2.77
N GLY B 382 7.56 51.34 2.43
CA GLY B 382 8.89 51.03 2.94
C GLY B 382 9.54 49.86 2.21
N GLU B 383 10.86 49.86 2.17
CA GLU B 383 11.65 48.78 1.58
C GLU B 383 11.54 47.48 2.36
N ASP B 384 11.23 47.61 3.64
CA ASP B 384 11.10 46.49 4.57
C ASP B 384 9.71 45.81 4.49
N PHE B 385 8.83 46.31 3.61
CA PHE B 385 7.48 45.77 3.48
C PHE B 385 7.46 44.24 3.29
N ILE B 386 8.34 43.74 2.41
CA ILE B 386 8.41 42.30 2.14
C ILE B 386 8.53 41.45 3.43
N ASP B 387 9.16 42.03 4.47
CA ASP B 387 9.32 41.36 5.77
C ASP B 387 8.13 41.56 6.70
N LYS B 388 7.22 42.46 6.36
CA LYS B 388 5.95 42.52 7.08
C LYS B 388 4.96 41.45 6.61
N ILE B 389 5.09 41.04 5.34
CA ILE B 389 4.26 39.97 4.79
C ILE B 389 4.66 38.66 5.46
N ALA B 390 3.71 37.96 6.09
CA ALA B 390 4.01 36.68 6.74
C ALA B 390 4.31 35.57 5.71
N ASP B 391 4.96 34.51 6.17
CA ASP B 391 5.20 33.33 5.36
C ASP B 391 5.24 32.12 6.29
N GLU B 392 5.48 30.94 5.75
CA GLU B 392 5.39 29.72 6.54
C GLU B 392 6.39 29.67 7.68
N THR B 393 7.55 30.33 7.55
CA THR B 393 8.53 30.35 8.64
C THR B 393 7.95 31.10 9.83
N ILE B 394 6.92 31.91 9.58
CA ILE B 394 6.23 32.57 10.68
C ILE B 394 5.08 31.70 11.15
N GLY B 395 4.34 31.13 10.20
CA GLY B 395 3.20 30.28 10.53
C GLY B 395 2.33 29.88 9.36
N THR B 396 1.44 28.93 9.59
CA THR B 396 0.48 28.55 8.58
C THR B 396 -0.95 28.85 9.00
N THR B 397 -1.14 29.39 10.20
CA THR B 397 -2.50 29.67 10.65
C THR B 397 -2.66 31.14 10.99
N VAL B 398 -3.90 31.64 10.87
CA VAL B 398 -4.20 33.02 11.26
C VAL B 398 -3.73 33.24 12.68
N ASP B 399 -3.92 32.23 13.53
CA ASP B 399 -3.54 32.32 14.94
C ASP B 399 -2.07 32.67 15.14
N GLU B 400 -1.21 32.03 14.34
CA GLU B 400 0.22 32.30 14.35
C GLU B 400 0.53 33.64 13.70
N ILE B 401 0.01 33.86 12.49
CA ILE B 401 0.45 35.03 11.71
C ILE B 401 -0.08 36.38 12.18
N LEU B 402 -1.26 36.42 12.79
CA LEU B 402 -1.90 37.71 13.05
C LEU B 402 -1.14 38.57 14.07
N PRO B 403 -0.66 37.97 15.18
CA PRO B 403 0.18 38.70 16.13
C PRO B 403 1.48 39.19 15.47
N TYR B 404 1.95 38.49 14.45
CA TYR B 404 3.12 38.92 13.72
C TYR B 404 2.81 40.11 12.84
N LEU B 405 1.65 40.07 12.19
CA LEU B 405 1.15 41.20 11.41
C LEU B 405 0.99 42.45 12.28
N GLU B 406 0.41 42.27 13.47
CA GLU B 406 0.24 43.32 14.50
C GLU B 406 1.57 43.98 14.85
N GLU B 407 2.47 43.13 15.33
CA GLU B 407 3.79 43.54 15.80
C GLU B 407 4.55 44.34 14.74
N LYS B 408 4.50 43.88 13.49
CA LYS B 408 5.22 44.54 12.40
C LYS B 408 4.41 45.68 11.78
N GLY B 409 3.22 45.91 12.32
CA GLY B 409 2.30 46.92 11.79
C GLY B 409 2.12 46.82 10.29
N HIS B 410 1.74 45.63 9.82
CA HIS B 410 1.36 45.45 8.41
C HIS B 410 0.23 46.42 8.03
N PRO B 411 0.42 47.20 6.96
CA PRO B 411 -0.58 48.21 6.56
C PRO B 411 -1.99 47.65 6.37
N ALA B 412 -2.10 46.43 5.88
CA ALA B 412 -3.41 45.83 5.62
C ALA B 412 -4.35 45.94 6.82
N LEU B 413 -3.81 45.74 8.01
CA LEU B 413 -4.64 45.71 9.22
C LEU B 413 -5.41 47.00 9.47
N THR B 414 -4.94 48.11 8.91
CA THR B 414 -5.57 49.41 9.20
C THR B 414 -6.12 50.09 7.96
N MET B 415 -6.32 49.31 6.89
CA MET B 415 -6.94 49.81 5.68
C MET B 415 -8.46 49.65 5.75
N ASP B 416 -9.15 50.00 4.66
CA ASP B 416 -10.60 49.92 4.60
C ASP B 416 -11.04 48.46 4.67
N PRO B 417 -12.24 48.20 5.23
CA PRO B 417 -12.73 46.82 5.22
C PRO B 417 -12.81 46.27 3.80
N ILE B 418 -11.85 45.45 3.41
CA ILE B 418 -11.88 44.87 2.08
C ILE B 418 -13.17 44.09 1.85
N MET B 419 -13.73 43.51 2.92
CA MET B 419 -14.91 42.64 2.80
C MET B 419 -16.19 43.31 2.29
N ARG B 420 -16.30 44.63 2.49
CA ARG B 420 -17.40 45.44 1.95
C ARG B 420 -17.36 45.53 0.42
N SER B 421 -16.17 45.33 -0.14
CA SER B 421 -15.86 45.39 -1.56
C SER B 421 -16.55 44.27 -2.35
N HIS B 422 -17.05 43.28 -1.62
CA HIS B 422 -17.32 41.93 -2.10
C HIS B 422 -18.72 41.68 -2.65
N THR B 423 -18.85 41.67 -3.97
CA THR B 423 -20.15 41.47 -4.61
C THR B 423 -20.37 40.01 -4.85
N SER B 424 -21.51 39.51 -4.43
CA SER B 424 -21.92 38.17 -4.79
C SER B 424 -21.85 38.00 -6.30
N ARG B 425 -21.66 36.76 -6.76
CA ARG B 425 -21.76 36.45 -8.19
C ARG B 425 -23.21 36.24 -8.58
N GLY B 426 -24.09 36.01 -7.61
CA GLY B 426 -25.45 35.48 -7.87
C GLY B 426 -26.19 36.03 -9.10
N ILE C 6 3.95 31.65 29.52
CA ILE C 6 2.99 32.45 28.68
C ILE C 6 2.93 32.03 27.21
N LYS C 7 1.82 32.31 26.51
CA LYS C 7 1.72 32.30 25.04
C LYS C 7 2.44 31.19 24.22
N LEU C 8 1.70 30.18 23.78
CA LEU C 8 2.24 29.12 22.90
C LEU C 8 1.26 28.97 21.75
N ASP C 9 1.69 29.28 20.52
CA ASP C 9 0.80 29.18 19.35
C ASP C 9 1.33 28.21 18.31
N LEU C 10 0.98 26.93 18.46
CA LEU C 10 1.50 25.91 17.57
C LEU C 10 0.53 25.68 16.43
N PRO C 11 1.02 25.18 15.28
CA PRO C 11 0.07 24.79 14.26
C PRO C 11 -0.47 23.36 14.46
N ILE C 12 -0.04 22.68 15.51
CA ILE C 12 -0.49 21.33 15.80
C ILE C 12 -1.17 21.35 17.14
N ASN C 13 -2.03 20.37 17.41
CA ASN C 13 -2.64 20.22 18.72
C ASN C 13 -1.55 19.90 19.69
N PHE C 14 -1.79 20.19 20.97
CA PHE C 14 -0.78 20.04 21.98
C PHE C 14 -1.40 19.91 23.35
N GLY C 15 -1.07 18.84 24.06
CA GLY C 15 -1.60 18.62 25.41
C GLY C 15 -1.47 17.19 25.87
N PRO C 16 -1.94 16.91 27.11
CA PRO C 16 -1.76 15.59 27.71
C PRO C 16 -2.24 14.41 26.85
N ALA C 17 -3.29 14.62 26.07
CA ALA C 17 -3.97 13.54 25.35
C ALA C 17 -3.17 12.92 24.19
N PHE C 18 -2.13 13.62 23.75
CA PHE C 18 -1.35 13.15 22.59
C PHE C 18 -0.05 12.43 22.97
N GLU C 19 0.15 12.26 24.27
CA GLU C 19 1.40 11.85 24.82
C GLU C 19 1.72 10.41 24.45
N GLY C 20 0.71 9.53 24.47
CA GLY C 20 0.92 8.13 24.17
C GLY C 20 0.90 7.81 22.69
N GLU C 21 0.99 8.84 21.84
CA GLU C 21 0.91 8.62 20.40
C GLU C 21 2.16 7.87 19.94
N SER C 22 2.01 7.03 18.94
CA SER C 22 3.23 6.50 18.31
C SER C 22 3.21 6.75 16.80
N ILE C 23 4.41 6.81 16.23
CA ILE C 23 4.60 7.13 14.82
C ILE C 23 5.35 6.00 14.09
N ARG C 24 4.62 5.19 13.30
CA ARG C 24 5.21 4.09 12.54
C ARG C 24 6.05 4.62 11.35
N LYS C 25 7.06 3.84 10.92
CA LYS C 25 7.90 4.29 9.80
C LYS C 25 7.13 4.88 8.59
N GLY C 26 6.10 4.18 8.12
CA GLY C 26 5.30 4.72 7.03
C GLY C 26 4.75 6.11 7.29
N ASP C 27 4.48 6.45 8.55
CA ASP C 27 3.93 7.77 8.85
C ASP C 27 4.95 8.85 9.19
N MET C 28 6.22 8.50 9.10
CA MET C 28 7.32 9.30 9.61
C MET C 28 7.83 10.33 8.58
N TYR C 29 7.85 11.61 8.92
CA TYR C 29 8.40 12.57 7.98
C TYR C 29 9.91 12.77 8.13
N VAL C 30 10.39 12.90 9.38
CA VAL C 30 11.83 12.81 9.75
C VAL C 30 12.00 11.96 10.97
N GLU C 31 13.21 11.47 11.12
CA GLU C 31 13.58 10.69 12.26
C GLU C 31 14.93 11.25 12.64
N MET C 32 15.17 11.38 13.93
CA MET C 32 16.51 11.73 14.39
C MET C 32 16.89 11.03 15.70
N GLY C 33 18.12 10.52 15.75
CA GLY C 33 18.61 9.78 16.92
C GLY C 33 18.41 8.28 16.86
N GLY C 34 18.13 7.69 18.02
CA GLY C 34 17.97 6.23 18.16
C GLY C 34 18.98 5.32 17.47
N ASN C 35 20.25 5.69 17.49
CA ASN C 35 21.28 4.95 16.73
C ASN C 35 21.10 4.93 15.19
N ARG C 36 20.08 5.64 14.67
CA ARG C 36 20.01 5.93 13.22
C ARG C 36 20.91 7.12 12.87
N THR C 37 20.88 8.17 13.67
CA THR C 37 21.83 9.27 13.54
C THR C 37 22.26 9.74 14.93
N PRO C 38 23.36 10.50 15.00
CA PRO C 38 23.76 11.05 16.31
C PRO C 38 22.80 12.15 16.79
N ALA C 39 22.31 11.98 18.02
CA ALA C 39 21.41 12.98 18.59
C ALA C 39 21.58 13.08 20.10
N PHE C 40 21.42 14.30 20.62
CA PHE C 40 21.48 14.56 22.07
C PHE C 40 20.51 15.65 22.50
N GLU C 41 20.30 15.72 23.82
CA GLU C 41 19.58 16.82 24.43
C GLU C 41 20.34 17.30 25.67
N LEU C 42 20.30 18.61 25.93
CA LEU C 42 20.99 19.19 27.07
C LEU C 42 20.27 20.40 27.65
N VAL C 43 20.20 20.43 28.99
CA VAL C 43 19.80 21.62 29.76
C VAL C 43 21.01 22.19 30.50
N ARG C 44 21.31 23.47 30.28
CA ARG C 44 22.46 24.13 30.94
C ARG C 44 22.02 25.30 31.81
N THR C 45 22.53 25.39 33.04
CA THR C 45 22.46 26.67 33.73
C THR C 45 23.38 27.62 32.97
N VAL C 46 22.89 28.82 32.66
CA VAL C 46 23.74 29.92 32.20
C VAL C 46 23.43 31.20 32.98
N SER C 47 24.37 32.15 32.97
CA SER C 47 24.19 33.47 33.56
C SER C 47 23.28 34.30 32.66
N GLU C 48 22.72 35.36 33.24
CA GLU C 48 21.71 36.15 32.53
C GLU C 48 22.28 37.11 31.49
N SER C 49 23.56 37.45 31.64
CA SER C 49 24.28 38.18 30.61
C SER C 49 24.46 37.35 29.31
N GLU C 50 24.60 36.03 29.41
CA GLU C 50 24.88 35.26 28.20
C GLU C 50 23.62 34.59 27.55
N ILE C 51 22.43 35.11 27.88
CA ILE C 51 21.14 34.48 27.43
C ILE C 51 20.12 35.48 26.88
N THR C 52 19.56 35.17 25.72
CA THR C 52 18.44 36.00 25.24
C THR C 52 17.17 35.24 25.49
N ASP C 53 16.34 35.76 26.38
CA ASP C 53 15.12 35.09 26.77
C ASP C 53 14.15 34.96 25.60
N GLY C 54 13.68 33.75 25.37
CA GLY C 54 12.72 33.52 24.29
C GLY C 54 13.35 33.25 22.92
N LYS C 55 14.68 33.40 22.83
CA LYS C 55 15.40 33.19 21.57
C LYS C 55 15.48 31.73 21.15
N ILE C 56 15.00 31.46 19.95
CA ILE C 56 15.04 30.13 19.36
C ILE C 56 15.71 30.15 18.00
N GLU C 57 16.71 29.31 17.84
CA GLU C 57 17.41 29.22 16.58
C GLU C 57 17.49 27.80 16.11
N VAL C 58 17.34 27.64 14.79
CA VAL C 58 17.61 26.38 14.12
C VAL C 58 18.91 26.48 13.31
N ILE C 59 19.97 25.79 13.73
CA ILE C 59 21.22 25.78 12.95
C ILE C 59 21.30 24.51 12.10
N GLY C 60 21.17 24.67 10.79
CA GLY C 60 21.14 23.54 9.88
C GLY C 60 19.84 23.51 9.09
N PRO C 61 19.65 22.46 8.29
CA PRO C 61 18.44 22.39 7.45
C PRO C 61 17.16 22.32 8.27
N ASP C 62 16.09 22.98 7.79
CA ASP C 62 14.77 22.82 8.41
C ASP C 62 13.94 21.69 7.79
N ILE C 63 12.77 21.46 8.37
CA ILE C 63 11.79 20.46 7.94
C ILE C 63 11.44 20.55 6.42
N ASP C 64 11.45 21.77 5.89
CA ASP C 64 11.20 22.00 4.48
C ASP C 64 12.46 21.97 3.60
N GLN C 65 13.49 21.27 4.07
CA GLN C 65 14.76 21.26 3.36
C GLN C 65 15.41 19.90 3.44
N ILE C 66 14.60 18.86 3.53
CA ILE C 66 15.15 17.52 3.66
C ILE C 66 14.18 16.63 2.93
N PRO C 67 14.65 15.53 2.34
CA PRO C 67 13.61 14.69 1.69
C PRO C 67 12.60 14.13 2.72
N GLU C 68 11.38 13.83 2.26
CA GLU C 68 10.36 13.25 3.12
C GLU C 68 10.73 11.81 3.52
N GLY C 69 10.65 11.49 4.81
CA GLY C 69 10.98 10.15 5.28
C GLY C 69 12.44 10.02 5.62
N SER C 70 13.20 11.10 5.45
CA SER C 70 14.65 11.05 5.69
C SER C 70 15.10 11.10 7.17
N LYS C 71 16.43 11.05 7.37
CA LYS C 71 17.08 11.05 8.67
C LYS C 71 17.77 12.39 8.87
N LEU C 72 18.13 12.71 10.11
CA LEU C 72 18.80 13.98 10.42
C LEU C 72 19.46 13.88 11.80
N PRO C 73 20.69 14.43 11.95
CA PRO C 73 21.25 14.48 13.30
C PRO C 73 20.60 15.62 14.07
N LEU C 74 20.54 15.49 15.39
CA LEU C 74 19.82 16.47 16.19
C LEU C 74 20.53 16.83 17.48
N GLY C 75 20.54 18.13 17.76
CA GLY C 75 21.03 18.65 19.03
C GLY C 75 19.99 19.57 19.59
N ILE C 76 19.39 19.17 20.72
CA ILE C 76 18.47 20.04 21.47
C ILE C 76 19.21 20.69 22.63
N LEU C 77 19.44 22.01 22.54
CA LEU C 77 20.17 22.75 23.58
C LEU C 77 19.28 23.77 24.30
N VAL C 78 19.07 23.54 25.60
CA VAL C 78 18.19 24.39 26.38
C VAL C 78 19.00 25.12 27.46
N ASP C 79 19.19 26.42 27.26
CA ASP C 79 19.91 27.24 28.22
C ASP C 79 18.88 27.80 29.18
N ILE C 80 19.07 27.51 30.46
CA ILE C 80 18.23 28.13 31.48
C ILE C 80 19.01 29.15 32.28
N TYR C 81 18.40 30.30 32.50
CA TYR C 81 18.80 31.17 33.60
C TYR C 81 17.65 31.37 34.58
N GLY C 82 17.97 31.30 35.88
CA GLY C 82 17.02 31.66 36.94
C GLY C 82 17.70 32.00 38.25
N ARG C 83 17.15 32.98 38.96
CA ARG C 83 17.67 33.38 40.27
C ARG C 83 17.92 32.17 41.14
N LYS C 84 16.94 31.27 41.24
CA LYS C 84 17.09 30.12 42.11
C LYS C 84 17.61 28.87 41.41
N MET C 85 17.95 28.96 40.12
CA MET C 85 18.49 27.82 39.37
C MET C 85 19.87 27.34 39.85
N GLN C 86 20.11 26.04 39.77
CA GLN C 86 21.43 25.47 40.03
C GLN C 86 21.77 24.32 39.08
N ALA C 87 23.05 24.01 38.96
CA ALA C 87 23.49 22.88 38.17
C ALA C 87 22.75 21.60 38.56
N ASP C 88 22.50 21.42 39.86
CA ASP C 88 21.84 20.20 40.37
C ASP C 88 20.49 19.94 39.73
N PHE C 89 19.82 21.01 39.34
CA PHE C 89 18.47 20.90 38.80
C PHE C 89 18.44 20.55 37.30
N GLU C 90 19.58 20.69 36.63
CA GLU C 90 19.63 20.53 35.17
C GLU C 90 19.03 19.20 34.70
N GLY C 91 19.44 18.10 35.33
CA GLY C 91 18.91 16.77 35.03
C GLY C 91 17.42 16.60 35.24
N VAL C 92 16.87 17.36 36.19
CA VAL C 92 15.43 17.34 36.45
C VAL C 92 14.64 17.97 35.29
N LEU C 93 15.09 19.14 34.83
CA LEU C 93 14.44 19.84 33.72
C LEU C 93 14.66 19.06 32.44
N GLU C 94 15.88 18.52 32.28
CA GLU C 94 16.23 17.77 31.09
C GLU C 94 15.31 16.59 30.89
N ARG C 95 14.91 15.94 31.97
CA ARG C 95 13.97 14.82 31.88
C ARG C 95 12.69 15.20 31.14
N ARG C 96 12.21 16.40 31.40
CA ARG C 96 10.89 16.81 30.96
C ARG C 96 10.83 17.10 29.49
N ILE C 97 11.97 17.33 28.86
CA ILE C 97 12.00 17.47 27.41
C ILE C 97 11.15 16.35 26.76
N HIS C 98 11.26 15.15 27.34
CA HIS C 98 10.48 13.98 26.97
C HIS C 98 8.97 14.22 26.91
N ASP C 99 8.31 14.53 28.02
CA ASP C 99 6.87 14.74 27.87
C ASP C 99 6.47 16.11 27.27
N PHE C 100 7.32 17.11 27.41
CA PHE C 100 7.06 18.36 26.70
C PHE C 100 6.82 18.13 25.19
N ILE C 101 7.72 17.35 24.56
CA ILE C 101 7.62 17.05 23.11
C ILE C 101 6.48 16.06 22.79
N ASN C 102 6.31 15.04 23.62
CA ASN C 102 5.24 14.08 23.42
C ASN C 102 3.83 14.63 23.58
N TYR C 103 3.71 15.88 24.03
CA TYR C 103 2.41 16.52 24.12
C TYR C 103 1.97 17.02 22.75
N GLY C 104 2.91 17.23 21.85
CA GLY C 104 2.63 17.73 20.52
C GLY C 104 2.17 16.57 19.71
N GLU C 105 0.96 16.69 19.14
CA GLU C 105 0.43 15.67 18.23
C GLU C 105 1.30 15.60 16.97
N GLY C 106 1.87 14.45 16.71
CA GLY C 106 2.74 14.31 15.53
C GLY C 106 4.21 14.36 15.90
N LEU C 107 4.47 14.56 17.19
CA LEU C 107 5.82 14.64 17.67
C LEU C 107 5.99 13.50 18.61
N TRP C 108 7.13 12.81 18.51
CA TRP C 108 7.44 11.66 19.34
C TRP C 108 8.90 11.71 19.82
N HIS C 109 9.08 11.32 21.08
CA HIS C 109 10.38 11.36 21.69
C HIS C 109 10.52 10.20 22.68
N THR C 110 11.70 9.62 22.74
CA THR C 110 12.02 8.62 23.76
C THR C 110 13.52 8.60 24.02
N GLY C 111 13.89 7.97 25.13
CA GLY C 111 15.28 7.89 25.54
C GLY C 111 15.73 9.17 26.20
N GLN C 112 17.04 9.28 26.40
CA GLN C 112 17.61 10.40 27.13
C GLN C 112 19.04 10.74 26.69
N ARG C 113 19.52 11.89 27.15
CA ARG C 113 20.87 12.39 26.83
C ARG C 113 21.27 12.27 25.35
N ASN C 114 22.29 11.48 25.06
CA ASN C 114 22.68 11.22 23.68
C ASN C 114 22.32 9.81 23.20
N ILE C 115 21.24 9.28 23.78
CA ILE C 115 20.46 8.25 23.11
C ILE C 115 18.99 8.59 23.22
N ASN C 116 18.65 9.80 22.79
CA ASN C 116 17.26 10.13 22.58
C ASN C 116 16.94 9.70 21.18
N TRP C 117 15.65 9.76 20.84
CA TRP C 117 15.15 9.32 19.56
C TRP C 117 13.92 10.16 19.29
N LEU C 118 13.87 10.78 18.12
CA LEU C 118 12.68 11.58 17.77
C LEU C 118 12.13 11.26 16.37
N ARG C 119 10.82 11.41 16.25
CA ARG C 119 10.15 11.28 14.98
C ARG C 119 9.17 12.40 14.88
N VAL C 120 9.04 12.99 13.69
CA VAL C 120 7.95 13.91 13.39
C VAL C 120 7.07 13.32 12.30
N SER C 121 5.76 13.29 12.54
CA SER C 121 4.81 12.67 11.60
C SER C 121 4.60 13.46 10.31
N LYS C 122 4.15 12.78 9.27
CA LYS C 122 3.83 13.46 8.02
C LYS C 122 2.70 14.46 8.18
N ASP C 123 1.73 14.13 9.02
CA ASP C 123 0.63 15.04 9.36
C ASP C 123 1.09 16.31 9.99
N ALA C 124 1.91 16.20 11.03
CA ALA C 124 2.33 17.38 11.76
C ALA C 124 2.94 18.35 10.76
N VAL C 125 3.73 17.82 9.81
CA VAL C 125 4.42 18.64 8.84
C VAL C 125 3.42 19.26 7.89
N ALA C 126 2.42 18.51 7.45
CA ALA C 126 1.37 19.07 6.61
C ALA C 126 0.70 20.24 7.33
N LYS C 127 0.46 20.08 8.62
CA LYS C 127 -0.26 21.08 9.38
C LYS C 127 0.57 22.36 9.57
N GLY C 128 1.89 22.22 9.43
CA GLY C 128 2.78 23.37 9.43
C GLY C 128 3.97 23.26 10.35
N PHE C 129 4.15 22.11 11.01
CA PHE C 129 5.21 22.01 12.01
C PHE C 129 6.58 22.24 11.40
N ARG C 130 7.36 23.10 12.06
CA ARG C 130 8.76 23.28 11.75
C ARG C 130 9.62 23.41 13.04
N PHE C 131 10.94 23.21 12.94
CA PHE C 131 11.78 22.97 14.12
C PHE C 131 11.72 24.05 15.19
N LYS C 132 11.61 25.28 14.74
CA LYS C 132 11.27 26.43 15.58
C LYS C 132 10.26 26.06 16.69
N ASN C 133 9.31 25.19 16.36
CA ASN C 133 8.27 24.79 17.31
C ASN C 133 8.78 23.96 18.47
N TYR C 134 9.86 23.21 18.25
CA TYR C 134 10.52 22.52 19.36
C TYR C 134 10.90 23.56 20.40
N GLY C 135 11.50 24.64 19.92
CA GLY C 135 11.94 25.72 20.78
C GLY C 135 10.80 26.35 21.51
N GLU C 136 9.72 26.65 20.78
CA GLU C 136 8.55 27.26 21.39
C GLU C 136 8.00 26.40 22.52
N ILE C 137 7.86 25.09 22.27
CA ILE C 137 7.32 24.19 23.28
C ILE C 137 8.21 24.21 24.52
N LEU C 138 9.49 23.99 24.30
CA LEU C 138 10.44 23.92 25.36
C LEU C 138 10.48 25.22 26.19
N VAL C 139 10.44 26.38 25.53
CA VAL C 139 10.47 27.67 26.22
C VAL C 139 9.25 27.83 27.16
N ALA C 140 8.05 27.70 26.60
CA ALA C 140 6.80 27.86 27.36
C ALA C 140 6.73 26.86 28.52
N LYS C 141 6.90 25.59 28.21
CA LYS C 141 6.74 24.53 29.20
C LYS C 141 7.75 24.60 30.35
N MET C 142 9.02 24.92 30.05
CA MET C 142 10.04 25.09 31.08
C MET C 142 9.62 26.18 32.06
N LYS C 143 9.20 27.31 31.51
CA LYS C 143 8.73 28.45 32.29
C LYS C 143 7.54 28.08 33.18
N GLU C 144 6.62 27.31 32.60
CA GLU C 144 5.36 26.97 33.25
C GLU C 144 5.51 25.89 34.33
N GLU C 145 6.39 24.93 34.11
CA GLU C 145 6.54 23.83 35.06
C GLU C 145 7.47 24.16 36.18
N PHE C 146 8.41 25.06 35.94
CA PHE C 146 9.37 25.42 36.97
C PHE C 146 9.41 26.93 37.24
N PRO C 147 8.26 27.50 37.65
CA PRO C 147 8.13 28.95 37.70
C PRO C 147 9.07 29.63 38.71
N ALA C 148 9.48 28.93 39.79
CA ALA C 148 10.31 29.51 40.85
C ALA C 148 11.77 29.35 40.52
N ILE C 149 12.05 28.51 39.56
CA ILE C 149 13.40 28.11 39.26
C ILE C 149 13.88 28.81 37.98
N VAL C 150 12.99 28.88 36.99
CA VAL C 150 13.29 29.30 35.62
C VAL C 150 12.83 30.72 35.39
N ASP C 151 13.78 31.62 35.14
CA ASP C 151 13.47 33.01 34.80
C ASP C 151 13.47 33.18 33.28
N ARG C 152 14.51 32.65 32.63
CA ARG C 152 14.70 32.87 31.20
C ARG C 152 15.16 31.60 30.49
N VAL C 153 14.59 31.36 29.30
CA VAL C 153 14.89 30.18 28.50
C VAL C 153 15.36 30.56 27.10
N GLN C 154 16.36 29.83 26.60
CA GLN C 154 16.84 29.95 25.23
C GLN C 154 17.10 28.57 24.65
N VAL C 155 16.61 28.32 23.45
CA VAL C 155 16.69 27.00 22.85
C VAL C 155 17.35 27.06 21.49
N THR C 156 18.27 26.14 21.26
CA THR C 156 18.94 26.04 19.96
C THR C 156 18.71 24.64 19.47
N ILE C 157 18.23 24.54 18.23
CA ILE C 157 18.01 23.25 17.56
C ILE C 157 19.12 23.10 16.53
N PHE C 158 20.01 22.13 16.73
CA PHE C 158 21.08 21.86 15.78
C PHE C 158 20.70 20.69 14.91
N THR C 159 20.72 20.88 13.59
CA THR C 159 20.49 19.79 12.63
C THR C 159 21.65 19.65 11.64
N ASP C 160 22.55 20.64 11.66
CA ASP C 160 23.78 20.60 10.89
C ASP C 160 24.70 19.50 11.44
N GLU C 161 25.23 18.65 10.54
CA GLU C 161 26.07 17.51 10.91
C GLU C 161 27.29 17.91 11.77
N ALA C 162 28.07 18.89 11.31
CA ALA C 162 29.26 19.35 12.07
C ALA C 162 28.94 19.93 13.47
N LYS C 163 27.92 20.79 13.53
CA LYS C 163 27.46 21.44 14.78
C LYS C 163 26.96 20.46 15.85
N VAL C 164 26.18 19.47 15.43
CA VAL C 164 25.77 18.41 16.33
C VAL C 164 27.01 17.72 16.94
N LYS C 165 27.91 17.24 16.07
CA LYS C 165 29.20 16.63 16.46
C LYS C 165 29.93 17.49 17.50
N GLU C 166 30.05 18.80 17.21
CA GLU C 166 30.68 19.75 18.13
C GLU C 166 29.97 19.78 19.50
N TYR C 167 28.69 20.18 19.51
CA TYR C 167 27.95 20.33 20.78
C TYR C 167 27.71 19.04 21.56
N MET C 168 27.71 17.90 20.86
CA MET C 168 27.75 16.59 21.51
C MET C 168 28.78 16.58 22.63
N GLU C 169 29.94 17.18 22.39
CA GLU C 169 31.01 17.22 23.38
C GLU C 169 30.64 18.13 24.57
N VAL C 170 30.07 19.29 24.26
CA VAL C 170 29.52 20.14 25.31
C VAL C 170 28.57 19.31 26.21
N ALA C 171 27.62 18.59 25.62
CA ALA C 171 26.75 17.70 26.39
C ALA C 171 27.51 16.59 27.14
N ARG C 172 28.36 15.82 26.45
CA ARG C 172 29.11 14.70 27.03
C ARG C 172 29.80 15.14 28.34
N GLU C 173 30.37 16.35 28.32
CA GLU C 173 31.12 16.88 29.44
C GLU C 173 30.16 17.14 30.62
N LYS C 174 29.04 17.80 30.37
CA LYS C 174 28.03 17.99 31.40
C LYS C 174 27.49 16.66 31.97
N TYR C 175 27.26 15.71 31.08
CA TYR C 175 26.81 14.38 31.45
C TYR C 175 27.78 13.77 32.46
N LYS C 176 29.05 13.68 32.05
CA LYS C 176 30.12 13.11 32.87
C LYS C 176 30.17 13.76 34.24
N GLU C 177 29.99 15.08 34.25
CA GLU C 177 29.97 15.87 35.49
C GLU C 177 28.76 15.58 36.42
N ARG C 178 27.61 15.21 35.83
CA ARG C 178 26.49 14.73 36.64
C ARG C 178 26.82 13.36 37.22
N ASP C 179 27.36 12.50 36.36
CA ASP C 179 27.67 11.14 36.75
C ASP C 179 28.68 11.12 37.88
N ASP C 180 29.53 12.14 37.91
CA ASP C 180 30.53 12.27 38.96
C ASP C 180 29.87 12.49 40.32
N ARG C 181 28.88 13.38 40.37
CA ARG C 181 28.11 13.61 41.61
C ARG C 181 27.49 12.31 42.18
N MET C 182 27.26 11.31 41.32
CA MET C 182 26.69 10.02 41.76
C MET C 182 27.73 9.01 42.31
N ARG C 183 29.01 9.24 41.98
CA ARG C 183 30.10 8.28 42.27
C ARG C 183 30.28 7.82 43.72
N GLY C 184 30.09 8.67 44.70
CA GLY C 184 30.20 8.21 46.09
C GLY C 184 29.10 7.25 46.55
N LEU C 185 27.91 7.38 45.99
CA LEU C 185 26.67 6.94 46.65
C LEU C 185 26.26 5.50 46.40
N THR C 186 26.09 4.74 47.46
CA THR C 186 25.51 3.41 47.32
C THR C 186 24.16 3.31 48.06
N ASP C 187 23.39 2.25 47.75
CA ASP C 187 22.22 1.88 48.53
C ASP C 187 22.49 1.75 50.04
N GLU C 188 23.56 1.06 50.40
CA GLU C 188 23.90 0.84 51.80
C GLU C 188 24.09 2.17 52.51
N THR C 189 24.69 3.15 51.83
CA THR C 189 25.16 4.35 52.50
C THR C 189 24.18 5.53 52.45
N VAL C 190 22.96 5.31 51.94
CA VAL C 190 21.89 6.32 52.05
C VAL C 190 20.76 5.81 52.93
N ASP C 191 20.04 6.74 53.54
CA ASP C 191 18.89 6.39 54.37
C ASP C 191 17.54 6.60 53.66
N THR C 192 17.59 7.18 52.45
CA THR C 192 16.37 7.48 51.70
C THR C 192 16.42 6.94 50.27
N PHE C 193 15.30 6.37 49.82
CA PHE C 193 15.08 6.13 48.40
C PHE C 193 13.99 7.08 47.92
N TYR C 194 13.72 7.06 46.62
CA TYR C 194 12.68 7.92 46.07
C TYR C 194 11.75 7.17 45.13
N SER C 195 10.46 7.47 45.26
CA SER C 195 9.46 6.97 44.35
C SER C 195 9.37 7.94 43.19
N CYS C 196 8.94 7.42 42.06
CA CYS C 196 8.61 8.29 40.96
C CYS C 196 7.29 7.84 40.34
N VAL C 197 6.47 8.81 39.94
CA VAL C 197 5.16 8.53 39.38
C VAL C 197 4.86 9.35 38.12
N LEU C 198 5.88 9.99 37.56
CA LEU C 198 5.72 10.80 36.34
C LEU C 198 5.06 10.06 35.17
N CYS C 199 5.26 8.74 35.09
CA CYS C 199 4.72 8.00 33.96
C CYS C 199 3.37 7.38 34.23
N GLN C 200 2.67 7.84 35.26
CA GLN C 200 1.33 7.30 35.49
C GLN C 200 0.30 7.78 34.46
N SER C 201 0.70 8.73 33.62
CA SER C 201 -0.13 9.09 32.50
C SER C 201 -0.11 7.93 31.48
N PHE C 202 1.01 7.23 31.34
CA PHE C 202 1.07 6.09 30.44
C PHE C 202 0.57 4.76 31.11
N ALA C 203 0.89 4.58 32.38
CA ALA C 203 0.44 3.40 33.14
C ALA C 203 0.02 3.89 34.52
N PRO C 204 -1.29 3.99 34.76
CA PRO C 204 -1.79 4.64 35.98
C PRO C 204 -1.27 4.08 37.33
N ASN C 205 -0.88 2.81 37.37
CA ASN C 205 -0.41 2.20 38.62
C ASN C 205 1.07 1.92 38.68
N HIS C 206 1.83 2.41 37.72
CA HIS C 206 3.25 2.14 37.73
C HIS C 206 3.98 3.14 38.62
N VAL C 207 4.89 2.60 39.45
CA VAL C 207 5.78 3.40 40.31
C VAL C 207 7.22 2.92 40.16
N CYS C 208 8.14 3.84 39.88
CA CYS C 208 9.57 3.49 39.93
C CYS C 208 10.11 3.68 41.34
N ILE C 209 10.94 2.76 41.81
CA ILE C 209 11.68 2.98 43.04
C ILE C 209 13.13 3.26 42.65
N VAL C 210 13.55 4.50 42.86
CA VAL C 210 14.88 4.95 42.45
C VAL C 210 15.82 4.91 43.63
N THR C 211 16.88 4.10 43.52
CA THR C 211 17.96 4.06 44.53
C THR C 211 19.24 4.54 43.86
N PRO C 212 20.28 4.90 44.64
CA PRO C 212 21.59 5.28 44.05
C PRO C 212 22.15 4.25 43.06
N GLU C 213 21.75 3.00 43.20
CA GLU C 213 22.34 1.97 42.38
C GLU C 213 21.29 1.44 41.40
N ARG C 214 20.07 1.96 41.50
CA ARG C 214 19.11 1.66 40.47
C ARG C 214 18.50 2.93 39.91
N VAL C 215 18.99 3.35 38.74
CA VAL C 215 18.38 4.47 38.01
C VAL C 215 16.90 4.14 37.71
N GLY C 216 16.11 5.14 37.41
CA GLY C 216 14.77 4.92 36.89
C GLY C 216 14.81 4.20 35.55
N LEU C 217 13.74 3.47 35.23
CA LEU C 217 13.77 2.59 34.07
C LEU C 217 13.95 3.34 32.75
N CYS C 218 13.69 4.65 32.77
CA CYS C 218 13.98 5.53 31.64
C CYS C 218 15.49 5.90 31.50
N GLY C 219 16.30 5.51 32.48
CA GLY C 219 17.72 5.89 32.53
C GLY C 219 18.01 7.38 32.68
N ALA C 220 16.96 8.18 32.96
CA ALA C 220 17.01 9.66 33.03
C ALA C 220 16.68 10.27 34.41
N VAL C 221 16.38 9.42 35.39
CA VAL C 221 16.18 9.90 36.75
C VAL C 221 17.11 9.12 37.71
N SER C 222 18.24 9.73 38.06
CA SER C 222 19.14 9.15 39.06
C SER C 222 18.61 9.52 40.43
N TRP C 223 19.16 8.88 41.44
CA TRP C 223 18.83 9.19 42.80
C TRP C 223 18.98 10.69 43.10
N LEU C 224 20.04 11.31 42.60
CA LEU C 224 20.24 12.73 42.81
C LEU C 224 19.15 13.56 42.13
N ASP C 225 18.76 13.13 40.94
CA ASP C 225 17.70 13.78 40.20
C ASP C 225 16.41 13.72 40.97
N ALA C 226 16.09 12.55 41.52
CA ALA C 226 14.84 12.37 42.25
C ALA C 226 14.83 13.29 43.48
N LYS C 227 15.92 13.27 44.24
CA LYS C 227 16.11 14.16 45.37
C LYS C 227 15.92 15.61 44.94
N ALA C 228 16.58 16.00 43.85
CA ALA C 228 16.53 17.39 43.37
C ALA C 228 15.12 17.80 43.01
N SER C 229 14.44 16.92 42.29
CA SER C 229 13.05 17.06 41.93
C SER C 229 12.18 17.32 43.17
N TYR C 230 12.29 16.44 44.17
CA TYR C 230 11.47 16.58 45.38
C TYR C 230 11.70 17.93 46.07
N GLU C 231 12.97 18.30 46.23
CA GLU C 231 13.36 19.59 46.77
C GLU C 231 12.73 20.73 45.97
N ILE C 232 12.82 20.65 44.64
CA ILE C 232 12.14 21.60 43.74
C ILE C 232 10.63 21.74 43.97
N ASN C 233 9.96 20.61 44.20
CA ASN C 233 8.53 20.63 44.35
C ASN C 233 8.02 19.46 45.18
N HIS C 234 7.65 19.76 46.43
CA HIS C 234 7.18 18.75 47.38
C HIS C 234 5.96 17.96 46.92
N ALA C 235 5.10 18.61 46.16
CA ALA C 235 3.88 17.97 45.70
C ALA C 235 4.09 17.35 44.32
N GLY C 236 5.35 17.31 43.87
CA GLY C 236 5.71 16.79 42.54
C GLY C 236 5.82 15.28 42.44
N PRO C 237 6.32 14.80 41.29
CA PRO C 237 6.37 13.38 40.95
C PRO C 237 7.26 12.51 41.87
N ASN C 238 8.16 13.14 42.61
CA ASN C 238 9.09 12.34 43.40
C ASN C 238 8.96 12.53 44.88
N GLN C 239 8.85 11.42 45.59
CA GLN C 239 8.65 11.42 47.05
C GLN C 239 9.78 10.66 47.75
N PRO C 240 10.16 11.10 48.97
CA PRO C 240 11.19 10.35 49.70
C PRO C 240 10.61 9.12 50.41
N ILE C 241 11.30 7.99 50.31
CA ILE C 241 10.94 6.81 51.08
C ILE C 241 12.09 6.46 52.03
N PRO C 242 11.85 6.58 53.35
CA PRO C 242 12.84 6.13 54.29
C PRO C 242 13.08 4.64 54.16
N LYS C 243 14.34 4.23 54.22
CA LYS C 243 14.72 2.81 54.29
C LYS C 243 14.39 2.34 55.68
N GLU C 244 13.38 1.49 55.82
CA GLU C 244 13.00 1.00 57.15
C GLU C 244 12.34 -0.38 57.09
N GLY C 245 12.40 -1.09 58.22
CA GLY C 245 11.79 -2.42 58.32
C GLY C 245 12.35 -3.37 57.28
N GLU C 246 13.67 -3.45 57.19
CA GLU C 246 14.36 -4.28 56.19
C GLU C 246 13.96 -5.75 56.31
N ILE C 247 13.34 -6.30 55.28
CA ILE C 247 12.85 -7.67 55.35
C ILE C 247 13.87 -8.64 54.79
N ASP C 248 14.52 -8.27 53.68
CA ASP C 248 15.47 -9.16 52.97
C ASP C 248 16.61 -8.38 52.29
N PRO C 249 17.83 -8.38 52.88
CA PRO C 249 18.91 -7.52 52.38
C PRO C 249 19.38 -7.98 51.02
N ILE C 250 19.25 -9.29 50.76
CA ILE C 250 19.74 -9.89 49.54
C ILE C 250 18.84 -9.64 48.36
N LYS C 251 17.53 -9.88 48.53
CA LYS C 251 16.51 -9.57 47.48
C LYS C 251 16.18 -8.08 47.35
N GLY C 252 16.26 -7.37 48.48
CA GLY C 252 16.01 -5.95 48.52
C GLY C 252 14.54 -5.69 48.80
N ILE C 253 14.10 -6.09 50.00
CA ILE C 253 12.73 -5.88 50.41
C ILE C 253 12.70 -5.08 51.72
N TRP C 254 12.13 -3.88 51.67
CA TRP C 254 11.92 -3.07 52.87
C TRP C 254 10.42 -2.86 53.07
N LYS C 255 9.94 -3.07 54.31
CA LYS C 255 8.53 -2.87 54.59
C LYS C 255 8.08 -1.46 54.21
N SER C 256 8.92 -0.47 54.54
CA SER C 256 8.63 0.93 54.19
C SER C 256 8.52 1.12 52.67
N VAL C 257 9.46 0.54 51.92
CA VAL C 257 9.38 0.60 50.45
C VAL C 257 8.07 -0.01 49.97
N ASN C 258 7.74 -1.20 50.50
CA ASN C 258 6.46 -1.83 50.20
C ASN C 258 5.24 -0.93 50.54
N ASP C 259 5.28 -0.26 51.69
CA ASP C 259 4.18 0.61 52.12
C ASP C 259 3.97 1.75 51.15
N TYR C 260 5.04 2.48 50.82
CA TYR C 260 4.92 3.65 49.93
C TYR C 260 4.50 3.20 48.53
N LEU C 261 5.04 2.06 48.11
CA LEU C 261 4.71 1.45 46.81
C LEU C 261 3.24 1.10 46.75
N TYR C 262 2.72 0.52 47.83
CA TYR C 262 1.30 0.22 47.88
C TYR C 262 0.47 1.48 47.69
N THR C 263 0.73 2.52 48.48
CA THR C 263 0.00 3.80 48.31
C THR C 263 0.16 4.41 46.90
N ALA C 264 1.41 4.60 46.47
CA ALA C 264 1.70 5.20 45.16
C ALA C 264 1.12 4.44 43.94
N SER C 265 0.88 3.14 44.10
CA SER C 265 0.36 2.30 43.02
C SER C 265 -1.13 2.09 43.14
N ASN C 266 -1.80 2.96 43.90
CA ASN C 266 -3.25 2.88 44.11
C ASN C 266 -3.69 1.48 44.55
N ARG C 267 -3.10 1.03 45.65
CA ARG C 267 -3.41 -0.27 46.26
C ARG C 267 -3.17 -1.44 45.30
N ASN C 268 -2.36 -1.26 44.25
CA ASN C 268 -2.17 -2.32 43.25
C ASN C 268 -0.97 -3.24 43.49
N LEU C 269 0.14 -2.67 43.91
CA LEU C 269 1.37 -3.39 44.13
C LEU C 269 1.58 -3.47 45.63
N GLU C 270 2.03 -4.63 46.12
CA GLU C 270 2.20 -4.87 47.55
C GLU C 270 3.65 -5.03 47.96
N GLN C 271 4.49 -5.44 47.03
CA GLN C 271 5.87 -5.70 47.33
C GLN C 271 6.72 -5.59 46.08
N VAL C 272 7.97 -5.22 46.27
CA VAL C 272 8.93 -5.16 45.17
C VAL C 272 10.28 -5.58 45.70
N CYS C 273 11.07 -6.24 44.86
CA CYS C 273 12.40 -6.60 45.26
C CYS C 273 13.38 -5.84 44.41
N LEU C 274 14.19 -5.00 45.06
CA LEU C 274 15.12 -4.14 44.35
C LEU C 274 16.19 -4.85 43.51
N TYR C 275 16.48 -6.09 43.89
CA TYR C 275 17.69 -6.75 43.39
C TYR C 275 17.46 -8.06 42.63
N THR C 276 16.21 -8.38 42.32
CA THR C 276 15.90 -9.61 41.60
C THR C 276 14.81 -9.41 40.56
N LEU C 277 14.93 -10.18 39.48
CA LEU C 277 14.00 -10.17 38.36
C LEU C 277 12.96 -11.27 38.56
N MET C 278 13.24 -12.21 39.48
CA MET C 278 12.52 -13.51 39.57
C MET C 278 11.35 -13.57 40.55
N GLU C 279 11.19 -12.50 41.34
CA GLU C 279 10.15 -12.45 42.35
C GLU C 279 9.80 -11.03 42.65
N ASN C 280 8.50 -10.72 42.62
CA ASN C 280 7.96 -9.36 42.75
C ASN C 280 8.85 -8.29 42.13
N PRO C 281 9.20 -8.41 40.82
CA PRO C 281 10.11 -7.44 40.20
C PRO C 281 9.41 -6.11 39.96
N MET C 282 10.20 -5.10 39.63
CA MET C 282 9.65 -3.78 39.34
C MET C 282 8.76 -3.77 38.11
N THR C 283 7.63 -3.06 38.20
CA THR C 283 6.75 -2.93 37.05
C THR C 283 7.32 -1.91 36.09
N SER C 284 6.73 -1.82 34.90
CA SER C 284 7.22 -0.89 33.88
C SER C 284 6.10 -0.03 33.34
N CYS C 285 6.45 1.17 32.89
CA CYS C 285 5.53 2.04 32.19
C CYS C 285 5.70 1.84 30.68
N GLY C 286 6.03 2.91 29.96
CA GLY C 286 6.26 2.82 28.53
C GLY C 286 7.60 3.33 28.01
N CYS C 287 8.52 3.74 28.87
CA CYS C 287 9.75 4.33 28.31
C CYS C 287 11.05 3.65 28.71
N PHE C 288 10.96 2.41 29.17
CA PHE C 288 12.13 1.67 29.56
C PHE C 288 13.04 1.60 28.36
N GLU C 289 14.34 1.74 28.60
CA GLU C 289 15.33 1.69 27.52
C GLU C 289 15.58 0.27 27.05
N ALA C 290 15.50 -0.68 27.99
CA ALA C 290 15.81 -2.08 27.72
C ALA C 290 14.85 -3.02 28.44
N ILE C 291 14.81 -4.27 27.96
CA ILE C 291 14.01 -5.31 28.57
C ILE C 291 14.90 -6.49 28.83
N MET C 292 14.78 -7.03 30.04
CA MET C 292 15.42 -8.26 30.40
C MET C 292 14.39 -9.35 30.27
N ALA C 293 14.78 -10.44 29.61
CA ALA C 293 13.93 -11.60 29.53
C ALA C 293 14.68 -12.87 29.90
N ILE C 294 14.02 -13.68 30.73
CA ILE C 294 14.52 -14.96 31.21
C ILE C 294 14.71 -15.98 30.04
N LEU C 295 15.81 -16.72 30.05
CA LEU C 295 15.99 -17.79 29.08
C LEU C 295 16.27 -19.10 29.81
N PRO C 296 15.20 -19.87 30.10
CA PRO C 296 15.35 -21.06 30.94
C PRO C 296 16.41 -22.02 30.46
N GLU C 297 16.51 -22.26 29.16
CA GLU C 297 17.45 -23.25 28.64
C GLU C 297 18.90 -22.79 28.77
N CYS C 298 19.12 -21.49 28.90
CA CYS C 298 20.51 -21.00 29.04
C CYS C 298 20.95 -20.69 30.47
N ASN C 299 20.14 -21.10 31.44
CA ASN C 299 20.31 -20.71 32.83
C ASN C 299 20.66 -19.20 32.98
N GLY C 300 20.13 -18.40 32.05
CA GLY C 300 20.53 -16.99 31.96
C GLY C 300 19.44 -16.03 31.55
N ILE C 301 19.88 -14.83 31.19
CA ILE C 301 19.01 -13.71 30.85
C ILE C 301 19.54 -13.02 29.60
N MET C 302 18.60 -12.69 28.70
CA MET C 302 18.88 -11.85 27.53
C MET C 302 18.38 -10.43 27.78
N ILE C 303 19.02 -9.50 27.08
CA ILE C 303 18.63 -8.08 27.12
C ILE C 303 18.43 -7.60 25.67
N THR C 304 17.36 -6.84 25.44
CA THR C 304 17.21 -6.13 24.18
C THR C 304 16.75 -4.71 24.43
N THR C 305 17.04 -3.84 23.47
CA THR C 305 16.88 -2.42 23.68
C THR C 305 15.83 -1.84 22.72
N ARG C 306 15.34 -0.65 23.05
CA ARG C 306 14.19 -0.07 22.34
C ARG C 306 14.53 0.24 20.92
N ASP C 307 15.77 0.61 20.68
CA ASP C 307 16.23 0.90 19.34
C ASP C 307 16.75 -0.34 18.61
N HIS C 308 16.69 -1.53 19.21
CA HIS C 308 17.11 -2.75 18.49
C HIS C 308 15.91 -3.48 17.91
N ALA C 309 15.79 -3.47 16.59
CA ALA C 309 14.62 -4.04 15.88
C ALA C 309 14.66 -5.57 15.72
N GLY C 310 15.84 -6.17 15.91
CA GLY C 310 16.08 -7.55 15.53
C GLY C 310 15.44 -8.58 16.43
N MET C 311 15.29 -9.80 15.91
CA MET C 311 14.95 -10.96 16.72
C MET C 311 15.91 -11.19 17.86
N THR C 312 15.35 -11.76 18.93
CA THR C 312 16.10 -12.12 20.13
C THR C 312 15.80 -13.58 20.47
N PRO C 313 16.69 -14.23 21.25
CA PRO C 313 16.51 -15.68 21.50
C PRO C 313 15.30 -16.03 22.37
N SER C 314 14.58 -15.02 22.85
CA SER C 314 13.31 -15.25 23.55
C SER C 314 12.21 -15.64 22.58
N GLY C 315 12.52 -15.54 21.29
CA GLY C 315 11.55 -15.71 20.22
C GLY C 315 10.88 -14.41 19.78
N MET C 316 11.06 -13.33 20.53
CA MET C 316 10.45 -12.05 20.23
C MET C 316 11.37 -10.83 20.12
N THR C 317 10.86 -9.79 19.47
CA THR C 317 11.58 -8.54 19.33
C THR C 317 11.27 -7.68 20.56
N PHE C 318 12.11 -6.67 20.80
CA PHE C 318 11.79 -5.62 21.78
C PHE C 318 10.31 -5.22 21.81
N SER C 319 9.69 -5.06 20.64
CA SER C 319 8.25 -4.68 20.58
C SER C 319 7.28 -5.65 21.20
N THR C 320 7.39 -6.91 20.81
CA THR C 320 6.46 -7.92 21.25
C THR C 320 6.66 -8.15 22.72
N LEU C 321 7.92 -8.08 23.18
CA LEU C 321 8.26 -8.23 24.60
C LEU C 321 7.63 -7.10 25.35
N ALA C 322 7.84 -5.87 24.86
CA ALA C 322 7.27 -4.67 25.50
C ALA C 322 5.79 -4.87 25.66
N GLY C 323 5.20 -5.44 24.62
CA GLY C 323 3.81 -5.83 24.60
C GLY C 323 3.45 -6.61 25.84
N MET C 324 4.24 -7.58 26.26
CA MET C 324 3.85 -8.31 27.46
C MET C 324 4.26 -7.69 28.82
N ILE C 325 5.47 -7.17 28.97
CA ILE C 325 5.86 -6.55 30.26
C ILE C 325 5.33 -5.14 30.55
N GLY C 326 4.65 -4.52 29.60
CA GLY C 326 4.26 -3.13 29.81
C GLY C 326 3.12 -2.99 30.81
N GLY C 327 2.74 -1.73 31.03
CA GLY C 327 1.48 -1.35 31.69
C GLY C 327 1.37 -1.55 33.19
N GLY C 328 2.48 -1.32 33.91
CA GLY C 328 2.48 -1.36 35.38
C GLY C 328 1.99 -2.65 36.03
N THR C 329 2.02 -3.75 35.29
CA THR C 329 1.74 -5.06 35.88
C THR C 329 3.08 -5.72 36.18
N GLN C 330 3.10 -6.59 37.19
CA GLN C 330 4.32 -7.17 37.76
C GLN C 330 4.64 -8.54 37.18
N THR C 331 5.78 -8.66 36.50
CA THR C 331 5.96 -9.81 35.60
C THR C 331 7.23 -10.62 35.84
N PRO C 332 7.19 -11.61 36.75
CA PRO C 332 8.38 -12.39 37.10
C PRO C 332 9.13 -12.94 35.87
N GLY C 333 10.43 -12.66 35.81
CA GLY C 333 11.30 -13.16 34.75
C GLY C 333 11.55 -12.17 33.62
N PHE C 334 10.91 -11.01 33.70
CA PHE C 334 10.88 -10.01 32.63
C PHE C 334 10.79 -8.65 33.27
N MET C 335 11.69 -7.74 32.89
CA MET C 335 11.77 -6.44 33.56
C MET C 335 12.28 -5.34 32.63
N GLY C 336 11.66 -4.16 32.72
CA GLY C 336 12.09 -2.98 31.98
C GLY C 336 13.09 -2.19 32.79
N ILE C 337 14.23 -1.87 32.18
CA ILE C 337 15.33 -1.24 32.90
C ILE C 337 15.92 -0.13 32.08
N GLY C 338 16.68 0.73 32.76
CA GLY C 338 17.47 1.74 32.10
C GLY C 338 18.80 1.11 31.75
N ARG C 339 19.35 1.48 30.60
CA ARG C 339 20.68 1.02 30.17
C ARG C 339 21.72 0.89 31.28
N THR C 340 22.02 1.99 31.97
CA THR C 340 23.17 1.98 32.85
C THR C 340 23.00 1.08 34.07
N TYR C 341 21.77 0.66 34.34
CA TYR C 341 21.55 -0.29 35.43
C TYR C 341 22.44 -1.54 35.21
N ILE C 342 22.54 -1.97 33.94
CA ILE C 342 23.31 -3.16 33.55
C ILE C 342 24.67 -3.21 34.24
N VAL C 343 25.30 -2.06 34.39
CA VAL C 343 26.62 -1.98 35.04
C VAL C 343 26.61 -1.51 36.50
N SER C 344 25.44 -1.47 37.12
CA SER C 344 25.37 -1.17 38.54
C SER C 344 25.89 -2.35 39.35
N LYS C 345 26.57 -2.04 40.45
CA LYS C 345 26.98 -3.08 41.38
C LYS C 345 25.80 -3.92 41.86
N LYS C 346 24.64 -3.30 41.97
CA LYS C 346 23.47 -3.98 42.48
C LYS C 346 22.60 -4.61 41.40
N PHE C 347 23.11 -4.62 40.16
CA PHE C 347 22.35 -5.10 38.98
C PHE C 347 21.92 -6.55 39.18
N ILE C 348 20.61 -6.76 39.37
CA ILE C 348 20.05 -8.07 39.75
C ILE C 348 21.00 -8.91 40.61
N SER C 349 21.64 -8.29 41.58
CA SER C 349 22.63 -8.95 42.41
C SER C 349 22.09 -10.24 43.07
N ALA C 350 20.83 -10.25 43.48
CA ALA C 350 20.23 -11.43 44.11
C ALA C 350 20.07 -12.66 43.20
N ASP C 351 20.31 -12.50 41.90
CA ASP C 351 20.17 -13.55 40.88
C ASP C 351 21.53 -13.95 40.31
N GLY C 352 22.59 -13.30 40.78
CA GLY C 352 23.94 -13.57 40.27
C GLY C 352 24.58 -12.47 39.43
N GLY C 353 23.91 -11.33 39.32
CA GLY C 353 24.50 -10.15 38.71
C GLY C 353 24.75 -10.31 37.23
N ILE C 354 25.68 -9.50 36.72
CA ILE C 354 25.90 -9.43 35.27
C ILE C 354 26.26 -10.79 34.63
N ALA C 355 26.83 -11.69 35.41
CA ALA C 355 27.16 -13.04 34.97
C ALA C 355 26.00 -13.78 34.33
N ARG C 356 24.76 -13.37 34.61
CA ARG C 356 23.63 -14.14 34.09
C ARG C 356 23.27 -13.75 32.67
N ILE C 357 23.98 -12.75 32.15
CA ILE C 357 23.59 -12.18 30.87
C ILE C 357 24.23 -12.96 29.73
N VAL C 358 23.39 -13.57 28.90
CA VAL C 358 23.87 -14.44 27.85
C VAL C 358 23.73 -13.82 26.48
N TRP C 359 22.94 -12.75 26.35
CA TRP C 359 22.69 -12.12 25.03
C TRP C 359 22.29 -10.64 25.14
N MET C 360 22.89 -9.81 24.28
CA MET C 360 22.67 -8.36 24.22
C MET C 360 22.86 -7.97 22.77
N PRO C 361 22.25 -6.85 22.35
CA PRO C 361 22.64 -6.31 21.05
C PRO C 361 24.05 -5.77 21.10
N LYS C 362 24.82 -5.95 20.03
CA LYS C 362 26.20 -5.47 19.99
C LYS C 362 26.33 -3.93 20.24
N SER C 363 25.31 -3.15 19.89
CA SER C 363 25.31 -1.72 20.21
C SER C 363 25.26 -1.48 21.71
N LEU C 364 24.44 -2.27 22.42
CA LEU C 364 24.42 -2.18 23.87
C LEU C 364 25.82 -2.46 24.45
N LYS C 365 26.42 -3.55 23.99
CA LYS C 365 27.82 -3.86 24.32
C LYS C 365 28.76 -2.68 24.11
N ASP C 366 28.65 -2.04 22.96
CA ASP C 366 29.55 -0.97 22.59
C ASP C 366 29.30 0.23 23.51
N PHE C 367 28.03 0.57 23.67
CA PHE C 367 27.65 1.68 24.52
C PHE C 367 28.16 1.56 25.95
N LEU C 368 28.26 0.33 26.43
CA LEU C 368 28.55 0.10 27.84
C LEU C 368 29.91 -0.55 27.99
N HIS C 369 30.67 -0.61 26.91
CA HIS C 369 31.89 -1.44 26.85
C HIS C 369 32.82 -1.37 28.07
N ASP C 370 33.38 -0.21 28.34
CA ASP C 370 34.31 -0.07 29.45
C ASP C 370 33.73 -0.38 30.84
N GLU C 371 32.45 -0.05 31.05
CA GLU C 371 31.80 -0.37 32.32
C GLU C 371 31.65 -1.87 32.50
N VAL C 372 31.27 -2.56 31.44
CA VAL C 372 31.14 -4.01 31.46
C VAL C 372 32.49 -4.64 31.85
N VAL C 373 33.55 -4.23 31.16
CA VAL C 373 34.89 -4.75 31.45
C VAL C 373 35.24 -4.47 32.91
N ARG C 374 34.99 -3.24 33.38
CA ARG C 374 35.27 -2.94 34.78
C ARG C 374 34.45 -3.84 35.72
N ARG C 375 33.14 -3.97 35.49
CA ARG C 375 32.29 -4.83 36.32
C ARG C 375 32.77 -6.27 36.27
N SER C 376 32.98 -6.79 35.06
CA SER C 376 33.55 -8.14 34.87
C SER C 376 34.74 -8.43 35.81
N VAL C 377 35.77 -7.60 35.70
CA VAL C 377 36.98 -7.78 36.48
C VAL C 377 36.64 -7.74 37.98
N GLU C 378 35.81 -6.81 38.39
CA GLU C 378 35.37 -6.74 39.80
C GLU C 378 34.71 -8.01 40.32
N GLU C 379 34.16 -8.83 39.43
CA GLU C 379 33.45 -10.02 39.87
C GLU C 379 34.16 -11.26 39.44
N GLY C 380 35.45 -11.10 39.16
CA GLY C 380 36.31 -12.15 38.66
C GLY C 380 35.67 -12.96 37.55
N LEU C 381 35.05 -12.31 36.58
CA LEU C 381 34.54 -13.03 35.45
C LEU C 381 35.47 -12.88 34.26
N GLY C 382 36.59 -12.17 34.48
CA GLY C 382 37.59 -11.92 33.45
C GLY C 382 37.21 -10.73 32.59
N GLU C 383 38.20 -10.06 32.03
CA GLU C 383 37.94 -8.87 31.21
C GLU C 383 37.40 -9.22 29.83
N ASP C 384 37.57 -10.46 29.42
CA ASP C 384 36.96 -10.96 28.18
C ASP C 384 35.56 -11.54 28.40
N PHE C 385 34.98 -11.34 29.58
CA PHE C 385 33.60 -11.77 29.78
C PHE C 385 32.64 -11.16 28.77
N ILE C 386 32.80 -9.88 28.43
CA ILE C 386 31.95 -9.24 27.41
C ILE C 386 31.84 -10.05 26.12
N ASP C 387 32.92 -10.71 25.71
CA ASP C 387 32.93 -11.46 24.49
C ASP C 387 32.31 -12.83 24.65
N LYS C 388 32.16 -13.28 25.89
CA LYS C 388 31.41 -14.51 26.13
C LYS C 388 29.89 -14.31 26.03
N ILE C 389 29.44 -13.07 26.19
CA ILE C 389 28.02 -12.73 26.01
C ILE C 389 27.71 -12.76 24.51
N ALA C 390 26.73 -13.54 24.10
CA ALA C 390 26.35 -13.59 22.69
C ALA C 390 25.61 -12.32 22.29
N ASP C 391 25.58 -12.07 20.99
CA ASP C 391 24.86 -10.96 20.43
C ASP C 391 24.45 -11.37 19.02
N GLU C 392 23.74 -10.52 18.31
CA GLU C 392 23.20 -10.88 16.99
C GLU C 392 24.22 -11.23 15.90
N THR C 393 25.48 -10.85 16.07
CA THR C 393 26.50 -11.19 15.06
C THR C 393 26.81 -12.67 15.23
N ILE C 394 26.40 -13.19 16.38
CA ILE C 394 26.47 -14.61 16.70
C ILE C 394 25.18 -15.29 16.22
N GLY C 395 24.04 -14.82 16.71
CA GLY C 395 22.80 -15.46 16.35
C GLY C 395 21.63 -14.80 17.04
N THR C 396 20.41 -15.12 16.62
CA THR C 396 19.20 -14.56 17.23
C THR C 396 18.36 -15.64 17.88
N THR C 397 18.76 -16.90 17.69
CA THR C 397 18.05 -18.04 18.28
C THR C 397 18.92 -18.75 19.31
N VAL C 398 18.27 -19.46 20.24
CA VAL C 398 18.96 -20.30 21.26
C VAL C 398 19.84 -21.30 20.51
N ASP C 399 19.27 -21.86 19.44
CA ASP C 399 19.90 -22.86 18.63
C ASP C 399 21.27 -22.39 18.15
N GLU C 400 21.34 -21.13 17.74
CA GLU C 400 22.60 -20.52 17.33
C GLU C 400 23.44 -20.18 18.53
N ILE C 401 22.90 -19.47 19.51
CA ILE C 401 23.76 -18.93 20.56
C ILE C 401 24.26 -19.94 21.59
N LEU C 402 23.49 -20.98 21.87
CA LEU C 402 23.87 -21.93 22.91
C LEU C 402 25.26 -22.55 22.67
N PRO C 403 25.50 -23.11 21.47
CA PRO C 403 26.81 -23.65 21.16
C PRO C 403 27.93 -22.64 21.40
N TYR C 404 27.62 -21.37 21.12
CA TYR C 404 28.57 -20.29 21.36
C TYR C 404 28.80 -20.09 22.87
N LEU C 405 27.73 -20.15 23.65
CA LEU C 405 27.86 -20.07 25.09
C LEU C 405 28.78 -21.17 25.65
N GLU C 406 28.58 -22.38 25.13
CA GLU C 406 29.31 -23.55 25.56
C GLU C 406 30.76 -23.46 25.16
N GLU C 407 30.97 -23.06 23.92
CA GLU C 407 32.30 -22.84 23.35
C GLU C 407 33.15 -21.88 24.18
N LYS C 408 32.53 -20.76 24.56
CA LYS C 408 33.19 -19.67 25.27
C LYS C 408 33.21 -19.85 26.79
N GLY C 409 32.62 -20.95 27.25
CA GLY C 409 32.47 -21.25 28.68
C GLY C 409 31.81 -20.16 29.50
N HIS C 410 30.63 -19.72 29.08
CA HIS C 410 29.93 -18.64 29.75
C HIS C 410 29.52 -19.08 31.14
N PRO C 411 29.88 -18.30 32.17
CA PRO C 411 29.62 -18.73 33.55
C PRO C 411 28.16 -19.10 33.83
N ALA C 412 27.21 -18.44 33.19
CA ALA C 412 25.78 -18.72 33.44
C ALA C 412 25.48 -20.21 33.39
N LEU C 413 26.10 -20.89 32.43
CA LEU C 413 25.77 -22.26 32.12
C LEU C 413 25.98 -23.19 33.30
N THR C 414 26.85 -22.79 34.21
CA THR C 414 27.20 -23.68 35.32
C THR C 414 26.89 -23.06 36.68
N MET C 415 26.02 -22.05 36.71
CA MET C 415 25.58 -21.48 37.98
C MET C 415 24.32 -22.23 38.44
N ASP C 416 23.75 -21.81 39.56
CA ASP C 416 22.54 -22.44 40.11
C ASP C 416 21.37 -22.26 39.16
N PRO C 417 20.40 -23.21 39.20
CA PRO C 417 19.23 -23.05 38.31
C PRO C 417 18.45 -21.78 38.64
N ILE C 418 18.63 -20.73 37.84
CA ILE C 418 17.94 -19.50 38.10
C ILE C 418 16.41 -19.73 38.21
N MET C 419 15.89 -20.64 37.39
CA MET C 419 14.46 -20.94 37.34
C MET C 419 13.83 -21.34 38.67
N ARG C 420 14.62 -21.90 39.58
CA ARG C 420 14.14 -22.23 40.93
C ARG C 420 13.92 -21.00 41.78
N SER C 421 14.50 -19.89 41.35
CA SER C 421 14.42 -18.58 41.99
C SER C 421 13.05 -17.94 41.76
N HIS C 422 12.26 -18.54 40.86
CA HIS C 422 11.09 -17.89 40.24
C HIS C 422 9.75 -18.04 40.99
N THR C 423 9.26 -16.97 41.63
CA THR C 423 7.94 -17.02 42.34
C THR C 423 6.82 -16.38 41.54
N SER C 424 5.73 -17.13 41.37
CA SER C 424 4.53 -16.64 40.71
C SER C 424 4.07 -15.29 41.27
N ARG C 425 3.37 -14.52 40.46
CA ARG C 425 2.89 -13.21 40.89
C ARG C 425 1.65 -13.34 41.80
N GLY C 426 1.28 -12.27 42.51
CA GLY C 426 0.06 -12.24 43.36
C GLY C 426 0.28 -11.94 44.86
N ILE D 6 29.19 -31.09 7.66
CA ILE D 6 28.94 -31.00 9.12
C ILE D 6 27.65 -30.25 9.44
N LYS D 7 27.61 -29.62 10.62
CA LYS D 7 26.40 -28.97 11.17
C LYS D 7 26.09 -27.59 10.53
N LEU D 8 24.81 -27.28 10.32
CA LEU D 8 24.40 -26.00 9.69
C LEU D 8 23.25 -25.42 10.50
N ASP D 9 23.53 -24.38 11.29
CA ASP D 9 22.51 -23.76 12.14
C ASP D 9 22.19 -22.38 11.64
N LEU D 10 21.10 -22.26 10.87
CA LEU D 10 20.66 -20.98 10.29
C LEU D 10 19.45 -20.37 11.04
N PRO D 11 19.29 -19.03 11.01
CA PRO D 11 18.07 -18.51 11.60
C PRO D 11 16.86 -18.54 10.63
N ILE D 12 17.02 -19.10 9.44
CA ILE D 12 15.96 -19.21 8.44
C ILE D 12 15.77 -20.68 8.08
N ASN D 13 14.58 -21.07 7.68
CA ASN D 13 14.41 -22.41 7.18
C ASN D 13 15.34 -22.65 5.99
N PHE D 14 15.65 -23.89 5.71
CA PHE D 14 16.57 -24.20 4.63
C PHE D 14 16.27 -25.60 4.15
N GLY D 15 16.12 -25.77 2.83
CA GLY D 15 15.83 -27.08 2.24
C GLY D 15 15.20 -26.94 0.88
N PRO D 16 15.07 -28.06 0.14
CA PRO D 16 14.62 -28.09 -1.25
C PRO D 16 13.31 -27.34 -1.47
N ALA D 17 12.42 -27.35 -0.48
CA ALA D 17 11.06 -26.76 -0.64
C ALA D 17 11.08 -25.25 -0.94
N PHE D 18 12.17 -24.57 -0.65
CA PHE D 18 12.17 -23.13 -0.76
C PHE D 18 12.81 -22.66 -2.04
N GLU D 19 13.22 -23.61 -2.86
CA GLU D 19 14.09 -23.32 -3.97
C GLU D 19 13.48 -22.39 -5.05
N GLY D 20 12.17 -22.51 -5.30
CA GLY D 20 11.53 -21.75 -6.34
C GLY D 20 10.88 -20.52 -5.79
N GLU D 21 11.24 -20.12 -4.58
CA GLU D 21 10.69 -18.90 -4.03
C GLU D 21 11.07 -17.73 -4.92
N SER D 22 10.24 -16.70 -4.98
CA SER D 22 10.74 -15.45 -5.59
C SER D 22 10.57 -14.26 -4.68
N ILE D 23 11.41 -13.25 -4.79
CA ILE D 23 11.33 -12.10 -3.92
C ILE D 23 10.99 -10.81 -4.72
N ARG D 24 9.82 -10.26 -4.49
CA ARG D 24 9.41 -9.07 -5.23
C ARG D 24 10.09 -7.80 -4.70
N LYS D 25 10.29 -6.79 -5.54
CA LYS D 25 10.97 -5.59 -5.10
C LYS D 25 10.40 -5.10 -3.75
N GLY D 26 9.10 -5.16 -3.55
CA GLY D 26 8.50 -4.72 -2.33
C GLY D 26 8.94 -5.49 -1.10
N ASP D 27 9.29 -6.76 -1.30
CA ASP D 27 9.78 -7.60 -0.20
C ASP D 27 11.30 -7.68 -0.09
N MET D 28 12.02 -6.90 -0.88
CA MET D 28 13.45 -7.03 -0.99
C MET D 28 14.15 -6.19 0.08
N TYR D 29 15.11 -6.76 0.79
CA TYR D 29 15.83 -5.99 1.78
C TYR D 29 17.17 -5.49 1.23
N VAL D 30 17.91 -6.37 0.55
CA VAL D 30 18.99 -5.95 -0.36
C VAL D 30 18.86 -6.66 -1.64
N GLU D 31 19.68 -6.20 -2.56
CA GLU D 31 19.75 -6.74 -3.89
C GLU D 31 21.21 -6.54 -4.24
N MET D 32 21.79 -7.50 -4.95
CA MET D 32 23.12 -7.27 -5.47
C MET D 32 23.23 -7.97 -6.77
N GLY D 33 24.03 -7.40 -7.67
CA GLY D 33 24.21 -7.96 -9.02
C GLY D 33 23.08 -7.60 -10.00
N GLY D 34 22.81 -8.53 -10.91
CA GLY D 34 21.81 -8.36 -11.94
C GLY D 34 21.89 -7.08 -12.75
N ASN D 35 23.10 -6.59 -12.94
CA ASN D 35 23.26 -5.31 -13.60
C ASN D 35 22.81 -4.11 -12.83
N ARG D 36 22.35 -4.30 -11.60
CA ARG D 36 22.13 -3.20 -10.68
C ARG D 36 23.40 -2.80 -9.94
N THR D 37 24.28 -3.74 -9.65
CA THR D 37 25.58 -3.42 -9.02
C THR D 37 26.52 -4.52 -9.47
N PRO D 38 27.82 -4.24 -9.54
CA PRO D 38 28.75 -5.30 -9.92
C PRO D 38 28.74 -6.47 -8.90
N ALA D 39 28.75 -7.70 -9.39
CA ALA D 39 28.77 -8.86 -8.49
C ALA D 39 29.28 -10.07 -9.24
N PHE D 40 30.01 -10.93 -8.53
CA PHE D 40 30.48 -12.18 -9.10
C PHE D 40 30.44 -13.26 -8.03
N GLU D 41 30.69 -14.48 -8.48
CA GLU D 41 30.93 -15.64 -7.63
C GLU D 41 32.07 -16.47 -8.26
N LEU D 42 32.84 -17.14 -7.43
CA LEU D 42 33.99 -17.87 -7.91
C LEU D 42 34.34 -19.00 -6.94
N VAL D 43 34.65 -20.17 -7.53
CA VAL D 43 35.24 -21.29 -6.82
C VAL D 43 36.70 -21.45 -7.28
N ARG D 44 37.62 -21.55 -6.33
CA ARG D 44 39.07 -21.65 -6.63
C ARG D 44 39.68 -22.87 -6.01
N THR D 45 40.39 -23.66 -6.80
CA THR D 45 41.26 -24.64 -6.17
C THR D 45 42.40 -23.89 -5.48
N VAL D 46 42.59 -24.18 -4.20
CA VAL D 46 43.77 -23.71 -3.49
C VAL D 46 44.51 -24.90 -2.83
N SER D 47 45.78 -24.69 -2.49
CA SER D 47 46.56 -25.66 -1.71
C SER D 47 46.16 -25.63 -0.25
N GLU D 48 46.58 -26.63 0.52
CA GLU D 48 46.07 -26.76 1.90
C GLU D 48 46.72 -25.82 2.91
N SER D 49 47.92 -25.36 2.60
CA SER D 49 48.59 -24.35 3.43
C SER D 49 47.94 -22.95 3.34
N GLU D 50 47.30 -22.64 2.21
CA GLU D 50 46.71 -21.30 2.03
C GLU D 50 45.22 -21.18 2.39
N ILE D 51 44.69 -22.16 3.12
CA ILE D 51 43.26 -22.20 3.43
C ILE D 51 42.99 -22.51 4.91
N THR D 52 42.07 -21.77 5.51
CA THR D 52 41.58 -22.14 6.82
C THR D 52 40.19 -22.77 6.67
N ASP D 53 40.11 -24.06 6.95
CA ASP D 53 38.87 -24.80 6.76
C ASP D 53 37.80 -24.28 7.67
N GLY D 54 36.67 -23.91 7.09
CA GLY D 54 35.55 -23.42 7.90
C GLY D 54 35.49 -21.91 8.06
N LYS D 55 36.58 -21.23 7.68
CA LYS D 55 36.70 -19.78 7.89
C LYS D 55 35.85 -18.98 6.92
N ILE D 56 34.96 -18.18 7.48
CA ILE D 56 34.05 -17.31 6.72
C ILE D 56 34.30 -15.84 7.12
N GLU D 57 34.61 -14.98 6.14
CA GLU D 57 34.81 -13.54 6.43
C GLU D 57 33.92 -12.70 5.55
N VAL D 58 33.41 -11.62 6.14
CA VAL D 58 32.62 -10.66 5.38
C VAL D 58 33.41 -9.36 5.31
N ILE D 59 33.91 -9.00 4.13
CA ILE D 59 34.70 -7.76 4.01
C ILE D 59 33.81 -6.67 3.43
N GLY D 60 33.43 -5.73 4.30
CA GLY D 60 32.52 -4.65 3.90
C GLY D 60 31.29 -4.61 4.78
N PRO D 61 30.31 -3.75 4.43
CA PRO D 61 29.15 -3.59 5.34
C PRO D 61 28.27 -4.86 5.37
N ASP D 62 27.79 -5.22 6.55
CA ASP D 62 26.83 -6.32 6.68
C ASP D 62 25.37 -5.82 6.50
N ILE D 63 24.44 -6.76 6.60
CA ILE D 63 23.01 -6.51 6.44
C ILE D 63 22.46 -5.41 7.35
N ASP D 64 23.05 -5.27 8.54
CA ASP D 64 22.55 -4.31 9.49
C ASP D 64 23.28 -2.99 9.36
N GLN D 65 23.97 -2.77 8.25
CA GLN D 65 24.74 -1.53 8.05
C GLN D 65 24.45 -0.87 6.70
N ILE D 66 23.32 -1.23 6.10
CA ILE D 66 22.90 -0.65 4.83
C ILE D 66 21.42 -0.30 5.04
N PRO D 67 20.91 0.74 4.34
CA PRO D 67 19.47 0.97 4.37
C PRO D 67 18.61 -0.16 3.76
N GLU D 68 17.44 -0.34 4.34
CA GLU D 68 16.45 -1.32 3.91
C GLU D 68 16.01 -1.06 2.48
N GLY D 69 16.01 -2.08 1.64
CA GLY D 69 15.67 -1.87 0.24
C GLY D 69 16.83 -1.39 -0.64
N SER D 70 18.05 -1.32 -0.09
CA SER D 70 19.15 -0.80 -0.89
C SER D 70 19.86 -1.86 -1.72
N LYS D 71 20.93 -1.44 -2.36
CA LYS D 71 21.78 -2.26 -3.21
C LYS D 71 23.21 -2.33 -2.65
N LEU D 72 23.92 -3.38 -3.06
CA LEU D 72 25.29 -3.58 -2.60
C LEU D 72 26.01 -4.34 -3.68
N PRO D 73 27.31 -4.06 -3.88
CA PRO D 73 28.06 -4.93 -4.78
C PRO D 73 28.41 -6.24 -4.04
N LEU D 74 28.65 -7.31 -4.78
CA LEU D 74 28.82 -8.58 -4.13
C LEU D 74 29.88 -9.47 -4.76
N GLY D 75 30.80 -9.94 -3.92
CA GLY D 75 31.80 -10.94 -4.31
C GLY D 75 31.68 -12.20 -3.45
N ILE D 76 31.22 -13.30 -4.06
CA ILE D 76 31.24 -14.61 -3.42
C ILE D 76 32.49 -15.42 -3.82
N LEU D 77 33.42 -15.59 -2.87
CA LEU D 77 34.66 -16.31 -3.12
C LEU D 77 34.70 -17.57 -2.31
N VAL D 78 34.74 -18.71 -2.99
CA VAL D 78 34.76 -20.02 -2.34
C VAL D 78 36.08 -20.69 -2.72
N ASP D 79 36.98 -20.80 -1.76
CA ASP D 79 38.22 -21.53 -1.95
C ASP D 79 37.99 -22.97 -1.56
N ILE D 80 38.33 -23.90 -2.44
CA ILE D 80 38.28 -25.30 -2.11
C ILE D 80 39.69 -25.86 -2.11
N TYR D 81 39.96 -26.69 -1.11
CA TYR D 81 41.12 -27.61 -1.10
C TYR D 81 40.63 -29.04 -0.94
N GLY D 82 41.15 -29.94 -1.76
CA GLY D 82 40.84 -31.36 -1.64
C GLY D 82 41.93 -32.19 -2.26
N ARG D 83 42.22 -33.34 -1.63
CA ARG D 83 43.22 -34.28 -2.14
C ARG D 83 42.96 -34.54 -3.62
N LYS D 84 41.69 -34.78 -3.96
CA LYS D 84 41.30 -35.16 -5.32
C LYS D 84 40.78 -33.98 -6.17
N MET D 85 40.77 -32.77 -5.60
CA MET D 85 40.25 -31.61 -6.33
C MET D 85 41.16 -31.23 -7.51
N GLN D 86 40.53 -30.81 -8.61
CA GLN D 86 41.22 -30.30 -9.79
C GLN D 86 40.64 -28.97 -10.22
N ALA D 87 41.30 -28.28 -11.13
CA ALA D 87 40.80 -27.03 -11.59
C ALA D 87 39.62 -27.26 -12.56
N ASP D 88 39.65 -28.40 -13.26
CA ASP D 88 38.56 -28.78 -14.17
C ASP D 88 37.24 -28.91 -13.45
N PHE D 89 37.29 -29.03 -12.12
CA PHE D 89 36.09 -29.27 -11.32
C PHE D 89 35.46 -27.99 -10.80
N GLU D 90 36.20 -26.88 -10.93
CA GLU D 90 35.78 -25.62 -10.32
C GLU D 90 34.40 -25.18 -10.83
N GLY D 91 34.21 -25.26 -12.16
CA GLY D 91 32.95 -24.87 -12.81
C GLY D 91 31.77 -25.71 -12.35
N VAL D 92 32.07 -26.94 -11.94
CA VAL D 92 31.05 -27.84 -11.48
C VAL D 92 30.59 -27.44 -10.11
N LEU D 93 31.50 -27.11 -9.21
CA LEU D 93 31.09 -26.68 -7.87
C LEU D 93 30.39 -25.34 -7.93
N GLU D 94 30.95 -24.46 -8.75
CA GLU D 94 30.44 -23.11 -8.85
C GLU D 94 28.97 -23.05 -9.27
N ARG D 95 28.57 -23.90 -10.21
CA ARG D 95 27.16 -24.01 -10.59
C ARG D 95 26.21 -24.21 -9.39
N ARG D 96 26.70 -24.86 -8.34
CA ARG D 96 25.81 -25.27 -7.28
C ARG D 96 25.53 -24.19 -6.26
N ILE D 97 26.38 -23.16 -6.25
CA ILE D 97 26.15 -21.98 -5.45
C ILE D 97 24.69 -21.54 -5.65
N HIS D 98 24.23 -21.58 -6.90
CA HIS D 98 22.86 -21.28 -7.27
C HIS D 98 21.83 -22.03 -6.40
N ASP D 99 21.73 -23.35 -6.48
CA ASP D 99 20.72 -23.97 -5.65
C ASP D 99 21.05 -23.94 -4.19
N PHE D 100 22.32 -24.00 -3.84
CA PHE D 100 22.72 -23.93 -2.45
C PHE D 100 22.07 -22.73 -1.81
N ILE D 101 22.15 -21.58 -2.46
CA ILE D 101 21.59 -20.38 -1.87
C ILE D 101 20.05 -20.37 -1.90
N ASN D 102 19.48 -20.79 -3.04
CA ASN D 102 18.02 -20.91 -3.20
C ASN D 102 17.32 -21.86 -2.17
N TYR D 103 18.07 -22.73 -1.52
CA TYR D 103 17.51 -23.57 -0.46
C TYR D 103 17.11 -22.83 0.81
N GLY D 104 17.76 -21.67 1.04
CA GLY D 104 17.43 -20.79 2.15
C GLY D 104 16.19 -19.98 1.85
N GLU D 105 15.19 -20.09 2.74
CA GLU D 105 13.99 -19.32 2.60
C GLU D 105 14.28 -17.81 2.79
N GLY D 106 13.98 -16.99 1.76
CA GLY D 106 14.22 -15.54 1.81
C GLY D 106 15.49 -15.16 1.11
N LEU D 107 16.14 -16.19 0.56
CA LEU D 107 17.35 -16.02 -0.24
C LEU D 107 17.05 -16.44 -1.66
N TRP D 108 17.40 -15.58 -2.61
CA TRP D 108 17.18 -15.80 -4.01
C TRP D 108 18.48 -15.58 -4.80
N HIS D 109 18.74 -16.49 -5.74
CA HIS D 109 19.91 -16.38 -6.59
C HIS D 109 19.59 -16.79 -8.02
N THR D 110 20.11 -16.04 -8.98
CA THR D 110 20.05 -16.44 -10.38
C THR D 110 21.29 -15.97 -11.08
N GLY D 111 21.55 -16.54 -12.25
CA GLY D 111 22.65 -16.08 -13.08
C GLY D 111 23.89 -16.90 -12.82
N GLN D 112 25.03 -16.39 -13.27
CA GLN D 112 26.28 -17.13 -13.13
C GLN D 112 27.46 -16.18 -13.27
N ARG D 113 28.63 -16.62 -12.79
CA ARG D 113 29.90 -15.83 -12.87
C ARG D 113 29.73 -14.36 -12.45
N ASN D 114 30.04 -13.43 -13.34
CA ASN D 114 29.84 -12.02 -13.00
C ASN D 114 28.59 -11.42 -13.65
N ILE D 115 27.61 -12.25 -13.97
CA ILE D 115 26.22 -11.79 -14.00
C ILE D 115 25.34 -12.66 -13.11
N ASN D 116 25.70 -12.78 -11.84
CA ASN D 116 24.79 -13.39 -10.91
C ASN D 116 23.93 -12.26 -10.44
N TRP D 117 22.90 -12.58 -9.67
CA TRP D 117 21.90 -11.60 -9.19
C TRP D 117 21.27 -12.18 -7.92
N LEU D 118 21.28 -11.41 -6.83
CA LEU D 118 20.81 -11.97 -5.58
C LEU D 118 19.89 -10.99 -4.88
N ARG D 119 18.95 -11.55 -4.12
CA ARG D 119 18.06 -10.76 -3.30
C ARG D 119 17.88 -11.44 -1.98
N VAL D 120 17.79 -10.65 -0.90
CA VAL D 120 17.47 -11.22 0.41
C VAL D 120 16.17 -10.58 0.77
N SER D 121 15.25 -11.38 1.28
CA SER D 121 13.94 -10.84 1.72
C SER D 121 13.96 -10.10 3.05
N LYS D 122 12.98 -9.21 3.22
CA LYS D 122 12.76 -8.51 4.49
C LYS D 122 12.52 -9.48 5.65
N ASP D 123 11.74 -10.51 5.40
CA ASP D 123 11.54 -11.57 6.38
C ASP D 123 12.80 -12.25 6.84
N ALA D 124 13.69 -12.56 5.89
CA ALA D 124 14.93 -13.29 6.21
C ALA D 124 15.72 -12.43 7.19
N VAL D 125 15.78 -11.15 6.89
CA VAL D 125 16.47 -10.21 7.72
C VAL D 125 15.83 -10.15 9.10
N ALA D 126 14.50 -10.04 9.16
CA ALA D 126 13.80 -9.94 10.44
C ALA D 126 14.03 -11.18 11.31
N LYS D 127 14.16 -12.34 10.66
CA LYS D 127 14.42 -13.59 11.34
C LYS D 127 15.84 -13.65 11.88
N GLY D 128 16.76 -12.96 11.24
CA GLY D 128 18.14 -12.99 11.70
C GLY D 128 19.25 -13.20 10.69
N PHE D 129 18.91 -13.41 9.44
CA PHE D 129 19.92 -13.61 8.40
C PHE D 129 20.95 -12.50 8.40
N ARG D 130 22.22 -12.89 8.32
CA ARG D 130 23.30 -11.98 8.00
C ARG D 130 24.27 -12.65 7.01
N PHE D 131 25.15 -11.86 6.40
CA PHE D 131 26.01 -12.37 5.31
C PHE D 131 26.85 -13.61 5.63
N LYS D 132 27.29 -13.71 6.87
CA LYS D 132 27.95 -14.88 7.42
C LYS D 132 27.29 -16.19 6.98
N ASN D 133 25.97 -16.15 6.86
CA ASN D 133 25.14 -17.32 6.62
C ASN D 133 25.27 -17.81 5.20
N TYR D 134 25.63 -16.90 4.31
CA TYR D 134 26.00 -17.30 2.96
C TYR D 134 27.17 -18.28 3.09
N GLY D 135 28.16 -17.86 3.87
CA GLY D 135 29.36 -18.65 4.06
C GLY D 135 29.04 -19.99 4.67
N GLU D 136 28.19 -19.99 5.69
CA GLU D 136 27.81 -21.22 6.37
C GLU D 136 27.16 -22.21 5.41
N ILE D 137 26.23 -21.72 4.59
CA ILE D 137 25.52 -22.56 3.63
C ILE D 137 26.49 -23.21 2.66
N LEU D 138 27.30 -22.38 2.03
CA LEU D 138 28.30 -22.83 1.09
C LEU D 138 29.27 -23.86 1.69
N VAL D 139 29.88 -23.56 2.84
CA VAL D 139 30.79 -24.50 3.47
C VAL D 139 30.10 -25.84 3.70
N ALA D 140 28.98 -25.81 4.42
CA ALA D 140 28.17 -27.00 4.66
C ALA D 140 27.91 -27.79 3.38
N LYS D 141 27.30 -27.13 2.40
CA LYS D 141 26.78 -27.82 1.23
C LYS D 141 27.87 -28.32 0.27
N MET D 142 28.97 -27.58 0.20
CA MET D 142 30.06 -28.01 -0.65
C MET D 142 30.61 -29.34 -0.15
N LYS D 143 30.85 -29.41 1.16
CA LYS D 143 31.38 -30.63 1.78
C LYS D 143 30.40 -31.77 1.56
N GLU D 144 29.12 -31.49 1.75
CA GLU D 144 28.09 -32.50 1.70
C GLU D 144 27.93 -33.04 0.27
N GLU D 145 27.86 -32.16 -0.71
CA GLU D 145 27.61 -32.63 -2.07
C GLU D 145 28.80 -33.25 -2.72
N PHE D 146 30.00 -32.85 -2.31
CA PHE D 146 31.20 -33.31 -3.01
C PHE D 146 32.21 -34.02 -2.11
N PRO D 147 31.78 -35.13 -1.47
CA PRO D 147 32.54 -35.64 -0.33
C PRO D 147 33.90 -36.18 -0.71
N ALA D 148 34.06 -36.65 -1.93
CA ALA D 148 35.32 -37.24 -2.36
C ALA D 148 36.32 -36.20 -2.91
N ILE D 149 35.81 -35.00 -3.17
CA ILE D 149 36.50 -33.93 -3.92
C ILE D 149 36.88 -32.77 -3.00
N VAL D 150 36.05 -32.53 -2.00
CA VAL D 150 36.20 -31.37 -1.15
C VAL D 150 36.56 -31.79 0.27
N ASP D 151 37.83 -31.56 0.63
CA ASP D 151 38.31 -31.72 2.00
C ASP D 151 38.03 -30.48 2.81
N ARG D 152 38.42 -29.31 2.31
CA ARG D 152 38.33 -28.07 3.08
C ARG D 152 37.76 -26.88 2.30
N VAL D 153 36.90 -26.12 2.98
CA VAL D 153 36.22 -24.98 2.38
C VAL D 153 36.43 -23.68 3.17
N GLN D 154 36.67 -22.59 2.42
CA GLN D 154 36.77 -21.24 2.97
C GLN D 154 35.97 -20.32 2.11
N VAL D 155 35.15 -19.49 2.73
CA VAL D 155 34.28 -18.59 1.98
C VAL D 155 34.54 -17.16 2.43
N THR D 156 34.58 -16.26 1.43
CA THR D 156 34.71 -14.82 1.66
C THR D 156 33.62 -14.09 0.91
N ILE D 157 32.85 -13.26 1.64
CA ILE D 157 31.74 -12.45 1.10
C ILE D 157 32.19 -11.01 1.06
N PHE D 158 32.41 -10.51 -0.14
CA PHE D 158 32.89 -9.15 -0.30
C PHE D 158 31.71 -8.25 -0.60
N THR D 159 31.51 -7.21 0.21
CA THR D 159 30.49 -6.19 -0.08
C THR D 159 31.08 -4.79 -0.18
N ASP D 160 32.35 -4.63 0.20
CA ASP D 160 33.06 -3.36 0.02
C ASP D 160 33.27 -3.01 -1.45
N GLU D 161 32.88 -1.81 -1.88
CA GLU D 161 32.97 -1.42 -3.31
C GLU D 161 34.37 -1.73 -3.90
N ALA D 162 35.43 -1.24 -3.26
CA ALA D 162 36.80 -1.46 -3.76
C ALA D 162 37.17 -2.95 -3.87
N LYS D 163 37.00 -3.73 -2.82
CA LYS D 163 37.34 -5.13 -2.88
C LYS D 163 36.56 -5.93 -3.98
N VAL D 164 35.28 -5.62 -4.19
CA VAL D 164 34.57 -6.27 -5.26
C VAL D 164 35.24 -6.00 -6.62
N LYS D 165 35.66 -4.75 -6.85
CA LYS D 165 36.30 -4.42 -8.13
C LYS D 165 37.62 -5.21 -8.31
N GLU D 166 38.42 -5.22 -7.24
CA GLU D 166 39.71 -5.91 -7.24
C GLU D 166 39.52 -7.41 -7.56
N TYR D 167 38.65 -8.06 -6.82
CA TYR D 167 38.52 -9.49 -6.96
C TYR D 167 37.76 -9.90 -8.21
N MET D 168 36.96 -8.97 -8.74
CA MET D 168 36.38 -9.20 -10.06
C MET D 168 37.44 -9.72 -11.00
N GLU D 169 38.62 -9.10 -10.96
CA GLU D 169 39.69 -9.48 -11.87
C GLU D 169 40.20 -10.88 -11.61
N VAL D 170 40.38 -11.22 -10.34
CA VAL D 170 40.81 -12.55 -9.97
C VAL D 170 39.83 -13.52 -10.63
N ALA D 171 38.53 -13.24 -10.54
CA ALA D 171 37.51 -14.09 -11.12
C ALA D 171 37.52 -14.08 -12.66
N ARG D 172 37.55 -12.89 -13.28
CA ARG D 172 37.63 -12.73 -14.75
C ARG D 172 38.72 -13.64 -15.32
N GLU D 173 39.87 -13.63 -14.64
CA GLU D 173 41.05 -14.36 -15.05
C GLU D 173 40.69 -15.85 -15.05
N LYS D 174 40.14 -16.32 -13.93
CA LYS D 174 39.70 -17.71 -13.86
C LYS D 174 38.69 -18.06 -14.96
N TYR D 175 37.63 -17.23 -15.14
CA TYR D 175 36.63 -17.44 -16.21
C TYR D 175 37.30 -17.60 -17.57
N LYS D 176 38.21 -16.69 -17.89
CA LYS D 176 38.90 -16.71 -19.17
C LYS D 176 39.62 -18.06 -19.33
N GLU D 177 40.22 -18.52 -18.25
CA GLU D 177 41.02 -19.72 -18.37
C GLU D 177 40.14 -20.95 -18.59
N ARG D 178 38.89 -20.86 -18.16
CA ARG D 178 37.93 -21.92 -18.36
C ARG D 178 37.45 -21.92 -19.81
N ASP D 179 37.14 -20.73 -20.31
CA ASP D 179 36.70 -20.56 -21.69
C ASP D 179 37.76 -21.04 -22.66
N ASP D 180 39.03 -20.94 -22.25
CA ASP D 180 40.15 -21.35 -23.09
C ASP D 180 40.12 -22.84 -23.32
N ARG D 181 39.91 -23.61 -22.26
CA ARG D 181 39.80 -25.05 -22.41
C ARG D 181 38.73 -25.47 -23.42
N MET D 182 37.75 -24.60 -23.64
CA MET D 182 36.64 -24.85 -24.56
C MET D 182 36.99 -24.60 -26.04
N ARG D 183 38.10 -23.86 -26.23
CA ARG D 183 38.54 -23.31 -27.54
C ARG D 183 38.52 -24.30 -28.70
N GLY D 184 39.23 -25.41 -28.55
CA GLY D 184 39.28 -26.37 -29.64
C GLY D 184 37.95 -27.03 -30.02
N LEU D 185 36.99 -27.07 -29.11
CA LEU D 185 35.98 -28.11 -29.17
C LEU D 185 34.81 -27.71 -30.00
N THR D 186 34.46 -28.52 -30.99
CA THR D 186 33.21 -28.33 -31.75
C THR D 186 32.28 -29.54 -31.72
N ASP D 187 31.02 -29.32 -32.08
CA ASP D 187 30.05 -30.39 -32.13
C ASP D 187 30.48 -31.50 -33.10
N GLU D 188 31.06 -31.14 -34.26
CA GLU D 188 31.42 -32.14 -35.27
C GLU D 188 32.55 -33.03 -34.75
N THR D 189 33.40 -32.47 -33.88
CA THR D 189 34.63 -33.15 -33.53
C THR D 189 34.60 -33.84 -32.16
N VAL D 190 33.45 -33.89 -31.52
CA VAL D 190 33.25 -34.74 -30.33
C VAL D 190 32.23 -35.82 -30.66
N ASP D 191 32.35 -36.98 -30.01
CA ASP D 191 31.40 -38.07 -30.26
C ASP D 191 30.41 -38.25 -29.10
N THR D 192 30.50 -37.39 -28.09
CA THR D 192 29.59 -37.47 -26.96
C THR D 192 28.95 -36.11 -26.61
N PHE D 193 27.64 -36.09 -26.39
CA PHE D 193 26.96 -34.96 -25.76
C PHE D 193 26.57 -35.34 -24.34
N TYR D 194 26.05 -34.38 -23.58
CA TYR D 194 25.65 -34.65 -22.21
C TYR D 194 24.26 -34.09 -21.96
N SER D 195 23.47 -34.83 -21.19
CA SER D 195 22.17 -34.34 -20.75
C SER D 195 22.39 -33.68 -19.38
N CYS D 196 21.45 -32.85 -18.97
CA CYS D 196 21.46 -32.31 -17.63
C CYS D 196 20.04 -32.26 -17.14
N VAL D 197 19.86 -32.62 -15.88
CA VAL D 197 18.51 -32.69 -15.27
C VAL D 197 18.46 -31.98 -13.91
N LEU D 198 19.56 -31.31 -13.54
CA LEU D 198 19.65 -30.55 -12.28
C LEU D 198 18.38 -29.72 -11.98
N CYS D 199 17.74 -29.20 -13.02
CA CYS D 199 16.63 -28.28 -12.80
C CYS D 199 15.24 -28.94 -12.76
N GLN D 200 15.22 -30.27 -12.76
CA GLN D 200 13.94 -30.98 -12.68
C GLN D 200 13.19 -30.74 -11.40
N SER D 201 13.84 -30.12 -10.42
CA SER D 201 13.15 -29.67 -9.20
C SER D 201 12.28 -28.47 -9.56
N PHE D 202 12.63 -27.74 -10.61
CA PHE D 202 11.81 -26.61 -11.02
C PHE D 202 10.82 -27.04 -12.10
N ALA D 203 11.29 -27.79 -13.08
CA ALA D 203 10.44 -28.35 -14.14
C ALA D 203 10.75 -29.84 -14.28
N PRO D 204 9.88 -30.67 -13.70
CA PRO D 204 10.12 -32.09 -13.60
C PRO D 204 10.45 -32.79 -14.89
N ASN D 205 10.09 -32.24 -16.06
CA ASN D 205 10.38 -32.99 -17.31
C ASN D 205 11.37 -32.32 -18.20
N HIS D 206 11.96 -31.23 -17.73
CA HIS D 206 12.87 -30.51 -18.55
C HIS D 206 14.20 -31.22 -18.59
N VAL D 207 14.81 -31.26 -19.78
CA VAL D 207 16.16 -31.77 -19.92
C VAL D 207 16.91 -30.81 -20.83
N CYS D 208 18.08 -30.35 -20.42
CA CYS D 208 19.03 -29.68 -21.30
C CYS D 208 19.90 -30.70 -22.03
N ILE D 209 20.15 -30.46 -23.31
CA ILE D 209 21.18 -31.22 -24.01
C ILE D 209 22.33 -30.25 -24.21
N VAL D 210 23.48 -30.60 -23.65
CA VAL D 210 24.64 -29.72 -23.68
C VAL D 210 25.63 -30.25 -24.72
N THR D 211 26.01 -29.39 -25.67
CA THR D 211 27.02 -29.75 -26.69
C THR D 211 28.15 -28.73 -26.59
N PRO D 212 29.34 -29.02 -27.13
CA PRO D 212 30.43 -28.06 -27.04
C PRO D 212 30.05 -26.69 -27.58
N GLU D 213 29.06 -26.64 -28.48
CA GLU D 213 28.65 -25.37 -29.06
C GLU D 213 27.28 -24.86 -28.53
N ARG D 214 26.69 -25.60 -27.62
CA ARG D 214 25.50 -25.10 -26.93
C ARG D 214 25.57 -25.28 -25.41
N VAL D 215 25.99 -24.21 -24.71
CA VAL D 215 26.03 -24.18 -23.25
C VAL D 215 24.64 -24.48 -22.72
N GLY D 216 24.55 -25.05 -21.53
CA GLY D 216 23.29 -25.11 -20.80
C GLY D 216 22.54 -23.79 -20.78
N LEU D 217 21.22 -23.88 -20.71
CA LEU D 217 20.40 -22.69 -20.79
C LEU D 217 20.64 -21.65 -19.67
N CYS D 218 21.23 -22.09 -18.56
CA CYS D 218 21.66 -21.23 -17.47
C CYS D 218 23.00 -20.55 -17.79
N GLY D 219 23.62 -20.94 -18.89
CA GLY D 219 24.93 -20.43 -19.27
C GLY D 219 26.05 -20.79 -18.34
N ALA D 220 25.81 -21.75 -17.44
CA ALA D 220 26.78 -22.12 -16.41
C ALA D 220 27.13 -23.60 -16.46
N VAL D 221 26.70 -24.31 -17.49
CA VAL D 221 27.16 -25.67 -17.65
C VAL D 221 27.72 -25.81 -19.07
N SER D 222 29.04 -25.81 -19.21
CA SER D 222 29.64 -26.05 -20.50
C SER D 222 29.76 -27.56 -20.74
N TRP D 223 30.01 -27.94 -22.00
CA TRP D 223 30.24 -29.33 -22.34
C TRP D 223 31.33 -29.87 -21.42
N LEU D 224 32.33 -29.07 -21.11
CA LEU D 224 33.39 -29.54 -20.25
C LEU D 224 32.89 -29.73 -18.83
N ASP D 225 32.13 -28.77 -18.34
CA ASP D 225 31.51 -28.87 -17.03
C ASP D 225 30.67 -30.12 -16.88
N ALA D 226 29.83 -30.42 -17.88
CA ALA D 226 28.96 -31.60 -17.82
C ALA D 226 29.79 -32.88 -17.79
N LYS D 227 30.78 -32.95 -18.68
CA LYS D 227 31.75 -34.05 -18.70
C LYS D 227 32.39 -34.25 -17.33
N ALA D 228 32.87 -33.14 -16.75
CA ALA D 228 33.54 -33.17 -15.46
C ALA D 228 32.58 -33.68 -14.39
N SER D 229 31.33 -33.22 -14.46
CA SER D 229 30.36 -33.55 -13.45
C SER D 229 30.11 -35.04 -13.47
N TYR D 230 29.98 -35.59 -14.67
CA TYR D 230 29.68 -36.99 -14.81
C TYR D 230 30.79 -37.84 -14.19
N GLU D 231 32.04 -37.43 -14.44
CA GLU D 231 33.21 -38.10 -13.92
C GLU D 231 33.22 -38.04 -12.40
N ILE D 232 32.89 -36.88 -11.85
CA ILE D 232 32.80 -36.70 -10.40
C ILE D 232 31.78 -37.65 -9.80
N ASN D 233 30.62 -37.77 -10.45
CA ASN D 233 29.54 -38.62 -9.94
C ASN D 233 28.65 -39.24 -11.03
N HIS D 234 28.82 -40.53 -11.29
CA HIS D 234 28.08 -41.23 -12.36
C HIS D 234 26.59 -41.25 -12.18
N ALA D 235 26.14 -41.15 -10.94
CA ALA D 235 24.71 -41.17 -10.63
C ALA D 235 24.19 -39.72 -10.57
N GLY D 236 25.07 -38.76 -10.89
CA GLY D 236 24.74 -37.33 -10.86
C GLY D 236 23.86 -36.82 -11.99
N PRO D 237 23.61 -35.50 -12.01
CA PRO D 237 22.66 -34.86 -12.92
C PRO D 237 23.08 -34.88 -14.39
N ASN D 238 24.32 -35.26 -14.69
CA ASN D 238 24.78 -35.28 -16.08
C ASN D 238 25.18 -36.62 -16.59
N GLN D 239 24.59 -37.06 -17.70
CA GLN D 239 24.89 -38.35 -18.30
C GLN D 239 25.46 -38.19 -19.71
N PRO D 240 26.32 -39.13 -20.13
CA PRO D 240 26.81 -39.05 -21.51
C PRO D 240 25.79 -39.60 -22.52
N ILE D 241 25.65 -38.90 -23.65
CA ILE D 241 24.81 -39.36 -24.77
C ILE D 241 25.72 -39.49 -26.00
N PRO D 242 25.95 -40.73 -26.48
CA PRO D 242 26.71 -40.90 -27.71
C PRO D 242 25.97 -40.26 -28.85
N LYS D 243 26.67 -39.47 -29.67
CA LYS D 243 26.13 -39.02 -30.95
C LYS D 243 26.00 -40.21 -31.90
N GLU D 244 24.78 -40.61 -32.24
CA GLU D 244 24.61 -41.73 -33.14
C GLU D 244 23.26 -41.63 -33.81
N GLY D 245 23.08 -42.36 -34.91
CA GLY D 245 21.82 -42.35 -35.64
C GLY D 245 21.45 -40.94 -36.08
N GLU D 246 22.43 -40.22 -36.61
CA GLU D 246 22.21 -38.88 -37.07
C GLU D 246 21.06 -38.84 -38.06
N ILE D 247 20.00 -38.07 -37.76
CA ILE D 247 18.82 -37.95 -38.64
C ILE D 247 18.87 -36.72 -39.57
N ASP D 248 19.37 -35.60 -39.09
CA ASP D 248 19.36 -34.36 -39.85
C ASP D 248 20.52 -33.52 -39.36
N PRO D 249 21.59 -33.42 -40.18
CA PRO D 249 22.81 -32.71 -39.77
C PRO D 249 22.57 -31.21 -39.60
N ILE D 250 21.65 -30.68 -40.42
CA ILE D 250 21.37 -29.25 -40.46
C ILE D 250 20.54 -28.82 -39.27
N LYS D 251 19.41 -29.48 -39.03
CA LYS D 251 18.57 -29.17 -37.86
C LYS D 251 19.17 -29.66 -36.54
N GLY D 252 20.09 -30.61 -36.63
CA GLY D 252 20.71 -31.23 -35.47
C GLY D 252 19.77 -32.20 -34.75
N ILE D 253 19.40 -33.28 -35.44
CA ILE D 253 18.60 -34.35 -34.85
C ILE D 253 19.41 -35.65 -34.91
N TRP D 254 19.56 -36.30 -33.75
CA TRP D 254 20.22 -37.61 -33.69
C TRP D 254 19.32 -38.59 -32.96
N LYS D 255 19.12 -39.77 -33.54
CA LYS D 255 18.27 -40.80 -32.91
C LYS D 255 18.65 -40.99 -31.44
N SER D 256 19.95 -41.08 -31.16
CA SER D 256 20.39 -41.34 -29.79
C SER D 256 20.10 -40.18 -28.83
N VAL D 257 20.19 -38.94 -29.31
CA VAL D 257 19.81 -37.80 -28.49
C VAL D 257 18.30 -37.87 -28.20
N ASN D 258 17.51 -38.11 -29.23
CA ASN D 258 16.08 -38.34 -29.04
C ASN D 258 15.75 -39.42 -28.03
N ASP D 259 16.45 -40.55 -28.11
CA ASP D 259 16.29 -41.64 -27.12
C ASP D 259 16.57 -41.22 -25.68
N TYR D 260 17.72 -40.59 -25.40
CA TYR D 260 18.05 -40.23 -24.02
C TYR D 260 17.09 -39.19 -23.55
N LEU D 261 16.75 -38.25 -24.45
CA LEU D 261 15.78 -37.22 -24.15
C LEU D 261 14.47 -37.83 -23.70
N TYR D 262 13.96 -38.78 -24.46
CA TYR D 262 12.70 -39.44 -24.11
C TYR D 262 12.74 -40.07 -22.71
N THR D 263 13.87 -40.69 -22.37
CA THR D 263 14.03 -41.28 -21.05
C THR D 263 14.20 -40.24 -19.95
N ALA D 264 15.13 -39.33 -20.14
CA ALA D 264 15.39 -38.29 -19.14
C ALA D 264 14.16 -37.44 -18.85
N SER D 265 13.26 -37.33 -19.82
CA SER D 265 12.09 -36.46 -19.67
C SER D 265 10.87 -37.24 -19.23
N ASN D 266 11.07 -38.42 -18.66
CA ASN D 266 9.92 -39.24 -18.25
C ASN D 266 8.91 -39.44 -19.38
N ARG D 267 9.41 -39.86 -20.55
CA ARG D 267 8.56 -40.09 -21.71
C ARG D 267 7.71 -38.86 -22.14
N ASN D 268 8.20 -37.64 -21.93
CA ASN D 268 7.41 -36.46 -22.36
C ASN D 268 7.85 -35.79 -23.63
N LEU D 269 9.15 -35.77 -23.90
CA LEU D 269 9.67 -35.25 -25.15
C LEU D 269 10.18 -36.41 -25.99
N GLU D 270 9.97 -36.28 -27.31
CA GLU D 270 10.39 -37.33 -28.25
C GLU D 270 11.55 -36.89 -29.12
N GLN D 271 11.67 -35.58 -29.35
CA GLN D 271 12.65 -35.07 -30.27
C GLN D 271 13.14 -33.70 -29.90
N VAL D 272 14.40 -33.43 -30.17
CA VAL D 272 14.87 -32.07 -30.03
C VAL D 272 15.78 -31.74 -31.21
N CYS D 273 15.73 -30.50 -31.68
CA CYS D 273 16.53 -30.07 -32.78
C CYS D 273 17.52 -29.11 -32.19
N LEU D 274 18.80 -29.46 -32.25
CA LEU D 274 19.81 -28.71 -31.56
C LEU D 274 20.06 -27.33 -32.17
N TYR D 275 19.66 -27.14 -33.41
CA TYR D 275 20.14 -25.98 -34.15
C TYR D 275 19.03 -25.12 -34.70
N THR D 276 17.79 -25.39 -34.28
CA THR D 276 16.71 -24.50 -34.66
C THR D 276 15.80 -24.18 -33.51
N LEU D 277 15.16 -23.03 -33.64
CA LEU D 277 14.11 -22.54 -32.77
C LEU D 277 12.69 -22.92 -33.27
N MET D 278 12.57 -23.38 -34.52
CA MET D 278 11.29 -23.37 -35.24
C MET D 278 10.58 -24.73 -35.26
N GLU D 279 11.28 -25.75 -34.76
CA GLU D 279 10.80 -27.12 -34.80
C GLU D 279 11.39 -27.91 -33.63
N ASN D 280 10.56 -28.66 -32.91
CA ASN D 280 11.05 -29.28 -31.66
C ASN D 280 12.21 -28.53 -30.94
N PRO D 281 12.02 -27.25 -30.55
CA PRO D 281 13.13 -26.58 -29.87
C PRO D 281 13.36 -27.14 -28.48
N MET D 282 14.48 -26.80 -27.89
CA MET D 282 14.77 -27.28 -26.57
C MET D 282 13.80 -26.69 -25.57
N THR D 283 13.42 -27.43 -24.54
CA THR D 283 12.54 -26.88 -23.50
C THR D 283 13.36 -26.06 -22.50
N SER D 284 12.67 -25.38 -21.57
CA SER D 284 13.31 -24.55 -20.54
C SER D 284 12.87 -24.92 -19.16
N CYS D 285 13.76 -24.72 -18.20
CA CYS D 285 13.38 -24.80 -16.81
C CYS D 285 13.07 -23.35 -16.34
N GLY D 286 13.58 -22.97 -15.16
CA GLY D 286 13.34 -21.65 -14.60
C GLY D 286 14.52 -20.68 -14.66
N CYS D 287 15.68 -21.07 -15.17
CA CYS D 287 16.84 -20.18 -14.98
C CYS D 287 17.58 -19.68 -16.22
N PHE D 288 16.99 -19.85 -17.40
CA PHE D 288 17.52 -19.28 -18.61
C PHE D 288 17.84 -17.82 -18.46
N GLU D 289 18.96 -17.41 -19.04
CA GLU D 289 19.40 -16.03 -18.91
C GLU D 289 18.64 -15.16 -19.90
N ALA D 290 18.29 -15.71 -21.06
CA ALA D 290 17.68 -14.93 -22.13
C ALA D 290 16.57 -15.72 -22.83
N ILE D 291 15.62 -15.02 -23.45
CA ILE D 291 14.56 -15.67 -24.18
C ILE D 291 14.60 -15.16 -25.61
N MET D 292 14.54 -16.08 -26.57
CA MET D 292 14.42 -15.74 -27.98
C MET D 292 12.97 -15.82 -28.35
N ALA D 293 12.47 -14.80 -29.03
CA ALA D 293 11.08 -14.85 -29.51
C ALA D 293 11.00 -14.44 -30.96
N ILE D 294 10.18 -15.18 -31.69
CA ILE D 294 9.96 -14.97 -33.08
C ILE D 294 9.24 -13.62 -33.33
N LEU D 295 9.66 -12.87 -34.35
CA LEU D 295 8.94 -11.64 -34.73
C LEU D 295 8.53 -11.74 -36.19
N PRO D 296 7.36 -12.36 -36.44
CA PRO D 296 7.01 -12.71 -37.82
C PRO D 296 7.15 -11.53 -38.76
N GLU D 297 6.60 -10.37 -38.41
CA GLU D 297 6.63 -9.21 -39.32
C GLU D 297 8.06 -8.77 -39.69
N CYS D 298 9.04 -9.10 -38.86
CA CYS D 298 10.40 -8.71 -39.14
C CYS D 298 11.21 -9.77 -39.81
N ASN D 299 10.56 -10.87 -40.17
CA ASN D 299 11.24 -12.07 -40.67
C ASN D 299 12.47 -12.41 -39.81
N GLY D 300 12.37 -12.15 -38.51
CA GLY D 300 13.47 -12.36 -37.58
C GLY D 300 13.09 -12.69 -36.14
N ILE D 301 14.03 -12.47 -35.21
CA ILE D 301 13.88 -12.90 -33.83
C ILE D 301 14.38 -11.81 -32.90
N MET D 302 13.72 -11.65 -31.75
CA MET D 302 14.22 -10.75 -30.70
C MET D 302 14.72 -11.56 -29.54
N ILE D 303 15.57 -10.96 -28.72
CA ILE D 303 16.07 -11.56 -27.50
C ILE D 303 15.91 -10.57 -26.37
N THR D 304 15.48 -11.03 -25.21
CA THR D 304 15.49 -10.19 -24.01
C THR D 304 16.11 -11.02 -22.88
N THR D 305 16.62 -10.35 -21.85
CA THR D 305 17.34 -11.03 -20.81
C THR D 305 16.62 -10.92 -19.47
N ARG D 306 17.06 -11.72 -18.52
CA ARG D 306 16.32 -11.83 -17.26
C ARG D 306 16.41 -10.52 -16.47
N ASP D 307 17.55 -9.87 -16.56
CA ASP D 307 17.75 -8.67 -15.81
C ASP D 307 17.23 -7.46 -16.54
N HIS D 308 16.78 -7.61 -17.80
CA HIS D 308 16.17 -6.49 -18.52
C HIS D 308 14.66 -6.38 -18.27
N ALA D 309 14.21 -5.28 -17.67
CA ALA D 309 12.80 -5.10 -17.32
C ALA D 309 11.91 -4.54 -18.43
N GLY D 310 12.49 -4.04 -19.51
CA GLY D 310 11.71 -3.21 -20.45
C GLY D 310 10.82 -3.91 -21.45
N MET D 311 9.87 -3.19 -21.97
CA MET D 311 9.05 -3.64 -23.08
C MET D 311 9.93 -4.14 -24.21
N THR D 312 9.44 -5.15 -24.94
CA THR D 312 10.09 -5.64 -26.16
C THR D 312 9.09 -5.63 -27.34
N PRO D 313 9.59 -5.75 -28.57
CA PRO D 313 8.69 -5.66 -29.70
C PRO D 313 7.76 -6.84 -29.84
N SER D 314 7.87 -7.83 -28.97
CA SER D 314 6.98 -8.96 -29.05
C SER D 314 5.70 -8.60 -28.32
N GLY D 315 5.69 -7.41 -27.72
CA GLY D 315 4.58 -6.97 -26.89
C GLY D 315 4.74 -7.24 -25.41
N MET D 316 5.59 -8.20 -25.05
CA MET D 316 5.80 -8.50 -23.63
C MET D 316 7.22 -8.31 -23.08
N THR D 317 7.33 -8.21 -21.75
CA THR D 317 8.60 -8.16 -21.07
C THR D 317 9.16 -9.56 -20.84
N PHE D 318 10.45 -9.66 -20.51
CA PHE D 318 11.04 -10.95 -20.11
C PHE D 318 10.12 -11.79 -19.19
N SER D 319 9.48 -11.17 -18.18
CA SER D 319 8.61 -11.95 -17.28
C SER D 319 7.42 -12.52 -17.94
N THR D 320 6.68 -11.72 -18.71
CA THR D 320 5.51 -12.23 -19.37
C THR D 320 5.95 -13.33 -20.35
N LEU D 321 7.05 -13.13 -21.07
CA LEU D 321 7.55 -14.13 -22.00
C LEU D 321 7.88 -15.40 -21.24
N ALA D 322 8.64 -15.26 -20.14
CA ALA D 322 9.08 -16.40 -19.29
C ALA D 322 7.89 -17.28 -18.97
N GLY D 323 6.78 -16.58 -18.71
CA GLY D 323 5.51 -17.17 -18.40
C GLY D 323 5.13 -18.11 -19.52
N MET D 324 5.24 -17.72 -20.79
CA MET D 324 4.86 -18.71 -21.80
C MET D 324 5.87 -19.85 -22.09
N ILE D 325 7.13 -19.57 -22.42
CA ILE D 325 8.08 -20.69 -22.63
C ILE D 325 8.46 -21.52 -21.39
N GLY D 326 7.86 -21.27 -20.21
CA GLY D 326 8.41 -21.87 -18.98
C GLY D 326 8.08 -23.36 -18.89
N GLY D 327 8.75 -24.05 -17.96
CA GLY D 327 8.18 -25.31 -17.40
C GLY D 327 8.27 -26.62 -18.18
N GLY D 328 9.32 -26.79 -18.99
CA GLY D 328 9.61 -28.05 -19.66
C GLY D 328 8.69 -28.39 -20.80
N THR D 329 7.87 -27.45 -21.22
CA THR D 329 7.00 -27.69 -22.37
C THR D 329 7.74 -27.15 -23.57
N GLN D 330 7.52 -27.79 -24.73
CA GLN D 330 8.14 -27.44 -26.03
C GLN D 330 7.33 -26.41 -26.83
N THR D 331 7.96 -25.25 -27.08
CA THR D 331 7.27 -24.08 -27.64
C THR D 331 7.93 -23.52 -28.91
N PRO D 332 7.60 -24.09 -30.08
CA PRO D 332 8.19 -23.60 -31.35
C PRO D 332 8.12 -22.08 -31.55
N GLY D 333 9.29 -21.44 -31.70
CA GLY D 333 9.34 -19.99 -31.93
C GLY D 333 9.87 -19.22 -30.74
N PHE D 334 10.13 -19.93 -29.66
CA PHE D 334 10.42 -19.32 -28.37
C PHE D 334 11.31 -20.29 -27.65
N MET D 335 12.41 -19.83 -27.13
CA MET D 335 13.32 -20.75 -26.53
C MET D 335 14.20 -19.99 -25.52
N GLY D 336 14.43 -20.58 -24.35
CA GLY D 336 15.38 -20.01 -23.38
C GLY D 336 16.82 -20.47 -23.65
N ILE D 337 17.77 -19.57 -23.51
CA ILE D 337 19.15 -19.87 -23.86
C ILE D 337 20.07 -19.18 -22.87
N GLY D 338 21.31 -19.67 -22.80
CA GLY D 338 22.41 -18.99 -22.12
C GLY D 338 22.85 -17.83 -22.98
N ARG D 339 23.32 -16.75 -22.36
CA ARG D 339 23.78 -15.58 -23.09
C ARG D 339 24.80 -15.94 -24.12
N THR D 340 25.81 -16.71 -23.73
CA THR D 340 26.90 -16.89 -24.67
C THR D 340 26.53 -17.74 -25.86
N TYR D 341 25.38 -18.42 -25.82
CA TYR D 341 24.94 -19.18 -26.99
C TYR D 341 24.81 -18.30 -28.23
N ILE D 342 24.44 -17.03 -28.05
CA ILE D 342 24.23 -16.07 -29.14
C ILE D 342 25.48 -15.95 -30.02
N VAL D 343 26.63 -16.17 -29.41
CA VAL D 343 27.88 -16.04 -30.15
C VAL D 343 28.49 -17.37 -30.61
N SER D 344 27.83 -18.48 -30.29
CA SER D 344 28.22 -19.79 -30.79
C SER D 344 28.12 -19.82 -32.29
N LYS D 345 29.08 -20.46 -32.96
CA LYS D 345 28.97 -20.73 -34.39
C LYS D 345 27.69 -21.49 -34.71
N LYS D 346 27.30 -22.41 -33.83
CA LYS D 346 26.11 -23.20 -34.02
C LYS D 346 24.84 -22.50 -33.63
N PHE D 347 24.89 -21.20 -33.31
CA PHE D 347 23.73 -20.46 -32.78
C PHE D 347 22.55 -20.48 -33.73
N ILE D 348 21.53 -21.29 -33.43
CA ILE D 348 20.38 -21.50 -34.34
C ILE D 348 20.82 -21.51 -35.81
N SER D 349 21.83 -22.30 -36.12
CA SER D 349 22.50 -22.17 -37.40
C SER D 349 21.55 -22.53 -38.52
N ALA D 350 20.65 -23.48 -38.21
CA ALA D 350 19.63 -23.96 -39.16
C ALA D 350 18.61 -22.89 -39.56
N ASP D 351 18.49 -21.80 -38.80
CA ASP D 351 17.55 -20.73 -39.07
C ASP D 351 18.24 -19.53 -39.69
N GLY D 352 19.53 -19.67 -39.96
CA GLY D 352 20.33 -18.59 -40.53
C GLY D 352 21.22 -17.89 -39.51
N GLY D 353 21.24 -18.39 -38.28
CA GLY D 353 22.18 -17.92 -37.25
C GLY D 353 21.99 -16.48 -36.80
N ILE D 354 23.06 -15.88 -36.31
CA ILE D 354 22.97 -14.53 -35.73
C ILE D 354 22.34 -13.43 -36.64
N ALA D 355 22.34 -13.61 -37.96
CA ALA D 355 21.68 -12.68 -38.88
C ALA D 355 20.17 -12.48 -38.59
N ARG D 356 19.53 -13.47 -37.99
CA ARG D 356 18.10 -13.34 -37.73
C ARG D 356 17.78 -12.39 -36.59
N ILE D 357 18.80 -11.97 -35.83
CA ILE D 357 18.50 -11.21 -34.63
C ILE D 357 18.26 -9.76 -34.94
N VAL D 358 17.05 -9.30 -34.62
CA VAL D 358 16.66 -7.95 -34.96
C VAL D 358 16.58 -6.97 -33.76
N TRP D 359 16.62 -7.51 -32.53
CA TRP D 359 16.44 -6.72 -31.30
C TRP D 359 17.05 -7.36 -30.04
N MET D 360 17.73 -6.56 -29.24
CA MET D 360 18.41 -7.04 -28.04
C MET D 360 18.49 -5.88 -27.09
N PRO D 361 18.55 -6.15 -25.78
CA PRO D 361 18.85 -5.05 -24.88
C PRO D 361 20.28 -4.55 -25.11
N LYS D 362 20.48 -3.25 -24.99
CA LYS D 362 21.77 -2.70 -25.25
C LYS D 362 22.83 -3.33 -24.32
N SER D 363 22.47 -3.57 -23.05
CA SER D 363 23.38 -4.24 -22.11
C SER D 363 23.85 -5.62 -22.60
N LEU D 364 22.96 -6.36 -23.29
CA LEU D 364 23.35 -7.64 -23.90
C LEU D 364 24.40 -7.42 -24.97
N LYS D 365 24.09 -6.50 -25.90
CA LYS D 365 25.03 -6.12 -26.91
C LYS D 365 26.35 -5.78 -26.25
N ASP D 366 26.32 -4.98 -25.18
CA ASP D 366 27.56 -4.54 -24.54
C ASP D 366 28.30 -5.76 -24.04
N PHE D 367 27.59 -6.63 -23.34
CA PHE D 367 28.20 -7.81 -22.77
C PHE D 367 28.89 -8.70 -23.81
N LEU D 368 28.33 -8.78 -25.01
CA LEU D 368 28.77 -9.75 -25.99
C LEU D 368 29.54 -9.07 -27.11
N HIS D 369 29.82 -7.78 -26.92
CA HIS D 369 30.20 -6.93 -28.00
C HIS D 369 31.27 -7.55 -28.93
N ASP D 370 32.48 -7.74 -28.43
CA ASP D 370 33.57 -8.22 -29.27
C ASP D 370 33.26 -9.55 -29.93
N GLU D 371 32.59 -10.42 -29.22
CA GLU D 371 32.19 -11.69 -29.75
C GLU D 371 31.26 -11.54 -30.94
N VAL D 372 30.24 -10.66 -30.82
CA VAL D 372 29.28 -10.42 -31.92
C VAL D 372 30.02 -9.90 -33.15
N VAL D 373 30.95 -8.98 -32.94
CA VAL D 373 31.74 -8.46 -34.02
C VAL D 373 32.62 -9.54 -34.69
N ARG D 374 33.20 -10.44 -33.91
CA ARG D 374 33.97 -11.56 -34.49
C ARG D 374 33.06 -12.40 -35.39
N ARG D 375 31.96 -12.90 -34.84
CA ARG D 375 31.01 -13.72 -35.59
C ARG D 375 30.44 -13.01 -36.82
N SER D 376 30.09 -11.73 -36.67
CA SER D 376 29.58 -10.94 -37.79
C SER D 376 30.53 -10.92 -38.96
N VAL D 377 31.79 -10.68 -38.67
CA VAL D 377 32.80 -10.70 -39.71
C VAL D 377 32.85 -12.10 -40.35
N GLU D 378 32.93 -13.14 -39.52
CA GLU D 378 32.98 -14.51 -40.01
C GLU D 378 31.84 -14.88 -40.96
N GLU D 379 30.72 -14.19 -40.90
CA GLU D 379 29.61 -14.56 -41.80
C GLU D 379 29.27 -13.48 -42.79
N GLY D 380 30.22 -12.58 -42.96
CA GLY D 380 30.16 -11.55 -43.95
C GLY D 380 29.00 -10.61 -43.77
N LEU D 381 28.57 -10.42 -42.52
CA LEU D 381 27.53 -9.46 -42.20
C LEU D 381 28.08 -8.09 -41.86
N GLY D 382 29.39 -7.93 -41.97
CA GLY D 382 30.02 -6.68 -41.62
C GLY D 382 30.26 -6.54 -40.12
N GLU D 383 31.31 -5.79 -39.78
CA GLU D 383 31.61 -5.49 -38.39
C GLU D 383 30.59 -4.52 -37.76
N ASP D 384 29.83 -3.84 -38.60
CA ASP D 384 28.79 -2.93 -38.15
C ASP D 384 27.46 -3.65 -37.87
N PHE D 385 27.45 -4.97 -38.04
CA PHE D 385 26.19 -5.67 -37.97
C PHE D 385 25.52 -5.36 -36.66
N ILE D 386 26.29 -5.31 -35.58
CA ILE D 386 25.75 -5.09 -34.21
C ILE D 386 24.93 -3.79 -34.03
N ASP D 387 25.24 -2.77 -34.83
CA ASP D 387 24.46 -1.55 -34.80
C ASP D 387 23.25 -1.64 -35.72
N LYS D 388 23.20 -2.67 -36.56
CA LYS D 388 22.00 -2.88 -37.33
C LYS D 388 20.93 -3.55 -36.48
N ILE D 389 21.34 -4.31 -35.47
CA ILE D 389 20.39 -4.91 -34.55
C ILE D 389 19.77 -3.82 -33.69
N ALA D 390 18.44 -3.65 -33.72
CA ALA D 390 17.79 -2.64 -32.85
C ALA D 390 17.93 -2.99 -31.36
N ASP D 391 17.83 -1.96 -30.53
CA ASP D 391 17.76 -2.08 -29.08
C ASP D 391 16.80 -1.02 -28.57
N GLU D 392 16.63 -0.96 -27.26
CA GLU D 392 15.63 -0.09 -26.63
C GLU D 392 15.92 1.42 -26.83
N THR D 393 17.14 1.74 -27.20
CA THR D 393 17.44 3.14 -27.47
C THR D 393 16.88 3.50 -28.85
N ILE D 394 16.52 2.50 -29.64
CA ILE D 394 15.85 2.76 -30.90
C ILE D 394 14.36 2.73 -30.67
N GLY D 395 13.89 1.70 -29.97
CA GLY D 395 12.44 1.52 -29.74
C GLY D 395 12.10 0.21 -29.06
N THR D 396 10.87 0.11 -28.56
CA THR D 396 10.47 -1.13 -27.91
C THR D 396 9.36 -1.82 -28.69
N THR D 397 8.93 -1.22 -29.78
CA THR D 397 7.79 -1.69 -30.56
C THR D 397 8.24 -1.94 -31.99
N VAL D 398 7.58 -2.85 -32.69
CA VAL D 398 7.86 -3.07 -34.10
C VAL D 398 7.70 -1.75 -34.88
N ASP D 399 6.72 -0.96 -34.49
CA ASP D 399 6.50 0.29 -35.14
C ASP D 399 7.73 1.21 -35.13
N GLU D 400 8.48 1.18 -34.03
CA GLU D 400 9.65 2.05 -33.91
C GLU D 400 10.83 1.38 -34.58
N ILE D 401 11.05 0.11 -34.32
CA ILE D 401 12.25 -0.53 -34.84
C ILE D 401 12.22 -0.89 -36.33
N LEU D 402 11.05 -1.12 -36.94
CA LEU D 402 11.02 -1.63 -38.32
C LEU D 402 11.60 -0.67 -39.32
N PRO D 403 11.23 0.61 -39.25
CA PRO D 403 11.88 1.62 -40.09
C PRO D 403 13.40 1.69 -39.91
N TYR D 404 13.88 1.47 -38.69
CA TYR D 404 15.29 1.48 -38.42
C TYR D 404 16.00 0.31 -39.09
N LEU D 405 15.42 -0.89 -38.97
CA LEU D 405 15.89 -2.05 -39.70
C LEU D 405 16.03 -1.79 -41.23
N GLU D 406 14.97 -1.29 -41.87
CA GLU D 406 14.97 -0.93 -43.27
C GLU D 406 16.10 0.04 -43.58
N GLU D 407 16.19 1.08 -42.77
CA GLU D 407 17.12 2.16 -43.00
C GLU D 407 18.57 1.65 -42.97
N LYS D 408 18.86 0.76 -42.01
CA LYS D 408 20.19 0.19 -41.86
C LYS D 408 20.40 -1.06 -42.72
N GLY D 409 19.37 -1.44 -43.47
CA GLY D 409 19.37 -2.65 -44.30
C GLY D 409 19.72 -3.93 -43.57
N HIS D 410 18.98 -4.24 -42.51
CA HIS D 410 19.24 -5.43 -41.69
C HIS D 410 19.02 -6.68 -42.51
N PRO D 411 20.00 -7.60 -42.52
CA PRO D 411 19.93 -8.74 -43.44
C PRO D 411 18.65 -9.60 -43.27
N ALA D 412 18.12 -9.67 -42.05
CA ALA D 412 16.92 -10.45 -41.79
C ALA D 412 15.77 -10.14 -42.75
N LEU D 413 15.58 -8.86 -43.03
CA LEU D 413 14.46 -8.39 -43.85
C LEU D 413 14.40 -9.05 -45.22
N THR D 414 15.54 -9.51 -45.74
CA THR D 414 15.57 -10.03 -47.11
C THR D 414 16.08 -11.47 -47.16
N MET D 415 15.97 -12.18 -46.03
CA MET D 415 16.21 -13.63 -46.02
C MET D 415 14.91 -14.39 -46.33
N ASP D 416 15.00 -15.72 -46.38
CA ASP D 416 13.82 -16.57 -46.63
C ASP D 416 12.84 -16.38 -45.50
N PRO D 417 11.54 -16.66 -45.76
CA PRO D 417 10.57 -16.48 -44.72
C PRO D 417 10.86 -17.51 -43.62
N ILE D 418 11.35 -17.03 -42.49
CA ILE D 418 11.64 -17.91 -41.37
C ILE D 418 10.38 -18.66 -40.92
N MET D 419 9.21 -18.00 -41.04
CA MET D 419 7.96 -18.55 -40.55
C MET D 419 7.53 -19.85 -41.26
N ARG D 420 8.01 -20.10 -42.49
CA ARG D 420 7.72 -21.37 -43.16
C ARG D 420 8.38 -22.57 -42.47
N SER D 421 9.55 -22.32 -41.85
CA SER D 421 10.28 -23.23 -40.95
C SER D 421 9.42 -23.80 -39.79
N HIS D 422 8.28 -23.19 -39.51
CA HIS D 422 7.61 -23.35 -38.24
C HIS D 422 6.71 -24.59 -38.10
N THR D 423 7.17 -25.64 -37.44
CA THR D 423 6.32 -26.83 -37.20
C THR D 423 5.62 -26.84 -35.85
N SER D 424 4.28 -26.90 -35.82
CA SER D 424 3.49 -27.04 -34.60
C SER D 424 3.91 -28.25 -33.76
N ARG D 425 3.94 -28.09 -32.45
CA ARG D 425 4.32 -29.16 -31.50
C ARG D 425 3.43 -30.40 -31.59
N GLY D 426 3.99 -31.58 -31.32
CA GLY D 426 3.19 -32.82 -31.23
C GLY D 426 3.36 -33.83 -32.35
N HIS D 427 3.38 -35.11 -31.95
CA HIS D 427 3.73 -36.31 -32.77
C HIS D 427 3.65 -36.14 -34.30
N ILE E 6 -27.57 24.55 -22.42
CA ILE E 6 -27.68 25.56 -21.33
C ILE E 6 -26.49 25.57 -20.38
N LYS E 7 -26.72 26.01 -19.14
CA LYS E 7 -25.74 26.08 -18.06
C LYS E 7 -25.51 24.68 -17.41
N LEU E 8 -24.27 24.36 -17.07
CA LEU E 8 -23.93 23.07 -16.50
C LEU E 8 -22.96 23.35 -15.36
N ASP E 9 -23.39 23.21 -14.11
CA ASP E 9 -22.48 23.47 -12.97
C ASP E 9 -22.13 22.20 -12.23
N LEU E 10 -21.08 21.52 -12.64
CA LEU E 10 -20.68 20.27 -11.99
C LEU E 10 -19.66 20.53 -10.89
N PRO E 11 -19.62 19.68 -9.85
CA PRO E 11 -18.55 19.88 -8.87
C PRO E 11 -17.23 19.26 -9.31
N ILE E 12 -17.13 18.77 -10.53
CA ILE E 12 -15.91 18.13 -11.02
C ILE E 12 -15.47 18.86 -12.28
N ASN E 13 -14.18 18.94 -12.57
CA ASN E 13 -13.75 19.49 -13.85
C ASN E 13 -14.40 18.70 -14.95
N PHE E 14 -14.52 19.32 -16.11
CA PHE E 14 -15.25 18.72 -17.22
C PHE E 14 -14.83 19.38 -18.53
N GLY E 15 -14.31 18.57 -19.44
CA GLY E 15 -13.80 19.08 -20.70
C GLY E 15 -12.97 18.11 -21.51
N PRO E 16 -12.64 18.49 -22.76
CA PRO E 16 -11.92 17.58 -23.63
C PRO E 16 -10.68 16.98 -23.01
N ALA E 17 -10.06 17.68 -22.06
CA ALA E 17 -8.73 17.32 -21.54
C ALA E 17 -8.74 16.05 -20.72
N PHE E 18 -9.91 15.68 -20.22
CA PHE E 18 -10.02 14.58 -19.25
C PHE E 18 -10.48 13.28 -19.90
N GLU E 19 -10.65 13.36 -21.22
CA GLU E 19 -11.30 12.34 -21.99
C GLU E 19 -10.60 11.01 -21.91
N GLY E 20 -9.26 11.02 -21.87
CA GLY E 20 -8.46 9.82 -21.93
C GLY E 20 -8.04 9.31 -20.56
N GLU E 21 -8.69 9.80 -19.51
CA GLU E 21 -8.37 9.40 -18.14
C GLU E 21 -8.65 7.95 -17.96
N SER E 22 -7.90 7.30 -17.09
CA SER E 22 -8.34 5.97 -16.69
C SER E 22 -8.41 5.77 -15.18
N ILE E 23 -9.21 4.82 -14.73
CA ILE E 23 -9.49 4.67 -13.34
C ILE E 23 -9.19 3.26 -12.91
N ARG E 24 -8.05 3.06 -12.26
CA ARG E 24 -7.64 1.75 -11.74
C ARG E 24 -8.55 1.28 -10.56
N LYS E 25 -8.69 -0.05 -10.40
CA LYS E 25 -9.53 -0.60 -9.32
C LYS E 25 -9.29 0.07 -7.94
N GLY E 26 -8.02 0.34 -7.62
CA GLY E 26 -7.70 0.96 -6.38
C GLY E 26 -8.29 2.33 -6.24
N ASP E 27 -8.54 3.04 -7.34
CA ASP E 27 -9.08 4.40 -7.24
C ASP E 27 -10.58 4.45 -7.49
N MET E 28 -11.16 3.28 -7.69
CA MET E 28 -12.52 3.22 -8.13
C MET E 28 -13.50 3.34 -6.96
N TYR E 29 -14.52 4.19 -7.09
CA TYR E 29 -15.53 4.28 -6.04
C TYR E 29 -16.75 3.36 -6.26
N VAL E 30 -17.32 3.42 -7.46
CA VAL E 30 -18.28 2.41 -7.94
C VAL E 30 -17.87 2.03 -9.32
N GLU E 31 -18.40 0.88 -9.72
CA GLU E 31 -18.20 0.34 -11.02
C GLU E 31 -19.56 -0.19 -11.43
N MET E 32 -19.91 -0.01 -12.70
CA MET E 32 -21.15 -0.63 -13.15
C MET E 32 -20.95 -1.11 -14.58
N GLY E 33 -21.61 -2.22 -14.93
CA GLY E 33 -21.49 -2.77 -16.26
C GLY E 33 -20.28 -3.69 -16.43
N GLY E 34 -19.68 -3.62 -17.63
CA GLY E 34 -18.52 -4.45 -17.98
C GLY E 34 -18.58 -5.94 -17.65
N ASN E 35 -19.77 -6.54 -17.70
CA ASN E 35 -19.95 -7.94 -17.23
C ASN E 35 -19.73 -8.15 -15.76
N ARG E 36 -19.40 -7.10 -15.02
CA ARG E 36 -19.49 -7.13 -13.58
C ARG E 36 -20.91 -7.01 -13.08
N THR E 37 -21.71 -6.10 -13.64
CA THR E 37 -23.16 -6.03 -13.35
C THR E 37 -23.88 -5.78 -14.67
N PRO E 38 -25.19 -6.07 -14.75
CA PRO E 38 -25.93 -5.65 -15.92
C PRO E 38 -26.03 -4.10 -16.00
N ALA E 39 -25.80 -3.56 -17.19
CA ALA E 39 -25.90 -2.14 -17.40
C ALA E 39 -26.26 -1.89 -18.85
N PHE E 40 -27.04 -0.84 -19.13
CA PHE E 40 -27.31 -0.46 -20.51
C PHE E 40 -27.39 1.05 -20.61
N GLU E 41 -27.31 1.55 -21.84
CA GLU E 41 -27.68 2.92 -22.14
C GLU E 41 -28.64 2.92 -23.35
N LEU E 42 -29.47 3.96 -23.45
CA LEU E 42 -30.46 4.06 -24.49
C LEU E 42 -30.86 5.52 -24.69
N VAL E 43 -30.98 5.88 -25.96
CA VAL E 43 -31.55 7.15 -26.40
C VAL E 43 -32.85 6.80 -27.11
N ARG E 44 -33.95 7.51 -26.76
CA ARG E 44 -35.31 7.30 -27.36
C ARG E 44 -35.91 8.59 -27.87
N THR E 45 -36.45 8.54 -29.09
CA THR E 45 -37.38 9.57 -29.52
C THR E 45 -38.67 9.36 -28.74
N VAL E 46 -39.14 10.43 -28.09
CA VAL E 46 -40.45 10.51 -27.46
C VAL E 46 -41.12 11.78 -27.97
N SER E 47 -42.46 11.80 -27.87
CA SER E 47 -43.28 12.96 -28.23
C SER E 47 -43.15 14.02 -27.14
N GLU E 48 -43.56 15.24 -27.44
CA GLU E 48 -43.35 16.33 -26.48
C GLU E 48 -44.30 16.29 -25.26
N SER E 49 -45.43 15.61 -25.38
CA SER E 49 -46.36 15.45 -24.26
C SER E 49 -45.89 14.46 -23.18
N GLU E 50 -44.99 13.55 -23.54
CA GLU E 50 -44.56 12.54 -22.59
C GLU E 50 -43.18 12.84 -21.99
N ILE E 51 -42.72 14.08 -22.08
CA ILE E 51 -41.35 14.42 -21.66
C ILE E 51 -41.31 15.66 -20.78
N THR E 52 -40.57 15.62 -19.68
CA THR E 52 -40.30 16.87 -18.97
C THR E 52 -38.87 17.33 -19.22
N ASP E 53 -38.75 18.50 -19.85
CA ASP E 53 -37.47 18.99 -20.33
C ASP E 53 -36.64 19.37 -19.15
N GLY E 54 -35.43 18.84 -19.09
CA GLY E 54 -34.53 19.13 -17.99
C GLY E 54 -34.66 18.24 -16.79
N LYS E 55 -35.68 17.38 -16.79
CA LYS E 55 -35.96 16.51 -15.66
C LYS E 55 -35.00 15.32 -15.55
N ILE E 56 -34.24 15.29 -14.46
CA ILE E 56 -33.32 14.20 -14.19
C ILE E 56 -33.76 13.45 -12.93
N GLU E 57 -33.86 12.13 -13.03
CA GLU E 57 -34.30 11.33 -11.93
C GLU E 57 -33.34 10.19 -11.72
N VAL E 58 -33.01 9.90 -10.46
CA VAL E 58 -32.24 8.71 -10.10
C VAL E 58 -33.19 7.70 -9.42
N ILE E 59 -33.44 6.55 -10.04
CA ILE E 59 -34.27 5.51 -9.40
C ILE E 59 -33.31 4.43 -8.88
N GLY E 60 -33.16 4.33 -7.57
CA GLY E 60 -32.22 3.36 -7.00
C GLY E 60 -31.31 4.08 -6.03
N PRO E 61 -30.37 3.34 -5.41
CA PRO E 61 -29.44 3.97 -4.45
C PRO E 61 -28.47 4.93 -5.12
N ASP E 62 -28.22 6.06 -4.47
CA ASP E 62 -27.20 7.00 -4.96
C ASP E 62 -25.76 6.72 -4.45
N ILE E 63 -24.81 7.48 -5.00
CA ILE E 63 -23.38 7.37 -4.64
C ILE E 63 -23.09 7.33 -3.14
N ASP E 64 -23.95 7.97 -2.35
CA ASP E 64 -23.71 7.99 -0.93
C ASP E 64 -24.49 6.94 -0.19
N GLN E 65 -24.94 5.90 -0.90
CA GLN E 65 -25.77 4.86 -0.29
C GLN E 65 -25.33 3.45 -0.64
N ILE E 66 -24.05 3.30 -0.97
CA ILE E 66 -23.45 2.04 -1.38
C ILE E 66 -22.08 2.00 -0.72
N PRO E 67 -21.52 0.79 -0.45
CA PRO E 67 -20.16 0.83 0.13
C PRO E 67 -19.13 1.36 -0.88
N GLU E 68 -18.07 1.98 -0.37
CA GLU E 68 -17.01 2.46 -1.21
C GLU E 68 -16.35 1.24 -1.89
N GLY E 69 -16.06 1.32 -3.18
CA GLY E 69 -15.43 0.21 -3.88
C GLY E 69 -16.39 -0.81 -4.49
N SER E 70 -17.69 -0.62 -4.25
CA SER E 70 -18.70 -1.57 -4.65
C SER E 70 -19.18 -1.50 -6.11
N LYS E 71 -20.14 -2.37 -6.44
CA LYS E 71 -20.72 -2.50 -7.80
C LYS E 71 -22.19 -2.14 -7.76
N LEU E 72 -22.74 -1.77 -8.91
CA LEU E 72 -24.16 -1.43 -9.01
C LEU E 72 -24.60 -1.71 -10.42
N PRO E 73 -25.85 -2.13 -10.60
CA PRO E 73 -26.31 -2.18 -11.96
C PRO E 73 -26.70 -0.76 -12.41
N LEU E 74 -26.70 -0.51 -13.73
CA LEU E 74 -26.97 0.82 -14.28
C LEU E 74 -27.80 0.85 -15.55
N GLY E 75 -28.79 1.73 -15.58
CA GLY E 75 -29.51 2.03 -16.82
C GLY E 75 -29.52 3.52 -17.05
N ILE E 76 -28.90 3.95 -18.15
CA ILE E 76 -28.91 5.35 -18.58
C ILE E 76 -29.92 5.47 -19.70
N LEU E 77 -31.05 6.10 -19.38
CA LEU E 77 -32.16 6.28 -20.33
C LEU E 77 -32.30 7.76 -20.68
N VAL E 78 -32.03 8.08 -21.94
CA VAL E 78 -32.12 9.44 -22.40
C VAL E 78 -33.25 9.55 -23.40
N ASP E 79 -34.33 10.23 -22.99
CA ASP E 79 -35.46 10.54 -23.84
C ASP E 79 -35.23 11.86 -24.54
N ILE E 80 -35.24 11.86 -25.87
CA ILE E 80 -35.15 13.08 -26.63
C ILE E 80 -36.47 13.38 -27.33
N TYR E 81 -36.88 14.65 -27.28
CA TYR E 81 -37.91 15.19 -28.18
C TYR E 81 -37.32 16.34 -28.99
N GLY E 82 -37.64 16.40 -30.28
CA GLY E 82 -37.21 17.51 -31.14
C GLY E 82 -38.05 17.58 -32.40
N ARG E 83 -38.37 18.80 -32.84
CA ARG E 83 -39.15 18.99 -34.08
C ARG E 83 -38.63 18.11 -35.24
N LYS E 84 -37.32 18.14 -35.46
CA LYS E 84 -36.74 17.38 -36.57
C LYS E 84 -36.07 16.08 -36.12
N MET E 85 -36.26 15.66 -34.86
CA MET E 85 -35.73 14.38 -34.37
C MET E 85 -36.40 13.17 -35.01
N GLN E 86 -35.65 12.11 -35.23
CA GLN E 86 -36.18 10.90 -35.87
C GLN E 86 -35.62 9.66 -35.19
N ALA E 87 -36.28 8.52 -35.41
CA ALA E 87 -35.78 7.25 -34.89
C ALA E 87 -34.39 6.89 -35.45
N ASP E 88 -34.11 7.18 -36.72
CA ASP E 88 -32.80 6.88 -37.34
C ASP E 88 -31.66 7.59 -36.63
N PHE E 89 -31.97 8.70 -35.96
CA PHE E 89 -30.93 9.49 -35.32
C PHE E 89 -30.51 9.00 -33.93
N GLU E 90 -31.27 8.06 -33.36
CA GLU E 90 -31.08 7.63 -31.97
C GLU E 90 -29.67 7.08 -31.74
N GLY E 91 -29.26 6.19 -32.65
CA GLY E 91 -27.96 5.55 -32.65
C GLY E 91 -26.83 6.55 -32.64
N VAL E 92 -27.02 7.65 -33.36
CA VAL E 92 -26.02 8.71 -33.41
C VAL E 92 -25.81 9.39 -32.06
N LEU E 93 -26.89 9.85 -31.44
CA LEU E 93 -26.81 10.49 -30.14
C LEU E 93 -26.33 9.52 -29.06
N GLU E 94 -26.74 8.26 -29.18
CA GLU E 94 -26.38 7.28 -28.18
C GLU E 94 -24.87 7.10 -28.07
N ARG E 95 -24.22 7.03 -29.24
CA ARG E 95 -22.78 6.97 -29.30
C ARG E 95 -22.11 8.06 -28.50
N ARG E 96 -22.74 9.22 -28.40
CA ARG E 96 -22.05 10.37 -27.83
C ARG E 96 -22.07 10.33 -26.32
N ILE E 97 -23.00 9.55 -25.76
CA ILE E 97 -22.99 9.29 -24.32
C ILE E 97 -21.55 8.95 -23.81
N HIS E 98 -20.79 8.22 -24.64
CA HIS E 98 -19.43 7.87 -24.35
C HIS E 98 -18.51 9.08 -24.08
N ASP E 99 -18.31 9.95 -25.05
CA ASP E 99 -17.43 11.06 -24.72
C ASP E 99 -18.08 12.08 -23.81
N PHE E 100 -19.39 12.20 -23.85
CA PHE E 100 -20.01 13.10 -22.93
C PHE E 100 -19.63 12.76 -21.50
N ILE E 101 -19.73 11.49 -21.13
CA ILE E 101 -19.32 11.09 -19.79
C ILE E 101 -17.79 11.17 -19.57
N ASN E 102 -17.00 10.71 -20.54
CA ASN E 102 -15.54 10.80 -20.42
C ASN E 102 -14.94 12.20 -20.31
N TYR E 103 -15.76 13.23 -20.47
CA TYR E 103 -15.31 14.63 -20.33
C TYR E 103 -15.26 15.04 -18.87
N GLY E 104 -16.01 14.33 -18.04
CA GLY E 104 -15.94 14.52 -16.62
C GLY E 104 -14.71 13.91 -15.96
N GLU E 105 -13.93 14.76 -15.31
CA GLU E 105 -12.77 14.27 -14.61
C GLU E 105 -13.23 13.34 -13.49
N GLY E 106 -12.76 12.12 -13.51
CA GLY E 106 -13.16 11.13 -12.51
C GLY E 106 -14.33 10.27 -12.92
N LEU E 107 -14.80 10.49 -14.15
CA LEU E 107 -15.80 9.65 -14.75
C LEU E 107 -15.22 8.92 -15.95
N TRP E 108 -15.35 7.59 -15.97
CA TRP E 108 -14.92 6.76 -17.10
C TRP E 108 -16.08 5.98 -17.74
N HIS E 109 -16.07 5.89 -19.07
CA HIS E 109 -17.07 5.12 -19.81
C HIS E 109 -16.43 4.37 -20.95
N THR E 110 -16.89 3.14 -21.18
CA THR E 110 -16.59 2.42 -22.41
C THR E 110 -17.69 1.44 -22.82
N GLY E 111 -17.66 1.01 -24.08
CA GLY E 111 -18.58 0.00 -24.52
C GLY E 111 -19.77 0.66 -25.07
N GLN E 112 -20.81 -0.09 -25.34
CA GLN E 112 -22.00 0.49 -25.96
C GLN E 112 -23.20 -0.36 -25.59
N ARG E 113 -24.39 0.19 -25.84
CA ARG E 113 -25.66 -0.50 -25.61
C ARG E 113 -25.73 -1.18 -24.24
N ASN E 114 -25.98 -2.49 -24.21
CA ASN E 114 -25.94 -3.20 -22.94
C ASN E 114 -24.65 -3.99 -22.65
N ILE E 115 -23.53 -3.58 -23.25
CA ILE E 115 -22.23 -3.86 -22.67
C ILE E 115 -21.48 -2.58 -22.59
N ASN E 116 -22.04 -1.62 -21.86
CA ASN E 116 -21.26 -0.49 -21.50
C ASN E 116 -20.58 -0.82 -20.17
N TRP E 117 -19.73 0.09 -19.72
CA TRP E 117 -18.93 -0.15 -18.54
C TRP E 117 -18.53 1.22 -18.04
N LEU E 118 -18.81 1.49 -16.77
CA LEU E 118 -18.52 2.80 -16.24
C LEU E 118 -17.88 2.64 -14.89
N ARG E 119 -17.02 3.61 -14.58
CA ARG E 119 -16.39 3.73 -13.27
C ARG E 119 -16.43 5.15 -12.83
N VAL E 120 -16.61 5.36 -11.54
CA VAL E 120 -16.49 6.70 -10.96
C VAL E 120 -15.34 6.71 -9.98
N SER E 121 -14.51 7.72 -10.01
CA SER E 121 -13.29 7.66 -9.16
C SER E 121 -13.55 8.09 -7.74
N LYS E 122 -12.69 7.67 -6.83
CA LYS E 122 -12.80 8.09 -5.42
C LYS E 122 -12.73 9.58 -5.27
N ASP E 123 -11.92 10.20 -6.09
CA ASP E 123 -11.72 11.63 -6.08
C ASP E 123 -12.93 12.43 -6.47
N ALA E 124 -13.57 12.03 -7.55
CA ALA E 124 -14.82 12.62 -8.03
C ALA E 124 -15.89 12.65 -6.93
N VAL E 125 -15.98 11.54 -6.20
CA VAL E 125 -16.94 11.41 -5.10
C VAL E 125 -16.59 12.41 -3.99
N ALA E 126 -15.31 12.47 -3.62
CA ALA E 126 -14.84 13.39 -2.59
C ALA E 126 -15.18 14.85 -2.98
N LYS E 127 -15.15 15.14 -4.28
CA LYS E 127 -15.40 16.49 -4.75
C LYS E 127 -16.87 16.82 -4.77
N GLY E 128 -17.73 15.79 -4.77
CA GLY E 128 -19.18 16.02 -4.71
C GLY E 128 -20.07 15.29 -5.72
N PHE E 129 -19.48 14.59 -6.70
CA PHE E 129 -20.22 13.93 -7.77
C PHE E 129 -21.32 13.03 -7.23
N ARG E 130 -22.49 13.13 -7.82
CA ARG E 130 -23.53 12.18 -7.55
C ARG E 130 -24.31 11.91 -8.86
N PHE E 131 -25.13 10.86 -8.87
CA PHE E 131 -25.66 10.34 -10.12
C PHE E 131 -26.45 11.34 -11.00
N LYS E 132 -27.14 12.25 -10.33
CA LYS E 132 -27.81 13.37 -10.95
C LYS E 132 -26.88 14.04 -11.97
N ASN E 133 -25.59 14.09 -11.66
CA ASN E 133 -24.64 14.76 -12.53
C ASN E 133 -24.51 14.11 -13.89
N TYR E 134 -24.77 12.81 -13.97
CA TYR E 134 -24.84 12.11 -15.24
C TYR E 134 -25.93 12.78 -16.10
N GLY E 135 -27.07 13.04 -15.48
CA GLY E 135 -28.19 13.57 -16.19
C GLY E 135 -27.83 14.97 -16.65
N GLU E 136 -27.16 15.70 -15.77
CA GLU E 136 -26.90 17.09 -16.06
C GLU E 136 -26.00 17.19 -17.27
N ILE E 137 -24.93 16.37 -17.28
CA ILE E 137 -23.99 16.31 -18.42
C ILE E 137 -24.70 15.94 -19.70
N LEU E 138 -25.49 14.87 -19.65
CA LEU E 138 -26.18 14.40 -20.83
C LEU E 138 -27.15 15.45 -21.42
N VAL E 139 -28.00 16.02 -20.57
CA VAL E 139 -28.91 17.10 -20.96
C VAL E 139 -28.17 18.26 -21.64
N ALA E 140 -27.22 18.86 -20.94
CA ALA E 140 -26.43 19.94 -21.54
C ALA E 140 -25.82 19.52 -22.88
N LYS E 141 -25.10 18.41 -22.90
CA LYS E 141 -24.33 18.03 -24.09
C LYS E 141 -25.20 17.58 -25.30
N MET E 142 -26.31 16.92 -25.02
CA MET E 142 -27.21 16.56 -26.11
C MET E 142 -27.68 17.85 -26.81
N LYS E 143 -28.08 18.83 -26.00
CA LYS E 143 -28.62 20.10 -26.48
C LYS E 143 -27.61 20.90 -27.26
N GLU E 144 -26.36 20.91 -26.80
CA GLU E 144 -25.34 21.75 -27.43
C GLU E 144 -24.71 21.09 -28.68
N GLU E 145 -24.57 19.77 -28.70
CA GLU E 145 -24.05 19.09 -29.88
C GLU E 145 -25.07 18.94 -30.98
N PHE E 146 -26.36 18.83 -30.62
CA PHE E 146 -27.36 18.58 -31.64
C PHE E 146 -28.47 19.63 -31.69
N PRO E 147 -28.06 20.90 -31.88
CA PRO E 147 -29.01 22.00 -31.66
C PRO E 147 -30.25 21.94 -32.54
N ALA E 148 -30.12 21.45 -33.78
CA ALA E 148 -31.23 21.48 -34.73
C ALA E 148 -32.13 20.27 -34.57
N ILE E 149 -31.66 19.28 -33.82
CA ILE E 149 -32.36 18.02 -33.73
C ILE E 149 -32.93 17.75 -32.35
N VAL E 150 -32.33 18.38 -31.34
CA VAL E 150 -32.74 18.20 -29.95
C VAL E 150 -33.39 19.46 -29.38
N ASP E 151 -34.70 19.38 -29.13
CA ASP E 151 -35.42 20.44 -28.46
C ASP E 151 -35.54 20.20 -26.97
N ARG E 152 -35.87 18.97 -26.59
CA ARG E 152 -36.09 18.65 -25.19
C ARG E 152 -35.42 17.34 -24.75
N VAL E 153 -34.77 17.34 -23.59
CA VAL E 153 -34.07 16.15 -23.09
C VAL E 153 -34.58 15.78 -21.69
N GLN E 154 -34.64 14.47 -21.43
CA GLN E 154 -34.94 13.96 -20.10
C GLN E 154 -34.06 12.73 -19.84
N VAL E 155 -33.50 12.65 -18.65
CA VAL E 155 -32.60 11.56 -18.33
C VAL E 155 -33.08 10.85 -17.08
N THR E 156 -33.00 9.53 -17.10
CA THR E 156 -33.30 8.70 -15.95
C THR E 156 -32.10 7.80 -15.75
N ILE E 157 -31.60 7.77 -14.52
CA ILE E 157 -30.47 6.94 -14.13
C ILE E 157 -31.03 5.87 -13.22
N PHE E 158 -31.02 4.63 -13.66
CA PHE E 158 -31.57 3.55 -12.86
C PHE E 158 -30.44 2.83 -12.15
N THR E 159 -30.52 2.65 -10.84
CA THR E 159 -29.52 1.85 -10.14
C THR E 159 -30.14 0.73 -9.33
N ASP E 160 -31.46 0.76 -9.22
CA ASP E 160 -32.23 -0.33 -8.68
C ASP E 160 -32.14 -1.63 -9.52
N GLU E 161 -31.82 -2.76 -8.88
CA GLU E 161 -31.71 -4.06 -9.58
C GLU E 161 -32.95 -4.34 -10.47
N ALA E 162 -34.14 -4.32 -9.87
CA ALA E 162 -35.38 -4.65 -10.59
C ALA E 162 -35.63 -3.73 -11.79
N LYS E 163 -35.49 -2.42 -11.59
CA LYS E 163 -35.75 -1.48 -12.66
C LYS E 163 -34.78 -1.66 -13.84
N VAL E 164 -33.50 -1.90 -13.53
CA VAL E 164 -32.53 -2.15 -14.59
C VAL E 164 -32.92 -3.37 -15.44
N LYS E 165 -33.29 -4.45 -14.76
CA LYS E 165 -33.78 -5.64 -15.46
C LYS E 165 -34.97 -5.25 -16.35
N GLU E 166 -35.90 -4.46 -15.79
CA GLU E 166 -37.11 -4.08 -16.53
C GLU E 166 -36.78 -3.30 -17.81
N TYR E 167 -36.12 -2.17 -17.65
CA TYR E 167 -35.82 -1.32 -18.79
C TYR E 167 -34.77 -1.89 -19.75
N MET E 168 -33.96 -2.83 -19.28
CA MET E 168 -33.03 -3.54 -20.15
C MET E 168 -33.77 -4.07 -21.33
N GLU E 169 -35.03 -4.47 -21.11
CA GLU E 169 -35.93 -4.98 -22.15
C GLU E 169 -36.40 -3.90 -23.11
N VAL E 170 -36.84 -2.77 -22.58
CA VAL E 170 -37.13 -1.60 -23.39
C VAL E 170 -35.93 -1.30 -24.32
N ALA E 171 -34.71 -1.37 -23.78
CA ALA E 171 -33.52 -1.19 -24.59
C ALA E 171 -33.36 -2.26 -25.66
N ARG E 172 -33.37 -3.54 -25.25
CA ARG E 172 -33.20 -4.67 -26.17
C ARG E 172 -34.13 -4.56 -27.39
N GLU E 173 -35.38 -4.18 -27.12
CA GLU E 173 -36.35 -3.91 -28.18
C GLU E 173 -35.80 -2.89 -29.18
N LYS E 174 -35.35 -1.74 -28.67
CA LYS E 174 -34.83 -0.67 -29.53
C LYS E 174 -33.56 -1.11 -30.31
N TYR E 175 -32.64 -1.76 -29.62
CA TYR E 175 -31.50 -2.33 -30.28
C TYR E 175 -31.87 -3.23 -31.48
N LYS E 176 -32.81 -4.14 -31.25
CA LYS E 176 -33.23 -5.14 -32.24
C LYS E 176 -33.82 -4.42 -33.45
N GLU E 177 -34.54 -3.36 -33.17
CA GLU E 177 -35.19 -2.60 -34.20
C GLU E 177 -34.19 -1.80 -35.05
N ARG E 178 -33.09 -1.37 -34.45
CA ARG E 178 -32.00 -0.74 -35.20
C ARG E 178 -31.32 -1.75 -36.09
N ASP E 179 -31.02 -2.90 -35.50
CA ASP E 179 -30.35 -3.98 -36.21
C ASP E 179 -31.12 -4.46 -37.44
N ASP E 180 -32.45 -4.45 -37.35
CA ASP E 180 -33.29 -4.83 -38.47
C ASP E 180 -33.10 -3.91 -39.66
N ARG E 181 -33.01 -2.61 -39.41
CA ARG E 181 -32.74 -1.62 -40.48
C ARG E 181 -31.45 -1.95 -41.26
N MET E 182 -30.48 -2.56 -40.58
CA MET E 182 -29.24 -2.99 -41.22
C MET E 182 -29.39 -4.29 -42.00
N ARG E 183 -30.51 -5.00 -41.85
CA ARG E 183 -30.63 -6.35 -42.40
C ARG E 183 -30.40 -6.46 -43.92
N GLY E 184 -31.05 -5.61 -44.69
CA GLY E 184 -30.89 -5.72 -46.16
C GLY E 184 -29.45 -5.53 -46.67
N LEU E 185 -28.63 -4.79 -45.93
CA LEU E 185 -27.54 -4.07 -46.54
C LEU E 185 -26.25 -4.83 -46.56
N THR E 186 -25.63 -4.93 -47.74
CA THR E 186 -24.29 -5.52 -47.85
C THR E 186 -23.29 -4.57 -48.50
N ASP E 187 -21.99 -4.87 -48.36
CA ASP E 187 -20.93 -4.07 -48.98
C ASP E 187 -21.08 -3.99 -50.49
N GLU E 188 -21.50 -5.09 -51.09
CA GLU E 188 -21.71 -5.19 -52.53
C GLU E 188 -22.79 -4.23 -53.00
N THR E 189 -23.86 -4.08 -52.21
CA THR E 189 -25.12 -3.43 -52.65
C THR E 189 -25.22 -1.95 -52.32
N VAL E 190 -24.12 -1.34 -51.87
CA VAL E 190 -24.07 0.10 -51.62
C VAL E 190 -22.91 0.71 -52.39
N ASP E 191 -23.06 1.96 -52.79
CA ASP E 191 -22.03 2.64 -53.55
C ASP E 191 -21.22 3.62 -52.67
N THR E 192 -21.61 3.77 -51.40
CA THR E 192 -20.89 4.67 -50.50
C THR E 192 -20.49 3.99 -49.17
N PHE E 193 -19.25 4.21 -48.74
CA PHE E 193 -18.78 3.90 -47.38
C PHE E 193 -18.59 5.19 -46.62
N TYR E 194 -18.41 5.09 -45.31
CA TYR E 194 -18.22 6.28 -44.49
C TYR E 194 -16.95 6.21 -43.66
N SER E 195 -16.23 7.33 -43.60
CA SER E 195 -15.13 7.49 -42.65
C SER E 195 -15.64 7.98 -41.29
N CYS E 196 -14.90 7.64 -40.25
CA CYS E 196 -15.18 8.20 -38.94
C CYS E 196 -13.87 8.67 -38.31
N VAL E 197 -13.90 9.87 -37.73
CA VAL E 197 -12.75 10.49 -37.08
C VAL E 197 -13.07 10.94 -35.64
N LEU E 198 -14.24 10.58 -35.12
CA LEU E 198 -14.61 10.93 -33.75
C LEU E 198 -13.53 10.68 -32.70
N CYS E 199 -12.73 9.63 -32.88
CA CYS E 199 -11.75 9.28 -31.86
C CYS E 199 -10.40 9.92 -32.04
N GLN E 200 -10.26 10.84 -32.99
CA GLN E 200 -8.94 11.41 -33.19
C GLN E 200 -8.44 12.23 -32.02
N SER E 201 -9.31 12.47 -31.04
CA SER E 201 -8.87 13.07 -29.79
C SER E 201 -7.99 12.08 -29.00
N PHE E 202 -8.28 10.78 -29.12
CA PHE E 202 -7.45 9.78 -28.48
C PHE E 202 -6.24 9.41 -29.37
N ALA E 203 -6.47 9.27 -30.67
CA ALA E 203 -5.40 8.91 -31.61
C ALA E 203 -5.55 9.82 -32.81
N PRO E 204 -4.73 10.86 -32.88
CA PRO E 204 -4.91 11.92 -33.86
C PRO E 204 -4.97 11.49 -35.32
N ASN E 205 -4.36 10.35 -35.67
CA ASN E 205 -4.34 9.93 -37.07
C ASN E 205 -5.14 8.68 -37.33
N HIS E 206 -5.95 8.24 -36.38
CA HIS E 206 -6.75 7.07 -36.61
C HIS E 206 -8.05 7.39 -37.36
N VAL E 207 -8.40 6.55 -38.33
CA VAL E 207 -9.65 6.66 -39.11
C VAL E 207 -10.32 5.29 -39.21
N CYS E 208 -11.61 5.23 -38.86
CA CYS E 208 -12.40 4.04 -39.13
C CYS E 208 -13.00 4.16 -40.53
N ILE E 209 -13.04 3.05 -41.26
CA ILE E 209 -13.83 2.98 -42.48
C ILE E 209 -15.00 2.04 -42.17
N VAL E 210 -16.20 2.61 -42.12
CA VAL E 210 -17.40 1.89 -41.73
C VAL E 210 -18.09 1.47 -43.01
N THR E 211 -18.37 0.18 -43.13
CA THR E 211 -19.16 -0.36 -44.23
C THR E 211 -20.35 -1.13 -43.67
N PRO E 212 -21.37 -1.41 -44.50
CA PRO E 212 -22.53 -2.18 -44.01
C PRO E 212 -22.15 -3.48 -43.28
N GLU E 213 -20.99 -4.04 -43.58
CA GLU E 213 -20.62 -5.32 -42.98
C GLU E 213 -19.45 -5.18 -41.98
N ARG E 214 -18.98 -3.95 -41.81
CA ARG E 214 -17.96 -3.70 -40.79
C ARG E 214 -18.35 -2.49 -39.93
N VAL E 215 -18.84 -2.78 -38.73
CA VAL E 215 -19.18 -1.75 -37.76
C VAL E 215 -17.89 -1.03 -37.31
N GLY E 216 -18.03 0.18 -36.79
CA GLY E 216 -16.92 0.86 -36.19
C GLY E 216 -16.32 0.03 -35.08
N LEU E 217 -15.03 0.20 -34.81
CA LEU E 217 -14.34 -0.66 -33.89
C LEU E 217 -14.85 -0.52 -32.45
N CYS E 218 -15.56 0.56 -32.18
CA CYS E 218 -16.28 0.73 -30.94
C CYS E 218 -17.59 -0.09 -30.88
N GLY E 219 -17.97 -0.72 -32.00
CA GLY E 219 -19.22 -1.49 -32.08
C GLY E 219 -20.50 -0.70 -32.03
N ALA E 220 -20.39 0.62 -32.14
CA ALA E 220 -21.51 1.57 -31.88
C ALA E 220 -21.76 2.55 -33.06
N VAL E 221 -21.01 2.41 -34.14
CA VAL E 221 -21.32 3.18 -35.31
C VAL E 221 -21.53 2.21 -36.49
N SER E 222 -22.79 1.96 -36.84
CA SER E 222 -23.11 1.13 -38.00
C SER E 222 -23.10 2.00 -39.25
N TRP E 223 -23.16 1.36 -40.39
CA TRP E 223 -23.20 2.10 -41.64
C TRP E 223 -24.38 3.12 -41.66
N LEU E 224 -25.52 2.69 -41.14
CA LEU E 224 -26.65 3.58 -41.02
C LEU E 224 -26.37 4.72 -40.07
N ASP E 225 -25.72 4.44 -38.96
CA ASP E 225 -25.38 5.51 -38.05
C ASP E 225 -24.49 6.54 -38.69
N ALA E 226 -23.50 6.11 -39.47
CA ALA E 226 -22.55 7.05 -40.05
C ALA E 226 -23.25 7.96 -41.07
N LYS E 227 -24.07 7.34 -41.92
CA LYS E 227 -24.87 8.07 -42.90
C LYS E 227 -25.79 9.10 -42.22
N ALA E 228 -26.46 8.68 -41.16
CA ALA E 228 -27.34 9.55 -40.41
C ALA E 228 -26.53 10.72 -39.83
N SER E 229 -25.38 10.41 -39.27
CA SER E 229 -24.52 11.42 -38.67
C SER E 229 -24.14 12.44 -39.74
N TYR E 230 -23.62 11.97 -40.86
CA TYR E 230 -23.26 12.87 -41.96
C TYR E 230 -24.41 13.78 -42.36
N GLU E 231 -25.61 13.21 -42.53
CA GLU E 231 -26.82 13.98 -42.87
C GLU E 231 -27.16 15.03 -41.82
N ILE E 232 -27.10 14.65 -40.53
CA ILE E 232 -27.30 15.57 -39.40
C ILE E 232 -26.37 16.78 -39.47
N ASN E 233 -25.12 16.55 -39.90
CA ASN E 233 -24.04 17.54 -39.83
C ASN E 233 -22.89 17.26 -40.81
N HIS E 234 -22.97 17.89 -41.97
CA HIS E 234 -21.98 17.70 -43.03
C HIS E 234 -20.55 17.95 -42.60
N ALA E 235 -20.34 18.81 -41.60
CA ALA E 235 -18.98 19.16 -41.17
C ALA E 235 -18.57 18.27 -40.02
N GLY E 236 -19.44 17.33 -39.67
CA GLY E 236 -19.20 16.45 -38.53
C GLY E 236 -18.21 15.33 -38.78
N PRO E 237 -18.07 14.43 -37.80
CA PRO E 237 -17.07 13.39 -37.80
C PRO E 237 -17.20 12.34 -38.95
N ASN E 238 -18.36 12.28 -39.61
CA ASN E 238 -18.52 11.27 -40.68
C ASN E 238 -18.64 11.80 -42.08
N GLN E 239 -17.90 11.23 -42.99
CA GLN E 239 -17.91 11.67 -44.37
C GLN E 239 -18.17 10.51 -45.31
N PRO E 240 -18.81 10.80 -46.47
CA PRO E 240 -19.03 9.74 -47.44
C PRO E 240 -17.80 9.47 -48.33
N ILE E 241 -17.49 8.20 -48.57
CA ILE E 241 -16.42 7.82 -49.48
C ILE E 241 -17.05 6.95 -50.56
N PRO E 242 -17.13 7.46 -51.79
CA PRO E 242 -17.64 6.62 -52.88
C PRO E 242 -16.78 5.37 -53.12
N LYS E 243 -17.42 4.22 -53.30
CA LYS E 243 -16.74 3.02 -53.80
C LYS E 243 -16.31 3.24 -55.24
N GLU E 244 -15.01 3.30 -55.51
CA GLU E 244 -14.51 3.70 -56.81
C GLU E 244 -13.09 3.19 -56.99
N GLY E 245 -12.72 2.81 -58.21
CA GLY E 245 -11.36 2.34 -58.49
C GLY E 245 -11.00 1.11 -57.66
N GLU E 246 -11.86 0.11 -57.71
CA GLU E 246 -11.65 -1.15 -57.00
C GLU E 246 -10.37 -1.85 -57.41
N ILE E 247 -9.45 -2.00 -56.46
CA ILE E 247 -8.14 -2.60 -56.70
C ILE E 247 -8.13 -4.12 -56.44
N ASP E 248 -8.79 -4.56 -55.37
CA ASP E 248 -8.78 -5.97 -54.99
C ASP E 248 -10.11 -6.32 -54.32
N PRO E 249 -10.97 -7.09 -55.01
CA PRO E 249 -12.29 -7.38 -54.45
C PRO E 249 -12.21 -8.32 -53.24
N ILE E 250 -11.15 -9.13 -53.17
CA ILE E 250 -11.00 -10.12 -52.11
C ILE E 250 -10.46 -9.51 -50.80
N LYS E 251 -9.34 -8.79 -50.89
CA LYS E 251 -8.78 -8.08 -49.73
C LYS E 251 -9.61 -6.85 -49.30
N GLY E 252 -10.35 -6.27 -50.22
CA GLY E 252 -11.13 -5.08 -49.92
C GLY E 252 -10.32 -3.81 -50.05
N ILE E 253 -9.74 -3.57 -51.22
CA ILE E 253 -8.94 -2.37 -51.48
C ILE E 253 -9.56 -1.56 -52.62
N TRP E 254 -10.00 -0.33 -52.34
CA TRP E 254 -10.50 0.58 -53.37
C TRP E 254 -9.61 1.82 -53.40
N LYS E 255 -9.29 2.32 -54.59
CA LYS E 255 -8.44 3.51 -54.70
C LYS E 255 -9.07 4.69 -53.96
N SER E 256 -10.38 4.82 -54.06
CA SER E 256 -11.07 5.92 -53.42
C SER E 256 -10.98 5.82 -51.91
N VAL E 257 -11.21 4.63 -51.36
CA VAL E 257 -11.10 4.45 -49.92
C VAL E 257 -9.71 4.88 -49.51
N ASN E 258 -8.70 4.41 -50.26
CA ASN E 258 -7.31 4.78 -49.97
C ASN E 258 -7.12 6.31 -49.95
N ASP E 259 -7.58 6.98 -50.98
CA ASP E 259 -7.48 8.44 -51.04
C ASP E 259 -8.06 9.13 -49.79
N TYR E 260 -9.31 8.85 -49.41
CA TYR E 260 -9.92 9.53 -48.25
C TYR E 260 -9.20 9.17 -46.98
N LEU E 261 -8.77 7.92 -46.88
CA LEU E 261 -8.01 7.47 -45.72
C LEU E 261 -6.75 8.29 -45.54
N TYR E 262 -6.03 8.50 -46.64
CA TYR E 262 -4.80 9.29 -46.61
C TYR E 262 -5.08 10.68 -46.05
N THR E 263 -6.05 11.39 -46.65
CA THR E 263 -6.43 12.73 -46.22
C THR E 263 -6.89 12.78 -44.77
N ALA E 264 -7.84 11.93 -44.42
CA ALA E 264 -8.41 11.90 -43.09
C ALA E 264 -7.37 11.55 -42.01
N SER E 265 -6.36 10.76 -42.37
CA SER E 265 -5.32 10.36 -41.45
C SER E 265 -4.11 11.27 -41.51
N ASN E 266 -4.31 12.52 -41.95
CA ASN E 266 -3.23 13.50 -42.03
C ASN E 266 -2.02 12.99 -42.77
N ARG E 267 -2.27 12.46 -43.97
CA ARG E 267 -1.22 11.89 -44.81
C ARG E 267 -0.48 10.73 -44.11
N ASN E 268 -1.15 9.98 -43.26
CA ASN E 268 -0.41 9.01 -42.48
C ASN E 268 -0.55 7.58 -42.84
N LEU E 269 -1.75 7.22 -43.27
CA LEU E 269 -2.06 5.91 -43.74
C LEU E 269 -2.24 6.02 -45.26
N GLU E 270 -1.78 5.01 -46.01
CA GLU E 270 -1.88 5.03 -47.49
C GLU E 270 -2.86 4.01 -48.05
N GLN E 271 -3.02 2.89 -47.34
CA GLN E 271 -3.88 1.81 -47.78
C GLN E 271 -4.56 1.08 -46.60
N VAL E 272 -5.79 0.64 -46.78
CA VAL E 272 -6.37 -0.25 -45.80
C VAL E 272 -7.05 -1.40 -46.53
N CYS E 273 -6.96 -2.62 -46.01
CA CYS E 273 -7.71 -3.73 -46.62
C CYS E 273 -8.87 -4.05 -45.73
N LEU E 274 -10.06 -3.95 -46.28
CA LEU E 274 -11.29 -4.06 -45.50
C LEU E 274 -11.54 -5.42 -44.95
N TYR E 275 -10.91 -6.42 -45.58
CA TYR E 275 -11.27 -7.82 -45.35
C TYR E 275 -10.11 -8.71 -44.93
N THR E 276 -8.99 -8.12 -44.59
CA THR E 276 -7.94 -8.91 -44.00
C THR E 276 -7.29 -8.30 -42.75
N LEU E 277 -6.74 -9.18 -41.94
CA LEU E 277 -5.93 -8.87 -40.81
C LEU E 277 -4.43 -8.85 -41.21
N MET E 278 -4.09 -9.45 -42.36
CA MET E 278 -2.68 -9.77 -42.63
C MET E 278 -1.90 -8.71 -43.39
N GLU E 279 -2.60 -7.70 -43.91
CA GLU E 279 -1.96 -6.72 -44.75
C GLU E 279 -2.72 -5.40 -44.71
N ASN E 280 -1.97 -4.31 -44.52
CA ASN E 280 -2.57 -2.98 -44.28
C ASN E 280 -3.89 -3.03 -43.55
N PRO E 281 -3.91 -3.68 -42.35
CA PRO E 281 -5.17 -3.81 -41.62
C PRO E 281 -5.60 -2.45 -41.11
N MET E 282 -6.82 -2.33 -40.63
CA MET E 282 -7.29 -1.05 -40.16
C MET E 282 -6.63 -0.75 -38.83
N THR E 283 -6.46 0.55 -38.55
CA THR E 283 -5.86 0.99 -37.30
C THR E 283 -6.92 1.04 -36.17
N SER E 284 -6.48 1.28 -34.94
CA SER E 284 -7.39 1.43 -33.82
C SER E 284 -7.13 2.70 -33.06
N CYS E 285 -8.17 3.20 -32.43
CA CYS E 285 -8.05 4.25 -31.46
C CYS E 285 -7.93 3.61 -30.07
N GLY E 286 -8.76 4.02 -29.14
CA GLY E 286 -8.70 3.51 -27.81
C GLY E 286 -9.94 2.78 -27.37
N CYS E 287 -10.98 2.64 -28.18
CA CYS E 287 -12.21 2.11 -27.57
C CYS E 287 -12.74 0.82 -28.14
N PHE E 288 -11.87 0.09 -28.84
CA PHE E 288 -12.19 -1.17 -29.49
C PHE E 288 -12.73 -2.13 -28.46
N GLU E 289 -13.72 -2.92 -28.85
CA GLU E 289 -14.30 -3.88 -27.92
C GLU E 289 -13.43 -5.12 -27.81
N ALA E 290 -12.82 -5.54 -28.91
CA ALA E 290 -12.03 -6.77 -28.92
C ALA E 290 -10.71 -6.60 -29.67
N ILE E 291 -9.77 -7.52 -29.45
CA ILE E 291 -8.53 -7.52 -30.19
C ILE E 291 -8.34 -8.90 -30.80
N MET E 292 -7.94 -8.88 -32.07
CA MET E 292 -7.58 -10.10 -32.78
C MET E 292 -6.07 -10.22 -32.81
N ALA E 293 -5.56 -11.37 -32.39
CA ALA E 293 -4.14 -11.58 -32.51
C ALA E 293 -3.91 -12.88 -33.24
N ILE E 294 -3.01 -12.83 -34.21
CA ILE E 294 -2.55 -13.96 -34.97
C ILE E 294 -1.95 -15.02 -34.02
N LEU E 295 -2.08 -16.31 -34.32
CA LEU E 295 -1.45 -17.35 -33.49
C LEU E 295 -0.73 -18.31 -34.41
N PRO E 296 0.53 -17.97 -34.78
CA PRO E 296 1.19 -18.69 -35.88
C PRO E 296 1.16 -20.21 -35.77
N GLU E 297 1.54 -20.76 -34.62
CA GLU E 297 1.54 -22.22 -34.46
C GLU E 297 0.16 -22.87 -34.60
N CYS E 298 -0.91 -22.10 -34.46
CA CYS E 298 -2.23 -22.70 -34.56
C CYS E 298 -2.85 -22.53 -35.93
N ASN E 299 -2.11 -21.90 -36.84
CA ASN E 299 -2.61 -21.49 -38.14
C ASN E 299 -3.94 -20.71 -38.01
N GLY E 300 -4.09 -19.99 -36.89
CA GLY E 300 -5.32 -19.29 -36.59
C GLY E 300 -5.21 -17.97 -35.83
N ILE E 301 -6.34 -17.51 -35.35
CA ILE E 301 -6.45 -16.22 -34.68
C ILE E 301 -7.20 -16.33 -33.34
N MET E 302 -6.66 -15.69 -32.30
CA MET E 302 -7.39 -15.59 -31.05
C MET E 302 -8.06 -14.25 -30.95
N ILE E 303 -9.12 -14.19 -30.17
CA ILE E 303 -9.80 -12.93 -29.88
C ILE E 303 -9.93 -12.78 -28.37
N THR E 304 -9.69 -11.58 -27.84
CA THR E 304 -10.04 -11.31 -26.44
C THR E 304 -10.76 -9.98 -26.36
N THR E 305 -11.41 -9.70 -25.25
CA THR E 305 -12.28 -8.54 -25.16
C THR E 305 -11.84 -7.62 -24.03
N ARG E 306 -12.36 -6.41 -24.04
CA ARG E 306 -11.90 -5.40 -23.13
C ARG E 306 -12.35 -5.71 -21.69
N ASP E 307 -13.41 -6.48 -21.52
CA ASP E 307 -13.88 -6.78 -20.16
C ASP E 307 -13.24 -8.07 -19.66
N HIS E 308 -12.50 -8.77 -20.51
CA HIS E 308 -11.86 -10.01 -20.10
C HIS E 308 -10.46 -9.85 -19.52
N ALA E 309 -10.32 -10.07 -18.21
CA ALA E 309 -8.99 -9.89 -17.53
C ALA E 309 -7.95 -10.97 -17.79
N GLY E 310 -8.38 -12.19 -18.12
CA GLY E 310 -7.49 -13.35 -18.20
C GLY E 310 -6.37 -13.45 -19.23
N MET E 311 -5.44 -14.34 -18.95
CA MET E 311 -4.45 -14.76 -19.93
C MET E 311 -5.06 -15.26 -21.22
N THR E 312 -4.36 -15.00 -22.31
CA THR E 312 -4.75 -15.54 -23.60
C THR E 312 -3.53 -16.27 -24.21
N PRO E 313 -3.78 -17.15 -25.18
CA PRO E 313 -2.67 -17.93 -25.69
C PRO E 313 -1.59 -17.16 -26.51
N SER E 314 -1.77 -15.85 -26.67
CA SER E 314 -0.75 -15.02 -27.29
C SER E 314 0.34 -14.68 -26.25
N GLY E 315 0.16 -15.12 -25.01
CA GLY E 315 1.05 -14.75 -23.93
C GLY E 315 0.61 -13.49 -23.18
N MET E 316 -0.28 -12.68 -23.75
CA MET E 316 -0.69 -11.44 -23.07
C MET E 316 -2.21 -11.27 -22.83
N THR E 317 -2.57 -10.34 -21.95
CA THR E 317 -3.95 -10.06 -21.64
C THR E 317 -4.42 -8.95 -22.55
N PHE E 318 -5.74 -8.76 -22.66
CA PHE E 318 -6.28 -7.62 -23.42
C PHE E 318 -5.49 -6.30 -23.22
N SER E 319 -5.14 -5.99 -21.97
CA SER E 319 -4.37 -4.76 -21.71
C SER E 319 -3.07 -4.73 -22.41
N THR E 320 -2.27 -5.78 -22.24
CA THR E 320 -0.94 -5.79 -22.83
C THR E 320 -1.09 -5.68 -24.35
N LEU E 321 -2.00 -6.48 -24.92
CA LEU E 321 -2.28 -6.44 -26.35
C LEU E 321 -2.69 -5.05 -26.77
N ALA E 322 -3.65 -4.46 -26.05
CA ALA E 322 -4.12 -3.10 -26.38
C ALA E 322 -2.92 -2.18 -26.57
N GLY E 323 -1.92 -2.40 -25.71
CA GLY E 323 -0.69 -1.60 -25.64
C GLY E 323 0.01 -1.67 -26.97
N MET E 324 0.06 -2.81 -27.64
CA MET E 324 0.77 -2.81 -28.89
C MET E 324 -0.09 -2.41 -30.11
N ILE E 325 -1.33 -2.88 -30.22
CA ILE E 325 -2.09 -2.46 -31.41
C ILE E 325 -2.62 -1.03 -31.38
N GLY E 326 -2.46 -0.30 -30.27
CA GLY E 326 -3.23 0.95 -30.10
C GLY E 326 -2.65 2.10 -30.89
N GLY E 327 -3.38 3.22 -30.83
CA GLY E 327 -2.83 4.54 -31.21
C GLY E 327 -2.61 4.76 -32.69
N GLY E 328 -3.58 4.39 -33.54
CA GLY E 328 -3.56 4.73 -34.96
C GLY E 328 -2.40 4.26 -35.81
N THR E 329 -1.65 3.27 -35.30
CA THR E 329 -0.54 2.65 -36.04
C THR E 329 -1.05 1.40 -36.71
N GLN E 330 -0.45 1.02 -37.83
CA GLN E 330 -0.95 -0.10 -38.62
C GLN E 330 -0.15 -1.39 -38.40
N THR E 331 -0.81 -2.42 -37.86
CA THR E 331 -0.09 -3.55 -37.23
C THR E 331 -0.54 -4.90 -37.80
N PRO E 332 0.08 -5.37 -38.90
CA PRO E 332 -0.32 -6.61 -39.55
C PRO E 332 -0.35 -7.80 -38.59
N GLY E 333 -1.48 -8.50 -38.53
CA GLY E 333 -1.63 -9.67 -37.66
C GLY E 333 -2.39 -9.36 -36.38
N PHE E 334 -2.64 -8.08 -36.12
CA PHE E 334 -3.32 -7.64 -34.90
C PHE E 334 -4.28 -6.54 -35.25
N MET E 335 -5.52 -6.64 -34.80
CA MET E 335 -6.52 -5.64 -35.13
C MET E 335 -7.55 -5.42 -34.00
N GLY E 336 -7.96 -4.17 -33.80
CA GLY E 336 -9.04 -3.87 -32.87
C GLY E 336 -10.34 -3.89 -33.64
N ILE E 337 -11.35 -4.59 -33.11
CA ILE E 337 -12.65 -4.68 -33.78
C ILE E 337 -13.80 -4.48 -32.80
N GLY E 338 -15.00 -4.27 -33.32
CA GLY E 338 -16.23 -4.33 -32.53
C GLY E 338 -16.70 -5.77 -32.46
N ARG E 339 -17.42 -6.10 -31.40
CA ARG E 339 -17.86 -7.46 -31.14
C ARG E 339 -18.64 -8.01 -32.29
N THR E 340 -19.68 -7.33 -32.73
CA THR E 340 -20.52 -7.89 -33.77
C THR E 340 -19.78 -8.15 -35.09
N TYR E 341 -18.63 -7.53 -35.29
CA TYR E 341 -17.89 -7.80 -36.54
C TYR E 341 -17.60 -9.30 -36.68
N ILE E 342 -17.40 -9.97 -35.55
CA ILE E 342 -17.13 -11.40 -35.55
C ILE E 342 -18.15 -12.20 -36.37
N VAL E 343 -19.41 -11.78 -36.28
CA VAL E 343 -20.49 -12.46 -36.98
C VAL E 343 -20.88 -11.85 -38.34
N SER E 344 -20.20 -10.80 -38.78
CA SER E 344 -20.39 -10.29 -40.12
C SER E 344 -19.99 -11.32 -41.15
N LYS E 345 -20.70 -11.34 -42.28
CA LYS E 345 -20.32 -12.19 -43.41
C LYS E 345 -18.93 -11.83 -43.97
N LYS E 346 -18.58 -10.55 -43.95
CA LYS E 346 -17.28 -10.11 -44.42
C LYS E 346 -16.17 -10.20 -43.35
N PHE E 347 -16.44 -10.90 -42.25
CA PHE E 347 -15.48 -10.95 -41.14
C PHE E 347 -14.20 -11.57 -41.63
N ILE E 348 -13.16 -10.76 -41.70
CA ILE E 348 -11.84 -11.16 -42.23
C ILE E 348 -11.92 -12.17 -43.38
N SER E 349 -12.86 -11.96 -44.29
CA SER E 349 -13.19 -13.00 -45.24
C SER E 349 -11.99 -13.37 -46.11
N ALA E 350 -11.10 -12.42 -46.37
CA ALA E 350 -9.92 -12.70 -47.21
C ALA E 350 -8.98 -13.71 -46.58
N ASP E 351 -9.15 -13.93 -45.27
CA ASP E 351 -8.26 -14.74 -44.44
C ASP E 351 -8.86 -16.09 -44.09
N GLY E 352 -10.06 -16.36 -44.60
CA GLY E 352 -10.82 -17.57 -44.27
C GLY E 352 -11.99 -17.36 -43.29
N GLY E 353 -12.19 -16.13 -42.83
CA GLY E 353 -13.37 -15.83 -42.03
C GLY E 353 -13.35 -16.52 -40.68
N ILE E 354 -14.53 -16.72 -40.11
CA ILE E 354 -14.69 -17.23 -38.73
C ILE E 354 -13.96 -18.58 -38.44
N ALA E 355 -13.82 -19.42 -39.46
CA ALA E 355 -13.10 -20.67 -39.33
C ALA E 355 -11.67 -20.49 -38.74
N ARG E 356 -11.10 -19.28 -38.81
CA ARG E 356 -9.74 -19.07 -38.32
C ARG E 356 -9.68 -18.88 -36.83
N ILE E 357 -10.82 -18.64 -36.21
CA ILE E 357 -10.83 -18.33 -34.80
C ILE E 357 -10.63 -19.57 -33.94
N VAL E 358 -9.53 -19.58 -33.19
CA VAL E 358 -9.19 -20.74 -32.37
C VAL E 358 -9.37 -20.52 -30.87
N TRP E 359 -9.56 -19.27 -30.45
CA TRP E 359 -9.72 -18.97 -29.03
C TRP E 359 -10.48 -17.68 -28.78
N MET E 360 -11.36 -17.71 -27.78
CA MET E 360 -12.22 -16.58 -27.38
C MET E 360 -12.56 -16.73 -25.93
N PRO E 361 -12.88 -15.63 -25.22
CA PRO E 361 -13.48 -15.75 -23.90
C PRO E 361 -14.87 -16.41 -23.99
N LYS E 362 -15.22 -17.26 -23.01
CA LYS E 362 -16.53 -17.87 -23.04
C LYS E 362 -17.69 -16.84 -22.97
N SER E 363 -17.46 -15.68 -22.38
CA SER E 363 -18.50 -14.66 -22.34
C SER E 363 -18.81 -14.09 -23.72
N LEU E 364 -17.76 -13.89 -24.53
CA LEU E 364 -17.91 -13.49 -25.93
C LEU E 364 -18.72 -14.55 -26.68
N LYS E 365 -18.34 -15.82 -26.49
CA LYS E 365 -19.09 -16.90 -27.07
C LYS E 365 -20.54 -16.71 -26.69
N ASP E 366 -20.77 -16.36 -25.43
CA ASP E 366 -22.14 -16.32 -24.95
C ASP E 366 -22.86 -15.15 -25.56
N PHE E 367 -22.20 -14.03 -25.54
CA PHE E 367 -22.75 -12.84 -26.17
C PHE E 367 -23.13 -13.02 -27.63
N LEU E 368 -22.34 -13.76 -28.41
CA LEU E 368 -22.62 -13.90 -29.82
C LEU E 368 -23.17 -15.26 -30.18
N HIS E 369 -23.52 -16.08 -29.19
CA HIS E 369 -23.83 -17.49 -29.45
C HIS E 369 -24.61 -17.74 -30.74
N ASP E 370 -25.87 -17.32 -30.77
CA ASP E 370 -26.74 -17.61 -31.91
C ASP E 370 -26.18 -17.23 -33.29
N GLU E 371 -25.47 -16.10 -33.35
CA GLU E 371 -24.90 -15.64 -34.62
C GLU E 371 -23.73 -16.50 -35.05
N VAL E 372 -22.86 -16.81 -34.10
CA VAL E 372 -21.78 -17.73 -34.37
C VAL E 372 -22.36 -19.04 -34.95
N VAL E 373 -23.41 -19.60 -34.32
CA VAL E 373 -24.02 -20.80 -34.83
C VAL E 373 -24.54 -20.56 -36.26
N ARG E 374 -25.29 -19.48 -36.47
CA ARG E 374 -25.81 -19.17 -37.81
C ARG E 374 -24.68 -19.07 -38.85
N ARG E 375 -23.62 -18.35 -38.51
CA ARG E 375 -22.51 -18.15 -39.45
C ARG E 375 -21.70 -19.42 -39.68
N SER E 376 -21.55 -20.23 -38.62
CA SER E 376 -20.93 -21.53 -38.73
C SER E 376 -21.65 -22.37 -39.80
N VAL E 377 -22.98 -22.42 -39.70
CA VAL E 377 -23.79 -23.23 -40.59
C VAL E 377 -23.57 -22.71 -42.00
N GLU E 378 -23.69 -21.39 -42.13
CA GLU E 378 -23.57 -20.66 -43.40
C GLU E 378 -22.30 -21.01 -44.16
N GLU E 379 -21.27 -21.44 -43.43
CA GLU E 379 -20.02 -21.83 -44.05
C GLU E 379 -19.58 -23.28 -43.90
N GLY E 380 -20.53 -24.19 -43.86
CA GLY E 380 -20.25 -25.61 -43.86
C GLY E 380 -19.38 -26.04 -42.71
N LEU E 381 -19.37 -25.23 -41.64
CA LEU E 381 -18.55 -25.49 -40.45
C LEU E 381 -19.25 -26.34 -39.41
N GLY E 382 -20.55 -26.50 -39.55
CA GLY E 382 -21.30 -27.29 -38.59
C GLY E 382 -21.74 -26.36 -37.49
N GLU E 383 -22.92 -26.59 -36.92
CA GLU E 383 -23.34 -25.81 -35.75
C GLU E 383 -22.46 -26.07 -34.49
N ASP E 384 -21.70 -27.16 -34.48
CA ASP E 384 -20.82 -27.46 -33.38
C ASP E 384 -19.54 -26.63 -33.44
N PHE E 385 -19.40 -25.82 -34.49
CA PHE E 385 -18.15 -25.16 -34.67
C PHE E 385 -17.78 -24.33 -33.45
N ILE E 386 -18.79 -23.78 -32.77
CA ILE E 386 -18.52 -22.92 -31.63
C ILE E 386 -17.81 -23.67 -30.50
N ASP E 387 -18.14 -24.92 -30.26
CA ASP E 387 -17.45 -25.69 -29.22
C ASP E 387 -16.08 -26.20 -29.69
N LYS E 388 -15.77 -26.05 -30.97
CA LYS E 388 -14.43 -26.39 -31.41
C LYS E 388 -13.51 -25.19 -31.17
N ILE E 389 -14.06 -24.00 -31.09
CA ILE E 389 -13.24 -22.86 -30.72
C ILE E 389 -12.89 -22.98 -29.24
N ALA E 390 -11.61 -23.00 -28.90
CA ALA E 390 -11.22 -23.08 -27.49
C ALA E 390 -11.60 -21.80 -26.73
N ASP E 391 -11.74 -21.91 -25.42
CA ASP E 391 -11.90 -20.75 -24.55
C ASP E 391 -11.11 -20.99 -23.24
N GLU E 392 -11.22 -20.09 -22.27
CA GLU E 392 -10.42 -20.21 -21.06
C GLU E 392 -10.79 -21.45 -20.23
N THR E 393 -11.96 -22.02 -20.45
CA THR E 393 -12.30 -23.18 -19.65
C THR E 393 -11.53 -24.38 -20.18
N ILE E 394 -11.01 -24.26 -21.39
CA ILE E 394 -10.08 -25.24 -21.93
C ILE E 394 -8.64 -24.93 -21.50
N GLY E 395 -8.26 -23.66 -21.60
CA GLY E 395 -6.93 -23.26 -21.26
C GLY E 395 -6.62 -21.86 -21.71
N THR E 396 -5.50 -21.34 -21.22
CA THR E 396 -5.06 -20.00 -21.61
C THR E 396 -3.78 -20.07 -22.43
N THR E 397 -3.17 -21.24 -22.53
CA THR E 397 -1.92 -21.38 -23.27
C THR E 397 -2.06 -22.29 -24.46
N VAL E 398 -1.26 -22.04 -25.50
CA VAL E 398 -1.21 -22.88 -26.72
C VAL E 398 -1.03 -24.33 -26.29
N ASP E 399 -0.19 -24.54 -25.28
CA ASP E 399 0.12 -25.86 -24.80
C ASP E 399 -1.16 -26.59 -24.40
N GLU E 400 -2.03 -25.88 -23.68
CA GLU E 400 -3.31 -26.42 -23.25
C GLU E 400 -4.30 -26.52 -24.41
N ILE E 401 -4.49 -25.43 -25.16
CA ILE E 401 -5.50 -25.44 -26.21
C ILE E 401 -5.18 -26.25 -27.49
N LEU E 402 -3.92 -26.32 -27.91
CA LEU E 402 -3.61 -27.00 -29.17
C LEU E 402 -4.06 -28.48 -29.24
N PRO E 403 -3.79 -29.27 -28.20
CA PRO E 403 -4.32 -30.64 -28.19
C PRO E 403 -5.86 -30.70 -28.30
N TYR E 404 -6.55 -29.70 -27.74
CA TYR E 404 -8.01 -29.65 -27.80
C TYR E 404 -8.48 -29.35 -29.22
N LEU E 405 -7.86 -28.34 -29.84
CA LEU E 405 -8.02 -28.10 -31.27
C LEU E 405 -7.86 -29.39 -32.10
N GLU E 406 -6.75 -30.11 -31.91
CA GLU E 406 -6.47 -31.36 -32.62
C GLU E 406 -7.58 -32.36 -32.34
N GLU E 407 -7.90 -32.55 -31.06
CA GLU E 407 -8.95 -33.50 -30.68
C GLU E 407 -10.27 -33.22 -31.40
N LYS E 408 -10.68 -31.96 -31.42
CA LYS E 408 -11.98 -31.57 -31.95
C LYS E 408 -11.95 -31.26 -33.44
N GLY E 409 -10.80 -31.47 -34.06
CA GLY E 409 -10.62 -31.28 -35.51
C GLY E 409 -11.01 -29.89 -35.96
N HIS E 410 -10.48 -28.87 -35.30
CA HIS E 410 -10.78 -27.50 -35.66
C HIS E 410 -10.27 -27.27 -37.09
N PRO E 411 -11.14 -26.77 -37.97
CA PRO E 411 -10.78 -26.57 -39.37
C PRO E 411 -9.52 -25.72 -39.61
N ALA E 412 -9.22 -24.75 -38.74
CA ALA E 412 -8.03 -23.88 -38.91
C ALA E 412 -6.75 -24.66 -39.06
N LEU E 413 -6.64 -25.75 -38.31
CA LEU E 413 -5.43 -26.53 -38.31
C LEU E 413 -5.06 -27.05 -39.69
N THR E 414 -6.01 -27.13 -40.60
CA THR E 414 -5.74 -27.80 -41.87
C THR E 414 -6.01 -26.89 -43.06
N MET E 415 -6.13 -25.60 -42.79
CA MET E 415 -6.28 -24.63 -43.86
C MET E 415 -4.91 -24.21 -44.35
N ASP E 416 -4.90 -23.27 -45.29
CA ASP E 416 -3.66 -22.69 -45.83
C ASP E 416 -2.86 -21.97 -44.76
N PRO E 417 -1.52 -21.92 -44.91
CA PRO E 417 -0.71 -21.21 -43.93
C PRO E 417 -1.12 -19.75 -43.95
N ILE E 418 -1.89 -19.34 -42.96
CA ILE E 418 -2.27 -17.96 -42.86
C ILE E 418 -1.02 -17.06 -42.81
N MET E 419 0.08 -17.53 -42.20
CA MET E 419 1.22 -16.66 -42.02
C MET E 419 1.86 -16.21 -43.34
N ARG E 420 1.78 -17.04 -44.38
CA ARG E 420 2.18 -16.60 -45.74
C ARG E 420 1.48 -15.35 -46.25
N SER E 421 0.23 -15.09 -45.81
CA SER E 421 -0.47 -13.91 -46.29
C SER E 421 -0.08 -12.60 -45.60
N HIS E 422 0.97 -12.61 -44.78
CA HIS E 422 1.27 -11.51 -43.88
C HIS E 422 2.29 -10.58 -44.49
N THR E 423 1.88 -9.36 -44.85
CA THR E 423 2.80 -8.33 -45.42
C THR E 423 3.27 -7.30 -44.39
N SER E 424 4.61 -7.13 -44.18
CA SER E 424 5.15 -6.06 -43.30
C SER E 424 4.62 -4.66 -43.59
N ARG E 425 4.32 -3.89 -42.56
CA ARG E 425 3.82 -2.52 -42.73
C ARG E 425 4.80 -1.66 -43.49
N GLY E 426 4.31 -0.56 -44.08
CA GLY E 426 5.21 0.42 -44.73
C GLY E 426 4.69 0.92 -46.06
N ILE F 6 -12.13 -1.29 41.55
CA ILE F 6 -11.22 -2.47 41.80
C ILE F 6 -10.33 -2.87 40.60
N LYS F 7 -9.77 -4.09 40.64
CA LYS F 7 -8.86 -4.61 39.59
C LYS F 7 -9.36 -4.48 38.14
N LEU F 8 -8.48 -4.03 37.24
CA LEU F 8 -8.79 -3.93 35.81
C LEU F 8 -7.57 -4.44 35.06
N ASP F 9 -7.64 -5.66 34.55
CA ASP F 9 -6.52 -6.23 33.81
C ASP F 9 -6.88 -6.36 32.33
N LEU F 10 -6.44 -5.39 31.54
CA LEU F 10 -6.76 -5.41 30.11
C LEU F 10 -5.61 -5.99 29.32
N PRO F 11 -5.87 -6.52 28.12
CA PRO F 11 -4.72 -6.92 27.30
C PRO F 11 -4.12 -5.77 26.48
N ILE F 12 -4.64 -4.55 26.66
CA ILE F 12 -4.17 -3.37 25.94
C ILE F 12 -3.75 -2.37 26.99
N ASN F 13 -2.82 -1.49 26.67
CA ASN F 13 -2.53 -0.39 27.59
C ASN F 13 -3.79 0.44 27.82
N PHE F 14 -3.81 1.15 28.94
CA PHE F 14 -4.96 1.95 29.32
C PHE F 14 -4.46 3.05 30.21
N GLY F 15 -4.86 4.28 29.91
CA GLY F 15 -4.49 5.45 30.71
C GLY F 15 -4.62 6.77 29.97
N PRO F 16 -4.45 7.91 30.68
CA PRO F 16 -4.60 9.26 30.12
C PRO F 16 -3.86 9.51 28.79
N ALA F 17 -2.69 8.90 28.63
CA ALA F 17 -1.83 9.15 27.48
C ALA F 17 -2.41 8.77 26.11
N PHE F 18 -3.44 7.94 26.08
CA PHE F 18 -3.94 7.37 24.83
C PHE F 18 -5.24 8.01 24.36
N GLU F 19 -5.67 9.01 25.11
CA GLU F 19 -6.97 9.62 24.96
C GLU F 19 -7.15 10.31 23.61
N GLY F 20 -6.10 10.97 23.14
CA GLY F 20 -6.18 11.69 21.87
C GLY F 20 -5.83 10.86 20.66
N GLU F 21 -5.76 9.53 20.82
CA GLU F 21 -5.40 8.66 19.72
C GLU F 21 -6.48 8.75 18.67
N SER F 22 -6.09 8.60 17.43
CA SER F 22 -7.06 8.45 16.35
C SER F 22 -6.80 7.17 15.53
N ILE F 23 -7.86 6.58 14.99
CA ILE F 23 -7.83 5.31 14.26
C ILE F 23 -8.35 5.49 12.83
N ARG F 24 -7.43 5.56 11.88
CA ARG F 24 -7.76 5.69 10.45
C ARG F 24 -8.42 4.43 9.91
N LYS F 25 -9.29 4.57 8.90
CA LYS F 25 -10.00 3.41 8.29
C LYS F 25 -9.06 2.22 7.95
N GLY F 26 -7.87 2.51 7.46
CA GLY F 26 -6.90 1.46 7.21
C GLY F 26 -6.54 0.65 8.45
N ASP F 27 -6.58 1.24 9.64
CA ASP F 27 -6.18 0.49 10.83
C ASP F 27 -7.33 -0.04 11.67
N MET F 28 -8.53 0.25 11.22
CA MET F 28 -9.73 -0.08 11.93
C MET F 28 -10.07 -1.57 11.79
N TYR F 29 -10.33 -2.24 12.90
CA TYR F 29 -10.81 -3.61 12.87
C TYR F 29 -12.34 -3.74 12.82
N VAL F 30 -13.06 -3.04 13.71
CA VAL F 30 -14.49 -2.77 13.55
C VAL F 30 -14.78 -1.31 13.69
N GLU F 31 -16.00 -0.98 13.30
CA GLU F 31 -16.51 0.34 13.48
C GLU F 31 -17.98 0.15 13.82
N MET F 32 -18.47 1.00 14.71
CA MET F 32 -19.89 0.97 15.04
C MET F 32 -20.37 2.37 15.33
N GLY F 33 -21.58 2.68 14.88
CA GLY F 33 -22.11 4.03 15.07
C GLY F 33 -21.73 5.01 13.97
N GLY F 34 -21.55 6.27 14.38
CA GLY F 34 -21.41 7.41 13.46
C GLY F 34 -22.23 7.40 12.16
N ASN F 35 -23.49 6.94 12.22
CA ASN F 35 -24.32 6.85 11.00
C ASN F 35 -23.93 5.76 9.99
N ARG F 36 -22.89 5.00 10.28
CA ARG F 36 -22.60 3.84 9.47
C ARG F 36 -23.46 2.66 9.93
N THR F 37 -23.64 2.51 11.23
CA THR F 37 -24.64 1.56 11.78
C THR F 37 -25.37 2.22 12.96
N PRO F 38 -26.58 1.72 13.32
CA PRO F 38 -27.21 2.24 14.55
C PRO F 38 -26.42 1.86 15.82
N ALA F 39 -26.21 2.85 16.69
CA ALA F 39 -25.53 2.65 17.98
C ALA F 39 -25.97 3.68 19.00
N PHE F 40 -26.00 3.27 20.27
CA PHE F 40 -26.30 4.13 21.39
C PHE F 40 -25.52 3.70 22.63
N GLU F 41 -25.43 4.62 23.58
CA GLU F 41 -24.98 4.32 24.94
C GLU F 41 -26.05 4.81 25.92
N LEU F 42 -26.20 4.12 27.05
CA LEU F 42 -27.16 4.54 28.08
C LEU F 42 -26.69 4.22 29.48
N VAL F 43 -26.82 5.18 30.38
CA VAL F 43 -26.67 4.95 31.83
C VAL F 43 -28.04 5.00 32.52
N ARG F 44 -28.35 3.96 33.28
CA ARG F 44 -29.64 3.85 33.95
C ARG F 44 -29.49 3.66 35.45
N THR F 45 -30.28 4.39 36.23
CA THR F 45 -30.41 4.00 37.61
C THR F 45 -31.28 2.77 37.65
N VAL F 46 -30.86 1.79 38.45
CA VAL F 46 -31.66 0.61 38.73
C VAL F 46 -31.65 0.35 40.24
N SER F 47 -32.63 -0.42 40.71
CA SER F 47 -32.69 -0.88 42.10
C SER F 47 -31.67 -2.01 42.31
N GLU F 48 -31.35 -2.29 43.57
CA GLU F 48 -30.29 -3.25 43.83
C GLU F 48 -30.67 -4.73 43.60
N SER F 49 -31.97 -5.03 43.64
CA SER F 49 -32.47 -6.39 43.43
C SER F 49 -32.49 -6.79 41.94
N GLU F 50 -32.45 -5.80 41.05
CA GLU F 50 -32.45 -6.08 39.62
C GLU F 50 -31.05 -5.93 38.95
N ILE F 51 -29.98 -5.98 39.76
CA ILE F 51 -28.59 -5.78 39.26
C ILE F 51 -27.60 -6.82 39.79
N THR F 52 -26.72 -7.35 38.94
CA THR F 52 -25.61 -8.18 39.44
C THR F 52 -24.30 -7.41 39.32
N ASP F 53 -23.74 -7.04 40.47
CA ASP F 53 -22.57 -6.17 40.47
C ASP F 53 -21.41 -6.84 39.78
N GLY F 54 -20.88 -6.17 38.76
CA GLY F 54 -19.71 -6.67 38.03
C GLY F 54 -20.04 -7.60 36.87
N LYS F 55 -21.32 -7.87 36.68
CA LYS F 55 -21.74 -8.72 35.57
C LYS F 55 -21.62 -7.99 34.24
N ILE F 56 -20.92 -8.60 33.30
CA ILE F 56 -20.79 -8.07 31.94
C ILE F 56 -21.26 -9.10 30.92
N GLU F 57 -22.10 -8.68 29.98
CA GLU F 57 -22.61 -9.57 28.94
C GLU F 57 -22.46 -9.03 27.52
N VAL F 58 -22.03 -9.88 26.62
CA VAL F 58 -22.01 -9.52 25.22
C VAL F 58 -23.16 -10.25 24.51
N ILE F 59 -24.19 -9.52 24.08
CA ILE F 59 -25.30 -10.12 23.34
C ILE F 59 -25.15 -9.88 21.83
N GLY F 60 -24.79 -10.95 21.12
CA GLY F 60 -24.53 -10.85 19.68
C GLY F 60 -23.08 -11.17 19.40
N PRO F 61 -22.65 -11.05 18.13
CA PRO F 61 -21.29 -11.49 17.78
C PRO F 61 -20.18 -10.73 18.52
N ASP F 62 -19.13 -11.45 18.90
CA ASP F 62 -17.95 -10.81 19.45
C ASP F 62 -16.90 -10.56 18.35
N ILE F 63 -15.78 -9.97 18.77
CA ILE F 63 -14.73 -9.46 17.89
C ILE F 63 -14.18 -10.54 16.97
N ASP F 64 -14.16 -11.77 17.47
CA ASP F 64 -13.63 -12.89 16.70
C ASP F 64 -14.69 -13.61 15.83
N GLN F 65 -15.75 -12.91 15.47
CA GLN F 65 -16.89 -13.53 14.78
C GLN F 65 -17.49 -12.57 13.78
N ILE F 66 -16.66 -11.64 13.31
CA ILE F 66 -17.06 -10.69 12.30
C ILE F 66 -15.84 -10.55 11.41
N PRO F 67 -16.04 -10.30 10.11
CA PRO F 67 -14.85 -10.05 9.26
C PRO F 67 -14.03 -8.80 9.67
N GLU F 68 -12.72 -8.85 9.41
CA GLU F 68 -11.83 -7.73 9.72
C GLU F 68 -12.22 -6.51 8.90
N GLY F 69 -12.30 -5.33 9.51
CA GLY F 69 -12.64 -4.13 8.76
C GLY F 69 -14.13 -3.87 8.68
N SER F 70 -14.93 -4.79 9.21
CA SER F 70 -16.36 -4.73 9.05
C SER F 70 -17.04 -3.78 10.05
N LYS F 71 -18.38 -3.70 9.93
CA LYS F 71 -19.24 -2.84 10.76
C LYS F 71 -20.16 -3.66 11.64
N LEU F 72 -20.71 -3.03 12.66
CA LEU F 72 -21.57 -3.72 13.62
C LEU F 72 -22.44 -2.68 14.33
N PRO F 73 -23.70 -3.01 14.63
CA PRO F 73 -24.48 -2.11 15.46
C PRO F 73 -24.06 -2.29 16.94
N LEU F 74 -24.23 -1.26 17.76
CA LEU F 74 -23.76 -1.31 19.13
C LEU F 74 -24.73 -0.69 20.14
N GLY F 75 -24.82 -1.34 21.29
CA GLY F 75 -25.59 -0.82 22.41
C GLY F 75 -24.75 -1.00 23.66
N ILE F 76 -24.39 0.12 24.27
CA ILE F 76 -23.68 0.08 25.53
C ILE F 76 -24.66 0.47 26.61
N LEU F 77 -24.98 -0.50 27.47
CA LEU F 77 -25.98 -0.32 28.52
C LEU F 77 -25.36 -0.48 29.90
N VAL F 78 -25.24 0.63 30.59
CA VAL F 78 -24.63 0.67 31.91
C VAL F 78 -25.71 0.89 32.95
N ASP F 79 -26.00 -0.16 33.72
CA ASP F 79 -26.93 -0.04 34.85
C ASP F 79 -26.14 0.30 36.11
N ILE F 80 -26.51 1.43 36.72
CA ILE F 80 -25.93 1.82 38.00
C ILE F 80 -26.95 1.64 39.14
N TYR F 81 -26.53 1.02 40.24
CA TYR F 81 -27.20 1.17 41.53
C TYR F 81 -26.24 1.81 42.50
N GLY F 82 -26.75 2.77 43.27
CA GLY F 82 -26.01 3.34 44.40
C GLY F 82 -26.95 3.91 45.41
N ARG F 83 -26.63 3.81 46.70
CA ARG F 83 -27.52 4.36 47.73
C ARG F 83 -27.89 5.82 47.46
N LYS F 84 -26.91 6.61 47.03
CA LYS F 84 -27.12 8.03 46.82
C LYS F 84 -27.24 8.41 45.34
N MET F 85 -27.38 7.42 44.46
CA MET F 85 -27.67 7.64 43.03
C MET F 85 -29.08 8.23 42.77
N GLN F 86 -29.18 9.11 41.77
CA GLN F 86 -30.46 9.70 41.33
C GLN F 86 -30.59 9.69 39.82
N ALA F 87 -31.82 9.73 39.32
CA ALA F 87 -32.04 9.83 37.88
C ALA F 87 -31.29 11.05 37.28
N ASP F 88 -31.30 12.17 38.00
CA ASP F 88 -30.56 13.39 37.67
C ASP F 88 -29.10 13.17 37.27
N PHE F 89 -28.44 12.17 37.87
CA PHE F 89 -27.00 12.01 37.67
C PHE F 89 -26.65 11.16 36.44
N GLU F 90 -27.63 10.44 35.92
CA GLU F 90 -27.39 9.52 34.81
C GLU F 90 -26.60 10.18 33.66
N GLY F 91 -27.03 11.39 33.28
CA GLY F 91 -26.36 12.15 32.22
C GLY F 91 -24.93 12.59 32.50
N VAL F 92 -24.57 12.66 33.77
CA VAL F 92 -23.21 13.00 34.14
C VAL F 92 -22.27 11.82 33.92
N LEU F 93 -22.72 10.62 34.31
CA LEU F 93 -21.88 9.43 34.21
C LEU F 93 -21.79 9.02 32.76
N GLU F 94 -22.93 9.16 32.06
CA GLU F 94 -23.00 8.76 30.67
C GLU F 94 -21.97 9.48 29.83
N ARG F 95 -21.80 10.78 30.07
CA ARG F 95 -20.74 11.53 29.39
C ARG F 95 -19.32 10.92 29.59
N ARG F 96 -19.09 10.20 30.67
CA ARG F 96 -17.75 9.77 30.96
C ARG F 96 -17.38 8.50 30.23
N ILE F 97 -18.40 7.78 29.75
CA ILE F 97 -18.18 6.67 28.83
C ILE F 97 -17.20 7.08 27.72
N HIS F 98 -17.36 8.28 27.17
CA HIS F 98 -16.42 8.86 26.24
C HIS F 98 -14.93 8.74 26.68
N ASP F 99 -14.52 9.34 27.82
CA ASP F 99 -13.11 9.25 28.21
C ASP F 99 -12.75 7.81 28.50
N PHE F 100 -13.62 7.15 29.28
CA PHE F 100 -13.32 5.85 29.82
C PHE F 100 -12.87 4.97 28.67
N ILE F 101 -13.61 5.02 27.56
CA ILE F 101 -13.22 4.25 26.40
C ILE F 101 -11.96 4.78 25.73
N ASN F 102 -11.81 6.09 25.61
CA ASN F 102 -10.64 6.68 24.97
C ASN F 102 -9.29 6.43 25.65
N TYR F 103 -9.29 5.94 26.89
CA TYR F 103 -8.07 5.70 27.63
C TYR F 103 -7.43 4.41 27.19
N GLY F 104 -8.26 3.51 26.66
CA GLY F 104 -7.78 2.29 26.07
C GLY F 104 -7.07 2.54 24.75
N GLU F 105 -5.83 2.08 24.66
CA GLU F 105 -5.05 2.20 23.43
C GLU F 105 -5.64 1.29 22.36
N GLY F 106 -6.02 1.87 21.23
CA GLY F 106 -6.66 1.11 20.17
C GLY F 106 -8.17 1.16 20.25
N LEU F 107 -8.71 1.98 21.16
CA LEU F 107 -10.13 2.15 21.32
C LEU F 107 -10.45 3.60 21.15
N TRP F 108 -11.43 3.90 20.30
CA TRP F 108 -11.81 5.27 19.97
C TRP F 108 -13.32 5.47 20.06
N HIS F 109 -13.69 6.60 20.64
CA HIS F 109 -15.09 6.94 20.89
C HIS F 109 -15.34 8.42 20.68
N THR F 110 -16.38 8.73 19.92
CA THR F 110 -16.85 10.12 19.89
C THR F 110 -18.39 10.19 19.83
N GLY F 111 -18.91 11.39 19.99
CA GLY F 111 -20.33 11.62 19.96
C GLY F 111 -20.97 11.28 21.28
N GLN F 112 -22.28 11.11 21.29
CA GLN F 112 -23.05 10.92 22.51
C GLN F 112 -24.39 10.26 22.19
N ARG F 113 -25.04 9.72 23.21
CA ARG F 113 -26.38 9.11 23.10
C ARG F 113 -26.54 8.10 21.95
N ASN F 114 -27.40 8.40 20.99
CA ASN F 114 -27.51 7.56 19.80
C ASN F 114 -26.94 8.21 18.52
N ILE F 115 -25.99 9.11 18.71
CA ILE F 115 -25.00 9.39 17.67
C ILE F 115 -23.59 9.31 18.24
N ASN F 116 -23.32 8.18 18.90
CA ASN F 116 -21.98 7.86 19.30
C ASN F 116 -21.33 7.10 18.14
N TRP F 117 -20.02 7.01 18.17
CA TRP F 117 -19.27 6.43 17.08
C TRP F 117 -18.10 5.75 17.77
N LEU F 118 -17.81 4.52 17.36
CA LEU F 118 -16.69 3.80 17.94
C LEU F 118 -15.87 3.05 16.90
N ARG F 119 -14.57 2.97 17.15
CA ARG F 119 -13.69 2.14 16.35
C ARG F 119 -12.77 1.36 17.25
N VAL F 120 -12.46 0.13 16.86
CA VAL F 120 -11.39 -0.63 17.55
C VAL F 120 -10.27 -0.87 16.55
N SER F 121 -9.03 -0.71 16.98
CA SER F 121 -7.90 -0.81 16.05
C SER F 121 -7.50 -2.25 15.79
N LYS F 122 -6.91 -2.51 14.63
CA LYS F 122 -6.38 -3.83 14.32
C LYS F 122 -5.41 -4.30 15.39
N ASP F 123 -4.59 -3.38 15.91
CA ASP F 123 -3.62 -3.71 16.96
C ASP F 123 -4.22 -4.16 18.26
N ALA F 124 -5.30 -3.50 18.66
CA ALA F 124 -5.96 -3.81 19.91
C ALA F 124 -6.46 -5.25 19.85
N VAL F 125 -6.97 -5.60 18.67
CA VAL F 125 -7.54 -6.92 18.48
C VAL F 125 -6.42 -7.93 18.55
N ALA F 126 -5.33 -7.64 17.85
CA ALA F 126 -4.20 -8.54 17.78
C ALA F 126 -3.65 -8.83 19.19
N LYS F 127 -3.56 -7.78 20.01
CA LYS F 127 -3.14 -7.89 21.42
C LYS F 127 -4.14 -8.66 22.30
N GLY F 128 -5.39 -8.79 21.87
CA GLY F 128 -6.37 -9.61 22.60
C GLY F 128 -7.71 -8.99 22.96
N PHE F 129 -7.92 -7.71 22.64
CA PHE F 129 -9.15 -7.02 23.00
C PHE F 129 -10.42 -7.74 22.51
N ARG F 130 -11.36 -7.90 23.41
CA ARG F 130 -12.68 -8.35 23.05
C ARG F 130 -13.72 -7.58 23.84
N PHE F 131 -14.97 -7.59 23.35
CA PHE F 131 -16.00 -6.67 23.81
C PHE F 131 -16.25 -6.64 25.31
N LYS F 132 -16.12 -7.81 25.94
CA LYS F 132 -16.07 -7.97 27.38
C LYS F 132 -15.26 -6.84 28.07
N ASN F 133 -14.15 -6.44 27.45
CA ASN F 133 -13.27 -5.38 27.96
C ASN F 133 -13.89 -3.99 28.02
N TYR F 134 -14.87 -3.74 27.15
CA TYR F 134 -15.71 -2.52 27.28
C TYR F 134 -16.39 -2.54 28.65
N GLY F 135 -17.00 -3.66 28.98
CA GLY F 135 -17.64 -3.81 30.25
C GLY F 135 -16.69 -3.58 31.41
N GLU F 136 -15.50 -4.18 31.32
CA GLU F 136 -14.54 -4.09 32.42
C GLU F 136 -14.11 -2.65 32.65
N ILE F 137 -13.83 -1.93 31.58
CA ILE F 137 -13.38 -0.55 31.68
C ILE F 137 -14.46 0.23 32.37
N LEU F 138 -15.67 0.12 31.83
CA LEU F 138 -16.82 0.83 32.36
C LEU F 138 -17.06 0.55 33.87
N VAL F 139 -17.14 -0.74 34.24
CA VAL F 139 -17.34 -1.12 35.65
C VAL F 139 -16.30 -0.48 36.59
N ALA F 140 -15.02 -0.74 36.31
CA ALA F 140 -13.91 -0.16 37.04
C ALA F 140 -13.99 1.36 37.16
N LYS F 141 -14.14 2.03 36.01
CA LYS F 141 -13.99 3.47 35.98
C LYS F 141 -15.16 4.17 36.64
N MET F 142 -16.38 3.67 36.40
CA MET F 142 -17.59 4.20 37.06
C MET F 142 -17.40 4.20 38.58
N LYS F 143 -17.05 3.04 39.13
CA LYS F 143 -16.83 2.88 40.57
C LYS F 143 -15.77 3.81 41.12
N GLU F 144 -14.68 3.93 40.40
CA GLU F 144 -13.56 4.73 40.80
C GLU F 144 -13.83 6.25 40.72
N GLU F 145 -14.51 6.72 39.68
CA GLU F 145 -14.75 8.17 39.51
C GLU F 145 -15.86 8.68 40.38
N PHE F 146 -16.88 7.87 40.61
CA PHE F 146 -18.04 8.32 41.35
C PHE F 146 -18.24 7.46 42.61
N PRO F 147 -17.25 7.49 43.54
CA PRO F 147 -17.27 6.53 44.64
C PRO F 147 -18.47 6.68 45.55
N ALA F 148 -18.97 7.92 45.71
CA ALA F 148 -20.03 8.18 46.69
C ALA F 148 -21.41 7.90 46.12
N ILE F 149 -21.47 7.78 44.80
CA ILE F 149 -22.74 7.64 44.13
C ILE F 149 -22.97 6.24 43.54
N VAL F 150 -21.90 5.59 43.12
CA VAL F 150 -21.99 4.31 42.45
C VAL F 150 -21.58 3.19 43.39
N ASP F 151 -22.53 2.33 43.75
CA ASP F 151 -22.26 1.15 44.59
C ASP F 151 -22.08 -0.10 43.74
N ARG F 152 -22.95 -0.25 42.74
CA ARG F 152 -22.92 -1.44 41.88
C ARG F 152 -23.08 -1.11 40.40
N VAL F 153 -22.30 -1.78 39.55
CA VAL F 153 -22.32 -1.54 38.11
C VAL F 153 -22.59 -2.84 37.36
N GLN F 154 -23.42 -2.74 36.32
CA GLN F 154 -23.64 -3.84 35.38
C GLN F 154 -23.63 -3.30 33.95
N VAL F 155 -22.96 -4.01 33.05
CA VAL F 155 -22.81 -3.53 31.70
C VAL F 155 -23.23 -4.59 30.72
N THR F 156 -24.02 -4.15 29.75
CA THR F 156 -24.44 -5.02 28.67
C THR F 156 -23.99 -4.42 27.33
N ILE F 157 -23.22 -5.19 26.56
CA ILE F 157 -22.77 -4.79 25.24
C ILE F 157 -23.63 -5.51 24.22
N PHE F 158 -24.44 -4.76 23.48
CA PHE F 158 -25.28 -5.38 22.47
C PHE F 158 -24.60 -5.21 21.14
N THR F 159 -24.44 -6.32 20.40
CA THR F 159 -24.01 -6.25 19.00
C THR F 159 -24.96 -6.94 18.01
N ASP F 160 -25.91 -7.71 18.53
CA ASP F 160 -26.95 -8.31 17.68
C ASP F 160 -27.93 -7.26 17.11
N GLU F 161 -28.15 -7.30 15.80
CA GLU F 161 -28.97 -6.30 15.08
C GLU F 161 -30.35 -6.06 15.73
N ALA F 162 -31.05 -7.15 16.07
CA ALA F 162 -32.40 -7.04 16.68
C ALA F 162 -32.33 -6.31 18.02
N LYS F 163 -31.52 -6.83 18.93
CA LYS F 163 -31.43 -6.27 20.28
C LYS F 163 -31.05 -4.80 20.33
N VAL F 164 -30.22 -4.34 19.38
CA VAL F 164 -29.84 -2.94 19.34
C VAL F 164 -31.08 -2.10 19.03
N LYS F 165 -31.84 -2.54 18.03
CA LYS F 165 -33.11 -1.88 17.63
C LYS F 165 -34.10 -1.82 18.81
N GLU F 166 -34.19 -2.90 19.58
CA GLU F 166 -35.07 -2.98 20.75
C GLU F 166 -34.66 -1.98 21.83
N TYR F 167 -33.44 -2.16 22.36
CA TYR F 167 -32.93 -1.29 23.42
C TYR F 167 -32.71 0.18 23.00
N MET F 168 -32.60 0.44 21.69
CA MET F 168 -32.60 1.81 21.19
C MET F 168 -33.74 2.59 21.78
N GLU F 169 -34.89 1.93 21.91
CA GLU F 169 -36.11 2.56 22.39
C GLU F 169 -36.03 2.81 23.89
N VAL F 170 -35.52 1.83 24.63
CA VAL F 170 -35.27 2.03 26.05
C VAL F 170 -34.42 3.28 26.26
N ALA F 171 -33.37 3.45 25.45
CA ALA F 171 -32.54 4.68 25.46
C ALA F 171 -33.32 5.95 25.10
N ARG F 172 -33.92 5.95 23.91
CA ARG F 172 -34.73 7.07 23.40
C ARG F 172 -35.69 7.59 24.47
N GLU F 173 -36.37 6.64 25.13
CA GLU F 173 -37.31 6.96 26.17
C GLU F 173 -36.56 7.78 27.25
N LYS F 174 -35.44 7.24 27.77
CA LYS F 174 -34.63 7.92 28.78
C LYS F 174 -34.10 9.27 28.33
N TYR F 175 -33.67 9.38 27.07
CA TYR F 175 -33.23 10.66 26.51
C TYR F 175 -34.33 11.73 26.54
N LYS F 176 -35.52 11.39 26.03
CA LYS F 176 -36.69 12.28 26.00
C LYS F 176 -36.97 12.78 27.40
N GLU F 177 -36.92 11.83 28.32
CA GLU F 177 -37.10 12.09 29.73
C GLU F 177 -36.14 13.17 30.24
N ARG F 178 -34.85 13.08 29.88
CA ARG F 178 -33.87 14.10 30.27
C ARG F 178 -34.12 15.46 29.65
N ASP F 179 -34.48 15.47 28.37
CA ASP F 179 -34.75 16.70 27.64
C ASP F 179 -35.97 17.43 28.20
N ASP F 180 -36.87 16.67 28.82
CA ASP F 180 -38.07 17.25 29.43
C ASP F 180 -37.71 18.10 30.63
N ARG F 181 -36.86 17.58 31.50
CA ARG F 181 -36.36 18.34 32.64
C ARG F 181 -35.76 19.69 32.18
N MET F 182 -35.28 19.73 30.95
CA MET F 182 -34.69 20.93 30.41
C MET F 182 -35.73 21.92 29.95
N ARG F 183 -36.96 21.45 29.75
CA ARG F 183 -38.01 22.24 29.06
C ARG F 183 -38.31 23.64 29.62
N GLY F 184 -38.39 23.79 30.93
CA GLY F 184 -38.76 25.09 31.48
C GLY F 184 -37.68 26.17 31.33
N LEU F 185 -36.42 25.76 31.11
CA LEU F 185 -35.26 26.60 31.48
C LEU F 185 -34.63 27.45 30.39
N THR F 186 -34.68 28.77 30.55
CA THR F 186 -34.00 29.65 29.61
C THR F 186 -32.85 30.43 30.25
N ASP F 187 -31.98 30.98 29.40
CA ASP F 187 -30.89 31.83 29.86
C ASP F 187 -31.36 32.99 30.75
N GLU F 188 -32.49 33.61 30.38
CA GLU F 188 -33.00 34.76 31.14
C GLU F 188 -33.55 34.32 32.48
N THR F 189 -34.00 33.08 32.62
CA THR F 189 -34.68 32.66 33.84
C THR F 189 -33.81 31.94 34.87
N VAL F 190 -32.51 31.80 34.61
CA VAL F 190 -31.55 31.28 35.60
C VAL F 190 -30.53 32.35 35.95
N ASP F 191 -29.94 32.25 37.13
CA ASP F 191 -28.95 33.24 37.54
C ASP F 191 -27.54 32.67 37.53
N THR F 192 -27.40 31.38 37.24
CA THR F 192 -26.10 30.73 37.23
C THR F 192 -25.83 30.09 35.86
N PHE F 193 -24.59 30.23 35.38
CA PHE F 193 -24.09 29.44 34.26
C PHE F 193 -23.02 28.52 34.81
N TYR F 194 -22.51 27.63 33.98
CA TYR F 194 -21.49 26.69 34.40
C TYR F 194 -20.39 26.55 33.37
N SER F 195 -19.15 26.52 33.86
CA SER F 195 -18.01 26.28 33.01
C SER F 195 -17.79 24.79 32.96
N CYS F 196 -17.09 24.37 31.91
CA CYS F 196 -16.63 23.00 31.82
C CYS F 196 -15.19 23.02 31.39
N VAL F 197 -14.38 22.17 32.01
CA VAL F 197 -12.94 22.05 31.65
C VAL F 197 -12.52 20.59 31.35
N LEU F 198 -13.48 19.68 31.26
CA LEU F 198 -13.20 18.25 31.10
C LEU F 198 -12.21 18.01 29.99
N CYS F 199 -12.30 18.78 28.91
CA CYS F 199 -11.49 18.47 27.72
C CYS F 199 -10.14 19.18 27.68
N GLN F 200 -9.70 19.72 28.80
CA GLN F 200 -8.41 20.38 28.82
C GLN F 200 -7.27 19.40 28.68
N SER F 201 -7.59 18.11 28.72
CA SER F 201 -6.61 17.09 28.37
C SER F 201 -6.32 17.16 26.87
N PHE F 202 -7.33 17.51 26.08
CA PHE F 202 -7.17 17.63 24.63
C PHE F 202 -6.72 19.04 24.18
N ALA F 203 -7.31 20.08 24.78
CA ALA F 203 -6.91 21.47 24.54
C ALA F 203 -6.77 22.17 25.90
N PRO F 204 -5.52 22.29 26.41
CA PRO F 204 -5.25 22.76 27.77
C PRO F 204 -5.93 24.08 28.17
N ASN F 205 -6.24 24.95 27.22
CA ASN F 205 -6.82 26.27 27.56
C ASN F 205 -8.28 26.45 27.16
N HIS F 206 -8.93 25.35 26.82
CA HIS F 206 -10.28 25.46 26.35
C HIS F 206 -11.26 25.36 27.50
N VAL F 207 -12.28 26.22 27.47
CA VAL F 207 -13.33 26.20 28.47
C VAL F 207 -14.69 26.32 27.82
N CYS F 208 -15.59 25.39 28.10
CA CYS F 208 -16.97 25.51 27.65
C CYS F 208 -17.77 26.36 28.63
N ILE F 209 -18.61 27.25 28.11
CA ILE F 209 -19.55 27.95 28.95
C ILE F 209 -20.94 27.40 28.66
N VAL F 210 -21.46 26.60 29.59
CA VAL F 210 -22.73 25.92 29.40
C VAL F 210 -23.89 26.72 29.98
N THR F 211 -24.88 27.04 29.14
CA THR F 211 -26.07 27.75 29.59
C THR F 211 -27.30 26.93 29.17
N PRO F 212 -28.49 27.20 29.79
CA PRO F 212 -29.70 26.42 29.49
C PRO F 212 -30.00 26.33 28.00
N GLU F 213 -29.54 27.32 27.24
CA GLU F 213 -29.83 27.36 25.82
C GLU F 213 -28.56 27.13 24.99
N ARG F 214 -27.43 26.87 25.63
CA ARG F 214 -26.25 26.44 24.87
C ARG F 214 -25.57 25.20 25.46
N VAL F 215 -25.94 24.02 24.95
CA VAL F 215 -25.34 22.77 25.39
C VAL F 215 -23.82 22.87 25.22
N GLY F 216 -23.06 22.18 26.05
CA GLY F 216 -21.64 21.98 25.76
C GLY F 216 -21.41 21.53 24.32
N LEU F 217 -20.25 21.89 23.77
CA LEU F 217 -19.95 21.65 22.36
C LEU F 217 -19.91 20.16 21.93
N CYS F 218 -19.84 19.25 22.90
CA CYS F 218 -19.94 17.81 22.65
C CYS F 218 -21.40 17.33 22.47
N GLY F 219 -22.36 18.18 22.78
CA GLY F 219 -23.76 17.80 22.71
C GLY F 219 -24.25 16.96 23.88
N ALA F 220 -23.34 16.73 24.85
CA ALA F 220 -23.56 15.76 25.93
C ALA F 220 -23.50 16.35 27.34
N VAL F 221 -23.39 17.67 27.45
CA VAL F 221 -23.39 18.33 28.76
C VAL F 221 -24.41 19.48 28.75
N SER F 222 -25.61 19.21 29.27
CA SER F 222 -26.64 20.24 29.40
C SER F 222 -26.38 21.07 30.65
N TRP F 223 -27.06 22.20 30.74
CA TRP F 223 -27.03 23.02 31.94
C TRP F 223 -27.29 22.17 33.20
N LEU F 224 -28.31 21.31 33.15
CA LEU F 224 -28.64 20.42 34.26
C LEU F 224 -27.52 19.45 34.58
N ASP F 225 -26.93 18.89 33.52
CA ASP F 225 -25.79 18.01 33.67
C ASP F 225 -24.64 18.69 34.38
N ALA F 226 -24.30 19.89 33.92
CA ALA F 226 -23.22 20.64 34.55
C ALA F 226 -23.56 20.89 36.02
N LYS F 227 -24.80 21.31 36.29
CA LYS F 227 -25.26 21.51 37.66
C LYS F 227 -25.10 20.25 38.51
N ALA F 228 -25.54 19.12 37.95
CA ALA F 228 -25.50 17.87 38.68
C ALA F 228 -24.05 17.50 38.97
N SER F 229 -23.22 17.57 37.93
CA SER F 229 -21.80 17.35 38.04
C SER F 229 -21.22 18.13 39.21
N TYR F 230 -21.43 19.45 39.22
CA TYR F 230 -20.92 20.28 40.31
C TYR F 230 -21.34 19.80 41.72
N GLU F 231 -22.64 19.59 41.92
CA GLU F 231 -23.18 19.06 43.18
C GLU F 231 -22.52 17.73 43.59
N ILE F 232 -22.31 16.84 42.61
CA ILE F 232 -21.68 15.56 42.80
C ILE F 232 -20.28 15.76 43.35
N ASN F 233 -19.56 16.73 42.81
CA ASN F 233 -18.15 16.92 43.16
C ASN F 233 -17.65 18.34 42.94
N HIS F 234 -17.58 19.10 44.03
CA HIS F 234 -17.24 20.52 44.01
C HIS F 234 -15.90 20.87 43.38
N ALA F 235 -14.95 19.94 43.49
CA ALA F 235 -13.63 20.16 42.93
C ALA F 235 -13.55 19.63 41.49
N GLY F 236 -14.66 19.09 40.97
CA GLY F 236 -14.69 18.54 39.61
C GLY F 236 -14.65 19.51 38.42
N PRO F 237 -14.91 18.99 37.21
CA PRO F 237 -14.76 19.75 35.96
C PRO F 237 -15.76 20.90 35.72
N ASN F 238 -16.83 20.95 36.50
CA ASN F 238 -17.85 22.01 36.32
C ASN F 238 -17.96 22.92 37.49
N GLN F 239 -17.88 24.22 37.24
CA GLN F 239 -17.95 25.25 38.28
C GLN F 239 -19.10 26.16 37.99
N PRO F 240 -19.76 26.70 39.05
CA PRO F 240 -20.84 27.68 38.81
C PRO F 240 -20.28 29.09 38.56
N ILE F 241 -20.85 29.78 37.57
CA ILE F 241 -20.54 31.19 37.28
C ILE F 241 -21.81 32.00 37.43
N PRO F 242 -21.90 32.85 38.48
CA PRO F 242 -23.01 33.80 38.58
C PRO F 242 -23.13 34.75 37.36
N LYS F 243 -24.35 34.90 36.83
CA LYS F 243 -24.62 35.94 35.84
C LYS F 243 -24.57 37.32 36.52
N GLU F 244 -23.53 38.08 36.26
CA GLU F 244 -23.39 39.41 36.85
C GLU F 244 -22.57 40.33 35.95
N GLY F 245 -22.78 41.63 36.09
CA GLY F 245 -22.07 42.63 35.28
C GLY F 245 -22.37 42.51 33.80
N GLU F 246 -23.64 42.31 33.46
CA GLU F 246 -24.05 42.17 32.07
C GLU F 246 -23.55 43.33 31.21
N ILE F 247 -22.68 43.03 30.25
CA ILE F 247 -22.10 44.04 29.35
C ILE F 247 -22.93 44.26 28.05
N ASP F 248 -23.46 43.19 27.48
CA ASP F 248 -24.13 43.27 26.19
C ASP F 248 -25.16 42.13 26.14
N PRO F 249 -26.46 42.47 26.27
CA PRO F 249 -27.45 41.40 26.37
C PRO F 249 -27.66 40.73 25.02
N ILE F 250 -27.32 41.44 23.94
CA ILE F 250 -27.55 40.93 22.60
C ILE F 250 -26.44 39.95 22.19
N LYS F 251 -25.19 40.35 22.41
CA LYS F 251 -24.07 39.48 22.06
C LYS F 251 -23.88 38.40 23.11
N GLY F 252 -24.33 38.68 24.32
CA GLY F 252 -24.14 37.78 25.46
C GLY F 252 -22.76 37.89 26.09
N ILE F 253 -22.45 39.08 26.61
CA ILE F 253 -21.21 39.29 27.33
C ILE F 253 -21.60 39.68 28.74
N TRP F 254 -21.11 38.91 29.71
CA TRP F 254 -21.19 39.28 31.12
C TRP F 254 -19.78 39.39 31.68
N LYS F 255 -19.50 40.44 32.45
CA LYS F 255 -18.16 40.57 33.07
C LYS F 255 -17.78 39.34 33.89
N SER F 256 -18.72 38.82 34.68
CA SER F 256 -18.52 37.61 35.49
C SER F 256 -18.21 36.35 34.67
N VAL F 257 -18.87 36.19 33.51
CA VAL F 257 -18.51 35.11 32.61
C VAL F 257 -17.07 35.33 32.13
N ASN F 258 -16.74 36.56 31.76
CA ASN F 258 -15.40 36.87 31.30
C ASN F 258 -14.34 36.57 32.35
N ASP F 259 -14.60 36.98 33.60
CA ASP F 259 -13.74 36.69 34.73
C ASP F 259 -13.45 35.21 34.93
N TYR F 260 -14.48 34.37 35.05
CA TYR F 260 -14.24 32.93 35.28
C TYR F 260 -13.57 32.26 34.11
N LEU F 261 -13.92 32.71 32.91
CA LEU F 261 -13.28 32.24 31.69
C LEU F 261 -11.80 32.52 31.73
N TYR F 262 -11.44 33.74 32.10
CA TYR F 262 -10.04 34.14 32.11
C TYR F 262 -9.26 33.20 33.01
N THR F 263 -9.72 33.04 34.25
CA THR F 263 -9.10 32.10 35.20
C THR F 263 -9.11 30.64 34.70
N ALA F 264 -10.29 30.13 34.36
CA ALA F 264 -10.41 28.76 33.88
C ALA F 264 -9.50 28.43 32.66
N SER F 265 -9.26 29.43 31.81
CA SER F 265 -8.46 29.27 30.58
C SER F 265 -6.99 29.59 30.76
N ASN F 266 -6.52 29.64 32.01
CA ASN F 266 -5.11 29.95 32.35
C ASN F 266 -4.65 31.26 31.75
N ARG F 267 -5.44 32.31 31.97
CA ARG F 267 -5.14 33.65 31.45
C ARG F 267 -5.14 33.69 29.94
N ASN F 268 -5.89 32.84 29.27
CA ASN F 268 -5.73 32.75 27.82
C ASN F 268 -6.85 33.40 27.00
N LEU F 269 -8.06 33.32 27.51
CA LEU F 269 -9.20 33.99 26.89
C LEU F 269 -9.61 35.13 27.80
N GLU F 270 -10.05 36.26 27.24
CA GLU F 270 -10.49 37.40 28.07
C GLU F 270 -11.98 37.62 27.97
N GLN F 271 -12.56 37.23 26.84
CA GLN F 271 -13.96 37.46 26.59
C GLN F 271 -14.55 36.35 25.73
N VAL F 272 -15.83 36.07 25.96
CA VAL F 272 -16.62 35.20 25.11
C VAL F 272 -18.01 35.80 24.90
N CYS F 273 -18.58 35.61 23.72
CA CYS F 273 -19.91 36.12 23.42
C CYS F 273 -20.84 34.96 23.21
N LEU F 274 -21.77 34.76 24.13
CA LEU F 274 -22.63 33.58 24.10
C LEU F 274 -23.50 33.40 22.86
N TYR F 275 -23.68 34.48 22.09
CA TYR F 275 -24.73 34.49 21.09
C TYR F 275 -24.26 34.91 19.73
N THR F 276 -22.96 34.91 19.52
CA THR F 276 -22.42 35.21 18.19
C THR F 276 -21.24 34.39 17.75
N LEU F 277 -21.16 34.23 16.44
CA LEU F 277 -20.04 33.55 15.83
C LEU F 277 -18.93 34.55 15.45
N MET F 278 -19.27 35.86 15.44
CA MET F 278 -18.50 36.87 14.69
C MET F 278 -17.50 37.68 15.51
N GLU F 279 -17.49 37.41 16.80
CA GLU F 279 -16.73 38.24 17.72
C GLU F 279 -16.54 37.46 19.01
N ASN F 280 -15.29 37.38 19.46
CA ASN F 280 -14.94 36.58 20.63
C ASN F 280 -15.79 35.30 20.76
N PRO F 281 -15.87 34.46 19.69
CA PRO F 281 -16.72 33.25 19.79
C PRO F 281 -16.16 32.27 20.80
N MET F 282 -16.91 31.22 21.10
CA MET F 282 -16.45 30.21 22.05
C MET F 282 -15.37 29.32 21.42
N THR F 283 -14.32 29.00 22.17
CA THR F 283 -13.27 28.16 21.62
C THR F 283 -13.74 26.70 21.53
N SER F 284 -12.90 25.83 20.94
CA SER F 284 -13.21 24.41 20.84
C SER F 284 -12.09 23.51 21.32
N CYS F 285 -12.49 22.33 21.80
CA CYS F 285 -11.54 21.29 22.12
C CYS F 285 -11.46 20.38 20.90
N GLY F 286 -11.67 19.08 21.11
CA GLY F 286 -11.66 18.15 20.03
C GLY F 286 -12.92 17.35 19.79
N CYS F 287 -13.98 17.55 20.57
CA CYS F 287 -15.09 16.62 20.41
C CYS F 287 -16.42 17.22 19.98
N PHE F 288 -16.33 18.40 19.37
CA PHE F 288 -17.49 19.09 18.81
C PHE F 288 -18.11 18.21 17.76
N GLU F 289 -19.43 18.18 17.76
CA GLU F 289 -20.19 17.38 16.77
C GLU F 289 -20.26 18.03 15.38
N ALA F 290 -20.33 19.37 15.34
CA ALA F 290 -20.46 20.13 14.08
C ALA F 290 -19.60 21.40 14.09
N ILE F 291 -19.28 21.90 12.91
CA ILE F 291 -18.52 23.12 12.81
C ILE F 291 -19.37 24.09 12.04
N MET F 292 -19.47 25.32 12.52
CA MET F 292 -20.07 26.39 11.75
C MET F 292 -18.99 27.14 11.00
N ALA F 293 -19.22 27.44 9.73
CA ALA F 293 -18.27 28.22 8.98
C ALA F 293 -18.95 29.26 8.14
N ILE F 294 -18.37 30.44 8.23
CA ILE F 294 -18.90 31.65 7.66
C ILE F 294 -18.78 31.52 6.15
N LEU F 295 -19.72 32.08 5.39
CA LEU F 295 -19.71 31.93 3.93
C LEU F 295 -19.93 33.28 3.31
N PRO F 296 -18.88 34.10 3.25
CA PRO F 296 -19.14 35.52 2.97
C PRO F 296 -20.02 35.81 1.74
N GLU F 297 -19.84 35.11 0.63
CA GLU F 297 -20.60 35.43 -0.56
C GLU F 297 -22.08 35.12 -0.38
N CYS F 298 -22.41 34.32 0.61
CA CYS F 298 -23.78 33.86 0.76
C CYS F 298 -24.49 34.61 1.82
N ASN F 299 -23.80 35.60 2.38
CA ASN F 299 -24.28 36.35 3.54
C ASN F 299 -24.80 35.42 4.62
N GLY F 300 -24.10 34.30 4.79
CA GLY F 300 -24.56 33.21 5.66
C GLY F 300 -23.52 32.25 6.20
N ILE F 301 -24.00 31.15 6.78
CA ILE F 301 -23.16 30.19 7.49
C ILE F 301 -23.51 28.78 7.06
N MET F 302 -22.49 27.94 6.86
CA MET F 302 -22.69 26.52 6.56
C MET F 302 -22.35 25.76 7.80
N ILE F 303 -22.91 24.57 7.94
CA ILE F 303 -22.57 23.72 9.05
C ILE F 303 -22.26 22.41 8.47
N THR F 304 -21.21 21.78 9.00
CA THR F 304 -20.90 20.36 8.70
C THR F 304 -20.64 19.53 9.98
N THR F 305 -20.79 18.21 9.86
CA THR F 305 -20.77 17.35 11.04
C THR F 305 -19.61 16.33 10.99
N ARG F 306 -19.18 15.88 12.18
CA ARG F 306 -18.01 15.05 12.32
C ARG F 306 -18.13 13.76 11.53
N ASP F 307 -19.34 13.22 11.46
CA ASP F 307 -19.55 11.99 10.72
C ASP F 307 -19.75 12.26 9.23
N HIS F 308 -19.77 13.52 8.79
CA HIS F 308 -20.01 13.76 7.37
C HIS F 308 -18.73 13.94 6.57
N ALA F 309 -18.44 13.00 5.68
CA ALA F 309 -17.11 13.01 5.03
C ALA F 309 -16.95 13.95 3.84
N GLY F 310 -18.08 14.42 3.29
CA GLY F 310 -18.07 15.18 2.05
C GLY F 310 -17.58 16.63 2.01
N MET F 311 -17.22 17.07 0.81
CA MET F 311 -16.92 18.47 0.48
C MET F 311 -18.02 19.39 0.99
N THR F 312 -17.66 20.60 1.39
CA THR F 312 -18.65 21.60 1.76
C THR F 312 -18.34 22.90 1.00
N PRO F 313 -19.29 23.84 0.94
CA PRO F 313 -19.03 25.06 0.12
C PRO F 313 -17.96 26.03 0.67
N SER F 314 -17.43 25.73 1.86
CA SER F 314 -16.31 26.47 2.41
C SER F 314 -15.00 26.07 1.72
N GLY F 315 -15.06 25.11 0.79
CA GLY F 315 -13.87 24.59 0.13
C GLY F 315 -13.31 23.34 0.83
N MET F 316 -13.68 23.13 2.09
CA MET F 316 -13.13 22.01 2.85
C MET F 316 -14.08 21.08 3.63
N THR F 317 -13.59 19.88 3.95
CA THR F 317 -14.37 18.89 4.70
C THR F 317 -14.31 19.16 6.20
N PHE F 318 -15.23 18.55 6.95
CA PHE F 318 -15.19 18.61 8.40
C PHE F 318 -13.75 18.46 8.95
N SER F 319 -12.96 17.57 8.40
CA SER F 319 -11.60 17.38 8.93
C SER F 319 -10.73 18.58 8.76
N THR F 320 -10.65 19.08 7.53
CA THR F 320 -9.79 20.21 7.28
C THR F 320 -10.24 21.37 8.15
N LEU F 321 -11.55 21.64 8.17
CA LEU F 321 -12.14 22.66 9.04
C LEU F 321 -11.75 22.46 10.50
N ALA F 322 -11.92 21.22 11.01
CA ALA F 322 -11.63 20.93 12.41
C ALA F 322 -10.22 21.42 12.72
N GLY F 323 -9.37 21.23 11.69
CA GLY F 323 -7.96 21.58 11.72
C GLY F 323 -7.72 23.04 12.06
N MET F 324 -8.51 23.95 11.50
CA MET F 324 -8.28 25.33 11.88
C MET F 324 -8.90 25.69 13.21
N ILE F 325 -10.21 25.52 13.39
CA ILE F 325 -10.84 25.91 14.66
C ILE F 325 -10.40 25.15 15.93
N GLY F 326 -9.71 24.03 15.78
CA GLY F 326 -9.35 23.21 16.96
C GLY F 326 -8.47 23.92 17.98
N GLY F 327 -8.20 23.20 19.07
CA GLY F 327 -7.18 23.55 20.07
C GLY F 327 -7.33 24.77 20.97
N GLY F 328 -8.56 25.09 21.41
CA GLY F 328 -8.82 26.18 22.37
C GLY F 328 -8.39 27.57 21.92
N THR F 329 -8.25 27.77 20.62
CA THR F 329 -7.91 29.09 20.06
C THR F 329 -9.23 29.77 19.66
N GLN F 330 -9.32 31.09 19.77
CA GLN F 330 -10.59 31.78 19.51
C GLN F 330 -10.71 32.24 18.05
N THR F 331 -11.62 31.66 17.27
CA THR F 331 -11.61 31.93 15.83
C THR F 331 -12.88 32.55 15.25
N PRO F 332 -12.93 33.89 15.17
CA PRO F 332 -14.09 34.59 14.60
C PRO F 332 -14.50 34.05 13.23
N GLY F 333 -15.77 33.66 13.10
CA GLY F 333 -16.36 33.22 11.83
C GLY F 333 -16.57 31.72 11.75
N PHE F 334 -16.01 31.05 12.75
CA PHE F 334 -15.93 29.60 12.82
C PHE F 334 -16.07 29.19 14.28
N MET F 335 -16.89 28.17 14.52
CA MET F 335 -17.11 27.72 15.90
C MET F 335 -17.57 26.25 15.92
N GLY F 336 -17.07 25.48 16.88
CA GLY F 336 -17.52 24.10 17.06
C GLY F 336 -18.72 24.06 17.98
N ILE F 337 -19.76 23.33 17.60
CA ILE F 337 -20.99 23.27 18.41
C ILE F 337 -21.53 21.86 18.54
N GLY F 338 -22.37 21.64 19.56
CA GLY F 338 -23.13 20.41 19.65
C GLY F 338 -24.33 20.49 18.73
N ARG F 339 -24.83 19.33 18.32
CA ARG F 339 -25.93 19.26 17.36
C ARG F 339 -27.11 20.11 17.74
N THR F 340 -27.70 19.83 18.90
CA THR F 340 -28.97 20.42 19.27
C THR F 340 -28.92 21.92 19.49
N TYR F 341 -27.72 22.49 19.53
CA TYR F 341 -27.61 23.94 19.68
C TYR F 341 -28.30 24.64 18.49
N ILE F 342 -28.24 23.98 17.32
CA ILE F 342 -28.81 24.50 16.09
C ILE F 342 -30.28 24.85 16.26
N VAL F 343 -30.98 24.08 17.07
CA VAL F 343 -32.39 24.36 17.32
C VAL F 343 -32.69 25.12 18.63
N SER F 344 -31.65 25.63 19.29
CA SER F 344 -31.86 26.46 20.46
C SER F 344 -32.47 27.82 20.07
N LYS F 345 -33.35 28.35 20.91
CA LYS F 345 -33.83 29.71 20.71
C LYS F 345 -32.68 30.72 20.68
N LYS F 346 -31.62 30.46 21.45
CA LYS F 346 -30.46 31.36 21.51
C LYS F 346 -29.36 31.06 20.48
N PHE F 347 -29.65 30.16 19.55
CA PHE F 347 -28.73 29.79 18.49
C PHE F 347 -28.26 30.99 17.68
N ILE F 348 -26.98 31.33 17.85
CA ILE F 348 -26.37 32.56 17.33
C ILE F 348 -27.38 33.71 17.08
N SER F 349 -28.15 34.04 18.11
CA SER F 349 -29.29 34.94 17.95
C SER F 349 -28.85 36.32 17.55
N ALA F 350 -27.65 36.69 18.02
CA ALA F 350 -27.08 37.99 17.72
C ALA F 350 -26.74 38.15 16.24
N ASP F 351 -26.57 37.05 15.51
CA ASP F 351 -26.25 37.08 14.08
C ASP F 351 -27.49 36.85 13.20
N GLY F 352 -28.65 36.71 13.82
CA GLY F 352 -29.87 36.49 13.08
C GLY F 352 -30.39 35.06 13.17
N GLY F 353 -29.77 34.24 14.00
CA GLY F 353 -30.28 32.89 14.30
C GLY F 353 -30.32 31.91 13.14
N ILE F 354 -31.21 30.92 13.22
CA ILE F 354 -31.22 29.84 12.25
C ILE F 354 -31.38 30.30 10.78
N ALA F 355 -31.97 31.48 10.56
CA ALA F 355 -32.09 32.06 9.21
C ALA F 355 -30.76 32.14 8.46
N ARG F 356 -29.65 32.31 9.18
CA ARG F 356 -28.35 32.45 8.55
C ARG F 356 -27.84 31.16 7.93
N ILE F 357 -28.47 30.03 8.23
CA ILE F 357 -27.90 28.79 7.73
C ILE F 357 -28.26 28.42 6.30
N VAL F 358 -27.27 28.39 5.44
CA VAL F 358 -27.50 28.14 4.04
C VAL F 358 -27.15 26.73 3.58
N TRP F 359 -26.38 25.98 4.37
CA TRP F 359 -25.98 24.63 3.97
C TRP F 359 -25.71 23.71 5.18
N MET F 360 -26.09 22.43 5.03
CA MET F 360 -25.97 21.40 6.08
C MET F 360 -25.99 20.05 5.43
N PRO F 361 -25.35 19.04 6.05
CA PRO F 361 -25.55 17.66 5.60
C PRO F 361 -27.01 17.22 5.69
N LYS F 362 -27.53 16.51 4.68
CA LYS F 362 -28.90 16.01 4.77
C LYS F 362 -29.15 15.19 6.06
N SER F 363 -28.17 14.41 6.48
CA SER F 363 -28.32 13.65 7.72
C SER F 363 -28.50 14.51 8.98
N LEU F 364 -27.79 15.64 9.09
CA LEU F 364 -28.11 16.65 10.11
C LEU F 364 -29.55 17.15 10.00
N LYS F 365 -30.00 17.47 8.79
CA LYS F 365 -31.39 17.88 8.59
C LYS F 365 -32.30 16.81 9.16
N ASP F 366 -32.00 15.55 8.86
CA ASP F 366 -32.92 14.48 9.20
C ASP F 366 -32.98 14.31 10.69
N PHE F 367 -31.84 14.39 11.32
CA PHE F 367 -31.72 14.26 12.77
C PHE F 367 -32.48 15.32 13.54
N LEU F 368 -32.50 16.56 13.03
CA LEU F 368 -33.10 17.68 13.74
C LEU F 368 -34.44 18.15 13.15
N HIS F 369 -34.95 17.38 12.19
CA HIS F 369 -36.05 17.81 11.35
C HIS F 369 -37.09 18.58 12.13
N ASP F 370 -37.78 17.86 12.99
CA ASP F 370 -38.94 18.41 13.65
C ASP F 370 -38.66 19.71 14.39
N GLU F 371 -37.47 19.83 14.99
CA GLU F 371 -37.07 21.04 15.71
C GLU F 371 -36.76 22.18 14.78
N VAL F 372 -36.13 21.89 13.65
CA VAL F 372 -35.89 22.89 12.65
C VAL F 372 -37.23 23.45 12.18
N VAL F 373 -38.18 22.57 11.89
CA VAL F 373 -39.49 23.02 11.46
C VAL F 373 -40.13 23.91 12.54
N ARG F 374 -40.11 23.42 13.77
CA ARG F 374 -40.71 24.16 14.88
C ARG F 374 -40.07 25.55 15.01
N ARG F 375 -38.74 25.60 15.09
CA ARG F 375 -38.02 26.87 15.18
C ARG F 375 -38.31 27.77 13.96
N SER F 376 -38.31 27.18 12.76
CA SER F 376 -38.69 27.90 11.52
C SER F 376 -40.01 28.64 11.68
N VAL F 377 -41.05 27.94 12.13
CA VAL F 377 -42.37 28.55 12.24
C VAL F 377 -42.32 29.70 13.23
N GLU F 378 -41.65 29.48 14.37
CA GLU F 378 -41.50 30.48 15.41
C GLU F 378 -40.75 31.71 14.95
N GLU F 379 -39.89 31.57 13.96
CA GLU F 379 -39.14 32.71 13.46
C GLU F 379 -39.72 33.33 12.20
N GLY F 380 -40.91 32.88 11.79
CA GLY F 380 -41.60 33.38 10.61
C GLY F 380 -40.89 32.95 9.36
N LEU F 381 -40.09 31.90 9.45
CA LEU F 381 -39.31 31.48 8.31
C LEU F 381 -40.12 30.53 7.45
N GLY F 382 -41.28 30.15 7.97
CA GLY F 382 -42.18 29.22 7.32
C GLY F 382 -41.70 27.84 7.62
N GLU F 383 -42.57 26.84 7.57
CA GLU F 383 -42.13 25.47 7.83
C GLU F 383 -41.31 24.83 6.71
N ASP F 384 -41.38 25.40 5.52
CA ASP F 384 -40.57 24.86 4.42
C ASP F 384 -39.11 25.30 4.53
N PHE F 385 -38.80 26.09 5.56
CA PHE F 385 -37.48 26.71 5.63
C PHE F 385 -36.35 25.69 5.51
N ILE F 386 -36.49 24.56 6.18
CA ILE F 386 -35.52 23.48 6.05
C ILE F 386 -35.14 23.11 4.60
N ASP F 387 -36.08 23.17 3.66
CA ASP F 387 -35.76 22.80 2.29
C ASP F 387 -35.11 23.94 1.54
N LYS F 388 -35.15 25.14 2.10
CA LYS F 388 -34.46 26.25 1.49
C LYS F 388 -32.97 26.15 1.83
N ILE F 389 -32.66 25.54 2.98
CA ILE F 389 -31.27 25.35 3.36
C ILE F 389 -30.70 24.32 2.42
N ALA F 390 -29.59 24.63 1.75
CA ALA F 390 -28.97 23.70 0.82
C ALA F 390 -28.31 22.56 1.57
N ASP F 391 -28.14 21.44 0.87
CA ASP F 391 -27.43 20.27 1.36
C ASP F 391 -26.76 19.62 0.13
N GLU F 392 -25.98 18.57 0.37
CA GLU F 392 -25.10 17.94 -0.62
C GLU F 392 -25.85 17.40 -1.83
N THR F 393 -27.15 17.19 -1.68
CA THR F 393 -27.96 16.72 -2.80
C THR F 393 -28.21 17.88 -3.77
N ILE F 394 -28.12 19.11 -3.28
CA ILE F 394 -28.13 20.28 -4.14
C ILE F 394 -26.71 20.52 -4.67
N GLY F 395 -25.70 20.45 -3.82
CA GLY F 395 -24.38 20.79 -4.26
C GLY F 395 -23.44 20.92 -3.10
N THR F 396 -22.15 20.90 -3.39
CA THR F 396 -21.11 21.04 -2.39
C THR F 396 -20.28 22.30 -2.60
N THR F 397 -20.56 23.02 -3.67
CA THR F 397 -19.84 24.25 -3.97
C THR F 397 -20.81 25.44 -3.97
N VAL F 398 -20.30 26.63 -3.66
CA VAL F 398 -21.09 27.85 -3.72
C VAL F 398 -21.70 27.94 -5.13
N ASP F 399 -20.91 27.64 -6.15
CA ASP F 399 -21.36 27.74 -7.51
C ASP F 399 -22.69 27.00 -7.76
N GLU F 400 -22.84 25.83 -7.11
CA GLU F 400 -24.00 24.98 -7.26
C GLU F 400 -25.10 25.50 -6.36
N ILE F 401 -24.78 25.76 -5.09
CA ILE F 401 -25.84 26.12 -4.13
C ILE F 401 -26.44 27.54 -4.26
N LEU F 402 -25.66 28.52 -4.69
CA LEU F 402 -26.13 29.90 -4.68
C LEU F 402 -27.36 30.13 -5.57
N PRO F 403 -27.32 29.63 -6.82
CA PRO F 403 -28.52 29.69 -7.67
C PRO F 403 -29.76 29.08 -7.01
N TYR F 404 -29.55 28.07 -6.18
CA TYR F 404 -30.63 27.39 -5.50
C TYR F 404 -31.12 28.26 -4.33
N LEU F 405 -30.20 28.92 -3.63
CA LEU F 405 -30.60 29.80 -2.56
C LEU F 405 -31.49 30.91 -3.13
N GLU F 406 -31.16 31.45 -4.31
CA GLU F 406 -31.94 32.53 -4.91
C GLU F 406 -33.26 32.05 -5.42
N GLU F 407 -33.28 30.93 -6.13
CA GLU F 407 -34.53 30.34 -6.61
C GLU F 407 -35.52 30.26 -5.45
N LYS F 408 -35.09 29.63 -4.35
CA LYS F 408 -35.97 29.38 -3.23
C LYS F 408 -36.14 30.59 -2.28
N GLY F 409 -35.44 31.68 -2.59
CA GLY F 409 -35.51 32.89 -1.79
C GLY F 409 -35.14 32.70 -0.34
N HIS F 410 -33.93 32.20 -0.10
CA HIS F 410 -33.43 31.97 1.25
C HIS F 410 -33.27 33.31 1.96
N PRO F 411 -33.77 33.42 3.18
CA PRO F 411 -33.80 34.73 3.82
C PRO F 411 -32.41 35.34 4.03
N ALA F 412 -31.38 34.50 4.20
CA ALA F 412 -30.00 34.98 4.42
C ALA F 412 -29.54 35.95 3.35
N LEU F 413 -29.88 35.63 2.11
CA LEU F 413 -29.48 36.43 0.98
C LEU F 413 -29.86 37.91 1.05
N THR F 414 -30.89 38.24 1.82
CA THR F 414 -31.38 39.62 1.89
C THR F 414 -31.33 40.22 3.29
N MET F 415 -30.55 39.62 4.19
CA MET F 415 -30.38 40.18 5.51
C MET F 415 -29.17 41.11 5.51
N ASP F 416 -28.86 41.67 6.68
CA ASP F 416 -27.74 42.60 6.82
C ASP F 416 -26.44 41.90 6.53
N PRO F 417 -25.42 42.66 6.06
CA PRO F 417 -24.14 42.00 5.76
C PRO F 417 -23.53 41.43 7.05
N ILE F 418 -23.62 40.11 7.20
CA ILE F 418 -23.09 39.48 8.40
C ILE F 418 -21.61 39.84 8.59
N MET F 419 -20.91 39.97 7.47
CA MET F 419 -19.46 40.23 7.48
C MET F 419 -19.02 41.51 8.21
N ARG F 420 -19.90 42.51 8.26
CA ARG F 420 -19.61 43.73 8.98
C ARG F 420 -19.58 43.53 10.49
N SER F 421 -20.19 42.45 11.00
CA SER F 421 -20.18 42.19 12.44
C SER F 421 -18.94 41.44 12.89
N HIS F 422 -17.99 41.26 11.95
CA HIS F 422 -16.82 40.41 12.14
C HIS F 422 -15.67 41.12 12.79
N THR F 423 -15.42 40.85 14.08
CA THR F 423 -14.33 41.53 14.80
C THR F 423 -13.18 40.58 14.96
N SER F 424 -12.02 41.05 14.56
CA SER F 424 -10.80 40.25 14.65
C SER F 424 -10.58 39.73 16.08
N ARG F 425 -9.69 38.74 16.24
CA ARG F 425 -9.35 38.26 17.60
C ARG F 425 -8.30 39.14 18.29
N GLY F 426 -8.17 39.03 19.60
CA GLY F 426 -7.07 39.69 20.33
C GLY F 426 -7.44 40.44 21.60
FE1 SF4 G . 5.58 -37.70 8.15
FE2 SF4 G . 3.30 -36.40 9.00
FE3 SF4 G . 5.80 -36.29 10.19
FE4 SF4 G . 5.53 -35.26 7.99
S1 SF4 G . 4.35 -34.48 9.81
S2 SF4 G . 7.42 -36.42 8.57
S3 SF4 G . 3.96 -36.48 6.86
S4 SF4 G . 4.38 -38.12 9.94
ZN ZN H . 5.63 -31.75 7.51
S H2S I . 6.28 -29.85 6.61
S SO4 J . -14.39 -8.46 -7.47
O1 SO4 J . -15.86 -8.55 -7.50
O2 SO4 J . -13.91 -7.60 -8.57
O3 SO4 J . -13.98 -7.89 -6.18
O4 SO4 J . -13.74 -9.77 -7.59
S SO4 K . 14.74 -54.79 25.51
O1 SO4 K . 14.77 -55.23 24.11
O2 SO4 K . 14.01 -53.53 25.65
O3 SO4 K . 14.07 -55.80 26.32
O4 SO4 K . 16.12 -54.63 25.97
C1 GOL L . -0.61 -19.34 4.13
O1 GOL L . 0.36 -19.97 3.30
C2 GOL L . -0.04 -19.04 5.52
O2 GOL L . 1.18 -18.30 5.43
C3 GOL L . -1.09 -18.24 6.30
O3 GOL L . -1.00 -18.60 7.66
S SO4 M . -1.44 -13.87 6.54
O1 SO4 M . -0.84 -12.56 6.21
O2 SO4 M . -1.38 -14.73 5.36
O3 SO4 M . -0.59 -14.55 7.52
O4 SO4 M . -2.86 -13.79 6.95
S SO4 N . -21.92 -41.12 -3.60
O1 SO4 N . -21.46 -39.97 -4.40
O2 SO4 N . -22.42 -42.13 -4.51
O3 SO4 N . -20.79 -41.65 -2.83
O4 SO4 N . -22.98 -40.74 -2.65
S SO4 O . -11.98 -11.79 7.20
O1 SO4 O . -12.96 -12.81 6.82
O2 SO4 O . -10.62 -12.30 6.99
O3 SO4 O . -12.23 -10.56 6.41
O4 SO4 O . -12.17 -11.42 8.60
FE1 SF4 P . -4.09 31.49 -22.40
FE2 SF4 P . -2.18 31.41 -20.42
FE3 SF4 P . -4.84 32.03 -20.08
FE4 SF4 P . -4.23 29.78 -20.72
S1 SF4 P . -3.48 30.62 -18.74
S2 SF4 P . -6.04 30.75 -21.60
S3 SF4 P . -2.49 29.84 -22.19
S4 SF4 P . -3.24 33.24 -21.37
ZN ZN Q . -4.51 26.95 -18.44
S H2S R . -5.12 24.85 -18.12
S SO4 S . -15.08 54.97 -24.85
O1 SO4 S . -15.00 54.16 -26.07
O2 SO4 S . -14.35 54.27 -23.71
O3 SO4 S . -14.48 56.35 -25.09
O4 SO4 S . -16.53 55.10 -24.53
C1 GOL T . 1.16 16.31 -10.81
O1 GOL T . 0.42 16.06 -12.00
C2 GOL T . 0.41 17.25 -9.85
O2 GOL T . -0.98 16.97 -9.81
C3 GOL T . 1.03 17.23 -8.45
O3 GOL T . 1.29 18.55 -8.03
S SO4 U . 1.07 14.19 -5.22
O1 SO4 U . 0.71 12.93 -4.52
O2 SO4 U . 1.10 13.95 -6.66
O3 SO4 U . -0.05 15.12 -5.08
O4 SO4 U . 2.38 14.76 -4.82
S SO4 V . 25.25 27.85 -27.43
O1 SO4 V . 25.62 26.43 -27.58
O2 SO4 V . 25.33 28.51 -28.73
O3 SO4 V . 23.87 27.93 -26.97
O4 SO4 V . 26.13 28.57 -26.49
S SO4 W . 11.05 14.29 -1.52
O1 SO4 W . 12.18 15.12 -1.91
O2 SO4 W . 9.87 14.72 -2.29
O3 SO4 W . 11.35 12.89 -1.76
O4 SO4 W . 10.82 14.45 -0.09
FE1 SF4 X . 10.02 8.21 36.84
FE2 SF4 X . 11.89 7.64 34.87
FE3 SF4 X . 10.29 5.86 36.14
FE4 SF4 X . 9.20 7.42 34.53
S1 SF4 X . 10.82 5.85 33.94
S2 SF4 X . 8.19 6.78 36.42
S3 SF4 X . 10.33 9.39 34.80
S4 SF4 X . 12.00 7.33 37.14
ZN ZN Y . 7.80 5.94 31.56
S H2S Z . 6.23 5.89 30.00
S SO4 AA . 14.99 -1.11 60.68
O1 SO4 AA . 14.87 0.34 60.40
O2 SO4 AA . 14.33 -1.89 59.64
O3 SO4 AA . 16.41 -1.52 60.68
O4 SO4 AA . 14.36 -1.35 61.99
C1 GOL BA . 7.66 5.30 17.33
O1 GOL BA . 6.62 6.04 17.95
C2 GOL BA . 7.81 3.96 18.06
O2 GOL BA . 6.52 3.47 18.41
C3 GOL BA . 8.57 2.96 17.16
O3 GOL BA . 9.78 2.61 17.80
S SO4 CA . 8.01 0.95 12.87
O1 SO4 CA . 6.97 0.56 11.90
O2 SO4 CA . 7.56 2.18 13.50
O3 SO4 CA . 8.15 -0.07 13.89
O4 SO4 CA . 9.35 1.22 12.32
S SO4 DA . 28.44 27.83 24.03
O1 SO4 DA . 28.54 28.29 22.65
O2 SO4 DA . 27.72 28.84 24.80
O3 SO4 DA . 27.69 26.57 24.05
O4 SO4 DA . 29.78 27.60 24.58
S SO4 EA . 16.78 2.80 6.71
O1 SO4 EA . 17.91 3.22 7.57
O2 SO4 EA . 15.55 2.68 7.52
O3 SO4 EA . 16.55 3.77 5.64
O4 SO4 EA . 17.05 1.48 6.16
S SO4 FA . 16.05 1.48 -8.44
O1 SO4 FA . 17.48 1.17 -8.69
O2 SO4 FA . 15.24 0.25 -8.32
O3 SO4 FA . 16.01 2.26 -7.20
O4 SO4 FA . 15.51 2.34 -9.52
FE1 SF4 GA . 21.50 -28.13 -16.11
FE2 SF4 GA . 21.96 -25.62 -16.45
FE3 SF4 GA . 20.09 -26.96 -17.98
FE4 SF4 GA . 19.73 -26.50 -15.49
S1 SF4 GA . 19.87 -24.86 -16.96
S2 SF4 GA . 19.27 -28.39 -16.47
S3 SF4 GA . 21.78 -26.64 -14.42
S4 SF4 GA . 22.41 -27.20 -17.94
ZN ZN HA . 17.28 -24.13 -14.43
S H2S IA . 15.58 -23.72 -13.15
S SO4 JA . 25.59 -42.80 -37.12
O1 SO4 JA . 26.36 -43.47 -36.07
O2 SO4 JA . 24.81 -41.71 -36.53
O3 SO4 JA . 26.48 -42.14 -38.07
O4 SO4 JA . 24.75 -43.79 -37.81
C1 GOL KA . 13.31 -12.04 -8.18
O1 GOL KA . 12.84 -13.14 -7.38
C2 GOL KA . 12.75 -12.00 -9.63
O2 GOL KA . 11.43 -12.56 -9.74
C3 GOL KA . 12.72 -10.57 -10.19
O3 GOL KA . 13.15 -10.59 -11.54
S SO4 LA . 9.83 -7.29 -9.16
O1 SO4 LA . 8.57 -6.63 -8.78
O2 SO4 LA . 10.22 -8.19 -8.07
O3 SO4 LA . 9.54 -8.20 -10.28
O4 SO4 LA . 10.99 -6.40 -9.43
S SO4 MA . 44.28 -13.79 -2.89
O1 SO4 MA . 42.98 -13.85 -2.19
O2 SO4 MA . 45.15 -14.91 -2.46
O3 SO4 MA . 44.02 -13.86 -4.33
O4 SO4 MA . 44.98 -12.54 -2.58
FE1 SF4 NA . -15.83 6.34 -34.76
FE2 SF4 NA . -16.59 4.22 -33.46
FE3 SF4 NA . -14.37 4.48 -35.01
FE4 SF4 NA . -14.47 5.86 -32.85
S1 SF4 NA . -14.38 3.62 -32.82
S2 SF4 NA . -13.55 6.60 -34.77
S3 SF4 NA . -16.73 6.37 -32.67
S4 SF4 NA . -16.52 4.49 -35.72
ZN ZN OA . -12.28 5.21 -30.15
S H2S PA . -10.93 5.95 -28.63
S SO4 QA . -14.71 1.53 -60.60
O1 SO4 QA . -15.56 2.72 -60.69
O2 SO4 QA . -14.58 1.08 -59.21
O3 SO4 QA . -15.24 0.48 -61.46
O4 SO4 QA . -13.37 1.87 -61.11
C1 GOL RA . -10.68 1.54 -16.48
O1 GOL RA . -10.18 2.85 -16.73
C2 GOL RA . -9.83 0.48 -17.19
O2 GOL RA . -8.51 0.95 -17.07
C3 GOL RA . -9.98 -0.90 -16.51
O3 GOL RA . -9.84 -1.98 -17.44
S SO4 SA . -7.33 -2.15 -13.08
O1 SO4 SA . -6.26 -1.77 -12.11
O2 SO4 SA . -8.42 -1.18 -13.27
O3 SO4 SA . -6.70 -2.26 -14.38
O4 SO4 SA . -8.04 -3.38 -12.72
S SO4 TA . -41.66 3.88 -20.24
O1 SO4 TA . -40.87 4.50 -19.17
O2 SO4 TA . -42.81 4.76 -20.52
O3 SO4 TA . -40.86 3.74 -21.45
O4 SO4 TA . -42.13 2.53 -19.87
S SO4 UA . -17.88 1.54 3.44
O1 SO4 UA . -19.25 1.42 3.95
O2 SO4 UA . -16.91 2.01 4.45
O3 SO4 UA . -17.47 0.19 3.03
O4 SO4 UA . -17.91 2.46 2.30
FE1 SF4 VA . -17.24 19.77 28.96
FE2 SF4 VA . -18.81 18.75 26.95
FE3 SF4 VA . -17.30 21.17 26.67
FE4 SF4 VA . -16.01 18.98 26.97
S1 SF4 VA . -17.32 19.32 25.28
S2 SF4 VA . -15.53 20.90 28.04
S3 SF4 VA . -17.28 17.56 28.29
S4 SF4 VA . -19.05 20.70 28.07
ZN ZN WA . -13.93 17.95 24.01
S H2S XA . -12.08 16.89 23.23
S SO4 YA . -25.58 43.17 36.96
O1 SO4 YA . -25.10 41.97 37.65
O2 SO4 YA . -25.94 42.85 35.56
O3 SO4 YA . -26.73 43.69 37.69
O4 SO4 YA . -24.53 44.18 36.98
C1 GOL ZA . -10.90 8.13 13.70
O1 GOL ZA . -10.27 8.45 14.92
C2 GOL ZA . -11.61 9.36 13.09
O2 GOL ZA . -10.67 10.38 12.85
C3 GOL ZA . -12.27 8.98 11.77
O3 GOL ZA . -13.03 10.05 11.24
S SO4 AB . -10.23 8.03 8.14
O1 SO4 AB . -9.00 7.79 7.36
O2 SO4 AB . -10.25 7.08 9.22
O3 SO4 AB . -10.20 9.33 8.81
O4 SO4 AB . -11.46 7.82 7.35
S SO4 BB . -34.72 -4.22 30.80
O1 SO4 BB . -33.71 -5.20 30.36
O2 SO4 BB . -35.12 -4.42 32.21
O3 SO4 BB . -34.15 -2.89 30.65
O4 SO4 BB . -35.91 -4.28 29.95
#